data_9I2V
#
_entry.id   9I2V
#
_cell.length_a   276.731
_cell.length_b   276.731
_cell.length_c   390.112
_cell.angle_alpha   90.000
_cell.angle_beta   90.000
_cell.angle_gamma   90.000
#
_symmetry.space_group_name_H-M   'I 4 2 2'
#
loop_
_entity.id
_entity.type
_entity.pdbx_description
1 polymer 'Alpha-methylacyl-CoA racemase'
2 non-polymer (S)-Fenoprofenoyl-CoA
3 water water
#
_entity_poly.entity_id   1
_entity_poly.type   'polypeptide(L)'
_entity_poly.pdbx_seq_one_letter_code
;MAGPLSGLRVVELAGIGPGPHAAMILGDLGADVVRIDRPSSVDGISRDAMLRNRRIVTADLKSDQGLELALKLIAKADVL
IEGYRPGVTERLGLGPEECAKVNDRLIYARMTGWGQTGPRSQQAGHDINYISLNGILHAIGRGDERPVPPLNLVGDFGGG
SMFLLVGILAALWERQSSGKGQVVDAAMVDGSSVLIQMMWAMRATGMWTDTRGANMLDGGAPYYDTYECADGRYVAVGAI
EPQFYAAMLAGLGLDAAELPPQNDRARWPELRALLTEAFASHDRDHWGAVFANSDACVTPVLAFGEVHNEPHIIERNTFY
EANGGWQPMPAPRFSRTASSQPRPPAATIDIEAVLTDWDGGSGC
;
_entity_poly.pdbx_strand_id   A,B,C,D,E,F,G,H,I,J,K,L
#
loop_
_chem_comp.id
_chem_comp.type
_chem_comp.name
_chem_comp.formula
A1IY9 non-polymer (S)-Fenoprofenoyl-CoA 'C36 H48 N7 O18 P3 S'
#
# COMPACT_ATOMS: atom_id res chain seq x y z
N MET A 1 -23.00 59.89 -28.80
CA MET A 1 -21.99 59.13 -29.59
C MET A 1 -22.58 58.70 -30.93
N ALA A 2 -21.90 59.05 -32.03
CA ALA A 2 -22.43 58.94 -33.38
C ALA A 2 -22.29 57.53 -33.94
N GLY A 3 -23.28 57.08 -34.71
CA GLY A 3 -23.14 55.86 -35.50
C GLY A 3 -24.15 54.82 -35.08
N PRO A 4 -24.31 53.69 -35.81
CA PRO A 4 -25.43 52.78 -35.57
C PRO A 4 -25.35 51.95 -34.30
N LEU A 5 -24.15 51.87 -33.70
CA LEU A 5 -23.93 51.09 -32.50
C LEU A 5 -23.95 51.99 -31.26
N SER A 6 -24.41 53.24 -31.42
CA SER A 6 -24.66 54.10 -30.28
C SER A 6 -25.44 53.35 -29.21
N GLY A 7 -25.01 53.50 -27.96
CA GLY A 7 -25.62 52.77 -26.87
C GLY A 7 -24.81 51.53 -26.49
N LEU A 8 -24.22 50.84 -27.47
CA LEU A 8 -23.58 49.57 -27.17
C LEU A 8 -22.35 49.76 -26.30
N ARG A 9 -22.23 48.89 -25.28
CA ARG A 9 -21.19 49.01 -24.26
C ARG A 9 -20.26 47.82 -24.34
N VAL A 10 -18.95 48.08 -24.37
CA VAL A 10 -18.03 47.01 -24.71
C VAL A 10 -16.86 47.03 -23.74
N VAL A 11 -16.54 45.82 -23.22
CA VAL A 11 -15.33 45.66 -22.43
C VAL A 11 -14.33 44.79 -23.17
N GLU A 12 -13.10 45.30 -23.24
CA GLU A 12 -12.03 44.69 -24.03
C GLU A 12 -10.85 44.43 -23.11
N LEU A 13 -10.53 43.15 -22.94
CA LEU A 13 -9.31 42.77 -22.24
C LEU A 13 -8.13 42.88 -23.22
N ALA A 14 -7.26 43.88 -22.96
CA ALA A 14 -6.21 44.29 -23.87
C ALA A 14 -5.39 43.10 -24.36
N GLY A 15 -5.33 42.96 -25.69
CA GLY A 15 -4.52 41.97 -26.36
C GLY A 15 -3.81 42.56 -27.56
N ILE A 16 -3.48 41.70 -28.52
CA ILE A 16 -2.79 42.17 -29.72
C ILE A 16 -3.53 41.66 -30.96
N GLY A 17 -3.57 42.50 -31.99
CA GLY A 17 -4.04 42.05 -33.30
C GLY A 17 -5.56 42.06 -33.40
N PRO A 18 -6.21 40.90 -33.62
CA PRO A 18 -7.63 40.89 -33.96
C PRO A 18 -8.52 41.49 -32.88
N GLY A 19 -8.24 41.14 -31.61
CA GLY A 19 -9.04 41.62 -30.49
C GLY A 19 -9.20 43.12 -30.52
N PRO A 20 -8.11 43.90 -30.53
CA PRO A 20 -8.26 45.34 -30.63
C PRO A 20 -8.79 45.89 -31.94
N HIS A 21 -8.69 45.13 -33.05
CA HIS A 21 -9.12 45.65 -34.33
C HIS A 21 -10.65 45.59 -34.35
N ALA A 22 -11.17 44.48 -33.88
CA ALA A 22 -12.60 44.37 -33.59
C ALA A 22 -13.10 45.48 -32.66
N ALA A 23 -12.39 45.72 -31.55
CA ALA A 23 -12.83 46.70 -30.58
C ALA A 23 -12.88 48.07 -31.25
N MET A 24 -11.84 48.39 -32.02
CA MET A 24 -11.77 49.64 -32.77
C MET A 24 -13.00 49.83 -33.66
N ILE A 25 -13.39 48.81 -34.40
CA ILE A 25 -14.49 48.99 -35.33
C ILE A 25 -15.78 49.28 -34.55
N LEU A 26 -16.05 48.53 -33.47
CA LEU A 26 -17.22 48.78 -32.64
C LEU A 26 -17.19 50.23 -32.19
N GLY A 27 -16.05 50.66 -31.66
CA GLY A 27 -15.84 52.08 -31.37
C GLY A 27 -16.20 52.96 -32.57
N ASP A 28 -15.63 52.63 -33.74
CA ASP A 28 -15.75 53.42 -34.97
C ASP A 28 -17.23 53.66 -35.26
N LEU A 29 -18.07 52.65 -35.02
CA LEU A 29 -19.48 52.70 -35.36
C LEU A 29 -20.38 53.19 -34.21
N GLY A 30 -19.80 53.77 -33.14
CA GLY A 30 -20.58 54.40 -32.09
C GLY A 30 -20.58 53.69 -30.72
N ALA A 31 -20.10 52.44 -30.65
CA ALA A 31 -20.07 51.71 -29.39
C ALA A 31 -19.22 52.45 -28.35
N ASP A 32 -19.58 52.22 -27.07
CA ASP A 32 -18.84 52.73 -25.93
C ASP A 32 -17.83 51.67 -25.48
N VAL A 33 -16.56 51.91 -25.78
CA VAL A 33 -15.60 50.84 -25.63
C VAL A 33 -14.65 51.21 -24.51
N VAL A 34 -14.58 50.26 -23.56
CA VAL A 34 -13.71 50.40 -22.40
C VAL A 34 -12.64 49.31 -22.45
N ARG A 35 -11.39 49.79 -22.47
CA ARG A 35 -10.27 48.88 -22.59
C ARG A 35 -9.55 48.77 -21.25
N ILE A 36 -9.54 47.55 -20.69
CA ILE A 36 -8.78 47.26 -19.48
C ILE A 36 -7.40 46.76 -19.88
N ASP A 37 -6.37 47.58 -19.68
CA ASP A 37 -4.98 47.13 -19.82
C ASP A 37 -4.43 46.77 -18.42
N ARG A 38 -3.19 46.25 -18.38
CA ARG A 38 -2.50 46.04 -17.13
C ARG A 38 -1.60 47.26 -16.88
N PRO A 39 -1.44 47.73 -15.62
CA PRO A 39 -0.63 48.92 -15.35
C PRO A 39 0.86 48.64 -15.56
N SER A 40 1.24 47.36 -15.39
CA SER A 40 2.55 46.85 -15.79
C SER A 40 3.02 47.51 -17.10
N SER A 41 2.11 47.77 -18.05
CA SER A 41 2.39 48.65 -19.19
C SER A 41 1.54 49.93 -19.12
N VAL A 42 1.94 50.89 -18.27
CA VAL A 42 1.14 52.11 -18.06
C VAL A 42 1.55 53.14 -19.13
N ASP A 43 2.49 54.06 -18.84
CA ASP A 43 2.98 55.04 -19.80
C ASP A 43 2.03 56.22 -19.97
N GLY A 44 2.33 57.08 -20.97
CA GLY A 44 1.53 58.25 -21.32
C GLY A 44 0.47 57.92 -22.37
N ILE A 45 0.18 58.88 -23.28
CA ILE A 45 -0.88 58.72 -24.28
C ILE A 45 -0.33 57.93 -25.49
N SER A 46 -0.99 56.77 -25.77
CA SER A 46 -0.55 55.77 -26.73
C SER A 46 -0.50 56.33 -28.15
N ARG A 47 0.47 55.83 -28.94
CA ARG A 47 0.67 56.29 -30.30
C ARG A 47 0.10 55.29 -31.30
N ASP A 48 -0.47 54.19 -30.78
CA ASP A 48 -1.15 53.19 -31.60
C ASP A 48 -2.54 53.70 -31.95
N ALA A 49 -2.69 54.14 -33.22
CA ALA A 49 -3.95 54.64 -33.73
C ALA A 49 -5.02 53.54 -33.76
N MET A 50 -4.66 52.26 -33.59
CA MET A 50 -5.66 51.21 -33.53
C MET A 50 -6.49 51.31 -32.24
N LEU A 51 -5.98 52.05 -31.24
CA LEU A 51 -6.67 52.20 -29.96
C LEU A 51 -7.54 53.46 -29.95
N ARG A 52 -7.92 53.98 -31.12
CA ARG A 52 -8.84 55.08 -31.19
C ARG A 52 -10.22 54.62 -30.73
N ASN A 53 -11.09 55.60 -30.44
CA ASN A 53 -12.48 55.38 -30.03
C ASN A 53 -12.55 54.47 -28.80
N ARG A 54 -11.69 54.77 -27.82
CA ARG A 54 -11.55 53.99 -26.58
C ARG A 54 -11.57 54.90 -25.35
N ARG A 55 -12.04 54.35 -24.24
CA ARG A 55 -11.48 54.76 -22.95
C ARG A 55 -10.62 53.60 -22.42
N ILE A 56 -9.39 53.94 -22.02
CA ILE A 56 -8.43 53.00 -21.44
C ILE A 56 -8.42 53.10 -19.91
N VAL A 57 -8.38 51.94 -19.23
CA VAL A 57 -8.21 51.88 -17.80
C VAL A 57 -7.22 50.75 -17.47
N THR A 58 -6.43 50.92 -16.40
CA THR A 58 -5.52 49.89 -15.90
C THR A 58 -6.17 49.16 -14.72
N ALA A 59 -5.73 47.91 -14.49
CA ALA A 59 -6.27 47.06 -13.44
C ALA A 59 -5.55 45.71 -13.42
N ASP A 60 -4.67 45.54 -12.41
CA ASP A 60 -4.04 44.25 -12.17
C ASP A 60 -5.13 43.21 -11.92
N LEU A 61 -5.45 42.41 -12.94
CA LEU A 61 -6.53 41.42 -12.85
C LEU A 61 -6.13 40.26 -11.94
N LYS A 62 -4.85 40.20 -11.57
CA LYS A 62 -4.37 39.10 -10.74
C LYS A 62 -4.74 39.37 -9.27
N SER A 63 -4.93 40.66 -8.93
CA SER A 63 -5.37 41.06 -7.60
C SER A 63 -6.86 40.78 -7.42
N ASP A 64 -7.32 40.79 -6.16
CA ASP A 64 -8.73 40.55 -5.85
C ASP A 64 -9.56 41.78 -6.19
N GLN A 65 -8.97 42.96 -5.99
CA GLN A 65 -9.58 44.26 -6.24
C GLN A 65 -9.72 44.48 -7.75
N GLY A 66 -8.60 44.30 -8.49
CA GLY A 66 -8.63 44.32 -9.94
C GLY A 66 -9.80 43.51 -10.48
N LEU A 67 -9.83 42.21 -10.11
CA LEU A 67 -10.83 41.27 -10.61
C LEU A 67 -12.24 41.75 -10.32
N GLU A 68 -12.45 42.34 -9.14
CA GLU A 68 -13.80 42.65 -8.75
C GLU A 68 -14.24 43.90 -9.53
N LEU A 69 -13.36 44.90 -9.65
CA LEU A 69 -13.65 46.10 -10.43
C LEU A 69 -14.00 45.73 -11.88
N ALA A 70 -13.15 44.89 -12.48
CA ALA A 70 -13.40 44.37 -13.81
C ALA A 70 -14.79 43.76 -13.86
N LEU A 71 -15.15 42.96 -12.84
CA LEU A 71 -16.41 42.21 -12.88
C LEU A 71 -17.62 43.15 -12.74
N LYS A 72 -17.43 44.31 -12.14
CA LYS A 72 -18.46 45.34 -12.11
C LYS A 72 -18.70 45.92 -13.50
N LEU A 73 -17.63 46.21 -14.26
CA LEU A 73 -17.77 46.71 -15.63
C LEU A 73 -18.52 45.68 -16.47
N ILE A 74 -18.04 44.45 -16.49
CA ILE A 74 -18.68 43.41 -17.28
C ILE A 74 -20.17 43.32 -16.93
N ALA A 75 -20.49 43.46 -15.63
CA ALA A 75 -21.85 43.36 -15.15
C ALA A 75 -22.74 44.35 -15.89
N LYS A 76 -22.19 45.54 -16.18
CA LYS A 76 -22.93 46.65 -16.74
C LYS A 76 -22.72 46.80 -18.27
N ALA A 77 -22.25 45.74 -18.97
CA ALA A 77 -21.87 45.88 -20.38
C ALA A 77 -22.58 44.85 -21.25
N ASP A 78 -22.55 45.08 -22.56
CA ASP A 78 -23.19 44.15 -23.48
C ASP A 78 -22.19 43.14 -24.00
N VAL A 79 -20.91 43.56 -24.11
CA VAL A 79 -19.94 42.70 -24.77
C VAL A 79 -18.62 42.71 -24.02
N LEU A 80 -18.07 41.49 -23.93
CA LEU A 80 -16.67 41.31 -23.57
C LEU A 80 -15.87 40.69 -24.72
N ILE A 81 -14.71 41.31 -24.96
CA ILE A 81 -13.72 40.80 -25.90
C ILE A 81 -12.45 40.38 -25.14
N GLU A 82 -12.03 39.14 -25.33
CA GLU A 82 -10.74 38.71 -24.83
C GLU A 82 -10.04 37.91 -25.92
N GLY A 83 -8.72 38.10 -26.05
CA GLY A 83 -7.92 37.38 -27.04
C GLY A 83 -6.65 36.74 -26.47
N TYR A 84 -6.80 36.06 -25.31
CA TYR A 84 -5.70 35.37 -24.66
C TYR A 84 -5.88 33.90 -24.95
N ARG A 85 -4.85 33.11 -24.60
CA ARG A 85 -4.96 31.69 -24.78
C ARG A 85 -6.19 31.19 -24.04
N PRO A 86 -6.79 30.06 -24.45
CA PRO A 86 -7.85 29.43 -23.66
C PRO A 86 -7.34 29.19 -22.23
N GLY A 87 -8.21 29.41 -21.25
CA GLY A 87 -7.87 29.16 -19.86
C GLY A 87 -7.42 30.42 -19.14
N VAL A 88 -6.99 31.43 -19.88
CA VAL A 88 -6.46 32.58 -19.18
C VAL A 88 -7.58 33.28 -18.42
N THR A 89 -8.75 33.46 -19.05
CA THR A 89 -9.80 34.22 -18.38
C THR A 89 -10.35 33.36 -17.22
N GLU A 90 -10.58 32.06 -17.45
CA GLU A 90 -11.02 31.17 -16.39
C GLU A 90 -10.16 31.42 -15.14
N ARG A 91 -8.85 31.17 -15.25
CA ARG A 91 -7.90 31.26 -14.15
C ARG A 91 -7.81 32.67 -13.58
N LEU A 92 -8.30 33.68 -14.28
CA LEU A 92 -8.34 35.03 -13.73
C LEU A 92 -9.64 35.28 -12.97
N GLY A 93 -10.61 34.35 -13.11
CA GLY A 93 -11.97 34.52 -12.59
C GLY A 93 -12.87 35.39 -13.46
N LEU A 94 -12.49 35.59 -14.74
CA LEU A 94 -13.25 36.37 -15.71
C LEU A 94 -13.74 35.45 -16.83
N GLY A 95 -13.78 34.14 -16.60
CA GLY A 95 -14.24 33.18 -17.60
C GLY A 95 -15.70 33.39 -17.96
N PRO A 96 -16.22 32.66 -18.98
CA PRO A 96 -17.64 32.76 -19.33
C PRO A 96 -18.57 32.44 -18.15
N GLU A 97 -18.30 31.34 -17.42
CA GLU A 97 -19.18 30.91 -16.32
C GLU A 97 -19.23 31.96 -15.20
N GLU A 98 -18.09 32.59 -14.90
CA GLU A 98 -18.03 33.64 -13.90
C GLU A 98 -18.72 34.92 -14.37
N CYS A 99 -18.74 35.15 -15.68
CA CYS A 99 -19.35 36.37 -16.21
C CYS A 99 -20.87 36.20 -16.25
N ALA A 100 -21.32 34.97 -16.60
CA ALA A 100 -22.74 34.60 -16.69
C ALA A 100 -23.46 34.70 -15.35
N LYS A 101 -22.72 34.70 -14.25
CA LYS A 101 -23.26 34.87 -12.91
C LYS A 101 -23.49 36.34 -12.59
N VAL A 102 -22.75 37.27 -13.20
CA VAL A 102 -23.00 38.66 -12.91
C VAL A 102 -23.69 39.39 -14.06
N ASN A 103 -24.11 38.68 -15.13
CA ASN A 103 -24.70 39.36 -16.28
C ASN A 103 -24.94 38.36 -17.41
N ASP A 104 -26.11 37.73 -17.41
CA ASP A 104 -26.44 36.67 -18.36
C ASP A 104 -26.89 37.25 -19.69
N ARG A 105 -26.74 38.57 -19.85
CA ARG A 105 -26.99 39.21 -21.13
C ARG A 105 -25.68 39.41 -21.91
N LEU A 106 -24.53 39.05 -21.31
CA LEU A 106 -23.22 39.36 -21.86
C LEU A 106 -22.97 38.57 -23.15
N ILE A 107 -22.41 39.27 -24.14
CA ILE A 107 -21.87 38.53 -25.26
C ILE A 107 -20.40 38.33 -24.97
N TYR A 108 -20.01 37.05 -24.86
CA TYR A 108 -18.68 36.69 -24.39
C TYR A 108 -17.87 36.30 -25.63
N ALA A 109 -16.97 37.21 -26.06
CA ALA A 109 -16.33 37.08 -27.38
C ALA A 109 -14.85 36.70 -27.22
N ARG A 110 -14.57 35.50 -27.73
CA ARG A 110 -13.30 34.83 -27.53
C ARG A 110 -12.52 34.78 -28.85
N MET A 111 -11.46 35.61 -28.91
CA MET A 111 -10.67 35.74 -30.12
C MET A 111 -9.39 34.94 -30.01
N THR A 112 -9.29 33.82 -30.73
CA THR A 112 -8.04 33.07 -30.79
C THR A 112 -7.65 32.73 -32.23
N GLY A 113 -6.48 32.09 -32.35
CA GLY A 113 -6.01 31.55 -33.61
C GLY A 113 -6.46 30.12 -33.83
N TRP A 114 -6.25 29.27 -32.83
CA TRP A 114 -6.40 27.85 -33.03
C TRP A 114 -7.76 27.33 -32.52
N GLY A 115 -8.45 28.15 -31.74
CA GLY A 115 -9.68 27.66 -31.14
C GLY A 115 -9.53 27.43 -29.65
N GLN A 116 -10.62 26.94 -29.03
CA GLN A 116 -10.66 26.86 -27.58
C GLN A 116 -10.16 25.47 -27.16
N THR A 117 -10.20 24.50 -28.06
CA THR A 117 -9.73 23.16 -27.76
C THR A 117 -8.85 22.62 -28.89
N GLY A 118 -8.32 21.40 -28.70
CA GLY A 118 -7.61 20.64 -29.72
C GLY A 118 -6.10 20.77 -29.53
N PRO A 119 -5.27 20.00 -30.24
CA PRO A 119 -3.82 19.93 -29.97
C PRO A 119 -3.03 21.23 -30.03
N ARG A 120 -3.46 22.19 -30.85
CA ARG A 120 -2.65 23.38 -31.06
C ARG A 120 -3.17 24.52 -30.21
N SER A 121 -4.20 24.26 -29.39
CA SER A 121 -4.89 25.32 -28.68
C SER A 121 -4.05 26.06 -27.65
N GLN A 122 -2.92 25.50 -27.22
CA GLN A 122 -2.06 26.25 -26.32
C GLN A 122 -0.79 26.75 -27.01
N GLN A 123 -0.57 26.34 -28.28
CA GLN A 123 0.59 26.85 -29.01
C GLN A 123 0.43 28.33 -29.31
N ALA A 124 1.44 29.11 -28.97
CA ALA A 124 1.60 30.46 -29.48
C ALA A 124 1.62 30.46 -31.02
N GLY A 125 1.19 31.57 -31.59
CA GLY A 125 1.17 31.70 -33.02
C GLY A 125 0.89 33.13 -33.43
N HIS A 126 1.03 33.36 -34.73
CA HIS A 126 0.58 34.60 -35.32
C HIS A 126 -0.09 34.27 -36.64
N ASP A 127 -0.55 35.33 -37.32
CA ASP A 127 -1.34 35.23 -38.55
C ASP A 127 -0.76 34.16 -39.46
N ILE A 128 0.54 34.30 -39.76
CA ILE A 128 1.18 33.39 -40.70
C ILE A 128 1.02 31.93 -40.32
N ASN A 129 1.01 31.61 -39.01
CA ASN A 129 0.85 30.23 -38.56
C ASN A 129 -0.58 29.74 -38.84
N TYR A 130 -1.57 30.58 -38.51
CA TYR A 130 -2.96 30.12 -38.65
C TYR A 130 -3.30 29.87 -40.14
N ILE A 131 -2.84 30.74 -41.04
CA ILE A 131 -3.12 30.55 -42.46
C ILE A 131 -2.22 29.50 -43.08
N SER A 132 -1.17 29.07 -42.39
CA SER A 132 -0.32 28.01 -42.93
C SER A 132 -1.04 26.65 -42.86
N LEU A 133 -1.88 26.45 -41.85
CA LEU A 133 -2.44 25.13 -41.58
C LEU A 133 -3.67 24.84 -42.44
N ASN A 134 -4.33 25.87 -43.00
CA ASN A 134 -5.60 25.63 -43.68
C ASN A 134 -5.50 25.86 -45.20
N GLY A 135 -4.29 25.78 -45.76
CA GLY A 135 -4.12 25.80 -47.21
C GLY A 135 -3.92 27.19 -47.81
N ILE A 136 -4.17 28.26 -47.04
CA ILE A 136 -4.21 29.59 -47.60
C ILE A 136 -2.81 30.09 -47.94
N LEU A 137 -1.87 30.05 -47.01
CA LEU A 137 -0.54 30.61 -47.24
C LEU A 137 0.07 29.93 -48.44
N HIS A 138 -0.12 28.62 -48.53
CA HIS A 138 0.50 27.88 -49.60
C HIS A 138 0.08 28.41 -50.96
N ALA A 139 -1.10 29.05 -51.04
CA ALA A 139 -1.65 29.45 -52.31
C ALA A 139 -1.18 30.84 -52.73
N ILE A 140 -0.48 31.59 -51.85
CA ILE A 140 -0.12 32.99 -52.10
C ILE A 140 1.35 33.09 -52.54
N GLY A 141 1.57 33.68 -53.71
CA GLY A 141 2.90 34.05 -54.20
C GLY A 141 3.17 33.45 -55.59
N ARG A 142 4.34 33.76 -56.15
CA ARG A 142 4.70 33.24 -57.45
C ARG A 142 4.99 31.75 -57.41
N GLY A 143 4.82 31.08 -58.55
CA GLY A 143 4.96 29.64 -58.65
C GLY A 143 6.40 29.16 -58.46
N ASP A 144 7.36 30.00 -58.81
CA ASP A 144 8.76 29.59 -58.82
C ASP A 144 9.43 29.90 -57.47
N GLU A 145 8.64 30.17 -56.41
CA GLU A 145 9.23 30.61 -55.14
C GLU A 145 8.36 30.19 -53.96
N ARG A 146 8.90 30.35 -52.75
CA ARG A 146 8.19 29.93 -51.56
C ARG A 146 7.03 30.90 -51.32
N PRO A 147 5.99 30.47 -50.59
CA PRO A 147 4.83 31.32 -50.38
C PRO A 147 5.20 32.61 -49.69
N VAL A 148 4.41 33.65 -49.94
CA VAL A 148 4.69 34.92 -49.33
C VAL A 148 3.47 35.32 -48.50
N PRO A 149 3.68 35.85 -47.29
CA PRO A 149 2.55 36.19 -46.45
C PRO A 149 1.88 37.43 -46.98
N PRO A 150 0.53 37.42 -47.05
CA PRO A 150 -0.28 38.60 -47.35
C PRO A 150 -0.46 39.55 -46.17
N LEU A 151 0.67 40.11 -45.72
CA LEU A 151 0.81 40.76 -44.43
C LEU A 151 0.08 39.90 -43.40
N ASN A 152 -0.56 40.55 -42.42
CA ASN A 152 -1.43 39.88 -41.47
C ASN A 152 -2.88 40.21 -41.77
N LEU A 153 -3.21 40.29 -43.06
CA LEU A 153 -4.54 40.74 -43.47
C LEU A 153 -5.54 39.61 -43.37
N VAL A 154 -5.13 38.37 -43.64
CA VAL A 154 -6.10 37.33 -43.91
C VAL A 154 -6.49 36.57 -42.64
N GLY A 155 -5.56 36.45 -41.70
CA GLY A 155 -5.78 35.67 -40.49
C GLY A 155 -6.23 36.55 -39.33
N ASP A 156 -5.46 37.60 -39.05
CA ASP A 156 -5.76 38.51 -37.97
C ASP A 156 -7.07 39.26 -38.23
N PHE A 157 -7.23 39.83 -39.44
CA PHE A 157 -8.30 40.79 -39.64
C PHE A 157 -9.42 40.12 -40.44
N GLY A 158 -9.21 39.81 -41.73
CA GLY A 158 -10.31 39.30 -42.54
C GLY A 158 -10.97 38.05 -41.97
N GLY A 159 -10.12 37.14 -41.49
CA GLY A 159 -10.56 35.86 -40.95
C GLY A 159 -10.59 35.85 -39.42
N GLY A 160 -10.35 36.98 -38.79
CA GLY A 160 -10.18 37.03 -37.35
C GLY A 160 -11.15 38.03 -36.74
N SER A 161 -10.68 39.26 -36.59
CA SER A 161 -11.49 40.33 -36.07
C SER A 161 -12.85 40.39 -36.74
N MET A 162 -12.92 40.26 -38.08
CA MET A 162 -14.19 40.51 -38.76
C MET A 162 -15.23 39.43 -38.44
N PHE A 163 -14.78 38.18 -38.29
CA PHE A 163 -15.66 37.13 -37.84
C PHE A 163 -16.04 37.30 -36.37
N LEU A 164 -15.15 37.90 -35.57
CA LEU A 164 -15.49 38.24 -34.20
C LEU A 164 -16.65 39.22 -34.20
N LEU A 165 -16.54 40.26 -35.03
CA LEU A 165 -17.57 41.30 -35.13
C LEU A 165 -18.90 40.70 -35.56
N VAL A 166 -18.87 39.82 -36.54
CA VAL A 166 -20.10 39.25 -37.04
C VAL A 166 -20.75 38.39 -35.95
N GLY A 167 -19.92 37.65 -35.20
CA GLY A 167 -20.37 36.82 -34.09
C GLY A 167 -20.99 37.66 -32.99
N ILE A 168 -20.33 38.75 -32.62
CA ILE A 168 -20.85 39.65 -31.62
C ILE A 168 -22.22 40.15 -32.07
N LEU A 169 -22.28 40.73 -33.28
CA LEU A 169 -23.48 41.39 -33.75
C LEU A 169 -24.56 40.37 -34.04
N ALA A 170 -24.20 39.18 -34.50
CA ALA A 170 -25.19 38.15 -34.70
C ALA A 170 -25.81 37.75 -33.36
N ALA A 171 -24.97 37.71 -32.31
CA ALA A 171 -25.42 37.32 -30.98
C ALA A 171 -26.26 38.43 -30.35
N LEU A 172 -25.98 39.70 -30.63
CA LEU A 172 -26.82 40.79 -30.15
C LEU A 172 -28.22 40.74 -30.78
N TRP A 173 -28.29 40.31 -32.04
CA TRP A 173 -29.57 40.10 -32.69
C TRP A 173 -30.30 38.93 -32.03
N GLU A 174 -29.54 37.91 -31.67
CA GLU A 174 -30.14 36.73 -31.05
C GLU A 174 -30.76 37.15 -29.72
N ARG A 175 -30.01 37.94 -28.96
CA ARG A 175 -30.39 38.38 -27.63
C ARG A 175 -31.65 39.25 -27.62
N GLN A 176 -32.14 39.62 -28.80
CA GLN A 176 -33.37 40.40 -28.89
C GLN A 176 -34.56 39.47 -28.67
N SER A 177 -34.51 38.25 -29.23
CA SER A 177 -35.51 37.22 -28.93
C SER A 177 -35.39 36.72 -27.49
N SER A 178 -34.22 36.17 -27.13
CA SER A 178 -34.05 35.26 -25.99
C SER A 178 -33.87 36.00 -24.66
N GLY A 179 -33.42 37.27 -24.71
CA GLY A 179 -33.06 38.04 -23.52
C GLY A 179 -31.74 37.54 -22.88
N LYS A 180 -31.04 36.60 -23.54
CA LYS A 180 -29.78 36.05 -23.03
C LYS A 180 -28.60 36.26 -23.99
N GLY A 181 -27.42 36.54 -23.41
CA GLY A 181 -26.14 36.48 -24.09
C GLY A 181 -25.66 35.05 -24.33
N GLN A 182 -24.36 34.90 -24.67
CA GLN A 182 -23.78 33.60 -25.03
C GLN A 182 -22.30 33.80 -25.42
N VAL A 183 -21.63 32.68 -25.67
CA VAL A 183 -20.19 32.68 -25.94
C VAL A 183 -19.98 32.59 -27.45
N VAL A 184 -19.17 33.52 -27.97
CA VAL A 184 -18.68 33.53 -29.34
C VAL A 184 -17.24 33.05 -29.39
N ASP A 185 -17.04 31.92 -30.08
CA ASP A 185 -15.74 31.32 -30.26
C ASP A 185 -15.22 31.61 -31.69
N ALA A 186 -14.44 32.69 -31.83
CA ALA A 186 -13.92 33.09 -33.13
C ALA A 186 -12.47 32.64 -33.30
N ALA A 187 -12.23 31.57 -34.07
CA ALA A 187 -10.85 31.17 -34.35
C ALA A 187 -10.38 31.55 -35.77
N MET A 188 -9.21 32.20 -35.85
CA MET A 188 -8.63 32.65 -37.10
C MET A 188 -8.50 31.50 -38.09
N VAL A 189 -8.26 30.29 -37.61
CA VAL A 189 -8.10 29.20 -38.55
C VAL A 189 -9.44 28.85 -39.21
N ASP A 190 -10.54 29.11 -38.50
CA ASP A 190 -11.86 28.81 -39.04
C ASP A 190 -12.37 29.98 -39.92
N GLY A 191 -12.34 31.18 -39.35
CA GLY A 191 -12.79 32.37 -40.04
C GLY A 191 -12.09 32.54 -41.38
N SER A 192 -10.75 32.33 -41.41
CA SER A 192 -9.99 32.50 -42.64
C SER A 192 -10.37 31.40 -43.63
N SER A 193 -10.78 30.21 -43.13
CA SER A 193 -11.24 29.15 -44.02
C SER A 193 -12.56 29.52 -44.71
N VAL A 194 -13.44 30.23 -44.01
CA VAL A 194 -14.69 30.72 -44.57
C VAL A 194 -14.41 31.91 -45.48
N LEU A 195 -13.35 32.67 -45.19
CA LEU A 195 -12.94 33.78 -46.04
C LEU A 195 -12.56 33.26 -47.42
N ILE A 196 -11.99 32.05 -47.49
CA ILE A 196 -11.55 31.51 -48.77
C ILE A 196 -12.50 30.43 -49.27
N GLN A 197 -13.76 30.47 -48.84
CA GLN A 197 -14.72 29.47 -49.27
C GLN A 197 -14.76 29.35 -50.80
N MET A 198 -14.61 30.48 -51.51
CA MET A 198 -14.64 30.47 -52.97
C MET A 198 -13.63 29.49 -53.57
N MET A 199 -12.43 29.39 -52.98
CA MET A 199 -11.39 28.57 -53.57
C MET A 199 -11.75 27.11 -53.30
N TRP A 200 -12.34 26.88 -52.13
CA TRP A 200 -12.78 25.54 -51.77
C TRP A 200 -13.92 25.11 -52.70
N ALA A 201 -14.76 26.06 -53.12
CA ALA A 201 -15.82 25.77 -54.08
C ALA A 201 -15.24 25.45 -55.46
N MET A 202 -14.35 26.32 -55.95
CA MET A 202 -13.75 26.14 -57.28
C MET A 202 -12.91 24.87 -57.32
N ARG A 203 -12.25 24.59 -56.20
CA ARG A 203 -11.40 23.41 -56.11
C ARG A 203 -12.26 22.17 -56.31
N ALA A 204 -13.48 22.19 -55.74
CA ALA A 204 -14.36 21.03 -55.76
C ALA A 204 -14.74 20.70 -57.20
N THR A 205 -14.84 21.73 -58.05
CA THR A 205 -15.35 21.58 -59.40
C THR A 205 -14.23 21.74 -60.43
N GLY A 206 -12.97 21.46 -60.04
CA GLY A 206 -11.86 21.36 -60.98
C GLY A 206 -11.32 22.72 -61.43
N MET A 207 -11.82 23.83 -60.87
CA MET A 207 -11.50 25.16 -61.37
C MET A 207 -10.41 25.87 -60.56
N TRP A 208 -9.78 25.17 -59.60
CA TRP A 208 -8.65 25.71 -58.86
C TRP A 208 -7.66 24.62 -58.53
N THR A 209 -6.35 24.78 -58.82
CA THR A 209 -5.39 23.76 -58.42
C THR A 209 -4.64 24.21 -57.18
N ASP A 210 -3.93 23.24 -56.58
CA ASP A 210 -3.07 23.47 -55.44
C ASP A 210 -1.72 24.02 -55.89
N THR A 211 -1.51 24.08 -57.21
CA THR A 211 -0.27 24.67 -57.73
C THR A 211 -0.33 26.17 -57.60
N ARG A 212 0.66 26.71 -56.89
CA ARG A 212 0.76 28.13 -56.64
C ARG A 212 1.08 28.84 -57.95
N GLY A 213 0.43 29.98 -58.22
CA GLY A 213 0.78 30.80 -59.37
C GLY A 213 0.22 30.26 -60.69
N ALA A 214 -0.80 29.40 -60.63
CA ALA A 214 -1.32 28.74 -61.81
C ALA A 214 -2.86 28.70 -61.82
N ASN A 215 -3.52 29.69 -61.25
CA ASN A 215 -4.96 29.81 -61.21
C ASN A 215 -5.44 31.19 -61.69
N MET A 216 -6.76 31.40 -61.71
CA MET A 216 -7.31 32.58 -62.35
C MET A 216 -7.01 33.82 -61.51
N LEU A 217 -6.95 33.66 -60.17
CA LEU A 217 -6.88 34.80 -59.26
C LEU A 217 -5.61 34.88 -58.39
N ASP A 218 -4.58 34.10 -58.69
CA ASP A 218 -3.38 34.10 -57.83
C ASP A 218 -2.20 34.75 -58.54
N GLY A 219 -2.44 35.21 -59.77
CA GLY A 219 -1.37 35.81 -60.53
C GLY A 219 -0.99 35.00 -61.78
N GLY A 220 -1.46 33.76 -61.89
CA GLY A 220 -1.24 32.90 -63.05
C GLY A 220 -1.93 33.32 -64.34
N ALA A 221 -3.05 34.03 -64.27
CA ALA A 221 -3.71 34.53 -65.47
C ALA A 221 -3.08 35.84 -65.90
N PRO A 222 -2.59 35.98 -67.16
CA PRO A 222 -2.06 37.24 -67.64
C PRO A 222 -3.01 38.42 -67.59
N TYR A 223 -4.32 38.17 -67.48
CA TYR A 223 -5.27 39.25 -67.35
C TYR A 223 -5.70 39.53 -65.90
N TYR A 224 -5.11 38.85 -64.92
CA TYR A 224 -5.32 39.22 -63.52
C TYR A 224 -3.99 39.16 -62.81
N ASP A 225 -3.25 40.26 -62.86
CA ASP A 225 -1.90 40.29 -62.34
C ASP A 225 -1.43 41.73 -62.37
N THR A 226 -0.26 42.00 -61.80
CA THR A 226 0.35 43.30 -61.94
C THR A 226 1.38 43.27 -63.07
N TYR A 227 1.69 44.45 -63.61
CA TYR A 227 2.68 44.59 -64.68
C TYR A 227 3.59 45.75 -64.34
N GLU A 228 4.88 45.56 -64.65
CA GLU A 228 5.86 46.62 -64.46
C GLU A 228 5.86 47.55 -65.67
N CYS A 229 5.86 48.85 -65.40
CA CYS A 229 5.78 49.88 -66.42
C CYS A 229 7.19 50.42 -66.64
N ALA A 230 7.29 51.45 -67.50
CA ALA A 230 8.57 51.91 -68.01
C ALA A 230 9.35 52.58 -66.90
N ASP A 231 8.65 53.11 -65.88
CA ASP A 231 9.27 53.85 -64.82
C ASP A 231 9.59 52.95 -63.64
N GLY A 232 9.38 51.63 -63.77
CA GLY A 232 9.63 50.74 -62.64
C GLY A 232 8.46 50.69 -61.66
N ARG A 233 7.38 51.42 -61.91
CA ARG A 233 6.17 51.36 -61.10
C ARG A 233 5.19 50.36 -61.73
N TYR A 234 4.03 50.17 -61.11
CA TYR A 234 3.18 49.05 -61.49
C TYR A 234 1.75 49.50 -61.72
N VAL A 235 1.10 48.77 -62.64
CA VAL A 235 -0.34 48.72 -62.77
C VAL A 235 -0.84 47.34 -62.38
N ALA A 236 -2.13 47.32 -62.01
CA ALA A 236 -2.90 46.13 -61.80
C ALA A 236 -3.87 45.95 -62.95
N VAL A 237 -3.94 44.72 -63.46
CA VAL A 237 -4.90 44.30 -64.45
C VAL A 237 -5.81 43.24 -63.85
N GLY A 238 -7.12 43.46 -63.97
CA GLY A 238 -8.14 42.56 -63.49
C GLY A 238 -9.24 42.33 -64.53
N ALA A 239 -8.84 42.22 -65.81
CA ALA A 239 -9.77 42.24 -66.93
C ALA A 239 -10.30 40.85 -67.20
N ILE A 240 -11.14 40.34 -66.30
CA ILE A 240 -11.58 38.96 -66.39
C ILE A 240 -12.61 38.80 -67.51
N GLU A 241 -13.63 39.65 -67.52
CA GLU A 241 -14.75 39.46 -68.45
C GLU A 241 -14.27 39.84 -69.86
N PRO A 242 -14.65 39.08 -70.91
CA PRO A 242 -14.08 39.31 -72.23
C PRO A 242 -14.27 40.72 -72.76
N GLN A 243 -15.35 41.42 -72.39
CA GLN A 243 -15.56 42.81 -72.86
C GLN A 243 -14.53 43.76 -72.28
N PHE A 244 -14.16 43.56 -71.01
CA PHE A 244 -13.21 44.42 -70.31
C PHE A 244 -11.80 44.15 -70.86
N TYR A 245 -11.49 42.87 -71.02
CA TYR A 245 -10.23 42.48 -71.64
C TYR A 245 -10.10 43.11 -73.03
N ALA A 246 -11.18 43.09 -73.83
CA ALA A 246 -11.10 43.68 -75.16
C ALA A 246 -10.77 45.17 -75.04
N ALA A 247 -11.38 45.84 -74.06
CA ALA A 247 -11.14 47.27 -73.86
C ALA A 247 -9.68 47.55 -73.48
N MET A 248 -9.10 46.63 -72.73
CA MET A 248 -7.73 46.73 -72.27
C MET A 248 -6.80 46.60 -73.48
N LEU A 249 -7.04 45.60 -74.33
CA LEU A 249 -6.19 45.36 -75.50
C LEU A 249 -6.19 46.58 -76.42
N ALA A 250 -7.34 47.20 -76.57
CA ALA A 250 -7.48 48.36 -77.44
C ALA A 250 -6.68 49.51 -76.88
N GLY A 251 -6.72 49.68 -75.55
CA GLY A 251 -5.93 50.72 -74.91
C GLY A 251 -4.44 50.47 -74.97
N LEU A 252 -4.04 49.20 -75.06
CA LEU A 252 -2.62 48.84 -75.11
C LEU A 252 -2.07 48.95 -76.53
N GLY A 253 -2.94 49.00 -77.54
CA GLY A 253 -2.47 49.07 -78.92
C GLY A 253 -2.26 47.69 -79.53
N LEU A 254 -2.81 46.64 -78.89
CA LEU A 254 -2.62 45.27 -79.33
C LEU A 254 -3.89 44.85 -80.04
N ASP A 255 -3.76 44.31 -81.26
CA ASP A 255 -4.92 43.79 -81.97
C ASP A 255 -5.08 42.36 -81.52
N ALA A 256 -6.32 41.97 -81.17
CA ALA A 256 -6.71 40.61 -80.80
C ALA A 256 -6.27 39.57 -81.82
N ALA A 257 -6.21 39.94 -83.12
CA ALA A 257 -5.78 39.01 -84.17
C ALA A 257 -4.37 38.49 -83.93
N GLU A 258 -3.50 39.32 -83.32
CA GLU A 258 -2.10 38.95 -83.14
C GLU A 258 -1.85 38.23 -81.81
N LEU A 259 -2.84 38.11 -80.92
CA LEU A 259 -2.58 37.52 -79.62
C LEU A 259 -3.24 36.16 -79.58
N PRO A 260 -2.80 35.27 -78.68
CA PRO A 260 -3.52 34.04 -78.40
C PRO A 260 -4.85 34.33 -77.73
N PRO A 261 -5.77 33.37 -77.73
CA PRO A 261 -7.03 33.56 -77.02
C PRO A 261 -6.76 33.86 -75.55
N GLN A 262 -7.65 34.66 -74.95
CA GLN A 262 -7.51 35.15 -73.60
C GLN A 262 -7.42 33.98 -72.62
N ASN A 263 -8.21 32.92 -72.84
CA ASN A 263 -8.26 31.80 -71.91
C ASN A 263 -7.71 30.50 -72.52
N ASP A 264 -6.82 30.59 -73.50
CA ASP A 264 -6.06 29.42 -73.89
C ASP A 264 -4.81 29.31 -73.01
N ARG A 265 -4.92 28.56 -71.91
CA ARG A 265 -3.92 28.58 -70.86
C ARG A 265 -2.60 28.03 -71.38
N ALA A 266 -2.65 27.19 -72.41
CA ALA A 266 -1.42 26.60 -72.93
C ALA A 266 -0.55 27.67 -73.58
N ARG A 267 -1.15 28.82 -73.96
CA ARG A 267 -0.39 29.87 -74.62
C ARG A 267 -0.29 31.14 -73.76
N TRP A 268 -0.62 31.01 -72.48
CA TRP A 268 -0.44 32.08 -71.51
C TRP A 268 1.00 32.60 -71.48
N PRO A 269 2.06 31.76 -71.68
CA PRO A 269 3.42 32.28 -71.77
C PRO A 269 3.57 33.35 -72.86
N GLU A 270 3.04 33.05 -74.07
CA GLU A 270 3.10 34.01 -75.16
C GLU A 270 2.32 35.28 -74.82
N LEU A 271 1.11 35.09 -74.33
CA LEU A 271 0.22 36.18 -74.04
C LEU A 271 0.86 37.11 -73.01
N ARG A 272 1.38 36.52 -71.93
CA ARG A 272 2.05 37.30 -70.89
C ARG A 272 3.22 38.09 -71.47
N ALA A 273 4.03 37.45 -72.32
CA ALA A 273 5.14 38.13 -72.96
C ALA A 273 4.64 39.33 -73.76
N LEU A 274 3.51 39.17 -74.45
CA LEU A 274 2.96 40.26 -75.25
C LEU A 274 2.48 41.42 -74.37
N LEU A 275 1.72 41.11 -73.30
CA LEU A 275 1.17 42.16 -72.45
C LEU A 275 2.30 42.84 -71.67
N THR A 276 3.26 42.03 -71.24
CA THR A 276 4.42 42.53 -70.51
C THR A 276 5.16 43.57 -71.34
N GLU A 277 5.44 43.28 -72.61
CA GLU A 277 6.19 44.24 -73.43
C GLU A 277 5.35 45.51 -73.67
N ALA A 278 4.04 45.36 -73.85
CA ALA A 278 3.18 46.51 -74.05
C ALA A 278 3.13 47.40 -72.79
N PHE A 279 2.88 46.84 -71.60
CA PHE A 279 2.81 47.68 -70.41
C PHE A 279 4.15 48.32 -70.12
N ALA A 280 5.26 47.65 -70.47
CA ALA A 280 6.59 48.18 -70.18
C ALA A 280 6.98 49.36 -71.07
N SER A 281 6.16 49.75 -72.05
CA SER A 281 6.56 50.75 -73.03
C SER A 281 6.12 52.14 -72.62
N HIS A 282 5.28 52.29 -71.59
CA HIS A 282 4.97 53.61 -71.06
C HIS A 282 4.91 53.50 -69.54
N ASP A 283 4.79 54.66 -68.88
CA ASP A 283 4.93 54.72 -67.45
C ASP A 283 3.56 54.51 -66.81
N ARG A 284 3.56 54.31 -65.49
CA ARG A 284 2.32 53.95 -64.80
C ARG A 284 1.28 55.04 -65.06
N ASP A 285 1.67 56.32 -64.94
CA ASP A 285 0.71 57.41 -64.96
C ASP A 285 0.13 57.61 -66.35
N HIS A 286 0.91 57.36 -67.41
CA HIS A 286 0.37 57.19 -68.75
C HIS A 286 -0.80 56.20 -68.77
N TRP A 287 -0.56 54.94 -68.33
CA TRP A 287 -1.62 53.96 -68.34
C TRP A 287 -2.80 54.47 -67.54
N GLY A 288 -2.53 55.27 -66.48
CA GLY A 288 -3.59 55.81 -65.62
C GLY A 288 -4.50 56.78 -66.37
N ALA A 289 -3.92 57.57 -67.27
CA ALA A 289 -4.68 58.47 -68.12
C ALA A 289 -5.46 57.65 -69.13
N VAL A 290 -4.74 56.97 -70.03
CA VAL A 290 -5.35 56.09 -71.02
C VAL A 290 -6.62 55.44 -70.46
N PHE A 291 -6.60 54.86 -69.23
CA PHE A 291 -7.65 53.94 -68.84
C PHE A 291 -8.65 54.51 -67.83
N ALA A 292 -8.50 55.76 -67.41
CA ALA A 292 -9.47 56.31 -66.48
C ALA A 292 -10.83 56.35 -67.17
N ASN A 293 -11.90 56.09 -66.40
CA ASN A 293 -13.27 56.09 -66.88
C ASN A 293 -13.56 54.88 -67.77
N SER A 294 -12.59 53.97 -67.89
CA SER A 294 -12.73 52.82 -68.75
C SER A 294 -13.08 51.59 -67.92
N ASP A 295 -13.63 50.59 -68.59
CA ASP A 295 -13.94 49.31 -68.01
C ASP A 295 -12.82 48.31 -68.28
N ALA A 296 -11.63 48.80 -68.64
CA ALA A 296 -10.49 47.92 -68.93
C ALA A 296 -9.93 47.22 -67.68
N CYS A 297 -10.30 47.69 -66.47
CA CYS A 297 -9.87 47.09 -65.20
C CYS A 297 -8.36 47.15 -65.10
N VAL A 298 -7.81 48.34 -65.38
CA VAL A 298 -6.40 48.66 -65.27
C VAL A 298 -6.28 49.84 -64.30
N THR A 299 -5.56 49.70 -63.19
CA THR A 299 -5.47 50.77 -62.21
C THR A 299 -4.01 50.91 -61.81
N PRO A 300 -3.57 52.12 -61.41
CA PRO A 300 -2.22 52.25 -60.87
C PRO A 300 -2.11 51.57 -59.50
N VAL A 301 -0.97 50.91 -59.29
CA VAL A 301 -0.62 50.31 -58.00
C VAL A 301 0.06 51.38 -57.17
N LEU A 302 -0.73 52.03 -56.30
CA LEU A 302 -0.20 53.14 -55.52
C LEU A 302 0.44 52.61 -54.22
N ALA A 303 1.54 53.25 -53.83
CA ALA A 303 2.16 53.06 -52.53
C ALA A 303 1.39 53.86 -51.49
N PHE A 304 1.46 53.43 -50.23
CA PHE A 304 0.72 54.10 -49.16
C PHE A 304 0.89 55.61 -49.25
N GLY A 305 2.14 56.05 -49.44
CA GLY A 305 2.47 57.46 -49.37
C GLY A 305 1.84 58.33 -50.45
N GLU A 306 1.36 57.69 -51.53
CA GLU A 306 0.74 58.36 -52.67
C GLU A 306 -0.77 58.32 -52.61
N VAL A 307 -1.35 57.54 -51.70
CA VAL A 307 -2.78 57.32 -51.74
C VAL A 307 -3.54 58.62 -51.54
N HIS A 308 -2.98 59.52 -50.72
CA HIS A 308 -3.63 60.76 -50.33
C HIS A 308 -3.79 61.70 -51.54
N ASN A 309 -3.07 61.46 -52.64
CA ASN A 309 -3.19 62.30 -53.84
C ASN A 309 -4.16 61.72 -54.88
N GLU A 310 -4.81 60.58 -54.63
CA GLU A 310 -5.67 59.97 -55.63
C GLU A 310 -7.08 60.58 -55.53
N PRO A 311 -7.58 61.22 -56.62
CA PRO A 311 -8.86 61.93 -56.58
C PRO A 311 -10.01 61.15 -55.97
N HIS A 312 -10.16 59.88 -56.35
CA HIS A 312 -11.30 59.12 -55.87
C HIS A 312 -11.22 58.86 -54.37
N ILE A 313 -10.00 58.75 -53.85
CA ILE A 313 -9.78 58.52 -52.42
C ILE A 313 -10.13 59.80 -51.66
N ILE A 314 -9.58 60.94 -52.11
CA ILE A 314 -9.81 62.27 -51.56
C ILE A 314 -11.31 62.56 -51.49
N GLU A 315 -12.01 62.37 -52.61
CA GLU A 315 -13.38 62.84 -52.69
C GLU A 315 -14.34 62.03 -51.83
N ARG A 316 -14.14 60.72 -51.62
CA ARG A 316 -15.10 59.99 -50.82
C ARG A 316 -14.72 60.04 -49.32
N ASN A 317 -13.66 60.78 -48.99
CA ASN A 317 -13.07 60.83 -47.66
C ASN A 317 -12.83 59.43 -47.11
N THR A 318 -12.05 58.63 -47.83
CA THR A 318 -11.70 57.32 -47.34
C THR A 318 -10.74 57.44 -46.14
N PHE A 319 -9.97 58.54 -46.09
CA PHE A 319 -8.97 58.81 -45.06
C PHE A 319 -9.23 60.15 -44.35
N TYR A 320 -8.69 60.30 -43.12
CA TYR A 320 -8.64 61.56 -42.40
C TYR A 320 -7.21 61.72 -41.89
N GLU A 321 -6.78 62.94 -41.53
CA GLU A 321 -5.46 63.13 -40.91
C GLU A 321 -5.61 63.06 -39.40
N ALA A 322 -4.56 62.60 -38.71
CA ALA A 322 -4.51 62.70 -37.26
C ALA A 322 -3.08 62.42 -36.82
N ASN A 323 -2.33 63.50 -36.51
CA ASN A 323 -0.95 63.35 -36.06
C ASN A 323 -0.06 62.80 -37.18
N GLY A 324 0.50 63.68 -38.02
CA GLY A 324 1.40 63.23 -39.07
C GLY A 324 1.11 61.78 -39.52
N GLY A 325 -0.13 61.55 -39.98
CA GLY A 325 -0.41 60.38 -40.80
C GLY A 325 -1.90 60.28 -41.10
N TRP A 326 -2.21 59.86 -42.32
CA TRP A 326 -3.58 59.54 -42.66
C TRP A 326 -3.97 58.25 -41.97
N GLN A 327 -5.28 58.10 -41.75
CA GLN A 327 -5.84 56.89 -41.20
C GLN A 327 -7.19 56.65 -41.87
N PRO A 328 -7.62 55.39 -42.02
CA PRO A 328 -8.89 55.12 -42.65
C PRO A 328 -10.09 55.56 -41.81
N MET A 329 -11.12 56.05 -42.50
CA MET A 329 -12.37 56.42 -41.89
C MET A 329 -13.19 55.17 -41.67
N PRO A 330 -14.11 55.19 -40.71
CA PRO A 330 -14.91 54.02 -40.42
C PRO A 330 -15.51 53.44 -41.69
N ALA A 331 -15.72 52.13 -41.67
CA ALA A 331 -16.42 51.48 -42.76
C ALA A 331 -17.32 50.46 -42.10
N PRO A 332 -18.44 50.03 -42.72
CA PRO A 332 -18.96 50.67 -43.93
C PRO A 332 -19.65 51.97 -43.55
N ARG A 333 -20.47 52.52 -44.47
CA ARG A 333 -21.11 53.81 -44.25
C ARG A 333 -22.63 53.62 -44.09
N PHE A 334 -23.26 54.54 -43.35
CA PHE A 334 -24.67 54.40 -43.00
C PHE A 334 -25.39 55.71 -43.38
N SER A 335 -26.53 55.60 -44.08
CA SER A 335 -27.29 56.77 -44.54
C SER A 335 -27.82 57.65 -43.41
N ARG A 336 -28.53 57.07 -42.43
CA ARG A 336 -29.19 57.86 -41.40
C ARG A 336 -28.31 58.04 -40.15
N THR A 337 -27.71 56.97 -39.64
CA THR A 337 -26.87 57.06 -38.45
C THR A 337 -25.38 56.96 -38.81
N ALA A 338 -24.86 58.07 -39.35
CA ALA A 338 -23.50 58.12 -39.86
C ALA A 338 -22.52 58.03 -38.70
N SER A 339 -21.43 57.27 -38.90
CA SER A 339 -20.30 57.33 -38.00
C SER A 339 -19.74 58.73 -38.05
N SER A 340 -18.93 59.04 -37.06
CA SER A 340 -18.20 60.28 -37.04
C SER A 340 -16.72 59.97 -37.11
N GLN A 341 -15.93 61.03 -37.23
CA GLN A 341 -14.49 60.89 -37.24
C GLN A 341 -14.07 60.23 -35.93
N PRO A 342 -13.11 59.28 -35.95
CA PRO A 342 -12.60 58.68 -34.73
C PRO A 342 -11.94 59.71 -33.82
N ARG A 343 -12.15 59.52 -32.51
CA ARG A 343 -11.47 60.28 -31.47
C ARG A 343 -10.13 59.61 -31.18
N PRO A 344 -9.04 60.38 -30.97
CA PRO A 344 -7.72 59.76 -30.87
C PRO A 344 -7.65 58.97 -29.56
N PRO A 345 -6.60 58.15 -29.35
CA PRO A 345 -6.37 57.53 -28.04
C PRO A 345 -6.39 58.58 -26.92
N ALA A 346 -7.27 58.38 -25.94
CA ALA A 346 -7.42 59.30 -24.81
C ALA A 346 -6.51 58.84 -23.67
N ALA A 347 -5.89 59.80 -22.95
CA ALA A 347 -5.16 59.47 -21.74
C ALA A 347 -6.04 58.65 -20.80
N THR A 348 -5.40 57.81 -19.98
CA THR A 348 -6.07 56.84 -19.12
C THR A 348 -7.14 57.49 -18.26
N ILE A 349 -7.99 56.64 -17.68
CA ILE A 349 -9.15 57.08 -16.95
C ILE A 349 -9.26 56.14 -15.74
N ASP A 350 -10.08 56.55 -14.76
CA ASP A 350 -10.24 55.78 -13.55
C ASP A 350 -11.38 54.77 -13.71
N ILE A 351 -11.14 53.51 -13.33
CA ILE A 351 -12.13 52.47 -13.53
C ILE A 351 -13.43 52.74 -12.75
N GLU A 352 -13.33 53.57 -11.70
CA GLU A 352 -14.48 53.98 -10.89
C GLU A 352 -15.31 55.02 -11.64
N ALA A 353 -14.63 56.11 -12.06
CA ALA A 353 -15.23 57.14 -12.90
C ALA A 353 -16.13 56.51 -13.98
N VAL A 354 -15.69 55.37 -14.54
CA VAL A 354 -16.41 54.71 -15.62
C VAL A 354 -17.68 54.05 -15.06
N LEU A 355 -17.55 53.37 -13.90
CA LEU A 355 -18.70 52.69 -13.29
C LEU A 355 -19.76 53.71 -12.88
N THR A 356 -19.31 54.92 -12.50
CA THR A 356 -20.15 56.08 -12.20
C THR A 356 -20.97 56.46 -13.43
N ASP A 357 -20.30 57.12 -14.39
CA ASP A 357 -20.82 57.35 -15.74
C ASP A 357 -21.84 56.28 -16.13
N TRP A 358 -21.45 55.00 -16.13
CA TRP A 358 -22.42 53.94 -16.38
C TRP A 358 -23.34 53.82 -15.15
N MET B 1 -34.62 26.68 -38.23
CA MET B 1 -33.27 27.01 -38.80
C MET B 1 -32.27 27.29 -37.68
N ALA B 2 -31.16 26.54 -37.65
CA ALA B 2 -30.18 26.62 -36.58
C ALA B 2 -29.30 27.87 -36.71
N GLY B 3 -29.08 28.58 -35.60
CA GLY B 3 -28.02 29.57 -35.50
C GLY B 3 -28.54 30.88 -34.93
N PRO B 4 -27.66 31.82 -34.56
CA PRO B 4 -28.12 33.06 -33.93
C PRO B 4 -28.98 33.97 -34.80
N LEU B 5 -29.00 33.73 -36.11
CA LEU B 5 -29.73 34.65 -36.98
C LEU B 5 -31.02 33.97 -37.46
N SER B 6 -31.57 33.07 -36.64
CA SER B 6 -32.81 32.40 -36.96
C SER B 6 -33.89 33.48 -37.05
N GLY B 7 -34.66 33.48 -38.14
CA GLY B 7 -35.74 34.45 -38.31
C GLY B 7 -35.32 35.73 -39.00
N LEU B 8 -34.02 35.92 -39.29
CA LEU B 8 -33.65 37.01 -40.17
C LEU B 8 -34.01 36.63 -41.61
N ARG B 9 -34.66 37.57 -42.30
CA ARG B 9 -35.00 37.36 -43.71
C ARG B 9 -34.18 38.31 -44.58
N VAL B 10 -33.61 37.71 -45.64
CA VAL B 10 -32.59 38.37 -46.43
C VAL B 10 -32.95 38.09 -47.88
N VAL B 11 -33.03 39.17 -48.67
CA VAL B 11 -33.20 39.02 -50.11
C VAL B 11 -31.88 39.40 -50.79
N GLU B 12 -31.40 38.53 -51.65
CA GLU B 12 -30.12 38.70 -52.31
C GLU B 12 -30.35 38.78 -53.83
N LEU B 13 -29.96 39.90 -54.41
CA LEU B 13 -29.97 40.04 -55.86
C LEU B 13 -28.63 39.51 -56.37
N ALA B 14 -28.65 38.52 -57.25
CA ALA B 14 -27.45 37.76 -57.56
C ALA B 14 -26.36 38.61 -58.21
N GLY B 15 -25.16 38.53 -57.65
CA GLY B 15 -23.95 39.08 -58.24
C GLY B 15 -22.76 38.14 -58.02
N ILE B 16 -21.56 38.70 -58.08
CA ILE B 16 -20.37 37.88 -57.96
C ILE B 16 -19.53 38.42 -56.81
N GLY B 17 -18.79 37.51 -56.19
CA GLY B 17 -17.79 37.89 -55.21
C GLY B 17 -18.41 38.26 -53.87
N PRO B 18 -18.32 39.53 -53.42
CA PRO B 18 -18.68 39.84 -52.04
C PRO B 18 -20.15 39.62 -51.66
N GLY B 19 -21.11 40.05 -52.52
CA GLY B 19 -22.52 39.97 -52.15
C GLY B 19 -22.94 38.54 -51.83
N PRO B 20 -22.59 37.58 -52.71
CA PRO B 20 -22.86 36.17 -52.46
C PRO B 20 -22.17 35.58 -51.23
N HIS B 21 -20.96 36.07 -50.93
CA HIS B 21 -20.22 35.64 -49.76
C HIS B 21 -20.94 36.09 -48.47
N ALA B 22 -21.35 37.35 -48.38
CA ALA B 22 -22.11 37.85 -47.26
C ALA B 22 -23.42 37.08 -47.10
N ALA B 23 -24.10 36.85 -48.22
CA ALA B 23 -25.38 36.17 -48.18
C ALA B 23 -25.16 34.78 -47.61
N MET B 24 -24.06 34.11 -48.01
CA MET B 24 -23.69 32.79 -47.53
C MET B 24 -23.50 32.81 -46.02
N ILE B 25 -22.72 33.75 -45.50
CA ILE B 25 -22.44 33.74 -44.07
C ILE B 25 -23.73 34.00 -43.29
N LEU B 26 -24.65 34.78 -43.88
CA LEU B 26 -25.92 35.08 -43.23
C LEU B 26 -26.70 33.78 -43.12
N GLY B 27 -26.82 33.07 -44.24
CA GLY B 27 -27.41 31.74 -44.29
C GLY B 27 -26.76 30.78 -43.30
N ASP B 28 -25.41 30.81 -43.28
CA ASP B 28 -24.63 29.91 -42.46
C ASP B 28 -25.11 29.98 -41.01
N LEU B 29 -25.33 31.20 -40.52
CA LEU B 29 -25.71 31.53 -39.16
C LEU B 29 -27.25 31.46 -38.95
N GLY B 30 -27.96 30.82 -39.87
CA GLY B 30 -29.38 30.51 -39.74
C GLY B 30 -30.35 31.58 -40.27
N ALA B 31 -29.91 32.47 -41.15
CA ALA B 31 -30.86 33.38 -41.77
C ALA B 31 -31.55 32.70 -42.94
N ASP B 32 -32.73 33.27 -43.25
CA ASP B 32 -33.56 32.84 -44.35
C ASP B 32 -33.14 33.68 -45.55
N VAL B 33 -32.52 33.03 -46.52
CA VAL B 33 -31.86 33.75 -47.58
C VAL B 33 -32.48 33.37 -48.91
N VAL B 34 -33.06 34.38 -49.57
CA VAL B 34 -33.65 34.12 -50.87
C VAL B 34 -32.91 34.91 -51.92
N ARG B 35 -32.41 34.17 -52.90
CA ARG B 35 -31.56 34.72 -53.93
C ARG B 35 -32.33 34.79 -55.24
N ILE B 36 -32.51 36.03 -55.75
CA ILE B 36 -33.13 36.28 -57.03
C ILE B 36 -32.04 36.29 -58.11
N ASP B 37 -32.06 35.28 -58.98
CA ASP B 37 -31.21 35.28 -60.16
C ASP B 37 -32.05 35.58 -61.41
N ARG B 38 -31.39 35.70 -62.56
CA ARG B 38 -32.10 35.99 -63.80
C ARG B 38 -32.30 34.70 -64.58
N PRO B 39 -33.46 34.50 -65.25
CA PRO B 39 -33.80 33.21 -65.84
C PRO B 39 -32.72 32.69 -66.79
N SER B 40 -32.09 33.63 -67.49
CA SER B 40 -30.93 33.37 -68.34
C SER B 40 -29.76 32.86 -67.49
N SER B 41 -29.82 31.57 -67.11
CA SER B 41 -28.99 31.00 -66.07
C SER B 41 -29.01 29.46 -66.11
N GLY B 44 -30.11 21.97 -63.74
CA GLY B 44 -30.75 22.62 -62.58
C GLY B 44 -29.71 23.15 -61.60
N ILE B 45 -29.31 22.31 -60.64
CA ILE B 45 -28.73 22.73 -59.37
C ILE B 45 -27.35 23.37 -59.59
N SER B 46 -27.16 24.57 -59.02
CA SER B 46 -25.92 25.31 -59.15
C SER B 46 -24.82 24.61 -58.36
N ARG B 47 -23.62 24.56 -58.97
CA ARG B 47 -22.54 23.72 -58.47
C ARG B 47 -21.54 24.57 -57.69
N ASP B 48 -21.82 25.88 -57.57
CA ASP B 48 -21.07 26.78 -56.71
C ASP B 48 -21.56 26.62 -55.27
N ALA B 49 -20.75 25.93 -54.47
CA ALA B 49 -21.03 25.70 -53.06
C ALA B 49 -21.16 27.02 -52.28
N MET B 50 -20.80 28.17 -52.88
CA MET B 50 -20.95 29.47 -52.22
C MET B 50 -22.45 29.83 -52.15
N LEU B 51 -23.28 29.07 -52.90
CA LEU B 51 -24.72 29.27 -52.93
C LEU B 51 -25.42 28.34 -51.94
N ARG B 52 -24.69 27.83 -50.95
CA ARG B 52 -25.26 27.00 -49.89
C ARG B 52 -26.13 27.87 -49.00
N ASN B 53 -27.09 27.22 -48.31
CA ASN B 53 -27.96 27.91 -47.35
C ASN B 53 -28.75 29.05 -48.00
N ARG B 54 -29.29 28.74 -49.18
CA ARG B 54 -30.13 29.67 -49.93
C ARG B 54 -31.37 28.96 -50.45
N ARG B 55 -32.41 29.74 -50.72
CA ARG B 55 -33.36 29.36 -51.75
C ARG B 55 -33.13 30.25 -52.98
N ILE B 56 -33.07 29.59 -54.16
CA ILE B 56 -32.90 30.27 -55.44
C ILE B 56 -34.25 30.39 -56.14
N VAL B 57 -34.59 31.62 -56.58
CA VAL B 57 -35.71 31.88 -57.48
C VAL B 57 -35.19 32.67 -58.67
N THR B 58 -35.78 32.47 -59.87
CA THR B 58 -35.52 33.32 -61.01
C THR B 58 -36.63 34.37 -61.17
N ALA B 59 -36.28 35.43 -61.93
CA ALA B 59 -37.19 36.53 -62.21
C ALA B 59 -36.46 37.57 -63.06
N ASP B 60 -36.99 37.83 -64.27
CA ASP B 60 -36.63 39.00 -65.07
C ASP B 60 -37.05 40.24 -64.30
N LEU B 61 -36.07 40.88 -63.64
CA LEU B 61 -36.34 42.12 -62.90
C LEU B 61 -36.68 43.27 -63.85
N LYS B 62 -36.50 43.07 -65.16
CA LYS B 62 -36.89 44.10 -66.13
C LYS B 62 -38.38 44.02 -66.47
N SER B 63 -39.00 42.84 -66.36
CA SER B 63 -40.43 42.70 -66.61
C SER B 63 -41.20 43.42 -65.49
N ASP B 64 -42.51 43.65 -65.70
CA ASP B 64 -43.31 44.34 -64.71
C ASP B 64 -43.63 43.40 -63.55
N GLN B 65 -43.73 42.10 -63.89
CA GLN B 65 -44.17 41.06 -63.00
C GLN B 65 -43.00 40.52 -62.15
N GLY B 66 -41.80 40.49 -62.74
CA GLY B 66 -40.58 40.21 -61.99
C GLY B 66 -40.34 41.27 -60.92
N LEU B 67 -40.48 42.54 -61.27
CA LEU B 67 -40.31 43.60 -60.28
C LEU B 67 -41.40 43.48 -59.20
N GLU B 68 -42.65 43.25 -59.61
CA GLU B 68 -43.74 43.29 -58.64
C GLU B 68 -43.46 42.20 -57.60
N LEU B 69 -43.23 40.97 -58.09
CA LEU B 69 -42.89 39.84 -57.24
C LEU B 69 -41.71 40.21 -56.33
N ALA B 70 -40.68 40.85 -56.89
CA ALA B 70 -39.47 41.16 -56.14
C ALA B 70 -39.76 42.10 -54.98
N LEU B 71 -40.57 43.14 -55.24
CA LEU B 71 -40.93 44.10 -54.21
C LEU B 71 -41.85 43.46 -53.15
N LYS B 72 -42.55 42.38 -53.51
CA LYS B 72 -43.36 41.66 -52.54
C LYS B 72 -42.47 40.81 -51.62
N LEU B 73 -41.38 40.22 -52.14
CA LEU B 73 -40.36 39.64 -51.26
C LEU B 73 -39.80 40.71 -50.33
N ILE B 74 -39.35 41.84 -50.88
CA ILE B 74 -38.56 42.79 -50.12
C ILE B 74 -39.39 43.41 -48.99
N ALA B 75 -40.70 43.52 -49.27
CA ALA B 75 -41.67 43.98 -48.29
C ALA B 75 -41.70 43.04 -47.08
N LYS B 76 -41.50 41.74 -47.33
CA LYS B 76 -41.57 40.71 -46.30
C LYS B 76 -40.22 40.47 -45.60
N ALA B 77 -39.12 41.10 -46.04
CA ALA B 77 -37.77 40.74 -45.60
C ALA B 77 -37.17 41.77 -44.64
N ASP B 78 -36.02 41.46 -44.05
CA ASP B 78 -35.33 42.38 -43.16
C ASP B 78 -34.17 43.09 -43.86
N VAL B 79 -33.49 42.36 -44.76
CA VAL B 79 -32.30 42.89 -45.41
C VAL B 79 -32.39 42.62 -46.92
N LEU B 80 -31.97 43.61 -47.69
CA LEU B 80 -31.70 43.36 -49.10
C LEU B 80 -30.21 43.57 -49.39
N ILE B 81 -29.65 42.62 -50.15
CA ILE B 81 -28.26 42.73 -50.60
C ILE B 81 -28.23 42.92 -52.12
N GLU B 82 -27.52 43.95 -52.57
CA GLU B 82 -27.25 44.09 -53.99
C GLU B 82 -25.80 44.51 -54.24
N GLY B 83 -25.21 43.94 -55.29
CA GLY B 83 -23.83 44.19 -55.61
C GLY B 83 -23.64 44.59 -57.08
N TYR B 84 -24.54 45.44 -57.58
CA TYR B 84 -24.38 45.98 -58.93
C TYR B 84 -23.75 47.35 -58.86
N ARG B 85 -23.41 47.90 -60.03
CA ARG B 85 -22.90 49.26 -60.07
C ARG B 85 -23.99 50.17 -59.57
N PRO B 86 -23.61 51.35 -59.02
CA PRO B 86 -24.57 52.32 -58.57
C PRO B 86 -25.52 52.71 -59.71
N GLY B 87 -26.79 52.95 -59.38
CA GLY B 87 -27.79 53.37 -60.34
C GLY B 87 -28.56 52.18 -60.87
N VAL B 88 -27.97 50.99 -60.79
CA VAL B 88 -28.60 49.85 -61.42
C VAL B 88 -29.93 49.51 -60.74
N THR B 89 -29.95 49.35 -59.40
CA THR B 89 -31.19 48.93 -58.76
C THR B 89 -32.24 50.02 -58.95
N GLU B 90 -31.81 51.28 -58.89
CA GLU B 90 -32.69 52.42 -59.09
C GLU B 90 -33.49 52.24 -60.39
N ARG B 91 -32.80 51.98 -61.50
CA ARG B 91 -33.44 51.88 -62.81
C ARG B 91 -34.31 50.64 -62.89
N LEU B 92 -34.03 49.63 -62.07
CA LEU B 92 -34.92 48.49 -62.04
C LEU B 92 -36.22 48.83 -61.28
N GLY B 93 -36.25 49.98 -60.59
CA GLY B 93 -37.31 50.27 -59.63
C GLY B 93 -37.16 49.47 -58.34
N LEU B 94 -35.92 49.11 -57.96
CA LEU B 94 -35.61 48.42 -56.71
C LEU B 94 -34.62 49.24 -55.88
N GLY B 95 -34.55 50.53 -56.14
CA GLY B 95 -33.65 51.41 -55.42
C GLY B 95 -34.02 51.52 -53.96
N PRO B 96 -33.22 52.21 -53.13
CA PRO B 96 -33.54 52.33 -51.72
C PRO B 96 -34.86 53.08 -51.51
N GLU B 97 -35.19 54.06 -52.36
CA GLU B 97 -36.41 54.82 -52.14
C GLU B 97 -37.65 53.99 -52.48
N GLU B 98 -37.62 53.20 -53.55
CA GLU B 98 -38.78 52.37 -53.87
C GLU B 98 -39.00 51.30 -52.81
N CYS B 99 -37.91 50.84 -52.20
CA CYS B 99 -37.97 49.78 -51.22
C CYS B 99 -38.49 50.34 -49.89
N ALA B 100 -38.16 51.60 -49.56
CA ALA B 100 -38.58 52.27 -48.33
C ALA B 100 -40.08 52.57 -48.33
N LYS B 101 -40.70 52.56 -49.51
CA LYS B 101 -42.12 52.76 -49.63
C LYS B 101 -42.84 51.48 -49.18
N VAL B 102 -42.32 50.31 -49.58
CA VAL B 102 -42.99 49.04 -49.26
C VAL B 102 -42.49 48.47 -47.93
N ASN B 103 -41.50 49.10 -47.27
CA ASN B 103 -40.88 48.53 -46.07
C ASN B 103 -39.84 49.49 -45.50
N ASP B 104 -40.24 50.36 -44.58
CA ASP B 104 -39.33 51.38 -44.06
C ASP B 104 -38.41 50.81 -42.97
N ARG B 105 -38.48 49.48 -42.76
CA ARG B 105 -37.63 48.80 -41.79
C ARG B 105 -36.45 48.12 -42.47
N LEU B 106 -36.52 47.91 -43.79
CA LEU B 106 -35.50 47.21 -44.58
C LEU B 106 -34.11 47.79 -44.34
N ILE B 107 -33.12 46.88 -44.15
CA ILE B 107 -31.72 47.24 -44.23
C ILE B 107 -31.28 47.05 -45.68
N TYR B 108 -30.86 48.17 -46.31
CA TYR B 108 -30.59 48.17 -47.74
C TYR B 108 -29.07 48.18 -47.92
N ALA B 109 -28.54 47.03 -48.38
CA ALA B 109 -27.11 46.77 -48.29
C ALA B 109 -26.48 46.75 -49.67
N ARG B 110 -25.69 47.80 -49.93
CA ARG B 110 -25.04 48.05 -51.20
C ARG B 110 -23.54 47.74 -51.14
N MET B 111 -23.16 46.70 -51.91
CA MET B 111 -21.82 46.14 -51.96
C MET B 111 -21.16 46.55 -53.28
N THR B 112 -20.24 47.49 -53.19
CA THR B 112 -19.45 47.86 -54.36
C THR B 112 -17.95 47.85 -54.05
N GLY B 113 -17.16 48.00 -55.11
CA GLY B 113 -15.73 48.19 -54.98
C GLY B 113 -15.37 49.65 -54.70
N TRP B 114 -15.90 50.57 -55.51
CA TRP B 114 -15.42 51.94 -55.51
C TRP B 114 -16.33 52.87 -54.70
N GLY B 115 -17.52 52.39 -54.32
CA GLY B 115 -18.46 53.23 -53.58
C GLY B 115 -19.64 53.70 -54.45
N GLN B 116 -20.47 54.58 -53.87
CA GLN B 116 -21.73 54.95 -54.49
C GLN B 116 -21.54 56.18 -55.38
N THR B 117 -20.54 56.99 -55.08
CA THR B 117 -20.28 58.17 -55.87
C THR B 117 -18.78 58.35 -56.08
N GLY B 118 -18.43 59.38 -56.86
CA GLY B 118 -17.05 59.73 -57.10
C GLY B 118 -16.61 59.23 -58.46
N PRO B 119 -15.41 59.69 -58.91
CA PRO B 119 -14.96 59.53 -60.28
C PRO B 119 -14.83 58.10 -60.80
N ARG B 120 -14.68 57.13 -59.90
CA ARG B 120 -14.43 55.77 -60.34
C ARG B 120 -15.66 54.92 -60.13
N SER B 121 -16.78 55.55 -59.74
CA SER B 121 -17.95 54.82 -59.26
C SER B 121 -18.60 54.02 -60.35
N GLN B 122 -18.36 54.38 -61.62
CA GLN B 122 -18.97 53.59 -62.69
C GLN B 122 -17.95 52.68 -63.37
N GLN B 123 -16.69 52.68 -62.92
CA GLN B 123 -15.70 51.83 -63.52
C GLN B 123 -15.92 50.37 -63.12
N ALA B 124 -15.84 49.49 -64.12
CA ALA B 124 -15.72 48.08 -63.82
C ALA B 124 -14.43 47.85 -63.03
N GLY B 125 -14.42 46.76 -62.25
CA GLY B 125 -13.22 46.38 -61.51
C GLY B 125 -13.39 45.05 -60.81
N HIS B 126 -12.27 44.54 -60.33
CA HIS B 126 -12.24 43.38 -59.46
C HIS B 126 -11.29 43.68 -58.30
N ASP B 127 -11.19 42.69 -57.41
CA ASP B 127 -10.44 42.80 -56.16
C ASP B 127 -9.10 43.48 -56.42
N ILE B 128 -8.32 42.94 -57.34
CA ILE B 128 -6.97 43.45 -57.57
C ILE B 128 -6.96 44.95 -57.85
N ASN B 129 -8.00 45.49 -58.51
CA ASN B 129 -8.06 46.93 -58.75
C ASN B 129 -8.33 47.72 -57.47
N TYR B 130 -9.27 47.26 -56.64
CA TYR B 130 -9.67 48.04 -55.45
C TYR B 130 -8.48 48.15 -54.50
N ILE B 131 -7.72 47.05 -54.32
CA ILE B 131 -6.56 47.08 -53.42
C ILE B 131 -5.35 47.75 -54.09
N SER B 132 -5.39 48.00 -55.40
CA SER B 132 -4.25 48.70 -56.01
C SER B 132 -4.28 50.16 -55.62
N LEU B 133 -5.48 50.72 -55.41
CA LEU B 133 -5.61 52.17 -55.29
C LEU B 133 -5.28 52.67 -53.90
N ASN B 134 -5.34 51.80 -52.89
CA ASN B 134 -5.29 52.26 -51.52
C ASN B 134 -4.04 51.80 -50.78
N GLY B 135 -3.01 51.37 -51.52
CA GLY B 135 -1.71 51.08 -50.92
C GLY B 135 -1.51 49.60 -50.60
N ILE B 136 -2.59 48.81 -50.61
CA ILE B 136 -2.50 47.45 -50.08
C ILE B 136 -1.69 46.57 -51.02
N LEU B 137 -2.01 46.58 -52.32
CA LEU B 137 -1.42 45.61 -53.23
C LEU B 137 0.08 45.88 -53.34
N HIS B 138 0.46 47.15 -53.28
CA HIS B 138 1.85 47.52 -53.44
C HIS B 138 2.74 46.89 -52.35
N ALA B 139 2.11 46.58 -51.21
CA ALA B 139 2.85 46.15 -50.02
C ALA B 139 3.04 44.65 -49.95
N ILE B 140 2.44 43.91 -50.90
CA ILE B 140 2.40 42.47 -50.86
C ILE B 140 3.33 41.87 -51.92
N GLY B 141 4.31 41.06 -51.48
CA GLY B 141 5.17 40.29 -52.37
C GLY B 141 6.65 40.49 -52.01
N ARG B 142 7.58 39.84 -52.72
CA ARG B 142 8.99 40.11 -52.48
C ARG B 142 9.43 41.45 -53.07
N GLY B 143 10.47 42.04 -52.48
CA GLY B 143 10.96 43.35 -52.84
C GLY B 143 11.58 43.42 -54.24
N ASP B 144 12.12 42.30 -54.72
CA ASP B 144 12.81 42.30 -56.01
C ASP B 144 11.85 41.97 -57.15
N GLU B 145 10.53 42.02 -56.92
CA GLU B 145 9.58 41.54 -57.90
C GLU B 145 8.32 42.40 -57.87
N ARG B 146 7.46 42.21 -58.85
CA ARG B 146 6.27 42.99 -58.86
C ARG B 146 5.27 42.43 -57.86
N PRO B 147 4.33 43.27 -57.36
CA PRO B 147 3.42 42.85 -56.31
C PRO B 147 2.59 41.68 -56.74
N VAL B 148 2.20 40.87 -55.77
CA VAL B 148 1.47 39.67 -56.08
C VAL B 148 0.10 39.78 -55.42
N PRO B 149 -0.99 39.44 -56.13
CA PRO B 149 -2.30 39.55 -55.55
C PRO B 149 -2.44 38.45 -54.50
N PRO B 150 -2.97 38.79 -53.31
CA PRO B 150 -3.34 37.81 -52.31
C PRO B 150 -4.69 37.19 -52.59
N LEU B 151 -4.72 36.41 -53.66
CA LEU B 151 -5.95 35.98 -54.25
C LEU B 151 -6.89 37.17 -54.24
N ASN B 152 -8.18 36.90 -54.05
CA ASN B 152 -9.17 37.94 -53.83
C ASN B 152 -9.65 37.92 -52.38
N LEU B 153 -8.73 37.68 -51.44
CA LEU B 153 -9.10 37.55 -50.04
C LEU B 153 -9.31 38.90 -49.38
N VAL B 154 -8.63 39.96 -49.86
CA VAL B 154 -8.54 41.20 -49.10
C VAL B 154 -9.58 42.22 -49.56
N GLY B 155 -9.94 42.20 -50.85
CA GLY B 155 -10.91 43.18 -51.33
C GLY B 155 -12.33 42.65 -51.34
N ASP B 156 -12.52 41.50 -51.96
CA ASP B 156 -13.83 40.89 -52.05
C ASP B 156 -14.32 40.47 -50.66
N PHE B 157 -13.44 39.87 -49.84
CA PHE B 157 -13.94 39.18 -48.65
C PHE B 157 -13.60 39.96 -47.39
N GLY B 158 -12.31 40.01 -47.04
CA GLY B 158 -11.87 40.67 -45.83
C GLY B 158 -12.33 42.12 -45.73
N GLY B 159 -12.08 42.91 -46.79
CA GLY B 159 -12.49 44.30 -46.83
C GLY B 159 -13.82 44.52 -47.57
N GLY B 160 -14.53 43.45 -47.86
CA GLY B 160 -15.69 43.49 -48.75
C GLY B 160 -16.94 42.93 -48.10
N SER B 161 -17.19 41.64 -48.35
CA SER B 161 -18.31 40.95 -47.75
C SER B 161 -18.36 41.18 -46.23
N MET B 162 -17.20 41.22 -45.56
CA MET B 162 -17.21 41.16 -44.10
C MET B 162 -17.64 42.51 -43.54
N PHE B 163 -17.28 43.60 -44.23
CA PHE B 163 -17.78 44.92 -43.85
C PHE B 163 -19.26 45.06 -44.25
N LEU B 164 -19.72 44.44 -45.34
CA LEU B 164 -21.15 44.46 -45.60
C LEU B 164 -21.90 43.84 -44.40
N LEU B 165 -21.39 42.71 -43.89
CA LEU B 165 -21.99 41.98 -42.77
C LEU B 165 -22.01 42.81 -41.48
N VAL B 166 -20.86 43.37 -41.14
CA VAL B 166 -20.79 44.24 -39.99
C VAL B 166 -21.82 45.37 -40.12
N GLY B 167 -22.04 45.84 -41.35
CA GLY B 167 -22.98 46.92 -41.60
C GLY B 167 -24.42 46.43 -41.48
N ILE B 168 -24.73 45.30 -42.10
CA ILE B 168 -26.06 44.75 -42.04
C ILE B 168 -26.45 44.50 -40.58
N LEU B 169 -25.50 43.99 -39.77
CA LEU B 169 -25.83 43.55 -38.42
C LEU B 169 -25.80 44.72 -37.46
N ALA B 170 -24.91 45.69 -37.65
CA ALA B 170 -24.97 46.89 -36.85
C ALA B 170 -26.25 47.67 -37.12
N ALA B 171 -26.74 47.63 -38.37
CA ALA B 171 -27.93 48.42 -38.71
C ALA B 171 -29.16 47.75 -38.11
N LEU B 172 -29.16 46.42 -37.99
CA LEU B 172 -30.21 45.68 -37.30
C LEU B 172 -30.26 46.05 -35.82
N TRP B 173 -29.10 46.13 -35.16
CA TRP B 173 -29.02 46.62 -33.80
C TRP B 173 -29.65 48.00 -33.69
N GLU B 174 -29.25 48.92 -34.58
CA GLU B 174 -29.73 50.29 -34.52
C GLU B 174 -31.26 50.34 -34.72
N ARG B 175 -31.79 49.45 -35.57
CA ARG B 175 -33.21 49.36 -35.90
C ARG B 175 -34.03 49.03 -34.65
N GLN B 176 -33.45 48.25 -33.75
CA GLN B 176 -34.11 47.82 -32.52
C GLN B 176 -34.46 49.04 -31.64
N SER B 177 -33.69 50.12 -31.70
CA SER B 177 -34.02 51.28 -30.91
C SER B 177 -34.68 52.40 -31.72
N SER B 178 -34.78 52.28 -33.05
CA SER B 178 -35.27 53.40 -33.84
C SER B 178 -36.51 53.03 -34.66
N GLY B 179 -36.76 51.72 -34.80
CA GLY B 179 -37.86 51.18 -35.59
C GLY B 179 -37.62 51.31 -37.09
N LYS B 180 -36.46 51.83 -37.51
CA LYS B 180 -36.21 52.21 -38.89
C LYS B 180 -35.01 51.45 -39.47
N GLY B 181 -35.17 51.00 -40.71
CA GLY B 181 -34.06 50.55 -41.54
C GLY B 181 -33.17 51.71 -42.00
N GLN B 182 -32.23 51.39 -42.91
CA GLN B 182 -31.38 52.39 -43.55
C GLN B 182 -30.44 51.73 -44.58
N VAL B 183 -29.58 52.58 -45.20
CA VAL B 183 -28.77 52.12 -46.32
C VAL B 183 -27.33 51.96 -45.83
N VAL B 184 -26.79 50.79 -46.16
CA VAL B 184 -25.42 50.47 -45.84
C VAL B 184 -24.63 50.47 -47.16
N ASP B 185 -23.67 51.40 -47.23
CA ASP B 185 -22.78 51.55 -48.35
C ASP B 185 -21.41 50.98 -47.98
N ALA B 186 -21.19 49.72 -48.39
CA ALA B 186 -19.94 49.00 -48.22
C ALA B 186 -19.12 48.96 -49.51
N ALA B 187 -18.09 49.77 -49.51
CA ALA B 187 -17.14 49.82 -50.62
C ALA B 187 -15.84 49.10 -50.26
N MET B 188 -15.39 48.21 -51.16
CA MET B 188 -14.21 47.40 -50.91
C MET B 188 -12.98 48.28 -50.70
N VAL B 189 -12.93 49.47 -51.31
CA VAL B 189 -11.76 50.31 -51.17
C VAL B 189 -11.70 50.92 -49.75
N ASP B 190 -12.89 51.09 -49.12
CA ASP B 190 -12.99 51.55 -47.72
C ASP B 190 -12.71 50.38 -46.75
N GLY B 191 -13.51 49.33 -46.83
CA GLY B 191 -13.37 48.17 -45.97
C GLY B 191 -11.91 47.74 -45.87
N SER B 192 -11.24 47.66 -47.04
CA SER B 192 -9.96 47.00 -47.10
C SER B 192 -8.97 47.97 -46.47
N SER B 193 -9.24 49.29 -46.55
CA SER B 193 -8.41 50.27 -45.85
C SER B 193 -8.51 50.15 -44.32
N VAL B 194 -9.69 49.85 -43.80
CA VAL B 194 -9.83 49.68 -42.36
C VAL B 194 -9.21 48.37 -41.98
N LEU B 195 -9.29 47.40 -42.89
CA LEU B 195 -8.75 46.09 -42.63
C LEU B 195 -7.25 46.19 -42.39
N ILE B 196 -6.61 47.20 -43.01
CA ILE B 196 -5.17 47.37 -42.95
C ILE B 196 -4.81 48.56 -42.09
N GLN B 197 -5.72 48.92 -41.18
CA GLN B 197 -5.46 50.07 -40.32
C GLN B 197 -4.15 49.90 -39.53
N MET B 198 -3.80 48.66 -39.16
CA MET B 198 -2.58 48.44 -38.39
C MET B 198 -1.34 48.96 -39.13
N MET B 199 -1.28 48.83 -40.46
CA MET B 199 -0.12 49.33 -41.20
C MET B 199 -0.13 50.86 -41.22
N TRP B 200 -1.29 51.47 -41.36
CA TRP B 200 -1.37 52.92 -41.32
C TRP B 200 -0.94 53.46 -39.94
N ALA B 201 -1.34 52.77 -38.85
CA ALA B 201 -0.89 53.12 -37.50
C ALA B 201 0.63 53.04 -37.39
N MET B 202 1.18 51.89 -37.79
CA MET B 202 2.61 51.66 -37.85
C MET B 202 3.35 52.64 -38.76
N ARG B 203 2.79 53.06 -39.91
CA ARG B 203 3.56 54.00 -40.73
C ARG B 203 3.64 55.34 -40.01
N ALA B 204 2.55 55.71 -39.31
CA ALA B 204 2.47 57.02 -38.68
C ALA B 204 3.55 57.15 -37.59
N THR B 205 3.88 56.03 -36.94
CA THR B 205 4.90 56.01 -35.90
C THR B 205 6.27 55.57 -36.42
N GLY B 206 6.50 55.60 -37.73
CA GLY B 206 7.80 55.24 -38.30
C GLY B 206 8.15 53.76 -38.17
N MET B 207 7.17 52.86 -37.99
CA MET B 207 7.42 51.43 -37.82
C MET B 207 7.02 50.61 -39.06
N TRP B 208 6.68 51.25 -40.19
CA TRP B 208 6.37 50.57 -41.44
C TRP B 208 6.86 51.44 -42.59
N THR B 209 7.52 50.88 -43.61
CA THR B 209 7.87 51.66 -44.81
C THR B 209 7.13 51.16 -46.06
N ASP B 210 7.16 52.02 -47.09
CA ASP B 210 6.50 51.75 -48.35
C ASP B 210 7.37 50.83 -49.21
N THR B 211 8.60 50.53 -48.77
CA THR B 211 9.42 49.53 -49.42
C THR B 211 8.87 48.12 -49.18
N ARG B 212 8.55 47.44 -50.29
CA ARG B 212 8.08 46.08 -50.26
C ARG B 212 9.19 45.15 -49.79
N GLY B 213 8.82 44.18 -48.94
CA GLY B 213 9.73 43.15 -48.50
C GLY B 213 10.74 43.64 -47.47
N ALA B 214 10.45 44.75 -46.77
CA ALA B 214 11.38 45.30 -45.80
C ALA B 214 10.73 45.57 -44.44
N ASN B 215 9.74 44.78 -44.03
CA ASN B 215 8.92 45.12 -42.87
C ASN B 215 8.72 43.91 -41.97
N MET B 216 8.11 44.16 -40.80
CA MET B 216 7.99 43.11 -39.78
C MET B 216 7.10 41.98 -40.32
N LEU B 217 6.06 42.33 -41.09
CA LEU B 217 4.99 41.38 -41.39
C LEU B 217 4.81 41.13 -42.89
N ASP B 218 5.74 41.57 -43.74
CA ASP B 218 5.52 41.47 -45.18
C ASP B 218 6.40 40.39 -45.77
N GLY B 219 7.19 39.73 -44.91
CA GLY B 219 8.07 38.64 -45.33
C GLY B 219 9.53 39.06 -45.29
N GLY B 220 9.78 40.34 -45.07
CA GLY B 220 11.15 40.79 -44.93
C GLY B 220 11.82 40.38 -43.61
N ALA B 221 11.06 40.17 -42.54
CA ALA B 221 11.66 39.75 -41.29
C ALA B 221 11.99 38.28 -41.39
N PRO B 222 13.23 37.87 -41.06
CA PRO B 222 13.57 36.44 -41.07
C PRO B 222 12.80 35.56 -40.10
N TYR B 223 12.21 36.19 -39.09
CA TYR B 223 11.40 35.46 -38.14
C TYR B 223 9.89 35.57 -38.42
N TYR B 224 9.52 36.20 -39.55
CA TYR B 224 8.13 36.16 -40.02
C TYR B 224 8.10 35.95 -41.54
N ASP B 225 8.17 34.69 -41.94
CA ASP B 225 8.36 34.32 -43.33
C ASP B 225 8.25 32.81 -43.43
N THR B 226 8.16 32.33 -44.66
CA THR B 226 8.22 30.91 -44.92
C THR B 226 9.66 30.51 -45.24
N TYR B 227 9.95 29.23 -45.09
CA TYR B 227 11.27 28.70 -45.39
C TYR B 227 11.05 27.38 -46.09
N GLU B 228 11.89 27.13 -47.09
CA GLU B 228 11.84 25.86 -47.81
C GLU B 228 12.66 24.82 -47.04
N CYS B 229 12.16 23.58 -46.99
CA CYS B 229 12.75 22.49 -46.22
C CYS B 229 13.41 21.51 -47.19
N ALA B 230 14.01 20.44 -46.67
CA ALA B 230 14.81 19.52 -47.47
C ALA B 230 13.97 18.87 -48.54
N ASP B 231 12.66 18.74 -48.32
CA ASP B 231 11.81 18.00 -49.25
C ASP B 231 11.15 18.94 -50.26
N GLY B 232 11.43 20.24 -50.24
CA GLY B 232 10.82 21.17 -51.19
C GLY B 232 9.51 21.76 -50.67
N ARG B 233 9.05 21.27 -49.50
CA ARG B 233 7.86 21.77 -48.85
C ARG B 233 8.27 22.88 -47.88
N TYR B 234 7.29 23.52 -47.23
CA TYR B 234 7.59 24.76 -46.55
C TYR B 234 7.13 24.73 -45.11
N VAL B 235 7.80 25.53 -44.29
CA VAL B 235 7.27 25.87 -42.98
C VAL B 235 7.07 27.37 -42.93
N ALA B 236 6.16 27.76 -42.05
CA ALA B 236 6.00 29.14 -41.67
C ALA B 236 6.57 29.39 -40.27
N VAL B 237 7.30 30.48 -40.19
CA VAL B 237 7.87 31.02 -38.98
C VAL B 237 7.22 32.35 -38.69
N GLY B 238 6.70 32.48 -37.46
CA GLY B 238 6.04 33.68 -36.99
C GLY B 238 6.45 34.06 -35.57
N ALA B 239 7.75 33.85 -35.29
CA ALA B 239 8.32 33.98 -33.95
C ALA B 239 8.71 35.41 -33.66
N ILE B 240 7.71 36.27 -33.52
CA ILE B 240 7.97 37.68 -33.29
C ILE B 240 8.53 37.94 -31.88
N GLU B 241 7.82 37.46 -30.83
CA GLU B 241 8.22 37.72 -29.44
C GLU B 241 9.56 37.03 -29.18
N PRO B 242 10.53 37.74 -28.57
CA PRO B 242 11.90 37.21 -28.43
C PRO B 242 12.01 35.82 -27.79
N GLN B 243 11.09 35.47 -26.88
CA GLN B 243 11.13 34.19 -26.21
C GLN B 243 10.62 33.09 -27.14
N PHE B 244 9.64 33.39 -28.00
CA PHE B 244 9.25 32.44 -29.03
C PHE B 244 10.41 32.24 -29.99
N TYR B 245 11.03 33.36 -30.37
CA TYR B 245 12.17 33.34 -31.28
C TYR B 245 13.29 32.47 -30.69
N ALA B 246 13.62 32.71 -29.42
CA ALA B 246 14.67 31.94 -28.75
C ALA B 246 14.37 30.46 -28.83
N ALA B 247 13.08 30.12 -28.66
CA ALA B 247 12.70 28.72 -28.61
C ALA B 247 12.92 28.07 -29.95
N MET B 248 12.63 28.85 -31.00
CA MET B 248 12.82 28.38 -32.36
C MET B 248 14.32 28.11 -32.63
N LEU B 249 15.17 29.07 -32.26
CA LEU B 249 16.60 28.92 -32.51
C LEU B 249 17.12 27.64 -31.81
N ALA B 250 16.70 27.39 -30.55
CA ALA B 250 17.14 26.18 -29.87
C ALA B 250 16.70 24.93 -30.63
N GLY B 251 15.46 24.92 -31.16
CA GLY B 251 14.97 23.73 -31.84
C GLY B 251 15.64 23.56 -33.21
N LEU B 252 16.20 24.64 -33.76
CA LEU B 252 16.97 24.55 -35.00
C LEU B 252 18.39 24.09 -34.75
N GLY B 253 18.84 24.08 -33.50
CA GLY B 253 20.21 23.72 -33.22
C GLY B 253 21.14 24.92 -33.33
N LEU B 254 20.61 26.14 -33.14
CA LEU B 254 21.38 27.33 -33.43
C LEU B 254 21.62 28.08 -32.14
N ASP B 255 22.88 28.43 -31.97
CA ASP B 255 23.32 29.07 -30.77
C ASP B 255 23.11 30.56 -31.03
N ALA B 256 22.34 31.23 -30.16
CA ALA B 256 21.96 32.63 -30.38
C ALA B 256 23.19 33.54 -30.40
N ALA B 257 24.27 33.11 -29.73
CA ALA B 257 25.52 33.85 -29.68
C ALA B 257 26.17 33.99 -31.07
N GLU B 258 25.95 33.01 -31.97
CA GLU B 258 26.55 33.00 -33.31
C GLU B 258 25.81 33.91 -34.28
N LEU B 259 24.61 34.39 -33.91
CA LEU B 259 23.68 34.95 -34.88
C LEU B 259 23.67 36.45 -34.69
N PRO B 260 23.28 37.24 -35.72
CA PRO B 260 23.06 38.66 -35.53
C PRO B 260 21.83 38.87 -34.65
N PRO B 261 21.60 40.06 -34.09
CA PRO B 261 20.38 40.34 -33.35
C PRO B 261 19.11 40.12 -34.19
N GLN B 262 18.06 39.61 -33.51
CA GLN B 262 16.78 39.28 -34.13
C GLN B 262 16.27 40.45 -34.98
N ASN B 263 16.42 41.64 -34.44
CA ASN B 263 15.82 42.82 -34.99
C ASN B 263 16.89 43.84 -35.39
N ASP B 264 18.11 43.41 -35.71
CA ASP B 264 19.03 44.29 -36.44
C ASP B 264 18.77 44.16 -37.95
N ARG B 265 18.01 45.10 -38.50
CA ARG B 265 17.48 44.95 -39.84
C ARG B 265 18.60 44.95 -40.89
N ALA B 266 19.69 45.65 -40.61
CA ALA B 266 20.79 45.72 -41.57
C ALA B 266 21.39 44.33 -41.79
N ARG B 267 21.26 43.46 -40.79
CA ARG B 267 21.80 42.11 -40.86
C ARG B 267 20.75 41.04 -41.12
N TRP B 268 19.51 41.42 -41.37
CA TRP B 268 18.50 40.45 -41.72
C TRP B 268 18.93 39.53 -42.86
N PRO B 269 19.52 40.03 -43.98
CA PRO B 269 19.99 39.13 -45.03
C PRO B 269 20.84 37.99 -44.50
N GLU B 270 21.76 38.33 -43.59
CA GLU B 270 22.69 37.38 -43.02
C GLU B 270 21.98 36.41 -42.08
N LEU B 271 21.09 36.93 -41.24
CA LEU B 271 20.31 36.06 -40.34
C LEU B 271 19.48 35.05 -41.16
N ARG B 272 18.80 35.56 -42.19
CA ARG B 272 17.98 34.72 -43.07
C ARG B 272 18.82 33.60 -43.68
N ALA B 273 20.08 33.88 -44.06
CA ALA B 273 20.90 32.85 -44.68
C ALA B 273 21.20 31.73 -43.69
N LEU B 274 21.42 32.07 -42.43
CA LEU B 274 21.65 31.05 -41.40
C LEU B 274 20.39 30.24 -41.10
N LEU B 275 19.23 30.90 -40.98
CA LEU B 275 18.00 30.18 -40.76
C LEU B 275 17.65 29.33 -41.99
N THR B 276 17.93 29.84 -43.19
CA THR B 276 17.60 29.11 -44.42
C THR B 276 18.33 27.77 -44.45
N GLU B 277 19.62 27.79 -44.14
CA GLU B 277 20.43 26.60 -44.14
C GLU B 277 19.91 25.60 -43.09
N ALA B 278 19.54 26.09 -41.91
CA ALA B 278 19.04 25.21 -40.87
C ALA B 278 17.75 24.51 -41.28
N PHE B 279 16.73 25.30 -41.70
CA PHE B 279 15.47 24.69 -42.10
C PHE B 279 15.63 23.76 -43.30
N ALA B 280 16.63 24.02 -44.15
CA ALA B 280 16.84 23.23 -45.36
C ALA B 280 17.36 21.83 -45.06
N SER B 281 17.88 21.62 -43.85
CA SER B 281 18.58 20.40 -43.54
C SER B 281 17.64 19.28 -43.09
N HIS B 282 16.34 19.57 -42.90
CA HIS B 282 15.33 18.53 -42.63
C HIS B 282 14.02 18.84 -43.38
N ASP B 283 13.14 17.83 -43.51
CA ASP B 283 11.89 17.94 -44.23
C ASP B 283 10.81 18.58 -43.36
N ARG B 284 9.74 19.04 -44.01
CA ARG B 284 8.71 19.83 -43.33
C ARG B 284 8.14 19.07 -42.13
N ASP B 285 7.89 17.77 -42.28
CA ASP B 285 7.14 17.04 -41.27
C ASP B 285 8.02 16.84 -40.05
N HIS B 286 9.33 16.75 -40.27
CA HIS B 286 10.31 16.75 -39.21
C HIS B 286 10.15 17.98 -38.32
N TRP B 287 10.04 19.17 -38.94
CA TRP B 287 9.95 20.39 -38.16
C TRP B 287 8.60 20.46 -37.47
N GLY B 288 7.56 19.93 -38.15
CA GLY B 288 6.23 19.87 -37.60
C GLY B 288 6.22 19.11 -36.27
N ALA B 289 6.91 17.97 -36.25
CA ALA B 289 7.07 17.15 -35.06
C ALA B 289 7.86 17.92 -34.01
N VAL B 290 9.16 18.15 -34.25
CA VAL B 290 10.06 18.93 -33.41
C VAL B 290 9.36 20.07 -32.67
N PHE B 291 8.50 20.84 -33.35
CA PHE B 291 7.94 22.06 -32.77
C PHE B 291 6.49 21.90 -32.28
N ALA B 292 5.91 20.72 -32.38
CA ALA B 292 4.59 20.52 -31.79
C ALA B 292 4.62 20.81 -30.28
N ASN B 293 3.56 21.43 -29.76
CA ASN B 293 3.46 21.83 -28.35
C ASN B 293 4.44 22.94 -27.99
N SER B 294 5.12 23.51 -28.98
CA SER B 294 6.09 24.57 -28.77
C SER B 294 5.45 25.94 -28.99
N ASP B 295 6.04 26.94 -28.35
CA ASP B 295 5.75 28.35 -28.62
C ASP B 295 6.74 28.97 -29.62
N ALA B 296 7.42 28.14 -30.40
CA ALA B 296 8.40 28.59 -31.37
C ALA B 296 7.77 29.26 -32.60
N CYS B 297 6.45 29.07 -32.81
CA CYS B 297 5.65 29.68 -33.88
C CYS B 297 6.16 29.19 -35.24
N VAL B 298 6.29 27.86 -35.38
CA VAL B 298 6.75 27.19 -36.57
C VAL B 298 5.67 26.18 -36.92
N THR B 299 5.05 26.31 -38.10
CA THR B 299 3.99 25.40 -38.50
C THR B 299 4.23 24.93 -39.92
N PRO B 300 3.77 23.73 -40.27
CA PRO B 300 3.86 23.30 -41.65
C PRO B 300 2.91 24.11 -42.54
N VAL B 301 3.36 24.45 -43.75
CA VAL B 301 2.53 25.09 -44.75
C VAL B 301 1.86 24.02 -45.58
N LEU B 302 0.57 23.77 -45.32
CA LEU B 302 -0.16 22.68 -45.97
C LEU B 302 -0.83 23.24 -47.24
N ALA B 303 -0.80 22.46 -48.30
CA ALA B 303 -1.63 22.65 -49.46
C ALA B 303 -3.07 22.24 -49.16
N PHE B 304 -4.03 22.80 -49.90
CA PHE B 304 -5.43 22.53 -49.67
C PHE B 304 -5.69 21.03 -49.52
N GLY B 305 -5.10 20.21 -50.40
CA GLY B 305 -5.36 18.78 -50.44
C GLY B 305 -4.81 17.99 -49.25
N GLU B 306 -4.04 18.63 -48.34
CA GLU B 306 -3.46 18.00 -47.18
C GLU B 306 -4.22 18.37 -45.89
N VAL B 307 -5.12 19.36 -45.99
CA VAL B 307 -5.72 19.97 -44.81
C VAL B 307 -6.63 18.96 -44.08
N HIS B 308 -7.33 18.10 -44.83
CA HIS B 308 -8.16 17.07 -44.23
C HIS B 308 -7.36 16.08 -43.37
N ASN B 309 -6.01 16.07 -43.46
CA ASN B 309 -5.18 15.13 -42.70
C ASN B 309 -4.51 15.76 -41.48
N GLU B 310 -4.80 17.02 -41.18
CA GLU B 310 -4.15 17.67 -40.07
C GLU B 310 -5.00 17.49 -38.82
N PRO B 311 -4.44 16.91 -37.73
CA PRO B 311 -5.23 16.62 -36.53
C PRO B 311 -5.97 17.82 -36.01
N HIS B 312 -5.33 18.97 -35.90
CA HIS B 312 -6.04 20.08 -35.30
C HIS B 312 -7.27 20.42 -36.13
N ILE B 313 -7.17 20.23 -37.46
CA ILE B 313 -8.27 20.56 -38.34
C ILE B 313 -9.41 19.55 -38.18
N ILE B 314 -9.06 18.26 -38.19
CA ILE B 314 -10.03 17.18 -38.11
C ILE B 314 -10.80 17.32 -36.80
N GLU B 315 -10.09 17.48 -35.69
CA GLU B 315 -10.71 17.40 -34.39
C GLU B 315 -11.61 18.59 -34.07
N ARG B 316 -11.41 19.73 -34.72
CA ARG B 316 -12.29 20.85 -34.44
C ARG B 316 -13.41 20.95 -35.48
N ASN B 317 -13.48 19.98 -36.39
CA ASN B 317 -14.43 19.99 -37.50
C ASN B 317 -14.50 21.35 -38.17
N THR B 318 -13.33 21.89 -38.58
CA THR B 318 -13.27 23.18 -39.24
C THR B 318 -13.93 23.03 -40.61
N PHE B 319 -13.89 21.81 -41.17
CA PHE B 319 -14.47 21.47 -42.45
C PHE B 319 -15.51 20.37 -42.34
N TYR B 320 -16.42 20.29 -43.33
CA TYR B 320 -17.29 19.14 -43.53
C TYR B 320 -17.07 18.63 -44.95
N GLU B 321 -17.25 17.32 -45.17
CA GLU B 321 -17.30 16.77 -46.51
C GLU B 321 -18.65 17.17 -47.14
N ALA B 322 -18.70 17.48 -48.43
CA ALA B 322 -19.97 17.80 -49.07
C ALA B 322 -20.19 16.92 -50.30
N ASN B 323 -19.65 17.35 -51.45
CA ASN B 323 -19.98 16.80 -52.74
C ASN B 323 -18.68 16.35 -53.41
N GLY B 324 -18.07 17.26 -54.20
CA GLY B 324 -16.71 17.07 -54.69
C GLY B 324 -15.71 16.92 -53.55
N GLY B 325 -15.79 17.79 -52.54
CA GLY B 325 -14.81 17.78 -51.47
C GLY B 325 -15.20 18.60 -50.23
N TRP B 326 -14.16 18.95 -49.46
CA TRP B 326 -14.33 19.60 -48.17
C TRP B 326 -14.69 21.07 -48.36
N GLN B 327 -15.46 21.59 -47.41
CA GLN B 327 -15.87 22.98 -47.38
C GLN B 327 -15.78 23.46 -45.95
N PRO B 328 -15.49 24.76 -45.75
CA PRO B 328 -15.39 25.31 -44.40
C PRO B 328 -16.75 25.33 -43.71
N MET B 329 -16.77 24.89 -42.45
CA MET B 329 -17.96 24.92 -41.65
C MET B 329 -18.17 26.37 -41.24
N PRO B 330 -19.39 26.75 -40.81
CA PRO B 330 -19.68 28.13 -40.44
C PRO B 330 -18.72 28.70 -39.42
N ALA B 331 -18.53 30.01 -39.49
CA ALA B 331 -17.76 30.67 -38.48
C ALA B 331 -18.43 32.00 -38.23
N PRO B 332 -18.28 32.61 -37.03
CA PRO B 332 -17.59 31.96 -35.92
C PRO B 332 -18.59 30.98 -35.25
N ARG B 333 -18.24 30.46 -34.06
CA ARG B 333 -19.04 29.43 -33.41
C ARG B 333 -19.75 30.01 -32.18
N PHE B 334 -20.91 29.41 -31.84
CA PHE B 334 -21.85 29.96 -30.87
C PHE B 334 -22.21 28.91 -29.81
N SER B 335 -22.14 29.24 -28.52
CA SER B 335 -22.33 28.23 -27.47
C SER B 335 -23.78 27.73 -27.40
N ARG B 336 -24.73 28.68 -27.29
CA ARG B 336 -26.15 28.35 -27.12
C ARG B 336 -26.83 28.05 -28.46
N THR B 337 -26.82 29.02 -29.41
CA THR B 337 -27.54 28.83 -30.66
C THR B 337 -26.59 28.52 -31.80
N ALA B 338 -26.25 27.24 -31.93
CA ALA B 338 -25.12 26.85 -32.76
C ALA B 338 -25.59 26.66 -34.19
N SER B 339 -24.75 27.09 -35.13
CA SER B 339 -25.04 26.88 -36.54
C SER B 339 -25.03 25.40 -36.83
N SER B 340 -25.73 25.01 -37.90
CA SER B 340 -25.76 23.63 -38.30
C SER B 340 -24.94 23.52 -39.56
N GLN B 341 -24.71 22.28 -39.99
CA GLN B 341 -24.02 22.03 -41.22
C GLN B 341 -24.77 22.67 -42.39
N PRO B 342 -24.11 23.45 -43.28
CA PRO B 342 -24.78 24.03 -44.44
C PRO B 342 -25.57 23.06 -45.31
N ARG B 343 -26.75 23.54 -45.74
CA ARG B 343 -27.61 22.83 -46.66
C ARG B 343 -27.08 23.09 -48.06
N PRO B 344 -26.90 22.05 -48.90
CA PRO B 344 -26.36 22.26 -50.25
C PRO B 344 -27.21 23.19 -51.10
N PRO B 345 -26.67 23.65 -52.24
CA PRO B 345 -27.44 24.49 -53.16
C PRO B 345 -28.58 23.67 -53.76
N ALA B 346 -29.83 24.11 -53.55
CA ALA B 346 -31.00 23.32 -53.87
C ALA B 346 -31.83 24.01 -54.96
N ALA B 347 -32.28 23.21 -55.95
CA ALA B 347 -32.86 23.70 -57.19
C ALA B 347 -33.88 24.82 -56.98
N THR B 348 -34.10 25.53 -58.10
CA THR B 348 -34.97 26.70 -58.20
C THR B 348 -36.37 26.36 -57.67
N ILE B 349 -36.95 27.29 -56.93
CA ILE B 349 -38.34 27.18 -56.52
C ILE B 349 -39.07 28.39 -57.10
N ASP B 350 -40.40 28.39 -57.05
CA ASP B 350 -41.14 29.52 -57.59
C ASP B 350 -41.35 30.57 -56.49
N ILE B 351 -41.19 31.83 -56.89
CA ILE B 351 -41.13 32.97 -56.02
C ILE B 351 -42.43 33.13 -55.23
N GLU B 352 -43.53 32.61 -55.77
CA GLU B 352 -44.83 32.60 -55.09
C GLU B 352 -44.82 31.63 -53.91
N ALA B 353 -44.23 30.43 -54.09
CA ALA B 353 -44.07 29.48 -53.00
C ALA B 353 -43.52 30.19 -51.77
N VAL B 354 -42.40 30.91 -51.98
CA VAL B 354 -41.73 31.62 -50.91
C VAL B 354 -42.70 32.60 -50.26
N LEU B 355 -43.51 33.26 -51.11
CA LEU B 355 -44.36 34.32 -50.63
C LEU B 355 -45.43 33.80 -49.68
N THR B 356 -45.93 32.58 -49.93
CA THR B 356 -46.94 32.00 -49.05
C THR B 356 -46.29 31.59 -47.74
N ASP B 357 -45.13 30.92 -47.85
CA ASP B 357 -44.24 30.61 -46.73
C ASP B 357 -43.97 31.84 -45.85
N TRP B 358 -43.70 33.01 -46.43
CA TRP B 358 -43.67 34.25 -45.68
C TRP B 358 -45.03 34.97 -45.81
N ASP B 359 -46.08 34.40 -45.19
CA ASP B 359 -47.43 34.94 -45.26
C ASP B 359 -47.87 35.10 -46.72
N MET C 1 22.82 -65.99 17.56
CA MET C 1 22.49 -65.56 16.17
C MET C 1 23.73 -65.72 15.29
N ALA C 2 23.59 -66.51 14.22
CA ALA C 2 24.72 -66.93 13.41
C ALA C 2 24.97 -65.96 12.26
N GLY C 3 26.20 -65.44 12.14
CA GLY C 3 26.65 -64.85 10.90
C GLY C 3 27.61 -63.72 11.18
N PRO C 4 28.21 -63.07 10.17
CA PRO C 4 29.20 -62.05 10.44
C PRO C 4 28.68 -60.79 11.12
N LEU C 5 27.35 -60.62 11.16
CA LEU C 5 26.71 -59.42 11.69
C LEU C 5 26.04 -59.69 13.03
N SER C 6 26.20 -60.90 13.57
CA SER C 6 25.82 -61.20 14.94
C SER C 6 26.31 -60.06 15.83
N GLY C 7 25.41 -59.52 16.66
CA GLY C 7 25.77 -58.39 17.50
C GLY C 7 25.22 -57.05 17.00
N LEU C 8 24.99 -56.89 15.68
CA LEU C 8 24.46 -55.65 15.13
C LEU C 8 22.94 -55.59 15.37
N ARG C 9 22.50 -54.40 15.77
CA ARG C 9 21.11 -54.16 16.14
C ARG C 9 20.52 -53.17 15.18
N VAL C 10 19.37 -53.53 14.60
CA VAL C 10 18.79 -52.72 13.54
C VAL C 10 17.35 -52.39 13.89
N VAL C 11 17.00 -51.10 13.72
CA VAL C 11 15.58 -50.76 13.78
C VAL C 11 15.10 -50.37 12.38
N GLU C 12 14.05 -51.09 11.94
CA GLU C 12 13.42 -50.96 10.63
C GLU C 12 12.03 -50.35 10.78
N LEU C 13 11.81 -49.14 10.24
CA LEU C 13 10.46 -48.60 10.14
C LEU C 13 9.75 -49.20 8.94
N ALA C 14 8.77 -50.06 9.18
CA ALA C 14 8.10 -50.80 8.11
C ALA C 14 7.84 -49.92 6.88
N GLY C 15 8.23 -50.44 5.71
CA GLY C 15 8.03 -49.79 4.41
C GLY C 15 7.79 -50.85 3.34
N ILE C 16 7.97 -50.51 2.05
CA ILE C 16 7.77 -51.48 0.98
C ILE C 16 9.02 -51.49 0.09
N GLY C 17 9.36 -52.67 -0.46
CA GLY C 17 10.41 -52.71 -1.49
C GLY C 17 11.83 -52.74 -0.92
N PRO C 18 12.67 -51.73 -1.16
CA PRO C 18 14.08 -51.83 -0.77
C PRO C 18 14.37 -51.88 0.72
N GLY C 19 13.62 -51.13 1.55
CA GLY C 19 13.90 -51.01 2.96
C GLY C 19 13.81 -52.36 3.64
N PRO C 20 12.69 -53.06 3.47
CA PRO C 20 12.55 -54.41 4.00
C PRO C 20 13.50 -55.47 3.41
N HIS C 21 14.03 -55.21 2.21
CA HIS C 21 14.94 -56.16 1.58
C HIS C 21 16.32 -56.01 2.20
N ALA C 22 16.72 -54.77 2.42
CA ALA C 22 17.97 -54.47 3.11
C ALA C 22 17.95 -55.03 4.53
N ALA C 23 16.81 -54.89 5.19
CA ALA C 23 16.64 -55.34 6.56
C ALA C 23 16.72 -56.85 6.57
N MET C 24 16.10 -57.49 5.56
CA MET C 24 16.09 -58.95 5.45
C MET C 24 17.51 -59.48 5.33
N ILE C 25 18.35 -58.82 4.53
CA ILE C 25 19.72 -59.26 4.30
C ILE C 25 20.56 -59.03 5.57
N LEU C 26 20.28 -57.97 6.32
CA LEU C 26 21.05 -57.73 7.54
C LEU C 26 20.77 -58.85 8.52
N GLY C 27 19.49 -59.16 8.69
CA GLY C 27 19.04 -60.25 9.56
C GLY C 27 19.45 -61.64 9.05
N ASP C 28 19.55 -61.80 7.72
CA ASP C 28 19.97 -63.05 7.11
C ASP C 28 21.36 -63.38 7.62
N LEU C 29 22.21 -62.34 7.69
CA LEU C 29 23.63 -62.44 8.01
C LEU C 29 23.89 -62.30 9.53
N GLY C 30 22.85 -62.38 10.35
CA GLY C 30 23.02 -62.47 11.80
C GLY C 30 22.56 -61.24 12.59
N ALA C 31 22.22 -60.13 11.92
CA ALA C 31 21.84 -58.93 12.62
C ALA C 31 20.52 -59.13 13.36
N ASP C 32 20.34 -58.30 14.39
CA ASP C 32 19.20 -58.37 15.30
C ASP C 32 18.23 -57.28 14.83
N VAL C 33 17.10 -57.71 14.25
CA VAL C 33 16.34 -56.78 13.45
C VAL C 33 14.95 -56.65 14.04
N VAL C 34 14.64 -55.39 14.41
CA VAL C 34 13.34 -55.07 14.95
C VAL C 34 12.64 -54.09 14.02
N ARG C 35 11.46 -54.52 13.60
CA ARG C 35 10.67 -53.81 12.61
C ARG C 35 9.42 -53.29 13.30
N ILE C 36 9.25 -51.97 13.28
CA ILE C 36 8.09 -51.32 13.85
C ILE C 36 7.06 -51.16 12.74
N ASP C 37 5.91 -51.84 12.88
CA ASP C 37 4.79 -51.67 11.96
C ASP C 37 3.62 -50.97 12.66
N ARG C 38 2.68 -50.41 11.86
CA ARG C 38 1.45 -49.81 12.36
C ARG C 38 0.51 -50.88 12.89
N PRO C 39 -0.26 -50.61 13.97
CA PRO C 39 -1.17 -51.60 14.54
C PRO C 39 -2.28 -51.94 13.53
N SER C 40 -2.58 -50.97 12.65
CA SER C 40 -3.60 -51.11 11.63
C SER C 40 -3.29 -52.21 10.61
N SER C 41 -2.13 -52.90 10.72
CA SER C 41 -1.68 -53.82 9.68
C SER C 41 -1.64 -55.29 10.15
N VAL C 42 -1.17 -55.55 11.37
CA VAL C 42 -1.16 -56.90 11.92
C VAL C 42 -2.26 -57.00 12.98
N GLY C 44 -2.54 -61.98 11.96
CA GLY C 44 -1.55 -62.49 12.94
C GLY C 44 -0.11 -62.42 12.41
N ILE C 45 0.42 -63.58 11.97
CA ILE C 45 1.79 -63.72 11.50
C ILE C 45 1.84 -63.38 10.01
N SER C 46 2.73 -62.46 9.63
CA SER C 46 2.86 -62.04 8.24
C SER C 46 3.28 -63.24 7.40
N ARG C 47 2.84 -63.27 6.14
CA ARG C 47 3.12 -64.40 5.27
C ARG C 47 4.10 -63.98 4.18
N ASP C 48 4.65 -62.76 4.26
CA ASP C 48 5.67 -62.31 3.32
C ASP C 48 7.03 -62.82 3.82
N ALA C 49 7.55 -63.87 3.14
CA ALA C 49 8.84 -64.44 3.49
C ALA C 49 9.96 -63.38 3.51
N MET C 50 9.71 -62.16 2.99
CA MET C 50 10.70 -61.08 3.04
C MET C 50 10.83 -60.55 4.47
N LEU C 51 9.89 -60.92 5.36
CA LEU C 51 9.91 -60.50 6.76
C LEU C 51 10.54 -61.58 7.65
N ARG C 52 11.44 -62.37 7.07
CA ARG C 52 12.12 -63.42 7.79
C ARG C 52 13.25 -62.75 8.59
N ASN C 53 13.75 -63.43 9.63
CA ASN C 53 14.88 -62.95 10.42
C ASN C 53 14.56 -61.60 11.06
N ARG C 54 13.39 -61.55 11.70
CA ARG C 54 12.72 -60.32 12.05
C ARG C 54 12.04 -60.48 13.41
N ARG C 55 12.08 -59.42 14.24
CA ARG C 55 11.07 -59.23 15.27
C ARG C 55 10.13 -58.07 14.86
N ILE C 56 8.83 -58.38 14.84
CA ILE C 56 7.79 -57.45 14.41
C ILE C 56 7.11 -56.84 15.64
N VAL C 57 7.19 -55.50 15.80
CA VAL C 57 6.45 -54.83 16.86
C VAL C 57 5.54 -53.74 16.31
N THR C 58 4.30 -53.72 16.83
CA THR C 58 3.28 -52.72 16.59
C THR C 58 3.57 -51.43 17.36
N ALA C 59 3.34 -50.28 16.73
CA ALA C 59 3.40 -48.99 17.40
C ALA C 59 2.86 -47.91 16.47
N ASP C 60 1.94 -47.10 17.02
CA ASP C 60 1.51 -45.85 16.41
C ASP C 60 2.54 -44.79 16.71
N LEU C 61 3.36 -44.43 15.70
CA LEU C 61 4.43 -43.46 15.87
C LEU C 61 3.89 -42.03 15.90
N LYS C 62 2.56 -41.90 15.79
CA LYS C 62 1.95 -40.60 15.92
C LYS C 62 1.54 -40.37 17.37
N SER C 63 1.20 -41.43 18.13
CA SER C 63 0.92 -41.31 19.55
C SER C 63 2.20 -41.03 20.32
N ASP C 64 2.09 -40.34 21.47
CA ASP C 64 3.26 -39.85 22.21
C ASP C 64 4.04 -41.01 22.80
N GLN C 65 3.29 -42.05 23.17
CA GLN C 65 3.82 -43.28 23.74
C GLN C 65 4.58 -44.04 22.66
N GLY C 66 3.82 -44.57 21.68
CA GLY C 66 4.34 -45.07 20.42
C GLY C 66 5.69 -44.43 20.07
N LEU C 67 5.78 -43.10 20.05
CA LEU C 67 7.01 -42.42 19.68
C LEU C 67 8.08 -42.60 20.75
N GLU C 68 7.65 -42.70 22.02
CA GLU C 68 8.60 -42.78 23.10
C GLU C 68 9.25 -44.18 23.07
N LEU C 69 8.42 -45.23 22.93
CA LEU C 69 8.88 -46.60 22.79
C LEU C 69 9.92 -46.72 21.66
N ALA C 70 9.61 -46.18 20.48
CA ALA C 70 10.49 -46.24 19.32
C ALA C 70 11.80 -45.51 19.59
N LEU C 71 11.73 -44.35 20.24
CA LEU C 71 12.94 -43.59 20.54
C LEU C 71 13.88 -44.33 21.50
N LYS C 72 13.34 -45.28 22.27
CA LYS C 72 14.14 -46.06 23.21
C LYS C 72 14.81 -47.25 22.53
N LEU C 73 14.10 -47.94 21.61
CA LEU C 73 14.73 -48.96 20.77
C LEU C 73 15.91 -48.34 20.05
N ILE C 74 15.71 -47.14 19.52
CA ILE C 74 16.66 -46.53 18.61
C ILE C 74 17.93 -46.14 19.37
N ALA C 75 17.79 -45.86 20.67
CA ALA C 75 18.92 -45.41 21.47
C ALA C 75 19.84 -46.59 21.75
N LYS C 76 19.21 -47.78 21.89
CA LYS C 76 19.85 -49.05 22.17
C LYS C 76 20.29 -49.78 20.89
N ALA C 77 20.47 -49.09 19.75
CA ALA C 77 20.61 -49.78 18.46
C ALA C 77 21.66 -49.12 17.57
N ASP C 78 22.16 -49.87 16.58
CA ASP C 78 23.25 -49.36 15.74
C ASP C 78 22.73 -48.71 14.46
N VAL C 79 21.59 -49.19 13.95
CA VAL C 79 21.16 -48.78 12.63
C VAL C 79 19.66 -48.56 12.62
N LEU C 80 19.29 -47.45 12.00
CA LEU C 80 17.89 -47.20 11.68
C LEU C 80 17.69 -47.20 10.17
N ILE C 81 16.67 -47.95 9.75
CA ILE C 81 16.28 -47.99 8.35
C ILE C 81 14.90 -47.36 8.23
N GLU C 82 14.82 -46.31 7.38
CA GLU C 82 13.52 -45.79 6.96
C GLU C 82 13.46 -45.56 5.45
N GLY C 83 12.29 -45.90 4.87
CA GLY C 83 12.03 -45.72 3.44
C GLY C 83 10.71 -45.01 3.12
N TYR C 84 10.51 -43.86 3.75
CA TYR C 84 9.37 -43.00 3.51
C TYR C 84 9.84 -41.78 2.73
N ARG C 85 8.88 -40.93 2.30
CA ARG C 85 9.23 -39.72 1.59
C ARG C 85 10.05 -38.86 2.53
N PRO C 86 10.98 -38.02 2.02
CA PRO C 86 11.72 -37.10 2.87
C PRO C 86 10.70 -36.27 3.66
N GLY C 87 10.98 -36.04 4.95
CA GLY C 87 10.16 -35.22 5.82
C GLY C 87 9.38 -36.10 6.77
N VAL C 88 9.18 -37.35 6.40
CA VAL C 88 8.18 -38.11 7.12
C VAL C 88 8.69 -38.52 8.50
N THR C 89 10.00 -38.75 8.66
CA THR C 89 10.47 -39.15 9.96
C THR C 89 10.56 -37.90 10.85
N GLU C 90 11.11 -36.80 10.30
CA GLU C 90 11.18 -35.53 10.98
C GLU C 90 9.85 -35.25 11.67
N ARG C 91 8.77 -35.15 10.88
CA ARG C 91 7.42 -35.01 11.37
C ARG C 91 7.20 -35.90 12.58
N LEU C 92 7.38 -37.22 12.45
CA LEU C 92 6.94 -38.10 13.52
C LEU C 92 7.72 -37.81 14.81
N GLY C 93 8.85 -37.10 14.69
CA GLY C 93 9.80 -36.95 15.79
C GLY C 93 10.91 -38.00 15.80
N LEU C 94 11.22 -38.60 14.63
CA LEU C 94 12.13 -39.72 14.49
C LEU C 94 13.16 -39.41 13.42
N GLY C 95 13.38 -38.15 13.14
CA GLY C 95 14.35 -37.74 12.13
C GLY C 95 15.77 -37.90 12.63
N PRO C 96 16.79 -37.60 11.80
CA PRO C 96 18.18 -37.74 12.21
C PRO C 96 18.45 -36.99 13.51
N GLU C 97 18.20 -35.68 13.50
CA GLU C 97 18.64 -34.80 14.57
C GLU C 97 18.02 -35.21 15.90
N GLU C 98 16.74 -35.59 15.89
CA GLU C 98 16.14 -36.13 17.09
C GLU C 98 16.80 -37.44 17.50
N CYS C 99 17.09 -38.30 16.50
CA CYS C 99 17.61 -39.63 16.76
C CYS C 99 19.05 -39.50 17.26
N ALA C 100 19.80 -38.53 16.71
CA ALA C 100 21.16 -38.24 17.14
C ALA C 100 21.19 -37.82 18.62
N LYS C 101 20.22 -37.00 19.06
CA LYS C 101 20.14 -36.56 20.44
C LYS C 101 20.22 -37.75 21.39
N VAL C 102 19.57 -38.88 21.07
CA VAL C 102 19.52 -40.00 22.01
C VAL C 102 20.51 -41.12 21.62
N ASN C 103 21.41 -40.87 20.65
CA ASN C 103 22.35 -41.89 20.17
C ASN C 103 23.18 -41.30 19.02
N ASP C 104 24.34 -40.72 19.35
CA ASP C 104 25.20 -40.10 18.35
C ASP C 104 26.03 -41.17 17.63
N ARG C 105 25.77 -42.44 17.95
CA ARG C 105 26.50 -43.49 17.28
C ARG C 105 25.71 -43.95 16.05
N LEU C 106 24.41 -43.60 15.96
CA LEU C 106 23.46 -44.23 15.05
C LEU C 106 23.84 -44.01 13.58
N ILE C 107 23.75 -45.11 12.80
CA ILE C 107 23.76 -45.07 11.34
C ILE C 107 22.31 -44.88 10.88
N TYR C 108 22.05 -43.74 10.26
CA TYR C 108 20.69 -43.34 9.92
C TYR C 108 20.49 -43.57 8.42
N ALA C 109 19.74 -44.62 8.08
CA ALA C 109 19.68 -45.06 6.68
C ALA C 109 18.34 -44.69 6.02
N ARG C 110 18.45 -43.83 5.01
CA ARG C 110 17.31 -43.25 4.30
C ARG C 110 17.21 -43.80 2.88
N MET C 111 16.17 -44.60 2.65
CA MET C 111 15.97 -45.33 1.41
C MET C 111 14.82 -44.70 0.63
N THR C 112 15.16 -43.98 -0.46
CA THR C 112 14.16 -43.38 -1.31
C THR C 112 14.47 -43.73 -2.76
N GLY C 113 13.56 -43.31 -3.66
CA GLY C 113 13.81 -43.40 -5.08
C GLY C 113 14.50 -42.16 -5.62
N TRP C 114 13.98 -40.98 -5.25
CA TRP C 114 14.48 -39.79 -5.91
C TRP C 114 15.56 -39.08 -5.07
N GLY C 115 15.75 -39.53 -3.83
CA GLY C 115 16.70 -38.85 -2.94
C GLY C 115 16.00 -37.88 -1.98
N GLN C 116 16.80 -37.09 -1.24
CA GLN C 116 16.30 -36.37 -0.06
C GLN C 116 15.84 -34.98 -0.47
N THR C 117 16.45 -34.43 -1.52
CA THR C 117 16.06 -33.14 -2.04
C THR C 117 15.87 -33.20 -3.56
N GLY C 118 15.37 -32.10 -4.11
CA GLY C 118 15.34 -31.82 -5.54
C GLY C 118 13.90 -31.91 -6.03
N PRO C 119 13.64 -31.51 -7.28
CA PRO C 119 12.27 -31.41 -7.82
C PRO C 119 11.32 -32.60 -7.73
N ARG C 120 11.91 -33.83 -7.68
CA ARG C 120 11.11 -35.04 -7.72
C ARG C 120 11.02 -35.66 -6.34
N SER C 121 11.53 -34.97 -5.32
CA SER C 121 11.79 -35.64 -4.07
C SER C 121 10.50 -35.96 -3.31
N GLN C 122 9.37 -35.36 -3.70
CA GLN C 122 8.10 -35.73 -3.07
C GLN C 122 7.16 -36.46 -4.02
N GLN C 123 7.55 -36.68 -5.28
CA GLN C 123 6.79 -37.52 -6.20
C GLN C 123 6.76 -38.98 -5.77
N ALA C 124 5.56 -39.54 -5.58
CA ALA C 124 5.40 -40.98 -5.51
C ALA C 124 6.03 -41.60 -6.76
N GLY C 125 6.46 -42.84 -6.61
CA GLY C 125 7.06 -43.58 -7.70
C GLY C 125 7.33 -45.02 -7.29
N HIS C 126 7.67 -45.83 -8.30
CA HIS C 126 8.11 -47.20 -8.10
C HIS C 126 9.33 -47.44 -8.99
N ASP C 127 9.89 -48.64 -8.86
CA ASP C 127 11.10 -49.05 -9.56
C ASP C 127 11.12 -48.51 -10.99
N ILE C 128 10.05 -48.78 -11.74
CA ILE C 128 10.01 -48.45 -13.15
C ILE C 128 10.21 -46.96 -13.40
N ASN C 129 9.75 -46.10 -12.47
CA ASN C 129 9.92 -44.66 -12.61
C ASN C 129 11.39 -44.29 -12.42
N TYR C 130 12.03 -44.88 -11.40
CA TYR C 130 13.39 -44.47 -11.09
C TYR C 130 14.34 -44.86 -12.22
N ILE C 131 14.14 -46.04 -12.81
CA ILE C 131 15.02 -46.47 -13.90
C ILE C 131 14.64 -45.85 -15.23
N SER C 132 13.46 -45.20 -15.32
CA SER C 132 13.09 -44.51 -16.55
C SER C 132 13.93 -43.24 -16.77
N LEU C 133 14.32 -42.58 -15.68
CA LEU C 133 14.88 -41.23 -15.75
C LEU C 133 16.39 -41.26 -16.02
N ASN C 134 17.05 -42.40 -15.80
CA ASN C 134 18.51 -42.39 -15.82
C ASN C 134 19.04 -43.21 -16.98
N GLY C 135 18.17 -43.59 -17.92
CA GLY C 135 18.56 -44.24 -19.16
C GLY C 135 18.47 -45.77 -19.12
N ILE C 136 18.27 -46.33 -17.94
CA ILE C 136 18.29 -47.77 -17.78
C ILE C 136 17.13 -48.45 -18.51
N LEU C 137 15.90 -48.00 -18.26
CA LEU C 137 14.72 -48.63 -18.81
C LEU C 137 14.76 -48.56 -20.33
N HIS C 138 15.22 -47.44 -20.87
CA HIS C 138 15.21 -47.31 -22.30
C HIS C 138 16.07 -48.36 -22.99
N ALA C 139 17.05 -48.90 -22.28
CA ALA C 139 18.06 -49.78 -22.85
C ALA C 139 17.61 -51.24 -22.84
N ILE C 140 16.45 -51.55 -22.24
CA ILE C 140 16.06 -52.92 -21.98
C ILE C 140 14.88 -53.33 -22.86
N GLY C 141 15.06 -54.43 -23.61
CA GLY C 141 14.02 -54.99 -24.46
C GLY C 141 14.48 -55.15 -25.91
N ARG C 142 13.57 -55.65 -26.76
CA ARG C 142 13.89 -55.72 -28.19
C ARG C 142 13.74 -54.33 -28.83
N GLY C 143 14.42 -54.14 -29.96
CA GLY C 143 14.57 -52.83 -30.55
C GLY C 143 13.28 -52.36 -31.21
N ASP C 144 12.42 -53.30 -31.56
CA ASP C 144 11.26 -52.96 -32.37
C ASP C 144 10.02 -52.90 -31.49
N GLU C 145 10.22 -52.74 -30.18
CA GLU C 145 9.14 -52.73 -29.24
C GLU C 145 9.46 -51.77 -28.09
N ARG C 146 8.44 -51.49 -27.30
CA ARG C 146 8.63 -50.55 -26.21
C ARG C 146 9.40 -51.21 -25.07
N PRO C 147 10.10 -50.43 -24.23
CA PRO C 147 11.01 -51.00 -23.26
C PRO C 147 10.23 -51.85 -22.29
N VAL C 148 10.91 -52.86 -21.79
CA VAL C 148 10.25 -53.77 -20.90
C VAL C 148 10.89 -53.67 -19.53
N PRO C 149 10.09 -53.66 -18.46
CA PRO C 149 10.65 -53.54 -17.12
C PRO C 149 11.29 -54.87 -16.74
N PRO C 150 12.53 -54.80 -16.23
CA PRO C 150 13.24 -55.98 -15.72
C PRO C 150 12.79 -56.28 -14.30
N LEU C 151 11.51 -56.66 -14.18
CA LEU C 151 10.82 -56.70 -12.91
C LEU C 151 11.18 -55.45 -12.11
N ASN C 152 11.27 -55.58 -10.79
CA ASN C 152 11.77 -54.52 -9.95
C ASN C 152 13.14 -54.85 -9.37
N LEU C 153 14.00 -55.50 -10.17
CA LEU C 153 15.33 -55.93 -9.73
C LEU C 153 16.34 -54.81 -9.75
N VAL C 154 16.24 -53.86 -10.69
CA VAL C 154 17.31 -52.91 -10.91
C VAL C 154 17.16 -51.66 -10.04
N GLY C 155 15.93 -51.18 -9.79
CA GLY C 155 15.78 -49.98 -8.97
C GLY C 155 15.63 -50.32 -7.49
N ASP C 156 14.65 -51.14 -7.19
CA ASP C 156 14.39 -51.53 -5.82
C ASP C 156 15.62 -52.21 -5.23
N PHE C 157 16.18 -53.22 -5.93
CA PHE C 157 17.08 -54.12 -5.19
C PHE C 157 18.51 -53.83 -5.58
N GLY C 158 18.86 -54.11 -6.84
CA GLY C 158 20.22 -53.95 -7.26
C GLY C 158 20.77 -52.56 -6.98
N GLY C 159 20.00 -51.57 -7.36
CA GLY C 159 20.41 -50.18 -7.24
C GLY C 159 19.77 -49.51 -6.02
N GLY C 160 19.16 -50.30 -5.15
CA GLY C 160 18.37 -49.70 -4.08
C GLY C 160 18.79 -50.23 -2.73
N SER C 161 18.13 -51.29 -2.28
CA SER C 161 18.49 -52.00 -1.07
C SER C 161 19.99 -52.27 -1.02
N MET C 162 20.60 -52.69 -2.12
CA MET C 162 21.97 -53.15 -2.05
C MET C 162 22.89 -51.97 -1.77
N PHE C 163 22.62 -50.80 -2.35
CA PHE C 163 23.38 -49.60 -2.00
C PHE C 163 23.05 -49.11 -0.60
N LEU C 164 21.83 -49.30 -0.13
CA LEU C 164 21.56 -48.97 1.25
C LEU C 164 22.49 -49.78 2.16
N LEU C 165 22.61 -51.09 1.87
CA LEU C 165 23.47 -52.01 2.59
C LEU C 165 24.93 -51.58 2.50
N VAL C 166 25.44 -51.26 1.33
CA VAL C 166 26.83 -50.83 1.24
C VAL C 166 27.09 -49.56 2.06
N GLY C 167 26.13 -48.64 2.11
CA GLY C 167 26.30 -47.40 2.88
C GLY C 167 26.22 -47.62 4.38
N ILE C 168 25.28 -48.44 4.85
CA ILE C 168 25.25 -48.82 6.25
C ILE C 168 26.63 -49.36 6.62
N LEU C 169 27.01 -50.49 6.02
CA LEU C 169 28.16 -51.26 6.45
C LEU C 169 29.43 -50.43 6.26
N ALA C 170 29.49 -49.57 5.26
CA ALA C 170 30.65 -48.72 5.05
C ALA C 170 30.72 -47.64 6.13
N ALA C 171 29.55 -47.17 6.60
CA ALA C 171 29.51 -46.15 7.64
C ALA C 171 29.82 -46.80 8.98
N LEU C 172 29.47 -48.09 9.17
CA LEU C 172 29.81 -48.86 10.35
C LEU C 172 31.33 -49.07 10.49
N TRP C 173 32.01 -49.32 9.37
CA TRP C 173 33.46 -49.26 9.31
C TRP C 173 33.95 -47.89 9.79
N GLU C 174 33.48 -46.82 9.15
CA GLU C 174 33.95 -45.47 9.43
C GLU C 174 33.83 -45.13 10.91
N ARG C 175 32.80 -45.70 11.57
CA ARG C 175 32.47 -45.42 12.95
C ARG C 175 33.46 -46.05 13.93
N GLN C 176 34.18 -47.08 13.48
CA GLN C 176 35.20 -47.72 14.30
C GLN C 176 36.29 -46.68 14.55
N SER C 177 36.81 -46.03 13.50
CA SER C 177 37.65 -44.85 13.61
C SER C 177 37.05 -43.77 14.51
N SER C 178 35.90 -43.21 14.13
CA SER C 178 35.48 -41.91 14.62
C SER C 178 34.55 -41.97 15.83
N GLY C 179 33.99 -43.13 16.17
CA GLY C 179 33.04 -43.26 17.26
C GLY C 179 31.65 -42.66 17.00
N LYS C 180 31.49 -42.03 15.81
CA LYS C 180 30.30 -41.26 15.41
C LYS C 180 29.52 -41.92 14.26
N GLY C 181 28.19 -41.88 14.39
CA GLY C 181 27.29 -42.24 13.30
C GLY C 181 27.27 -41.19 12.16
N GLN C 182 26.28 -41.36 11.26
CA GLN C 182 25.98 -40.40 10.22
C GLN C 182 24.73 -40.86 9.45
N VAL C 183 24.35 -40.06 8.44
CA VAL C 183 23.20 -40.34 7.60
C VAL C 183 23.68 -40.90 6.26
N VAL C 184 23.02 -41.98 5.85
CA VAL C 184 23.20 -42.56 4.51
C VAL C 184 21.97 -42.22 3.66
N ASP C 185 22.22 -41.50 2.57
CA ASP C 185 21.21 -41.16 1.58
C ASP C 185 21.36 -42.09 0.37
N ALA C 186 20.59 -43.18 0.37
CA ALA C 186 20.50 -44.12 -0.74
C ALA C 186 19.24 -43.87 -1.56
N ALA C 187 19.44 -43.25 -2.73
CA ALA C 187 18.42 -43.03 -3.75
C ALA C 187 18.57 -44.02 -4.93
N MET C 188 17.48 -44.72 -5.29
CA MET C 188 17.49 -45.70 -6.35
C MET C 188 18.01 -45.12 -7.67
N VAL C 189 17.75 -43.84 -7.91
CA VAL C 189 18.16 -43.22 -9.17
C VAL C 189 19.68 -43.07 -9.24
N ASP C 190 20.33 -42.99 -8.07
CA ASP C 190 21.79 -42.91 -7.95
C ASP C 190 22.39 -44.32 -8.05
N GLY C 191 21.97 -45.19 -7.13
CA GLY C 191 22.51 -46.53 -7.02
C GLY C 191 22.40 -47.26 -8.36
N SER C 192 21.22 -47.15 -8.98
CA SER C 192 20.95 -47.88 -10.20
C SER C 192 21.88 -47.34 -11.27
N SER C 193 22.24 -46.05 -11.18
CA SER C 193 23.16 -45.45 -12.15
C SER C 193 24.59 -45.99 -11.95
N VAL C 194 25.00 -46.22 -10.71
CA VAL C 194 26.29 -46.83 -10.46
C VAL C 194 26.23 -48.29 -10.87
N LEU C 195 25.10 -48.94 -10.63
CA LEU C 195 24.95 -50.33 -11.02
C LEU C 195 25.26 -50.50 -12.51
N ILE C 196 24.92 -49.50 -13.33
CA ILE C 196 25.08 -49.58 -14.78
C ILE C 196 26.29 -48.75 -15.22
N GLN C 197 27.26 -48.49 -14.33
CA GLN C 197 28.46 -47.75 -14.71
C GLN C 197 29.13 -48.37 -15.94
N MET C 198 29.14 -49.70 -16.05
CA MET C 198 29.76 -50.34 -17.21
C MET C 198 29.25 -49.77 -18.54
N MET C 199 27.94 -49.46 -18.59
CA MET C 199 27.36 -49.03 -19.86
C MET C 199 27.78 -47.60 -20.14
N TRP C 200 27.83 -46.76 -19.09
CA TRP C 200 28.34 -45.41 -19.26
C TRP C 200 29.81 -45.42 -19.68
N ALA C 201 30.61 -46.33 -19.11
CA ALA C 201 31.99 -46.50 -19.59
C ALA C 201 32.01 -46.87 -21.07
N MET C 202 31.21 -47.88 -21.44
CA MET C 202 31.22 -48.34 -22.81
C MET C 202 30.74 -47.25 -23.78
N ARG C 203 29.86 -46.34 -23.36
CA ARG C 203 29.34 -45.38 -24.33
C ARG C 203 30.41 -44.34 -24.64
N ALA C 204 31.18 -43.95 -23.63
CA ALA C 204 32.22 -42.95 -23.79
C ALA C 204 33.24 -43.41 -24.83
N THR C 205 33.56 -44.70 -24.84
CA THR C 205 34.56 -45.21 -25.76
C THR C 205 33.90 -45.72 -27.03
N GLY C 206 32.69 -45.26 -27.37
CA GLY C 206 32.00 -45.69 -28.58
C GLY C 206 31.61 -47.17 -28.59
N MET C 207 31.57 -47.85 -27.44
CA MET C 207 31.29 -49.28 -27.36
C MET C 207 29.82 -49.59 -27.01
N TRP C 208 28.95 -48.58 -26.96
CA TRP C 208 27.57 -48.80 -26.52
C TRP C 208 26.73 -47.69 -27.12
N THR C 209 25.59 -48.05 -27.75
CA THR C 209 24.71 -47.08 -28.41
C THR C 209 23.35 -47.03 -27.71
N ASP C 210 22.70 -45.89 -27.88
CA ASP C 210 21.44 -45.59 -27.25
C ASP C 210 20.35 -46.40 -27.94
N THR C 211 20.66 -46.98 -29.10
CA THR C 211 19.72 -47.84 -29.78
C THR C 211 19.49 -49.14 -29.02
N ARG C 212 18.22 -49.45 -28.79
CA ARG C 212 17.84 -50.62 -28.05
C ARG C 212 17.96 -51.85 -28.95
N GLY C 213 18.46 -52.94 -28.38
CA GLY C 213 18.57 -54.20 -29.09
C GLY C 213 19.71 -54.19 -30.09
N ALA C 214 20.68 -53.31 -29.93
CA ALA C 214 21.77 -53.25 -30.90
C ALA C 214 23.17 -53.27 -30.24
N ASN C 215 23.34 -53.88 -29.06
CA ASN C 215 24.60 -53.86 -28.35
C ASN C 215 25.02 -55.27 -27.93
N MET C 216 26.17 -55.34 -27.26
CA MET C 216 26.80 -56.61 -27.00
C MET C 216 26.00 -57.38 -25.96
N LEU C 217 25.35 -56.64 -25.04
CA LEU C 217 24.77 -57.26 -23.88
C LEU C 217 23.26 -57.02 -23.71
N ASP C 218 22.55 -56.43 -24.67
CA ASP C 218 21.13 -56.13 -24.49
C ASP C 218 20.27 -57.15 -25.21
N GLY C 219 20.95 -58.09 -25.88
CA GLY C 219 20.28 -59.12 -26.63
C GLY C 219 20.48 -58.90 -28.13
N GLY C 220 21.11 -57.79 -28.51
CA GLY C 220 21.48 -57.52 -29.89
C GLY C 220 22.50 -58.53 -30.47
N ALA C 221 23.47 -58.99 -29.68
CA ALA C 221 24.50 -59.91 -30.15
C ALA C 221 23.94 -61.33 -30.26
N PRO C 222 24.05 -61.99 -31.41
CA PRO C 222 23.55 -63.36 -31.53
C PRO C 222 24.17 -64.36 -30.55
N TYR C 223 25.38 -64.02 -30.09
CA TYR C 223 26.10 -64.83 -29.11
C TYR C 223 25.84 -64.41 -27.67
N TYR C 224 24.96 -63.43 -27.44
CA TYR C 224 24.50 -63.13 -26.08
C TYR C 224 23.00 -62.85 -26.10
N ASP C 225 22.22 -63.93 -25.95
CA ASP C 225 20.79 -63.87 -26.17
C ASP C 225 20.17 -65.22 -25.86
N THR C 226 18.84 -65.29 -25.86
CA THR C 226 18.17 -66.57 -25.72
C THR C 226 17.80 -67.11 -27.10
N TYR C 227 17.60 -68.42 -27.17
CA TYR C 227 17.13 -69.06 -28.38
C TYR C 227 16.06 -70.06 -27.98
N GLU C 228 15.06 -70.15 -28.85
CA GLU C 228 13.99 -71.09 -28.66
C GLU C 228 14.39 -72.45 -29.23
N CYS C 229 14.05 -73.51 -28.49
CA CYS C 229 14.40 -74.88 -28.82
C CYS C 229 13.18 -75.62 -29.40
N ALA C 230 13.40 -76.84 -29.87
CA ALA C 230 12.39 -77.63 -30.55
C ALA C 230 11.13 -77.76 -29.70
N ASP C 231 11.30 -77.72 -28.38
CA ASP C 231 10.21 -78.02 -27.48
C ASP C 231 9.51 -76.74 -27.05
N GLY C 232 9.84 -75.59 -27.62
CA GLY C 232 9.29 -74.34 -27.13
C GLY C 232 9.99 -73.77 -25.89
N ARG C 233 10.97 -74.48 -25.30
CA ARG C 233 11.72 -73.95 -24.16
C ARG C 233 12.97 -73.23 -24.67
N TYR C 234 13.74 -72.62 -23.77
CA TYR C 234 14.82 -71.76 -24.22
C TYR C 234 16.16 -72.17 -23.60
N VAL C 235 17.20 -71.80 -24.32
CA VAL C 235 18.54 -71.73 -23.77
C VAL C 235 19.05 -70.30 -23.84
N ALA C 236 20.04 -70.04 -22.98
CA ALA C 236 20.79 -68.80 -22.99
C ALA C 236 22.20 -69.10 -23.49
N VAL C 237 22.62 -68.24 -24.39
CA VAL C 237 23.93 -68.22 -24.95
C VAL C 237 24.61 -66.95 -24.51
N GLY C 238 25.80 -67.13 -23.91
CA GLY C 238 26.62 -66.04 -23.40
C GLY C 238 28.08 -66.13 -23.84
N ALA C 239 28.31 -66.64 -25.05
CA ALA C 239 29.64 -66.98 -25.53
C ALA C 239 30.33 -65.77 -26.13
N ILE C 240 30.77 -64.86 -25.26
CA ILE C 240 31.39 -63.62 -25.74
C ILE C 240 32.82 -63.87 -26.24
N GLU C 241 33.59 -64.60 -25.43
CA GLU C 241 35.01 -64.81 -25.75
C GLU C 241 35.08 -65.70 -26.97
N PRO C 242 35.96 -65.39 -27.94
CA PRO C 242 35.98 -66.13 -29.20
C PRO C 242 36.16 -67.64 -29.05
N GLN C 243 36.90 -68.10 -28.02
CA GLN C 243 37.14 -69.52 -27.84
C GLN C 243 35.85 -70.20 -27.43
N PHE C 244 35.10 -69.54 -26.54
CA PHE C 244 33.84 -70.11 -26.08
C PHE C 244 32.85 -70.17 -27.24
N TYR C 245 32.78 -69.07 -28.03
CA TYR C 245 31.92 -68.98 -29.21
C TYR C 245 32.19 -70.17 -30.16
N ALA C 246 33.48 -70.47 -30.38
CA ALA C 246 33.89 -71.51 -31.32
C ALA C 246 33.43 -72.87 -30.80
N ALA C 247 33.58 -73.07 -29.50
CA ALA C 247 33.11 -74.30 -28.89
C ALA C 247 31.60 -74.42 -29.07
N MET C 248 30.93 -73.29 -28.94
CA MET C 248 29.48 -73.26 -29.12
C MET C 248 29.10 -73.69 -30.55
N LEU C 249 29.70 -73.11 -31.58
CA LEU C 249 29.39 -73.47 -32.95
C LEU C 249 29.61 -74.97 -33.20
N ALA C 250 30.72 -75.54 -32.71
CA ALA C 250 31.01 -76.95 -32.97
C ALA C 250 29.94 -77.80 -32.31
N GLY C 251 29.49 -77.41 -31.11
CA GLY C 251 28.42 -78.14 -30.45
C GLY C 251 27.10 -78.13 -31.21
N LEU C 252 26.84 -77.04 -31.93
CA LEU C 252 25.64 -76.91 -32.74
C LEU C 252 25.78 -77.68 -34.05
N GLY C 253 26.99 -78.14 -34.38
CA GLY C 253 27.22 -78.84 -35.63
C GLY C 253 27.44 -77.88 -36.78
N LEU C 254 27.78 -76.62 -36.49
CA LEU C 254 28.07 -75.60 -37.49
C LEU C 254 29.57 -75.47 -37.68
N ASP C 255 29.88 -75.29 -38.94
CA ASP C 255 31.24 -75.08 -39.35
C ASP C 255 31.47 -73.58 -39.40
N ALA C 256 32.36 -73.05 -38.57
CA ALA C 256 32.63 -71.62 -38.51
C ALA C 256 33.00 -71.02 -39.86
N ALA C 257 33.65 -71.77 -40.73
CA ALA C 257 34.08 -71.20 -42.01
C ALA C 257 32.89 -70.93 -42.93
N GLU C 258 31.66 -71.34 -42.56
CA GLU C 258 30.47 -71.08 -43.36
C GLU C 258 29.63 -69.95 -42.76
N LEU C 259 30.15 -69.19 -41.80
CA LEU C 259 29.29 -68.26 -41.08
C LEU C 259 29.93 -66.88 -41.16
N PRO C 260 29.15 -65.80 -40.97
CA PRO C 260 29.73 -64.47 -40.81
C PRO C 260 30.61 -64.43 -39.57
N PRO C 261 31.54 -63.46 -39.51
CA PRO C 261 32.32 -63.24 -38.30
C PRO C 261 31.46 -62.94 -37.08
N GLN C 262 31.94 -63.37 -35.91
CA GLN C 262 31.21 -63.22 -34.66
C GLN C 262 30.82 -61.77 -34.43
N ASN C 263 31.72 -60.85 -34.77
CA ASN C 263 31.50 -59.45 -34.40
C ASN C 263 31.42 -58.55 -35.62
N ASP C 264 30.95 -59.07 -36.76
CA ASP C 264 30.47 -58.22 -37.85
C ASP C 264 28.99 -57.87 -37.60
N ARG C 265 28.74 -56.69 -37.02
CA ARG C 265 27.40 -56.31 -36.57
C ARG C 265 26.44 -56.24 -37.75
N ALA C 266 26.95 -55.87 -38.93
CA ALA C 266 26.11 -55.73 -40.12
C ALA C 266 25.47 -57.07 -40.48
N ARG C 267 26.07 -58.20 -40.11
CA ARG C 267 25.58 -59.51 -40.49
C ARG C 267 25.04 -60.27 -39.28
N TRP C 268 24.84 -59.58 -38.16
CA TRP C 268 24.22 -60.21 -37.02
C TRP C 268 22.87 -60.83 -37.36
N PRO C 269 21.99 -60.16 -38.14
CA PRO C 269 20.72 -60.79 -38.54
C PRO C 269 20.90 -62.14 -39.23
N GLU C 270 21.87 -62.20 -40.15
CA GLU C 270 22.22 -63.39 -40.88
C GLU C 270 22.76 -64.46 -39.93
N LEU C 271 23.65 -64.06 -39.01
CA LEU C 271 24.25 -65.00 -38.07
C LEU C 271 23.18 -65.54 -37.14
N ARG C 272 22.31 -64.66 -36.62
CA ARG C 272 21.23 -65.07 -35.73
C ARG C 272 20.31 -66.08 -36.43
N ALA C 273 20.03 -65.88 -37.72
CA ALA C 273 19.17 -66.79 -38.45
C ALA C 273 19.78 -68.19 -38.46
N LEU C 274 21.10 -68.29 -38.62
CA LEU C 274 21.74 -69.61 -38.67
C LEU C 274 21.72 -70.27 -37.29
N LEU C 275 21.99 -69.50 -36.22
CA LEU C 275 21.96 -70.05 -34.87
C LEU C 275 20.54 -70.39 -34.48
N THR C 276 19.58 -69.55 -34.89
CA THR C 276 18.19 -69.84 -34.58
C THR C 276 17.80 -71.23 -35.11
N GLU C 277 18.15 -71.48 -36.37
CA GLU C 277 17.78 -72.73 -36.99
C GLU C 277 18.47 -73.90 -36.28
N ALA C 278 19.75 -73.77 -35.92
CA ALA C 278 20.44 -74.86 -35.23
C ALA C 278 19.81 -75.16 -33.87
N PHE C 279 19.57 -74.12 -33.04
CA PHE C 279 19.02 -74.36 -31.71
C PHE C 279 17.61 -74.92 -31.78
N ALA C 280 16.84 -74.50 -32.80
CA ALA C 280 15.46 -74.99 -32.91
C ALA C 280 15.39 -76.47 -33.31
N SER C 281 16.50 -77.11 -33.73
CA SER C 281 16.46 -78.49 -34.20
C SER C 281 16.42 -79.51 -33.06
N HIS C 282 16.75 -79.13 -31.83
CA HIS C 282 16.65 -80.04 -30.69
C HIS C 282 16.05 -79.31 -29.49
N ASP C 283 15.59 -80.08 -28.49
CA ASP C 283 14.94 -79.55 -27.30
C ASP C 283 15.98 -79.09 -26.28
N ARG C 284 15.55 -78.41 -25.21
CA ARG C 284 16.47 -77.67 -24.34
C ARG C 284 17.37 -78.64 -23.57
N ASP C 285 16.81 -79.76 -23.15
CA ASP C 285 17.53 -80.75 -22.36
C ASP C 285 18.64 -81.36 -23.19
N HIS C 286 18.40 -81.57 -24.47
CA HIS C 286 19.44 -81.97 -25.38
C HIS C 286 20.63 -81.02 -25.31
N TRP C 287 20.36 -79.71 -25.44
CA TRP C 287 21.45 -78.74 -25.41
C TRP C 287 22.10 -78.71 -24.03
N GLY C 288 21.29 -78.90 -22.98
CA GLY C 288 21.82 -78.99 -21.63
C GLY C 288 22.86 -80.10 -21.49
N ALA C 289 22.52 -81.31 -21.95
CA ALA C 289 23.44 -82.43 -21.98
C ALA C 289 24.66 -82.15 -22.86
N VAL C 290 24.47 -81.96 -24.17
CA VAL C 290 25.53 -81.68 -25.11
C VAL C 290 26.56 -80.69 -24.56
N PHE C 291 26.15 -79.67 -23.80
CA PHE C 291 27.11 -78.64 -23.40
C PHE C 291 27.47 -78.72 -21.92
N ALA C 292 27.07 -79.79 -21.21
CA ALA C 292 27.51 -79.93 -19.83
C ALA C 292 29.01 -80.13 -19.86
N ASN C 293 29.68 -79.42 -18.96
CA ASN C 293 31.12 -79.48 -18.70
C ASN C 293 31.89 -78.69 -19.75
N SER C 294 31.13 -78.07 -20.66
CA SER C 294 31.65 -77.25 -21.73
C SER C 294 31.83 -75.79 -21.29
N ASP C 295 32.71 -75.10 -22.00
CA ASP C 295 32.87 -73.66 -21.93
C ASP C 295 32.08 -72.92 -23.01
N ALA C 296 31.08 -73.56 -23.63
CA ALA C 296 30.32 -72.95 -24.70
C ALA C 296 29.41 -71.81 -24.22
N CYS C 297 29.20 -71.70 -22.90
CA CYS C 297 28.35 -70.69 -22.28
C CYS C 297 26.90 -70.85 -22.77
N VAL C 298 26.40 -72.08 -22.75
CA VAL C 298 25.03 -72.39 -23.08
C VAL C 298 24.40 -73.03 -21.85
N THR C 299 23.24 -72.51 -21.44
CA THR C 299 22.56 -73.01 -20.26
C THR C 299 21.06 -73.07 -20.54
N PRO C 300 20.35 -74.02 -19.92
CA PRO C 300 18.89 -74.04 -19.98
C PRO C 300 18.32 -72.83 -19.24
N VAL C 301 17.31 -72.21 -19.84
CA VAL C 301 16.60 -71.12 -19.19
C VAL C 301 15.45 -71.75 -18.39
N LEU C 302 15.67 -71.90 -17.10
CA LEU C 302 14.69 -72.62 -16.27
C LEU C 302 13.69 -71.62 -15.68
N ALA C 303 12.45 -72.06 -15.63
CA ALA C 303 11.40 -71.35 -14.92
C ALA C 303 11.49 -71.64 -13.44
N PHE C 304 10.96 -70.72 -12.62
CA PHE C 304 11.10 -70.79 -11.17
C PHE C 304 10.76 -72.20 -10.70
N GLY C 305 9.61 -72.72 -11.12
CA GLY C 305 9.10 -74.01 -10.66
C GLY C 305 10.03 -75.20 -10.97
N GLU C 306 11.04 -75.02 -11.82
CA GLU C 306 11.94 -76.09 -12.24
C GLU C 306 13.28 -76.03 -11.51
N VAL C 307 13.54 -74.93 -10.82
CA VAL C 307 14.88 -74.64 -10.31
C VAL C 307 15.31 -75.70 -9.28
N HIS C 308 14.37 -76.17 -8.47
CA HIS C 308 14.61 -77.12 -7.40
C HIS C 308 15.03 -78.49 -7.96
N ASN C 309 14.76 -78.74 -9.25
CA ASN C 309 15.18 -79.97 -9.90
C ASN C 309 16.54 -79.85 -10.57
N GLU C 310 17.24 -78.73 -10.44
CA GLU C 310 18.50 -78.57 -11.12
C GLU C 310 19.66 -78.96 -10.21
N PRO C 311 20.53 -79.94 -10.58
CA PRO C 311 21.65 -80.39 -9.76
C PRO C 311 22.57 -79.35 -9.17
N HIS C 312 23.03 -78.36 -9.96
CA HIS C 312 23.93 -77.38 -9.41
C HIS C 312 23.24 -76.52 -8.34
N ILE C 313 21.90 -76.35 -8.43
CA ILE C 313 21.14 -75.59 -7.44
C ILE C 313 20.96 -76.47 -6.19
N ILE C 314 20.58 -77.74 -6.37
CA ILE C 314 20.39 -78.69 -5.27
C ILE C 314 21.69 -78.83 -4.48
N GLU C 315 22.78 -79.04 -5.20
CA GLU C 315 24.00 -79.50 -4.58
C GLU C 315 24.64 -78.38 -3.76
N ARG C 316 24.46 -77.11 -4.14
CA ARG C 316 25.03 -76.02 -3.35
C ARG C 316 24.06 -75.41 -2.34
N ASN C 317 22.87 -75.98 -2.21
CA ASN C 317 21.91 -75.49 -1.23
C ASN C 317 21.63 -74.00 -1.44
N THR C 318 21.32 -73.59 -2.68
CA THR C 318 21.06 -72.20 -2.95
C THR C 318 19.68 -71.83 -2.38
N PHE C 319 18.79 -72.83 -2.25
CA PHE C 319 17.45 -72.65 -1.71
C PHE C 319 17.18 -73.58 -0.53
N TYR C 320 16.19 -73.22 0.31
CA TYR C 320 15.70 -74.07 1.39
C TYR C 320 14.18 -74.13 1.23
N GLU C 321 13.53 -75.21 1.67
CA GLU C 321 12.07 -75.22 1.73
C GLU C 321 11.61 -74.53 2.99
N ALA C 322 10.71 -73.55 2.84
CA ALA C 322 10.00 -72.97 3.97
C ALA C 322 8.53 -72.96 3.63
N ASN C 323 7.72 -73.68 4.41
CA ASN C 323 6.29 -73.42 4.44
C ASN C 323 5.73 -73.29 3.02
N GLY C 324 5.59 -74.42 2.30
CA GLY C 324 4.92 -74.42 1.00
C GLY C 324 5.58 -73.52 -0.06
N GLY C 325 6.91 -73.59 -0.17
CA GLY C 325 7.63 -72.95 -1.25
C GLY C 325 9.11 -72.81 -0.93
N TRP C 326 9.93 -72.87 -1.97
CA TRP C 326 11.36 -72.64 -1.83
C TRP C 326 11.64 -71.15 -1.71
N GLN C 327 12.68 -70.84 -0.93
CA GLN C 327 13.18 -69.51 -0.72
C GLN C 327 14.70 -69.59 -0.76
N PRO C 328 15.36 -68.53 -1.22
CA PRO C 328 16.81 -68.52 -1.33
C PRO C 328 17.50 -68.32 0.01
N MET C 329 18.60 -69.06 0.18
CA MET C 329 19.40 -69.03 1.38
C MET C 329 20.18 -67.73 1.36
N PRO C 330 20.66 -67.28 2.55
CA PRO C 330 21.45 -66.07 2.64
C PRO C 330 22.60 -66.03 1.66
N ALA C 331 22.95 -64.83 1.22
CA ALA C 331 24.11 -64.69 0.38
C ALA C 331 24.76 -63.39 0.79
N PRO C 332 26.10 -63.22 0.63
CA PRO C 332 26.98 -64.28 0.16
C PRO C 332 27.31 -65.25 1.29
N ARG C 333 28.35 -66.05 1.11
CA ARG C 333 28.67 -67.11 2.07
C ARG C 333 29.99 -66.82 2.75
N PHE C 334 30.12 -67.31 3.99
CA PHE C 334 31.20 -66.92 4.89
C PHE C 334 31.93 -68.18 5.41
N SER C 335 33.26 -68.20 5.34
CA SER C 335 34.00 -69.40 5.75
C SER C 335 33.88 -69.69 7.26
N ARG C 336 34.07 -68.70 8.13
CA ARG C 336 34.10 -68.93 9.58
C ARG C 336 32.75 -68.66 10.27
N THR C 337 32.17 -67.45 10.10
CA THR C 337 30.90 -67.12 10.74
C THR C 337 29.74 -67.33 9.76
N ALA C 338 29.24 -68.56 9.71
CA ALA C 338 28.31 -68.92 8.66
C ALA C 338 26.90 -68.51 9.07
N SER C 339 26.15 -68.00 8.09
CA SER C 339 24.72 -67.76 8.29
C SER C 339 24.03 -69.08 8.53
N SER C 340 22.86 -69.02 9.16
CA SER C 340 22.00 -70.16 9.31
C SER C 340 20.75 -69.98 8.47
N GLN C 341 19.98 -71.05 8.38
CA GLN C 341 18.70 -71.00 7.71
C GLN C 341 17.87 -69.88 8.30
N PRO C 342 17.16 -69.06 7.49
CA PRO C 342 16.32 -67.99 8.02
C PRO C 342 15.14 -68.44 8.89
N ARG C 343 14.77 -67.63 9.90
CA ARG C 343 13.62 -67.88 10.76
C ARG C 343 12.37 -67.30 10.09
N PRO C 344 11.23 -68.03 10.05
CA PRO C 344 10.02 -67.47 9.44
C PRO C 344 9.60 -66.21 10.18
N PRO C 345 8.79 -65.35 9.54
CA PRO C 345 8.28 -64.14 10.19
C PRO C 345 7.72 -64.43 11.59
N ALA C 346 8.21 -63.67 12.59
CA ALA C 346 8.07 -63.98 14.00
C ALA C 346 6.96 -63.16 14.64
N ALA C 347 5.79 -63.80 14.81
CA ALA C 347 4.59 -63.27 15.44
C ALA C 347 4.87 -61.99 16.24
N THR C 348 3.89 -61.07 16.23
CA THR C 348 4.00 -59.76 16.84
C THR C 348 4.55 -59.90 18.26
N ILE C 349 5.58 -59.12 18.57
CA ILE C 349 6.18 -59.08 19.88
C ILE C 349 5.72 -57.79 20.53
N ASP C 350 5.74 -57.74 21.87
CA ASP C 350 5.48 -56.51 22.60
C ASP C 350 6.78 -55.72 22.72
N ILE C 351 6.74 -54.45 22.25
CA ILE C 351 7.94 -53.64 22.11
C ILE C 351 8.67 -53.50 23.45
N GLU C 352 7.90 -53.52 24.53
CA GLU C 352 8.43 -53.49 25.89
C GLU C 352 9.45 -54.61 26.09
N ALA C 353 9.03 -55.84 25.75
CA ALA C 353 9.83 -57.04 25.95
C ALA C 353 11.16 -56.97 25.20
N VAL C 354 11.18 -56.28 24.05
CA VAL C 354 12.41 -56.14 23.30
C VAL C 354 13.38 -55.27 24.10
N LEU C 355 12.84 -54.22 24.72
CA LEU C 355 13.66 -53.32 25.52
C LEU C 355 14.19 -54.04 26.77
N THR C 356 13.41 -54.99 27.28
CA THR C 356 13.88 -55.87 28.34
C THR C 356 15.12 -56.62 27.85
N ASP C 357 14.93 -57.42 26.77
CA ASP C 357 15.98 -58.22 26.15
C ASP C 357 17.23 -57.39 25.88
N TRP C 358 17.06 -56.13 25.42
CA TRP C 358 18.17 -55.28 25.05
C TRP C 358 18.75 -54.51 26.25
N ASP C 359 18.25 -54.77 27.47
CA ASP C 359 18.74 -54.14 28.69
C ASP C 359 18.37 -52.64 28.67
N MET D 1 42.12 -39.45 1.42
CA MET D 1 41.08 -39.87 0.44
C MET D 1 39.70 -39.70 1.07
N ALA D 2 38.77 -39.04 0.36
CA ALA D 2 37.44 -38.75 0.93
C ALA D 2 36.59 -40.00 1.00
N GLY D 3 35.86 -40.18 2.10
CA GLY D 3 34.74 -41.09 2.15
C GLY D 3 34.82 -42.05 3.34
N PRO D 4 33.76 -42.81 3.65
CA PRO D 4 33.74 -43.59 4.88
C PRO D 4 34.66 -44.81 4.86
N LEU D 5 35.28 -45.10 3.71
CA LEU D 5 36.20 -46.23 3.64
C LEU D 5 37.63 -45.73 3.54
N SER D 6 37.88 -44.51 4.03
CA SER D 6 39.24 -44.03 4.15
C SER D 6 40.01 -44.99 5.06
N GLY D 7 41.23 -45.36 4.64
CA GLY D 7 42.09 -46.23 5.44
C GLY D 7 41.94 -47.72 5.14
N LEU D 8 40.91 -48.10 4.37
CA LEU D 8 40.76 -49.47 3.90
C LEU D 8 41.64 -49.70 2.68
N ARG D 9 42.42 -50.79 2.74
CA ARG D 9 43.36 -51.17 1.70
C ARG D 9 42.88 -52.44 0.99
N VAL D 10 42.82 -52.33 -0.33
CA VAL D 10 42.21 -53.40 -1.11
C VAL D 10 43.17 -53.79 -2.21
N VAL D 11 43.45 -55.11 -2.26
CA VAL D 11 44.12 -55.69 -3.41
C VAL D 11 43.10 -56.43 -4.28
N GLU D 12 43.12 -56.06 -5.56
CA GLU D 12 42.19 -56.61 -6.54
C GLU D 12 42.98 -57.35 -7.61
N LEU D 13 42.70 -58.64 -7.80
CA LEU D 13 43.27 -59.35 -8.94
C LEU D 13 42.36 -59.18 -10.17
N ALA D 14 42.92 -58.61 -11.23
CA ALA D 14 42.16 -58.12 -12.35
C ALA D 14 41.35 -59.24 -12.99
N GLY D 15 40.02 -59.07 -12.97
CA GLY D 15 39.11 -59.91 -13.73
C GLY D 15 38.15 -59.07 -14.56
N ILE D 16 36.93 -59.60 -14.77
CA ILE D 16 35.93 -58.92 -15.59
C ILE D 16 34.58 -58.93 -14.87
N GLY D 17 33.82 -57.84 -15.06
CA GLY D 17 32.46 -57.77 -14.55
C GLY D 17 32.45 -57.44 -13.07
N PRO D 18 31.99 -58.36 -12.21
CA PRO D 18 31.69 -58.03 -10.83
C PRO D 18 32.90 -57.61 -10.00
N GLY D 19 34.00 -58.36 -10.11
CA GLY D 19 35.22 -58.07 -9.38
C GLY D 19 35.63 -56.62 -9.52
N PRO D 20 35.85 -56.10 -10.73
CA PRO D 20 36.21 -54.70 -10.87
C PRO D 20 35.16 -53.66 -10.46
N HIS D 21 33.88 -54.04 -10.45
CA HIS D 21 32.84 -53.11 -10.15
C HIS D 21 32.84 -52.94 -8.63
N ALA D 22 32.94 -54.07 -7.92
CA ALA D 22 33.09 -54.07 -6.47
C ALA D 22 34.30 -53.24 -6.06
N ALA D 23 35.42 -53.44 -6.76
CA ALA D 23 36.63 -52.70 -6.45
C ALA D 23 36.37 -51.21 -6.65
N MET D 24 35.64 -50.91 -7.74
CA MET D 24 35.33 -49.54 -8.13
C MET D 24 34.56 -48.83 -7.01
N ILE D 25 33.56 -49.51 -6.46
CA ILE D 25 32.72 -48.89 -5.45
C ILE D 25 33.53 -48.69 -4.16
N LEU D 26 34.38 -49.67 -3.80
CA LEU D 26 35.22 -49.54 -2.61
C LEU D 26 36.10 -48.30 -2.74
N GLY D 27 36.79 -48.21 -3.87
CA GLY D 27 37.51 -47.01 -4.28
C GLY D 27 36.65 -45.74 -4.23
N ASP D 28 35.44 -45.81 -4.82
CA ASP D 28 34.54 -44.66 -4.90
C ASP D 28 34.39 -44.04 -3.51
N LEU D 29 34.17 -44.88 -2.49
CA LEU D 29 33.87 -44.53 -1.11
C LEU D 29 35.11 -44.35 -0.21
N GLY D 30 36.26 -44.09 -0.81
CA GLY D 30 37.46 -43.74 -0.06
C GLY D 30 38.56 -44.79 -0.01
N ALA D 31 38.28 -46.07 -0.29
CA ALA D 31 39.25 -47.14 -0.03
C ALA D 31 40.46 -47.02 -0.96
N ASP D 32 41.60 -47.54 -0.48
CA ASP D 32 42.82 -47.58 -1.28
C ASP D 32 42.86 -48.93 -2.00
N VAL D 33 42.72 -48.86 -3.32
CA VAL D 33 42.56 -50.03 -4.14
C VAL D 33 43.75 -50.08 -5.07
N VAL D 34 44.40 -51.25 -4.99
CA VAL D 34 45.53 -51.57 -5.85
C VAL D 34 45.12 -52.80 -6.62
N ARG D 35 45.22 -52.66 -7.94
CA ARG D 35 44.72 -53.66 -8.86
C ARG D 35 45.92 -54.32 -9.53
N ILE D 36 46.10 -55.63 -9.30
CA ILE D 36 47.18 -56.35 -9.94
C ILE D 36 46.68 -56.91 -11.27
N ASP D 37 47.12 -56.28 -12.37
CA ASP D 37 46.91 -56.78 -13.72
C ASP D 37 48.10 -57.65 -14.15
N ARG D 38 48.03 -58.23 -15.36
CA ARG D 38 49.15 -58.94 -15.92
C ARG D 38 49.83 -58.05 -16.96
N PRO D 39 51.18 -58.13 -17.12
CA PRO D 39 51.88 -57.35 -18.14
C PRO D 39 51.32 -57.46 -19.56
N SER D 40 50.78 -58.66 -19.92
CA SER D 40 50.08 -58.91 -21.17
C SER D 40 49.18 -57.73 -21.56
N SER D 41 48.62 -57.03 -20.57
CA SER D 41 47.79 -55.86 -20.82
C SER D 41 48.52 -54.57 -20.43
N VAL D 42 49.83 -54.49 -20.72
CA VAL D 42 50.57 -53.25 -20.61
C VAL D 42 50.08 -52.32 -21.73
N ASP D 43 49.50 -51.18 -21.32
CA ASP D 43 48.51 -50.45 -22.10
C ASP D 43 49.11 -49.12 -22.55
N GLY D 44 48.26 -48.12 -22.80
CA GLY D 44 48.59 -46.71 -22.60
C GLY D 44 48.13 -46.28 -21.22
N ILE D 45 47.21 -45.29 -21.13
CA ILE D 45 46.34 -45.15 -19.98
C ILE D 45 45.07 -45.96 -20.27
N SER D 46 44.41 -46.50 -19.24
CA SER D 46 43.23 -47.32 -19.47
C SER D 46 42.03 -46.45 -19.82
N ARG D 47 41.11 -47.01 -20.65
CA ARG D 47 39.98 -46.25 -21.17
C ARG D 47 38.67 -46.67 -20.51
N ASP D 48 38.73 -47.66 -19.59
CA ASP D 48 37.56 -48.14 -18.86
C ASP D 48 37.38 -47.29 -17.60
N ALA D 49 36.35 -46.44 -17.61
CA ALA D 49 36.06 -45.60 -16.47
C ALA D 49 35.68 -46.45 -15.25
N MET D 50 35.46 -47.76 -15.44
CA MET D 50 35.22 -48.65 -14.32
C MET D 50 36.49 -48.84 -13.51
N LEU D 51 37.64 -48.51 -14.12
CA LEU D 51 38.93 -48.63 -13.44
C LEU D 51 39.29 -47.31 -12.74
N ARG D 52 38.31 -46.42 -12.56
CA ARG D 52 38.53 -45.21 -11.78
C ARG D 52 38.83 -45.59 -10.33
N ASN D 53 39.43 -44.63 -9.61
CA ASN D 53 39.78 -44.75 -8.20
C ASN D 53 40.68 -45.95 -7.89
N ARG D 54 41.76 -46.13 -8.66
CA ARG D 54 42.70 -47.23 -8.45
C ARG D 54 44.15 -46.80 -8.66
N ARG D 55 45.06 -47.60 -8.10
CA ARG D 55 46.41 -47.67 -8.66
C ARG D 55 46.59 -49.03 -9.33
N ILE D 56 47.06 -49.00 -10.59
CA ILE D 56 47.29 -50.22 -11.35
C ILE D 56 48.78 -50.61 -11.35
N VAL D 57 49.05 -51.85 -10.91
CA VAL D 57 50.35 -52.49 -11.07
C VAL D 57 50.22 -53.76 -11.91
N THR D 58 51.32 -54.11 -12.62
CA THR D 58 51.41 -55.39 -13.30
C THR D 58 52.37 -56.31 -12.54
N ALA D 59 52.19 -57.62 -12.75
CA ALA D 59 52.94 -58.69 -12.10
C ALA D 59 52.62 -59.99 -12.82
N ASP D 60 53.65 -60.77 -13.17
CA ASP D 60 53.42 -62.10 -13.68
C ASP D 60 53.30 -63.03 -12.48
N LEU D 61 52.06 -63.39 -12.12
CA LEU D 61 51.83 -64.21 -10.93
C LEU D 61 52.33 -65.64 -11.15
N LYS D 62 52.68 -65.98 -12.40
CA LYS D 62 53.31 -67.26 -12.68
C LYS D 62 54.75 -67.28 -12.15
N SER D 63 55.50 -66.19 -12.38
CA SER D 63 56.88 -66.05 -11.92
C SER D 63 56.94 -66.12 -10.38
N ASP D 64 58.15 -66.36 -9.84
CA ASP D 64 58.35 -66.43 -8.39
C ASP D 64 58.41 -65.02 -7.82
N GLN D 65 58.88 -64.08 -8.65
CA GLN D 65 59.02 -62.70 -8.24
C GLN D 65 57.63 -62.06 -8.11
N GLY D 66 56.87 -62.09 -9.22
CA GLY D 66 55.49 -61.65 -9.22
C GLY D 66 54.75 -62.14 -7.99
N LEU D 67 54.79 -63.46 -7.73
CA LEU D 67 54.08 -64.08 -6.62
C LEU D 67 54.57 -63.54 -5.28
N GLU D 68 55.83 -63.11 -5.21
CA GLU D 68 56.38 -62.65 -3.94
C GLU D 68 55.88 -61.23 -3.66
N LEU D 69 56.08 -60.32 -4.63
CA LEU D 69 55.57 -58.95 -4.60
C LEU D 69 54.06 -58.90 -4.29
N ALA D 70 53.33 -59.87 -4.83
CA ALA D 70 51.88 -59.93 -4.68
C ALA D 70 51.52 -60.33 -3.25
N LEU D 71 52.23 -61.32 -2.68
CA LEU D 71 51.96 -61.77 -1.32
C LEU D 71 52.41 -60.72 -0.29
N LYS D 72 53.28 -59.80 -0.71
CA LYS D 72 53.70 -58.74 0.19
C LYS D 72 52.56 -57.74 0.33
N LEU D 73 51.94 -57.35 -0.80
CA LEU D 73 50.77 -56.48 -0.81
C LEU D 73 49.65 -57.04 0.03
N ILE D 74 49.29 -58.30 -0.24
CA ILE D 74 48.23 -58.94 0.52
C ILE D 74 48.53 -58.89 2.02
N ALA D 75 49.83 -58.90 2.40
CA ALA D 75 50.23 -58.85 3.80
C ALA D 75 49.86 -57.50 4.44
N LYS D 76 50.00 -56.41 3.66
CA LYS D 76 49.73 -55.04 4.11
C LYS D 76 48.26 -54.64 3.97
N ALA D 77 47.39 -55.50 3.41
CA ALA D 77 46.09 -55.03 2.93
C ALA D 77 44.97 -55.59 3.77
N ASP D 78 43.78 -54.99 3.66
CA ASP D 78 42.62 -55.44 4.40
C ASP D 78 41.82 -56.47 3.60
N VAL D 79 41.81 -56.27 2.28
CA VAL D 79 40.93 -57.04 1.42
C VAL D 79 41.66 -57.50 0.17
N LEU D 80 41.31 -58.74 -0.21
CA LEU D 80 41.67 -59.26 -1.52
C LEU D 80 40.40 -59.62 -2.29
N ILE D 81 40.35 -59.16 -3.56
CA ILE D 81 39.27 -59.53 -4.47
C ILE D 81 39.83 -60.37 -5.61
N GLU D 82 39.25 -61.56 -5.81
CA GLU D 82 39.56 -62.32 -7.01
C GLU D 82 38.27 -62.85 -7.65
N GLY D 83 38.26 -62.82 -9.00
CA GLY D 83 37.14 -63.31 -9.77
C GLY D 83 37.53 -64.28 -10.88
N TYR D 84 38.28 -65.34 -10.52
CA TYR D 84 38.74 -66.37 -11.44
C TYR D 84 37.96 -67.65 -11.13
N ARG D 85 38.08 -68.68 -11.97
CA ARG D 85 37.45 -69.96 -11.64
C ARG D 85 38.01 -70.45 -10.31
N PRO D 86 37.23 -71.21 -9.53
CA PRO D 86 37.75 -71.87 -8.34
C PRO D 86 38.98 -72.72 -8.72
N GLY D 87 39.95 -72.77 -7.79
CA GLY D 87 41.19 -73.49 -8.00
C GLY D 87 42.29 -72.59 -8.52
N VAL D 88 41.95 -71.48 -9.21
CA VAL D 88 42.98 -70.72 -9.89
C VAL D 88 43.93 -70.06 -8.88
N THR D 89 43.43 -69.45 -7.82
CA THR D 89 44.37 -68.74 -6.94
C THR D 89 45.18 -69.76 -6.13
N GLU D 90 44.55 -70.85 -5.71
CA GLU D 90 45.24 -71.98 -5.09
C GLU D 90 46.47 -72.37 -5.92
N ARG D 91 46.28 -72.78 -7.19
CA ARG D 91 47.40 -73.21 -8.05
C ARG D 91 48.46 -72.11 -8.14
N LEU D 92 48.07 -70.84 -8.06
CA LEU D 92 49.04 -69.74 -8.18
C LEU D 92 49.81 -69.51 -6.89
N GLY D 93 49.37 -70.13 -5.79
CA GLY D 93 49.90 -69.88 -4.44
C GLY D 93 49.36 -68.60 -3.77
N LEU D 94 48.18 -68.11 -4.23
CA LEU D 94 47.47 -66.99 -3.61
C LEU D 94 46.14 -67.43 -3.03
N GLY D 95 45.97 -68.73 -2.82
CA GLY D 95 44.73 -69.25 -2.26
C GLY D 95 44.45 -68.68 -0.88
N PRO D 96 43.24 -68.94 -0.33
CA PRO D 96 42.90 -68.49 1.00
C PRO D 96 44.00 -68.90 1.98
N GLU D 97 44.36 -70.19 1.98
CA GLU D 97 45.24 -70.76 3.00
C GLU D 97 46.65 -70.19 2.93
N GLU D 98 47.15 -69.95 1.72
CA GLU D 98 48.44 -69.30 1.54
C GLU D 98 48.40 -67.85 2.04
N CYS D 99 47.27 -67.17 1.80
CA CYS D 99 47.14 -65.77 2.20
C CYS D 99 46.97 -65.66 3.72
N ALA D 100 46.28 -66.62 4.33
CA ALA D 100 46.08 -66.69 5.77
C ALA D 100 47.41 -66.77 6.52
N LYS D 101 48.44 -67.28 5.84
CA LYS D 101 49.79 -67.40 6.39
C LYS D 101 50.49 -66.05 6.47
N VAL D 102 50.22 -65.12 5.56
CA VAL D 102 50.94 -63.84 5.63
C VAL D 102 50.03 -62.72 6.15
N ASN D 103 48.83 -63.04 6.64
CA ASN D 103 47.86 -62.01 7.02
C ASN D 103 46.53 -62.65 7.39
N ASP D 104 46.35 -62.96 8.68
CA ASP D 104 45.11 -63.58 9.15
C ASP D 104 44.04 -62.53 9.45
N ARG D 105 44.26 -61.27 9.07
CA ARG D 105 43.22 -60.26 9.20
C ARG D 105 42.47 -60.09 7.87
N LEU D 106 42.98 -60.72 6.80
CA LEU D 106 42.57 -60.44 5.44
C LEU D 106 41.13 -60.89 5.20
N ILE D 107 40.41 -60.05 4.45
CA ILE D 107 39.12 -60.46 3.90
C ILE D 107 39.38 -61.00 2.49
N TYR D 108 39.08 -62.30 2.34
CA TYR D 108 39.38 -63.02 1.10
C TYR D 108 38.07 -63.13 0.31
N ALA D 109 37.95 -62.27 -0.73
CA ALA D 109 36.69 -62.09 -1.43
C ALA D 109 36.72 -62.83 -2.78
N ARG D 110 35.89 -63.88 -2.91
CA ARG D 110 35.84 -64.70 -4.11
C ARG D 110 34.56 -64.46 -4.94
N MET D 111 34.74 -63.78 -6.09
CA MET D 111 33.66 -63.43 -7.01
C MET D 111 33.53 -64.45 -8.15
N THR D 112 32.52 -65.34 -8.08
CA THR D 112 32.21 -66.25 -9.18
C THR D 112 30.73 -66.16 -9.57
N GLY D 113 30.40 -66.89 -10.65
CA GLY D 113 29.04 -67.09 -11.10
C GLY D 113 28.37 -68.28 -10.44
N TRP D 114 29.06 -69.44 -10.49
CA TRP D 114 28.50 -70.74 -10.10
C TRP D 114 28.82 -71.13 -8.65
N GLY D 115 29.80 -70.47 -8.04
CA GLY D 115 30.22 -70.89 -6.71
C GLY D 115 31.56 -71.61 -6.76
N GLN D 116 31.98 -72.10 -5.59
CA GLN D 116 33.31 -72.65 -5.44
C GLN D 116 33.26 -74.15 -5.69
N THR D 117 32.07 -74.76 -5.55
CA THR D 117 31.95 -76.17 -5.81
C THR D 117 30.72 -76.45 -6.65
N GLY D 118 30.61 -77.69 -7.09
CA GLY D 118 29.39 -78.20 -7.69
C GLY D 118 29.58 -78.46 -9.17
N PRO D 119 28.60 -79.09 -9.80
CA PRO D 119 28.76 -79.63 -11.15
C PRO D 119 29.05 -78.58 -12.20
N ARG D 120 28.67 -77.31 -11.98
CA ARG D 120 28.87 -76.29 -13.00
C ARG D 120 30.05 -75.41 -12.66
N SER D 121 30.74 -75.74 -11.56
CA SER D 121 31.61 -74.79 -10.90
C SER D 121 32.84 -74.45 -11.73
N GLN D 122 33.14 -75.26 -12.78
CA GLN D 122 34.28 -74.94 -13.64
C GLN D 122 33.86 -74.43 -15.03
N GLN D 123 32.55 -74.46 -15.33
CA GLN D 123 32.07 -73.99 -16.63
C GLN D 123 32.30 -72.47 -16.72
N ALA D 124 32.85 -72.00 -17.84
CA ALA D 124 32.84 -70.59 -18.17
C ALA D 124 31.37 -70.12 -18.29
N GLY D 125 31.19 -68.84 -18.10
CA GLY D 125 29.85 -68.26 -18.12
C GLY D 125 29.88 -66.74 -18.06
N HIS D 126 28.71 -66.16 -18.41
CA HIS D 126 28.45 -64.75 -18.23
C HIS D 126 27.10 -64.52 -17.54
N ASP D 127 26.83 -63.26 -17.24
CA ASP D 127 25.62 -62.89 -16.50
C ASP D 127 24.43 -63.72 -16.98
N ILE D 128 24.18 -63.71 -18.29
CA ILE D 128 22.99 -64.34 -18.86
C ILE D 128 22.91 -65.81 -18.47
N ASN D 129 24.06 -66.50 -18.33
CA ASN D 129 24.05 -67.90 -17.92
C ASN D 129 23.61 -68.07 -16.47
N TYR D 130 24.10 -67.21 -15.59
CA TYR D 130 23.82 -67.45 -14.18
C TYR D 130 22.36 -67.17 -13.87
N ILE D 131 21.80 -66.14 -14.51
CA ILE D 131 20.40 -65.82 -14.27
C ILE D 131 19.49 -66.75 -15.07
N SER D 132 20.01 -67.52 -16.02
CA SER D 132 19.14 -68.50 -16.65
C SER D 132 18.80 -69.63 -15.70
N LEU D 133 19.69 -69.94 -14.75
CA LEU D 133 19.57 -71.20 -14.05
C LEU D 133 18.65 -71.07 -12.84
N ASN D 134 18.39 -69.84 -12.37
CA ASN D 134 17.69 -69.66 -11.10
C ASN D 134 16.30 -69.04 -11.29
N GLY D 135 15.74 -69.12 -12.50
CA GLY D 135 14.39 -68.65 -12.80
C GLY D 135 14.29 -67.17 -13.18
N ILE D 136 15.38 -66.39 -13.05
CA ILE D 136 15.31 -64.94 -13.26
C ILE D 136 15.07 -64.60 -14.73
N LEU D 137 15.90 -65.13 -15.64
CA LEU D 137 15.88 -64.73 -17.03
C LEU D 137 14.54 -65.10 -17.67
N HIS D 138 14.02 -66.26 -17.32
CA HIS D 138 12.76 -66.75 -17.82
C HIS D 138 11.61 -65.79 -17.53
N ALA D 139 11.74 -64.96 -16.49
CA ALA D 139 10.67 -64.07 -16.01
C ALA D 139 10.69 -62.72 -16.70
N ILE D 140 11.68 -62.50 -17.57
CA ILE D 140 11.88 -61.18 -18.14
C ILE D 140 11.57 -61.15 -19.63
N GLY D 141 10.64 -60.23 -19.97
CA GLY D 141 10.29 -59.90 -21.35
C GLY D 141 8.80 -60.08 -21.62
N ARG D 142 8.38 -59.82 -22.85
CA ARG D 142 6.98 -59.95 -23.21
C ARG D 142 6.63 -61.44 -23.27
N GLY D 143 5.34 -61.75 -23.03
CA GLY D 143 4.84 -63.12 -22.98
C GLY D 143 4.85 -63.79 -24.35
N ASP D 144 4.86 -62.98 -25.41
CA ASP D 144 4.70 -63.47 -26.76
C ASP D 144 6.06 -63.76 -27.41
N GLU D 145 7.13 -63.86 -26.62
CA GLU D 145 8.46 -63.78 -27.17
C GLU D 145 9.43 -64.49 -26.23
N ARG D 146 10.63 -64.76 -26.71
CA ARG D 146 11.60 -65.43 -25.87
C ARG D 146 12.14 -64.44 -24.84
N PRO D 147 12.66 -64.92 -23.68
CA PRO D 147 13.17 -64.04 -22.64
C PRO D 147 14.22 -63.06 -23.16
N VAL D 148 14.26 -61.87 -22.53
CA VAL D 148 15.20 -60.87 -22.94
C VAL D 148 16.15 -60.61 -21.79
N PRO D 149 17.47 -60.53 -22.06
CA PRO D 149 18.42 -60.25 -20.99
C PRO D 149 18.28 -58.81 -20.51
N PRO D 150 18.20 -58.61 -19.20
CA PRO D 150 18.17 -57.26 -18.64
C PRO D 150 19.58 -56.71 -18.51
N LEU D 151 20.19 -56.49 -19.67
CA LEU D 151 21.61 -56.24 -19.77
C LEU D 151 22.34 -57.24 -18.88
N ASN D 152 23.46 -56.82 -18.30
CA ASN D 152 24.17 -57.61 -17.31
C ASN D 152 24.04 -57.00 -15.92
N LEU D 153 22.83 -56.51 -15.60
CA LEU D 153 22.57 -55.76 -14.37
C LEU D 153 22.29 -56.69 -13.21
N VAL D 154 21.72 -57.85 -13.49
CA VAL D 154 21.13 -58.62 -12.41
C VAL D 154 22.12 -59.64 -11.84
N GLY D 155 22.95 -60.22 -12.71
CA GLY D 155 23.89 -61.25 -12.34
C GLY D 155 25.23 -60.64 -11.93
N ASP D 156 25.85 -59.91 -12.85
CA ASP D 156 27.13 -59.28 -12.62
C ASP D 156 27.03 -58.30 -11.45
N PHE D 157 26.02 -57.41 -11.43
CA PHE D 157 26.13 -56.26 -10.54
C PHE D 157 25.20 -56.47 -9.36
N GLY D 158 23.88 -56.36 -9.60
CA GLY D 158 22.96 -56.40 -8.49
C GLY D 158 23.14 -57.65 -7.65
N GLY D 159 23.29 -58.81 -8.31
CA GLY D 159 23.37 -60.08 -7.59
C GLY D 159 24.80 -60.60 -7.50
N GLY D 160 25.75 -59.80 -7.95
CA GLY D 160 27.13 -60.24 -8.08
C GLY D 160 28.05 -59.34 -7.24
N SER D 161 28.52 -58.25 -7.85
CA SER D 161 29.41 -57.32 -7.18
C SER D 161 28.80 -56.82 -5.87
N MET D 162 27.46 -56.63 -5.82
CA MET D 162 26.90 -55.93 -4.69
C MET D 162 26.91 -56.87 -3.51
N PHE D 163 26.73 -58.16 -3.77
CA PHE D 163 26.78 -59.10 -2.67
C PHE D 163 28.23 -59.32 -2.23
N LEU D 164 29.19 -59.25 -3.15
CA LEU D 164 30.59 -59.25 -2.74
C LEU D 164 30.85 -58.07 -1.80
N LEU D 165 30.40 -56.85 -2.17
CA LEU D 165 30.54 -55.65 -1.35
C LEU D 165 29.91 -55.84 0.04
N VAL D 166 28.74 -56.44 0.11
CA VAL D 166 28.08 -56.66 1.39
C VAL D 166 28.85 -57.69 2.22
N GLY D 167 29.38 -58.72 1.57
CA GLY D 167 30.13 -59.76 2.25
C GLY D 167 31.42 -59.22 2.84
N ILE D 168 32.12 -58.39 2.06
CA ILE D 168 33.37 -57.79 2.45
C ILE D 168 33.11 -56.94 3.68
N LEU D 169 32.21 -55.96 3.53
CA LEU D 169 32.01 -54.96 4.56
C LEU D 169 31.43 -55.64 5.80
N ALA D 170 30.66 -56.71 5.64
CA ALA D 170 30.12 -57.40 6.79
C ALA D 170 31.22 -58.22 7.49
N ALA D 171 32.16 -58.77 6.69
CA ALA D 171 33.29 -59.48 7.24
C ALA D 171 34.10 -58.55 8.14
N LEU D 172 34.33 -57.29 7.69
CA LEU D 172 35.10 -56.24 8.36
C LEU D 172 34.46 -55.80 9.67
N TRP D 173 33.14 -55.83 9.71
CA TRP D 173 32.42 -55.70 10.96
C TRP D 173 32.79 -56.85 11.90
N GLU D 174 32.73 -58.07 11.39
CA GLU D 174 32.99 -59.22 12.21
C GLU D 174 34.44 -59.13 12.73
N ARG D 175 35.37 -58.81 11.82
CA ARG D 175 36.78 -58.66 12.13
C ARG D 175 37.00 -57.78 13.35
N GLN D 176 36.09 -56.83 13.62
CA GLN D 176 36.36 -55.82 14.62
C GLN D 176 36.26 -56.47 15.99
N SER D 177 35.45 -57.54 16.16
CA SER D 177 35.42 -58.19 17.46
C SER D 177 36.22 -59.52 17.51
N SER D 178 36.60 -60.12 16.36
CA SER D 178 37.29 -61.41 16.35
C SER D 178 38.80 -61.27 16.10
N GLY D 179 39.27 -60.11 15.63
CA GLY D 179 40.66 -59.92 15.22
C GLY D 179 41.03 -60.58 13.89
N LYS D 180 40.08 -61.31 13.28
CA LYS D 180 40.36 -62.25 12.19
C LYS D 180 39.52 -62.00 10.93
N GLY D 181 40.20 -62.11 9.78
CA GLY D 181 39.57 -62.20 8.47
C GLY D 181 38.86 -63.53 8.22
N GLN D 182 38.47 -63.76 6.95
CA GLN D 182 37.78 -64.95 6.51
C GLN D 182 37.47 -64.81 5.02
N VAL D 183 36.87 -65.90 4.49
CA VAL D 183 36.63 -66.08 3.07
C VAL D 183 35.14 -65.82 2.79
N VAL D 184 34.95 -64.87 1.86
CA VAL D 184 33.65 -64.50 1.30
C VAL D 184 33.45 -65.22 -0.03
N ASP D 185 32.47 -66.13 -0.09
CA ASP D 185 32.10 -66.86 -1.30
C ASP D 185 30.85 -66.20 -1.90
N ALA D 186 31.05 -65.24 -2.82
CA ALA D 186 29.95 -64.62 -3.55
C ALA D 186 29.79 -65.23 -4.94
N ALA D 187 28.71 -65.99 -5.08
CA ALA D 187 28.28 -66.53 -6.36
C ALA D 187 27.04 -65.79 -6.89
N MET D 188 27.13 -65.31 -8.14
CA MET D 188 26.06 -64.62 -8.84
C MET D 188 24.77 -65.41 -8.83
N VAL D 189 24.82 -66.75 -8.87
CA VAL D 189 23.61 -67.55 -8.92
C VAL D 189 22.89 -67.47 -7.58
N ASP D 190 23.67 -67.28 -6.48
CA ASP D 190 23.09 -67.14 -5.15
C ASP D 190 22.58 -65.71 -4.93
N GLY D 191 23.48 -64.76 -5.17
CA GLY D 191 23.24 -63.35 -4.93
C GLY D 191 22.03 -62.86 -5.72
N SER D 192 21.88 -63.33 -6.96
CA SER D 192 20.77 -62.90 -7.79
C SER D 192 19.49 -63.56 -7.29
N SER D 193 19.56 -64.76 -6.69
CA SER D 193 18.36 -65.39 -6.12
C SER D 193 17.88 -64.64 -4.88
N VAL D 194 18.80 -64.10 -4.08
CA VAL D 194 18.40 -63.28 -2.95
C VAL D 194 17.85 -61.95 -3.45
N LEU D 195 18.46 -61.39 -4.49
CA LEU D 195 17.96 -60.16 -5.07
C LEU D 195 16.48 -60.27 -5.47
N ILE D 196 16.04 -61.47 -5.87
CA ILE D 196 14.70 -61.68 -6.38
C ILE D 196 13.83 -62.39 -5.36
N GLN D 197 14.17 -62.28 -4.07
CA GLN D 197 13.45 -62.98 -3.02
C GLN D 197 11.95 -62.59 -3.02
N MET D 198 11.63 -61.33 -3.41
CA MET D 198 10.25 -60.86 -3.41
C MET D 198 9.41 -61.75 -4.30
N MET D 199 9.93 -62.13 -5.46
CA MET D 199 9.20 -63.01 -6.37
C MET D 199 9.05 -64.42 -5.79
N TRP D 200 10.10 -64.92 -5.12
CA TRP D 200 9.99 -66.21 -4.44
C TRP D 200 8.93 -66.16 -3.34
N ALA D 201 8.84 -65.02 -2.65
CA ALA D 201 7.77 -64.80 -1.65
C ALA D 201 6.39 -64.76 -2.30
N MET D 202 6.24 -63.97 -3.35
CA MET D 202 4.94 -63.77 -3.96
C MET D 202 4.47 -65.10 -4.54
N ARG D 203 5.44 -65.87 -5.07
CA ARG D 203 5.15 -67.10 -5.76
C ARG D 203 4.55 -68.10 -4.77
N ALA D 204 5.10 -68.07 -3.55
CA ALA D 204 4.69 -68.98 -2.50
C ALA D 204 3.24 -68.71 -2.07
N THR D 205 2.74 -67.49 -2.28
CA THR D 205 1.41 -67.14 -1.84
C THR D 205 0.45 -67.01 -3.03
N GLY D 206 0.82 -67.51 -4.21
CA GLY D 206 -0.05 -67.43 -5.40
C GLY D 206 -0.19 -66.02 -5.99
N MET D 207 0.74 -65.09 -5.70
CA MET D 207 0.73 -63.72 -6.20
C MET D 207 1.76 -63.53 -7.34
N TRP D 208 2.44 -64.59 -7.75
CA TRP D 208 3.35 -64.52 -8.87
C TRP D 208 3.29 -65.82 -9.63
N THR D 209 3.15 -65.80 -10.96
CA THR D 209 3.20 -67.04 -11.71
C THR D 209 4.41 -67.06 -12.63
N ASP D 210 4.65 -68.25 -13.17
CA ASP D 210 5.80 -68.53 -13.98
C ASP D 210 5.56 -68.12 -15.43
N THR D 211 4.35 -67.69 -15.74
CA THR D 211 4.11 -67.17 -17.09
C THR D 211 4.72 -65.79 -17.24
N ARG D 212 5.52 -65.62 -18.29
CA ARG D 212 6.20 -64.37 -18.56
C ARG D 212 5.19 -63.34 -19.05
N GLY D 213 5.33 -62.10 -18.59
CA GLY D 213 4.53 -60.99 -19.06
C GLY D 213 3.10 -61.07 -18.55
N ALA D 214 2.86 -61.78 -17.45
CA ALA D 214 1.53 -61.91 -16.90
C ALA D 214 1.48 -61.59 -15.41
N ASN D 215 2.34 -60.71 -14.90
CA ASN D 215 2.34 -60.49 -13.46
C ASN D 215 2.33 -58.99 -13.21
N MET D 216 2.26 -58.59 -11.93
CA MET D 216 2.05 -57.20 -11.56
C MET D 216 3.26 -56.35 -11.95
N LEU D 217 4.46 -56.94 -11.93
CA LEU D 217 5.66 -56.13 -12.09
C LEU D 217 6.51 -56.52 -13.31
N ASP D 218 6.00 -57.33 -14.24
CA ASP D 218 6.84 -57.79 -15.35
C ASP D 218 6.40 -57.16 -16.65
N GLY D 219 5.42 -56.24 -16.59
CA GLY D 219 4.87 -55.65 -17.80
C GLY D 219 3.46 -56.11 -18.11
N GLY D 220 2.99 -57.18 -17.45
CA GLY D 220 1.63 -57.69 -17.54
C GLY D 220 0.54 -56.74 -17.03
N ALA D 221 0.80 -55.87 -16.05
CA ALA D 221 -0.24 -54.98 -15.54
C ALA D 221 -0.26 -53.70 -16.36
N PRO D 222 -1.43 -53.25 -16.92
CA PRO D 222 -1.47 -52.01 -17.69
C PRO D 222 -1.01 -50.77 -16.93
N TYR D 223 -1.05 -50.85 -15.61
CA TYR D 223 -0.60 -49.74 -14.79
C TYR D 223 0.84 -49.88 -14.32
N TYR D 224 1.59 -50.88 -14.83
CA TYR D 224 3.02 -50.99 -14.54
C TYR D 224 3.73 -51.41 -15.84
N ASP D 225 3.98 -50.45 -16.70
CA ASP D 225 4.51 -50.78 -18.00
C ASP D 225 4.94 -49.47 -18.64
N THR D 226 5.54 -49.59 -19.84
CA THR D 226 5.79 -48.44 -20.68
C THR D 226 4.68 -48.29 -21.71
N TYR D 227 4.58 -47.08 -22.26
CA TYR D 227 3.61 -46.75 -23.27
C TYR D 227 4.34 -45.87 -24.26
N GLU D 228 4.01 -46.10 -25.52
CA GLU D 228 4.51 -45.29 -26.60
C GLU D 228 3.60 -44.07 -26.77
N CYS D 229 4.25 -42.93 -27.00
CA CYS D 229 3.61 -41.64 -27.12
C CYS D 229 3.54 -41.26 -28.60
N ALA D 230 2.96 -40.09 -28.91
CA ALA D 230 2.69 -39.71 -30.30
C ALA D 230 3.98 -39.53 -31.09
N ASP D 231 5.06 -39.13 -30.42
CA ASP D 231 6.34 -38.91 -31.09
C ASP D 231 7.15 -40.22 -31.18
N GLY D 232 6.67 -41.35 -30.68
CA GLY D 232 7.45 -42.57 -30.76
C GLY D 232 8.40 -42.77 -29.57
N ARG D 233 8.41 -41.83 -28.62
CA ARG D 233 9.17 -41.98 -27.39
C ARG D 233 8.25 -42.55 -26.32
N TYR D 234 8.73 -42.79 -25.10
CA TYR D 234 7.96 -43.57 -24.15
C TYR D 234 7.88 -42.87 -22.81
N VAL D 235 6.81 -43.22 -22.08
CA VAL D 235 6.69 -42.95 -20.67
C VAL D 235 6.61 -44.30 -19.98
N ALA D 236 6.89 -44.25 -18.69
CA ALA D 236 6.73 -45.35 -17.77
C ALA D 236 5.60 -45.01 -16.83
N VAL D 237 4.77 -46.00 -16.54
CA VAL D 237 3.66 -45.91 -15.64
C VAL D 237 3.89 -46.92 -14.54
N GLY D 238 3.84 -46.45 -13.29
CA GLY D 238 4.03 -47.28 -12.13
C GLY D 238 2.99 -47.05 -11.04
N ALA D 239 1.73 -46.87 -11.46
CA ALA D 239 0.64 -46.48 -10.58
C ALA D 239 -0.05 -47.69 -10.00
N ILE D 240 0.65 -48.33 -9.05
CA ILE D 240 0.14 -49.51 -8.37
C ILE D 240 -0.93 -49.07 -7.38
N GLU D 241 -0.65 -48.08 -6.55
CA GLU D 241 -1.61 -47.72 -5.51
C GLU D 241 -2.83 -47.04 -6.14
N PRO D 242 -4.03 -47.41 -5.69
CA PRO D 242 -5.25 -46.90 -6.31
C PRO D 242 -5.38 -45.39 -6.41
N GLN D 243 -4.82 -44.66 -5.44
CA GLN D 243 -4.93 -43.20 -5.43
C GLN D 243 -4.01 -42.59 -6.48
N PHE D 244 -2.84 -43.23 -6.72
CA PHE D 244 -1.92 -42.74 -7.73
C PHE D 244 -2.48 -43.06 -9.12
N TYR D 245 -3.03 -44.27 -9.26
CA TYR D 245 -3.74 -44.68 -10.45
C TYR D 245 -4.86 -43.70 -10.78
N ALA D 246 -5.62 -43.24 -9.77
CA ALA D 246 -6.73 -42.31 -10.00
C ALA D 246 -6.21 -40.97 -10.52
N ALA D 247 -5.09 -40.49 -9.96
CA ALA D 247 -4.47 -39.24 -10.38
C ALA D 247 -4.02 -39.36 -11.82
N MET D 248 -3.57 -40.57 -12.17
CA MET D 248 -3.08 -40.81 -13.51
C MET D 248 -4.23 -40.68 -14.51
N LEU D 249 -5.35 -41.35 -14.21
CA LEU D 249 -6.50 -41.36 -15.13
C LEU D 249 -6.98 -39.93 -15.37
N ALA D 250 -6.97 -39.11 -14.30
CA ALA D 250 -7.46 -37.73 -14.38
C ALA D 250 -6.61 -36.91 -15.34
N GLY D 251 -5.28 -37.08 -15.23
CA GLY D 251 -4.31 -36.47 -16.13
C GLY D 251 -4.42 -36.92 -17.59
N LEU D 252 -4.85 -38.17 -17.81
CA LEU D 252 -5.01 -38.68 -19.18
C LEU D 252 -6.34 -38.20 -19.75
N GLY D 253 -7.25 -37.73 -18.89
CA GLY D 253 -8.56 -37.30 -19.34
C GLY D 253 -9.55 -38.45 -19.48
N LEU D 254 -9.30 -39.58 -18.80
CA LEU D 254 -10.17 -40.74 -18.86
C LEU D 254 -11.01 -40.78 -17.59
N ASP D 255 -12.32 -40.91 -17.72
CA ASP D 255 -13.16 -41.02 -16.54
C ASP D 255 -13.12 -42.46 -16.12
N ALA D 256 -13.00 -42.69 -14.80
CA ALA D 256 -13.02 -44.03 -14.24
C ALA D 256 -14.29 -44.77 -14.67
N ALA D 257 -15.39 -44.05 -14.89
CA ALA D 257 -16.69 -44.67 -15.17
C ALA D 257 -16.66 -45.54 -16.43
N GLU D 258 -15.79 -45.20 -17.39
CA GLU D 258 -15.80 -45.83 -18.70
C GLU D 258 -14.69 -46.86 -18.84
N LEU D 259 -13.96 -47.14 -17.76
CA LEU D 259 -12.81 -48.02 -17.78
C LEU D 259 -13.16 -49.27 -16.99
N PRO D 260 -12.57 -50.44 -17.28
CA PRO D 260 -12.69 -51.59 -16.40
C PRO D 260 -11.96 -51.25 -15.11
N PRO D 261 -12.24 -52.00 -14.02
CA PRO D 261 -11.49 -51.84 -12.78
C PRO D 261 -9.98 -52.06 -12.99
N GLN D 262 -9.20 -51.24 -12.30
CA GLN D 262 -7.75 -51.30 -12.37
C GLN D 262 -7.22 -52.73 -12.22
N ASN D 263 -7.81 -53.51 -11.33
CA ASN D 263 -7.27 -54.82 -11.04
C ASN D 263 -8.23 -55.95 -11.46
N ASP D 264 -9.10 -55.70 -12.43
CA ASP D 264 -9.83 -56.82 -13.02
C ASP D 264 -8.98 -57.40 -14.17
N ARG D 265 -8.18 -58.43 -13.85
CA ARG D 265 -7.17 -58.97 -14.74
C ARG D 265 -7.82 -59.49 -16.04
N ALA D 266 -9.07 -59.91 -15.96
CA ALA D 266 -9.74 -60.47 -17.11
C ALA D 266 -10.01 -59.38 -18.12
N ARG D 267 -10.05 -58.13 -17.67
CA ARG D 267 -10.34 -57.06 -18.60
C ARG D 267 -9.13 -56.18 -18.86
N TRP D 268 -7.94 -56.66 -18.51
CA TRP D 268 -6.73 -55.90 -18.74
C TRP D 268 -6.52 -55.63 -20.23
N PRO D 269 -6.86 -56.56 -21.14
CA PRO D 269 -6.78 -56.24 -22.56
C PRO D 269 -7.51 -54.95 -22.94
N GLU D 270 -8.73 -54.78 -22.45
CA GLU D 270 -9.49 -53.57 -22.73
C GLU D 270 -8.83 -52.36 -22.08
N LEU D 271 -8.45 -52.53 -20.82
CA LEU D 271 -7.87 -51.42 -20.08
C LEU D 271 -6.59 -50.98 -20.78
N ARG D 272 -5.77 -51.94 -21.22
CA ARG D 272 -4.54 -51.57 -21.89
C ARG D 272 -4.82 -50.80 -23.19
N ALA D 273 -5.80 -51.26 -23.97
CA ALA D 273 -6.13 -50.55 -25.19
C ALA D 273 -6.57 -49.13 -24.90
N LEU D 274 -7.36 -48.89 -23.83
CA LEU D 274 -7.77 -47.51 -23.52
C LEU D 274 -6.56 -46.68 -23.10
N LEU D 275 -5.68 -47.24 -22.25
CA LEU D 275 -4.52 -46.45 -21.84
C LEU D 275 -3.59 -46.18 -23.03
N THR D 276 -3.44 -47.18 -23.91
CA THR D 276 -2.55 -47.07 -25.07
C THR D 276 -2.97 -45.92 -25.95
N GLU D 277 -4.28 -45.85 -26.22
CA GLU D 277 -4.85 -44.81 -27.06
C GLU D 277 -4.64 -43.46 -26.40
N ALA D 278 -4.80 -43.36 -25.07
CA ALA D 278 -4.63 -42.06 -24.43
C ALA D 278 -3.18 -41.60 -24.52
N PHE D 279 -2.21 -42.45 -24.13
CA PHE D 279 -0.81 -42.00 -24.12
C PHE D 279 -0.33 -41.69 -25.53
N ALA D 280 -0.86 -42.41 -26.53
CA ALA D 280 -0.45 -42.19 -27.91
C ALA D 280 -0.94 -40.86 -28.47
N SER D 281 -1.82 -40.12 -27.77
CA SER D 281 -2.40 -38.90 -28.33
C SER D 281 -1.53 -37.67 -28.09
N HIS D 282 -0.53 -37.76 -27.24
CA HIS D 282 0.39 -36.67 -26.99
C HIS D 282 1.80 -37.23 -26.91
N ASP D 283 2.79 -36.34 -27.07
CA ASP D 283 4.16 -36.76 -27.08
C ASP D 283 4.67 -36.87 -25.65
N ARG D 284 5.85 -37.48 -25.50
CA ARG D 284 6.41 -37.79 -24.20
C ARG D 284 6.59 -36.53 -23.35
N ASP D 285 7.16 -35.46 -23.93
CA ASP D 285 7.49 -34.27 -23.17
C ASP D 285 6.21 -33.61 -22.64
N HIS D 286 5.10 -33.79 -23.37
CA HIS D 286 3.82 -33.34 -22.88
C HIS D 286 3.49 -34.02 -21.55
N TRP D 287 3.57 -35.36 -21.56
CA TRP D 287 3.15 -36.11 -20.40
C TRP D 287 4.05 -35.77 -19.23
N GLY D 288 5.33 -35.53 -19.51
CA GLY D 288 6.29 -35.25 -18.45
C GLY D 288 5.98 -33.95 -17.73
N ALA D 289 5.43 -32.98 -18.49
CA ALA D 289 5.00 -31.71 -17.94
C ALA D 289 3.73 -31.91 -17.13
N VAL D 290 2.67 -32.39 -17.80
CA VAL D 290 1.38 -32.67 -17.20
C VAL D 290 1.56 -33.31 -15.83
N PHE D 291 2.51 -34.26 -15.68
CA PHE D 291 2.55 -35.07 -14.48
C PHE D 291 3.64 -34.62 -13.51
N ALA D 292 4.42 -33.61 -13.89
CA ALA D 292 5.44 -33.08 -13.00
C ALA D 292 4.78 -32.71 -11.66
N ASN D 293 5.44 -33.09 -10.58
CA ASN D 293 5.01 -32.87 -9.21
C ASN D 293 3.75 -33.66 -8.87
N SER D 294 3.36 -34.68 -9.64
CA SER D 294 2.17 -35.45 -9.33
C SER D 294 2.56 -36.81 -8.78
N ASP D 295 1.62 -37.46 -8.12
CA ASP D 295 1.80 -38.78 -7.59
C ASP D 295 1.24 -39.83 -8.57
N ALA D 296 1.05 -39.45 -9.83
CA ALA D 296 0.49 -40.33 -10.86
C ALA D 296 1.45 -41.46 -11.31
N CYS D 297 2.73 -41.33 -10.97
CA CYS D 297 3.74 -42.36 -11.23
C CYS D 297 3.95 -42.53 -12.73
N VAL D 298 4.04 -41.39 -13.43
CA VAL D 298 4.24 -41.33 -14.85
C VAL D 298 5.49 -40.51 -15.10
N THR D 299 6.48 -41.09 -15.78
CA THR D 299 7.78 -40.46 -15.99
C THR D 299 8.25 -40.68 -17.41
N PRO D 300 9.03 -39.74 -17.97
CA PRO D 300 9.53 -39.93 -19.32
C PRO D 300 10.66 -40.96 -19.27
N VAL D 301 10.71 -41.82 -20.31
CA VAL D 301 11.73 -42.82 -20.47
C VAL D 301 12.84 -42.19 -21.28
N LEU D 302 13.89 -41.79 -20.58
CA LEU D 302 14.99 -41.07 -21.18
C LEU D 302 16.07 -42.04 -21.64
N ALA D 303 16.57 -41.78 -22.85
CA ALA D 303 17.76 -42.42 -23.38
C ALA D 303 19.00 -41.88 -22.67
N PHE D 304 20.07 -42.68 -22.62
CA PHE D 304 21.31 -42.27 -21.96
C PHE D 304 21.69 -40.82 -22.27
N GLY D 305 21.66 -40.47 -23.55
CA GLY D 305 22.14 -39.17 -24.01
C GLY D 305 21.26 -38.00 -23.59
N GLU D 306 20.04 -38.24 -23.11
CA GLU D 306 19.17 -37.17 -22.66
C GLU D 306 19.25 -36.98 -21.15
N VAL D 307 19.88 -37.91 -20.45
CA VAL D 307 19.83 -37.90 -19.00
C VAL D 307 20.43 -36.59 -18.47
N HIS D 308 21.49 -36.10 -19.13
CA HIS D 308 22.23 -34.92 -18.69
C HIS D 308 21.31 -33.67 -18.64
N ASN D 309 20.17 -33.71 -19.32
CA ASN D 309 19.30 -32.56 -19.44
C ASN D 309 18.14 -32.63 -18.47
N GLU D 310 18.01 -33.72 -17.72
CA GLU D 310 16.91 -33.85 -16.78
C GLU D 310 17.18 -33.02 -15.51
N PRO D 311 16.31 -32.07 -15.12
CA PRO D 311 16.56 -31.25 -13.93
C PRO D 311 16.90 -31.97 -12.63
N HIS D 312 16.14 -33.02 -12.31
CA HIS D 312 16.33 -33.68 -11.04
C HIS D 312 17.71 -34.35 -11.00
N ILE D 313 18.22 -34.71 -12.18
CA ILE D 313 19.51 -35.36 -12.33
C ILE D 313 20.63 -34.33 -12.18
N ILE D 314 20.54 -33.23 -12.97
CA ILE D 314 21.42 -32.08 -12.89
C ILE D 314 21.51 -31.58 -11.46
N GLU D 315 20.37 -31.33 -10.81
CA GLU D 315 20.40 -30.65 -9.53
C GLU D 315 21.06 -31.48 -8.44
N ARG D 316 20.85 -32.80 -8.43
CA ARG D 316 21.38 -33.64 -7.39
C ARG D 316 22.82 -34.12 -7.68
N ASN D 317 23.36 -33.79 -8.85
CA ASN D 317 24.72 -34.19 -9.19
C ASN D 317 24.84 -35.69 -9.19
N THR D 318 23.93 -36.37 -9.89
CA THR D 318 23.97 -37.82 -9.98
C THR D 318 25.19 -38.24 -10.83
N PHE D 319 25.54 -37.40 -11.80
CA PHE D 319 26.56 -37.64 -12.79
C PHE D 319 27.60 -36.53 -12.70
N TYR D 320 28.83 -36.80 -13.17
CA TYR D 320 29.89 -35.81 -13.33
C TYR D 320 30.46 -36.02 -14.72
N GLU D 321 30.95 -34.97 -15.36
CA GLU D 321 31.56 -35.13 -16.65
C GLU D 321 33.03 -35.43 -16.44
N ALA D 322 33.50 -36.56 -16.96
CA ALA D 322 34.92 -36.89 -16.93
C ALA D 322 35.37 -37.29 -18.31
N ASN D 323 36.05 -36.37 -19.01
CA ASN D 323 36.81 -36.72 -20.21
C ASN D 323 35.84 -37.17 -21.31
N GLY D 324 35.59 -38.48 -21.43
CA GLY D 324 34.81 -39.06 -22.52
C GLY D 324 33.38 -38.51 -22.60
N GLY D 325 32.53 -38.90 -21.65
CA GLY D 325 31.22 -38.30 -21.44
C GLY D 325 30.87 -38.33 -19.95
N TRP D 326 29.59 -38.50 -19.64
CA TRP D 326 29.15 -38.50 -18.25
C TRP D 326 29.32 -39.88 -17.64
N GLN D 327 29.54 -39.87 -16.32
CA GLN D 327 29.75 -41.04 -15.50
C GLN D 327 29.02 -40.79 -14.20
N PRO D 328 28.47 -41.82 -13.54
CA PRO D 328 27.77 -41.61 -12.29
C PRO D 328 28.68 -41.37 -11.09
N MET D 329 28.19 -40.53 -10.19
CA MET D 329 28.90 -40.15 -8.99
C MET D 329 28.72 -41.30 -8.04
N PRO D 330 29.61 -41.45 -7.05
CA PRO D 330 29.52 -42.51 -6.07
C PRO D 330 28.13 -42.58 -5.48
N ALA D 331 27.74 -43.78 -5.04
CA ALA D 331 26.50 -43.93 -4.29
C ALA D 331 26.76 -44.98 -3.22
N PRO D 332 26.02 -45.01 -2.10
CA PRO D 332 25.05 -43.96 -1.75
C PRO D 332 25.80 -42.72 -1.27
N ARG D 333 25.13 -41.80 -0.57
CA ARG D 333 25.74 -40.55 -0.14
C ARG D 333 25.85 -40.53 1.38
N PHE D 334 26.91 -39.87 1.90
CA PHE D 334 27.16 -39.84 3.34
C PHE D 334 27.15 -38.40 3.87
N SER D 335 26.47 -38.15 5.00
CA SER D 335 26.32 -36.78 5.52
C SER D 335 27.66 -36.15 5.98
N ARG D 336 28.45 -36.86 6.80
CA ARG D 336 29.72 -36.35 7.35
C ARG D 336 30.93 -36.69 6.47
N THR D 337 31.15 -37.98 6.15
CA THR D 337 32.31 -38.42 5.39
C THR D 337 31.99 -38.60 3.91
N ALA D 338 31.88 -37.48 3.19
CA ALA D 338 31.29 -37.47 1.87
C ALA D 338 32.33 -37.95 0.86
N SER D 339 31.92 -38.88 -0.03
CA SER D 339 32.77 -39.28 -1.13
C SER D 339 33.14 -38.05 -1.95
N SER D 340 34.26 -38.14 -2.68
CA SER D 340 34.59 -37.08 -3.61
C SER D 340 34.48 -37.61 -5.03
N GLN D 341 34.59 -36.69 -5.98
CA GLN D 341 34.56 -37.04 -7.37
C GLN D 341 35.63 -38.10 -7.62
N PRO D 342 35.38 -39.11 -8.48
CA PRO D 342 36.39 -40.10 -8.83
C PRO D 342 37.60 -39.63 -9.64
N ARG D 343 38.76 -40.19 -9.26
CA ARG D 343 40.01 -39.96 -9.95
C ARG D 343 40.01 -40.83 -11.21
N PRO D 344 40.42 -40.29 -12.36
CA PRO D 344 40.44 -41.09 -13.59
C PRO D 344 41.44 -42.24 -13.50
N PRO D 345 41.29 -43.27 -14.36
CA PRO D 345 42.33 -44.29 -14.52
C PRO D 345 43.73 -43.66 -14.55
N ALA D 346 44.49 -43.89 -13.47
CA ALA D 346 45.87 -43.41 -13.34
C ALA D 346 46.83 -44.40 -14.00
N ALA D 347 47.74 -43.88 -14.84
CA ALA D 347 48.78 -44.69 -15.50
C ALA D 347 49.51 -45.58 -14.49
N THR D 348 50.09 -46.69 -14.97
CA THR D 348 50.73 -47.70 -14.13
C THR D 348 51.79 -47.09 -13.22
N ILE D 349 51.90 -47.69 -12.04
CA ILE D 349 52.99 -47.40 -11.15
C ILE D 349 53.63 -48.71 -10.74
N ASP D 350 54.80 -48.59 -10.10
CA ASP D 350 55.65 -49.72 -9.79
C ASP D 350 55.23 -50.35 -8.47
N ILE D 351 55.18 -51.69 -8.44
CA ILE D 351 54.68 -52.41 -7.28
C ILE D 351 55.52 -52.17 -6.02
N GLU D 352 56.79 -51.73 -6.21
CA GLU D 352 57.67 -51.36 -5.10
C GLU D 352 57.25 -50.01 -4.50
N ALA D 353 57.02 -49.00 -5.36
CA ALA D 353 56.53 -47.69 -4.97
C ALA D 353 55.32 -47.80 -4.05
N VAL D 354 54.51 -48.82 -4.29
CA VAL D 354 53.30 -49.00 -3.50
C VAL D 354 53.67 -49.65 -2.17
N LEU D 355 54.55 -50.66 -2.20
CA LEU D 355 54.95 -51.34 -0.97
C LEU D 355 55.68 -50.34 -0.05
N THR D 356 56.40 -49.39 -0.67
CA THR D 356 57.07 -48.29 0.01
C THR D 356 56.04 -47.42 0.76
N ASP D 357 55.09 -46.88 -0.01
CA ASP D 357 54.01 -46.02 0.48
C ASP D 357 53.24 -46.71 1.61
N TRP D 358 52.82 -47.96 1.43
CA TRP D 358 52.26 -48.72 2.55
C TRP D 358 53.41 -49.19 3.44
N ASP D 359 54.01 -48.24 4.18
CA ASP D 359 55.08 -48.55 5.13
C ASP D 359 54.51 -49.40 6.27
N MET E 1 47.69 24.34 -13.91
CA MET E 1 46.41 23.78 -13.42
C MET E 1 45.25 24.71 -13.79
N ALA E 2 44.26 24.20 -14.55
CA ALA E 2 43.17 25.03 -15.03
C ALA E 2 42.09 25.24 -13.96
N GLY E 3 41.63 26.48 -13.83
CA GLY E 3 40.39 26.77 -13.15
C GLY E 3 40.50 28.04 -12.33
N PRO E 4 39.41 28.53 -11.72
CA PRO E 4 39.50 29.72 -10.87
C PRO E 4 40.27 29.58 -9.54
N LEU E 5 40.52 28.32 -9.10
CA LEU E 5 41.15 28.03 -7.81
C LEU E 5 42.61 27.64 -8.01
N SER E 6 43.10 27.69 -9.26
CA SER E 6 44.52 27.57 -9.55
C SER E 6 45.29 28.42 -8.54
N GLY E 7 46.25 27.79 -7.86
CA GLY E 7 47.00 28.51 -6.84
C GLY E 7 46.66 28.02 -5.45
N LEU E 8 45.36 27.92 -5.12
CA LEU E 8 44.91 27.44 -3.81
C LEU E 8 45.48 26.05 -3.50
N ARG E 9 45.91 25.88 -2.24
CA ARG E 9 46.59 24.68 -1.80
C ARG E 9 45.84 24.07 -0.64
N VAL E 10 45.53 22.78 -0.79
CA VAL E 10 44.61 22.11 0.12
C VAL E 10 45.24 20.80 0.52
N VAL E 11 45.21 20.57 1.85
CA VAL E 11 45.58 19.29 2.45
C VAL E 11 44.31 18.60 2.93
N GLU E 12 44.17 17.35 2.46
CA GLU E 12 43.03 16.49 2.71
C GLU E 12 43.45 15.27 3.53
N LEU E 13 42.89 15.15 4.73
CA LEU E 13 43.11 13.97 5.55
C LEU E 13 42.06 12.93 5.20
N ALA E 14 42.48 11.88 4.52
CA ALA E 14 41.60 10.88 3.96
C ALA E 14 40.43 10.54 4.89
N GLY E 15 39.21 10.66 4.35
CA GLY E 15 37.98 10.23 5.00
C GLY E 15 37.04 9.54 4.00
N ILE E 16 35.76 9.44 4.37
CA ILE E 16 34.75 8.87 3.48
C ILE E 16 33.59 9.86 3.34
N GLY E 17 33.01 9.91 2.14
CA GLY E 17 31.79 10.69 1.91
C GLY E 17 32.09 12.17 1.64
N PRO E 18 31.58 13.10 2.47
CA PRO E 18 31.62 14.53 2.15
C PRO E 18 33.02 15.13 2.11
N GLY E 19 33.92 14.64 2.99
CA GLY E 19 35.28 15.16 3.03
C GLY E 19 35.95 15.06 1.66
N PRO E 20 36.06 13.84 1.13
CA PRO E 20 36.66 13.67 -0.18
C PRO E 20 35.85 14.22 -1.37
N HIS E 21 34.61 14.65 -1.15
CA HIS E 21 33.83 15.16 -2.27
C HIS E 21 34.10 16.65 -2.39
N ALA E 22 34.16 17.33 -1.24
CA ALA E 22 34.59 18.71 -1.18
C ALA E 22 35.98 18.84 -1.80
N ALA E 23 36.88 17.95 -1.44
CA ALA E 23 38.24 18.07 -1.94
C ALA E 23 38.27 17.77 -3.44
N MET E 24 37.34 16.93 -3.91
CA MET E 24 37.29 16.59 -5.32
C MET E 24 36.91 17.83 -6.13
N ILE E 25 35.93 18.57 -5.63
CA ILE E 25 35.45 19.75 -6.34
C ILE E 25 36.52 20.85 -6.31
N LEU E 26 37.23 21.02 -5.18
CA LEU E 26 38.30 22.01 -5.11
C LEU E 26 39.33 21.67 -6.17
N GLY E 27 39.67 20.39 -6.23
CA GLY E 27 40.55 19.89 -7.28
C GLY E 27 39.98 20.10 -8.68
N ASP E 28 38.69 19.83 -8.83
CA ASP E 28 38.01 19.98 -10.11
C ASP E 28 38.26 21.40 -10.59
N LEU E 29 38.09 22.42 -9.73
CA LEU E 29 38.18 23.80 -10.12
C LEU E 29 39.63 24.31 -10.06
N GLY E 30 40.60 23.40 -10.11
CA GLY E 30 42.00 23.76 -10.32
C GLY E 30 42.88 23.82 -9.07
N ALA E 31 42.30 23.76 -7.85
CA ALA E 31 43.07 23.80 -6.59
C ALA E 31 44.10 22.68 -6.56
N ASP E 32 45.22 22.91 -5.82
CA ASP E 32 46.28 21.92 -5.65
C ASP E 32 46.02 21.11 -4.37
N VAL E 33 45.60 19.86 -4.58
CA VAL E 33 44.98 19.09 -3.52
C VAL E 33 45.88 17.90 -3.22
N VAL E 34 46.34 17.86 -1.97
CA VAL E 34 47.21 16.77 -1.57
C VAL E 34 46.50 15.98 -0.47
N ARG E 35 46.40 14.67 -0.70
CA ARG E 35 45.57 13.81 0.14
C ARG E 35 46.43 12.82 0.93
N ILE E 36 46.33 12.90 2.26
CA ILE E 36 47.18 12.13 3.15
C ILE E 36 46.43 10.88 3.59
N ASP E 37 46.93 9.72 3.20
CA ASP E 37 46.30 8.47 3.58
C ASP E 37 47.23 7.62 4.45
N ARG E 38 46.63 6.62 5.12
CA ARG E 38 47.38 5.60 5.84
C ARG E 38 48.25 4.83 4.86
N PRO E 39 49.42 4.30 5.28
CA PRO E 39 50.16 3.31 4.48
C PRO E 39 49.35 2.02 4.30
N SER E 40 48.51 1.69 5.30
CA SER E 40 47.67 0.50 5.28
C SER E 40 46.49 0.64 4.31
N SER E 41 46.27 1.84 3.75
CA SER E 41 45.19 2.14 2.80
C SER E 41 43.83 1.84 3.42
N ILE E 45 47.19 2.16 -7.55
CA ILE E 45 46.39 3.28 -8.16
C ILE E 45 44.90 3.09 -7.79
N SER E 46 44.28 4.18 -7.34
CA SER E 46 42.96 4.13 -6.72
C SER E 46 41.87 3.82 -7.76
N ARG E 47 40.83 3.18 -7.23
CA ARG E 47 39.72 2.63 -8.01
C ARG E 47 38.58 3.65 -8.07
N ASP E 48 38.54 4.57 -7.08
CA ASP E 48 37.44 5.49 -6.86
C ASP E 48 37.68 6.80 -7.62
N ALA E 49 36.82 7.07 -8.62
CA ALA E 49 36.89 8.28 -9.41
C ALA E 49 36.66 9.52 -8.54
N MET E 50 36.21 9.35 -7.28
CA MET E 50 36.01 10.50 -6.40
C MET E 50 37.36 11.08 -5.94
N LEU E 51 38.47 10.36 -6.23
CA LEU E 51 39.82 10.78 -5.87
C LEU E 51 40.59 11.30 -7.09
N ARG E 52 39.86 11.85 -8.04
CA ARG E 52 40.46 12.52 -9.18
C ARG E 52 40.95 13.90 -8.76
N ASN E 53 41.82 14.50 -9.58
CA ASN E 53 42.40 15.81 -9.33
C ASN E 53 43.10 15.85 -7.97
N ARG E 54 43.95 14.83 -7.74
CA ARG E 54 44.53 14.52 -6.44
C ARG E 54 46.02 14.17 -6.56
N ARG E 55 46.84 14.64 -5.60
CA ARG E 55 48.07 13.93 -5.26
C ARG E 55 47.87 13.16 -3.95
N ILE E 56 48.07 11.81 -4.01
CA ILE E 56 47.95 10.90 -2.87
C ILE E 56 49.32 10.72 -2.22
N VAL E 57 49.40 10.87 -0.89
CA VAL E 57 50.63 10.56 -0.16
C VAL E 57 50.29 9.64 1.02
N THR E 58 51.28 8.81 1.40
CA THR E 58 51.26 7.98 2.60
C THR E 58 51.85 8.74 3.79
N ALA E 59 51.27 8.52 4.98
CA ALA E 59 51.91 8.92 6.22
C ALA E 59 51.10 8.43 7.42
N ASP E 60 51.67 7.45 8.14
CA ASP E 60 51.21 7.07 9.47
C ASP E 60 51.27 8.30 10.37
N LEU E 61 50.09 8.86 10.67
CA LEU E 61 49.96 10.08 11.46
C LEU E 61 50.15 9.82 12.94
N LYS E 62 50.08 8.55 13.35
CA LYS E 62 50.29 8.21 14.75
C LYS E 62 51.79 8.25 15.07
N SER E 63 52.66 8.01 14.08
CA SER E 63 54.10 8.11 14.28
C SER E 63 54.56 9.58 14.27
N ASP E 64 55.74 9.83 14.85
CA ASP E 64 56.29 11.17 15.01
C ASP E 64 56.86 11.69 13.70
N GLN E 65 57.21 10.78 12.78
CA GLN E 65 57.74 11.16 11.48
C GLN E 65 56.61 11.70 10.58
N GLY E 66 55.49 10.97 10.54
CA GLY E 66 54.27 11.42 9.89
C GLY E 66 53.84 12.80 10.40
N LEU E 67 53.61 12.93 11.72
CA LEU E 67 53.07 14.15 12.27
C LEU E 67 53.94 15.36 11.89
N GLU E 68 55.25 15.15 11.82
CA GLU E 68 56.15 16.24 11.50
C GLU E 68 55.99 16.58 10.01
N LEU E 69 56.01 15.56 9.14
CA LEU E 69 55.85 15.71 7.69
C LEU E 69 54.52 16.39 7.33
N ALA E 70 53.43 15.87 7.90
CA ALA E 70 52.08 16.38 7.69
C ALA E 70 51.97 17.83 8.16
N LEU E 71 52.66 18.19 9.26
CA LEU E 71 52.61 19.57 9.74
C LEU E 71 53.39 20.50 8.81
N LYS E 72 54.28 19.95 7.97
CA LYS E 72 55.07 20.76 7.05
C LYS E 72 54.23 21.07 5.81
N LEU E 73 53.52 20.06 5.26
CA LEU E 73 52.47 20.31 4.27
C LEU E 73 51.55 21.42 4.76
N ILE E 74 50.95 21.23 5.94
CA ILE E 74 49.92 22.15 6.42
C ILE E 74 50.44 23.59 6.53
N ALA E 75 51.77 23.75 6.74
CA ALA E 75 52.38 25.08 6.85
C ALA E 75 52.43 25.78 5.48
N LYS E 76 52.58 25.01 4.40
CA LYS E 76 52.74 25.54 3.05
C LYS E 76 51.39 25.70 2.33
N ALA E 77 50.27 25.46 3.04
CA ALA E 77 48.98 25.24 2.41
C ALA E 77 47.95 26.20 2.96
N ASP E 78 46.86 26.38 2.19
CA ASP E 78 45.82 27.34 2.52
C ASP E 78 44.68 26.67 3.29
N VAL E 79 44.43 25.41 2.95
CA VAL E 79 43.22 24.78 3.44
C VAL E 79 43.53 23.40 3.98
N LEU E 80 42.96 23.10 5.14
CA LEU E 80 42.98 21.71 5.57
C LEU E 80 41.54 21.21 5.72
N ILE E 81 41.35 19.99 5.22
CA ILE E 81 40.07 19.29 5.31
C ILE E 81 40.26 18.01 6.12
N GLU E 82 39.45 17.91 7.16
CA GLU E 82 39.39 16.66 7.90
C GLU E 82 37.92 16.34 8.18
N GLY E 83 37.58 15.04 8.12
CA GLY E 83 36.25 14.58 8.47
C GLY E 83 36.22 13.36 9.38
N TYR E 84 37.06 13.42 10.43
CA TYR E 84 37.02 12.46 11.53
C TYR E 84 36.11 13.00 12.61
N ARG E 85 35.86 12.17 13.64
CA ARG E 85 35.06 12.64 14.75
C ARG E 85 35.84 13.76 15.42
N PRO E 86 35.14 14.66 16.12
CA PRO E 86 35.79 15.71 16.90
C PRO E 86 36.80 15.09 17.88
N GLY E 87 37.94 15.76 18.08
CA GLY E 87 38.96 15.29 19.01
C GLY E 87 40.03 14.44 18.32
N VAL E 88 39.73 13.87 17.15
CA VAL E 88 40.65 12.95 16.50
C VAL E 88 41.89 13.68 15.96
N THR E 89 41.69 14.87 15.37
CA THR E 89 42.84 15.61 14.90
C THR E 89 43.59 16.14 16.11
N GLU E 90 42.86 16.64 17.11
CA GLU E 90 43.49 17.11 18.34
C GLU E 90 44.50 16.04 18.81
N ARG E 91 44.02 14.79 18.96
CA ARG E 91 44.80 13.73 19.56
C ARG E 91 46.05 13.45 18.73
N LEU E 92 45.93 13.48 17.40
CA LEU E 92 47.10 13.23 16.56
C LEU E 92 48.09 14.40 16.66
N GLY E 93 47.65 15.57 17.19
CA GLY E 93 48.43 16.81 17.14
C GLY E 93 48.35 17.52 15.78
N LEU E 94 47.18 17.40 15.13
CA LEU E 94 46.86 18.11 13.91
C LEU E 94 45.62 18.97 14.13
N GLY E 95 45.27 19.20 15.38
CA GLY E 95 44.14 20.03 15.78
C GLY E 95 44.28 21.47 15.29
N PRO E 96 43.22 22.30 15.38
CA PRO E 96 43.30 23.64 14.82
C PRO E 96 44.50 24.38 15.42
N GLU E 97 44.65 24.30 16.76
CA GLU E 97 45.64 25.09 17.49
C GLU E 97 47.08 24.74 17.11
N GLU E 98 47.40 23.44 17.06
CA GLU E 98 48.69 22.96 16.58
C GLU E 98 48.99 23.41 15.15
N CYS E 99 47.94 23.46 14.34
CA CYS E 99 48.09 23.86 12.95
C CYS E 99 48.32 25.38 12.92
N ALA E 100 47.61 26.13 13.78
CA ALA E 100 47.70 27.58 13.88
C ALA E 100 49.13 28.02 14.24
N LYS E 101 49.84 27.19 15.00
CA LYS E 101 51.22 27.47 15.39
C LYS E 101 52.09 27.55 14.15
N VAL E 102 51.90 26.63 13.20
CA VAL E 102 52.78 26.56 12.03
C VAL E 102 52.19 27.31 10.83
N ASN E 103 51.02 27.98 10.98
CA ASN E 103 50.32 28.62 9.86
C ASN E 103 49.08 29.38 10.33
N ASP E 104 49.20 30.67 10.68
CA ASP E 104 48.06 31.39 11.26
C ASP E 104 47.06 31.84 10.18
N ARG E 105 47.32 31.45 8.92
CA ARG E 105 46.47 31.86 7.80
C ARG E 105 45.69 30.66 7.24
N LEU E 106 45.72 29.52 7.92
CA LEU E 106 45.15 28.28 7.41
C LEU E 106 43.63 28.30 7.58
N ILE E 107 42.93 27.83 6.55
CA ILE E 107 41.51 27.57 6.69
C ILE E 107 41.35 26.11 7.12
N TYR E 108 40.74 25.97 8.30
CA TYR E 108 40.62 24.68 9.00
C TYR E 108 39.19 24.17 8.86
N ALA E 109 39.00 23.18 7.99
CA ALA E 109 37.64 22.83 7.60
C ALA E 109 37.28 21.44 8.15
N ARG E 110 36.31 21.47 9.07
CA ARG E 110 35.90 20.31 9.84
C ARG E 110 34.52 19.80 9.36
N MET E 111 34.54 18.62 8.73
CA MET E 111 33.38 17.99 8.09
C MET E 111 32.85 16.86 8.99
N THR E 112 31.70 17.11 9.61
CA THR E 112 31.08 16.14 10.49
C THR E 112 29.60 16.08 10.17
N GLY E 113 28.93 15.09 10.76
CA GLY E 113 27.49 14.95 10.61
C GLY E 113 26.79 15.72 11.71
N TRP E 114 27.21 15.47 12.97
CA TRP E 114 26.52 16.05 14.11
C TRP E 114 27.14 17.41 14.54
N GLY E 115 28.33 17.75 14.05
CA GLY E 115 28.98 18.96 14.55
C GLY E 115 30.04 18.69 15.61
N GLN E 116 30.65 19.78 16.10
CA GLN E 116 31.89 19.69 16.85
C GLN E 116 31.55 19.44 18.32
N THR E 117 30.35 19.82 18.76
CA THR E 117 29.97 19.58 20.14
C THR E 117 28.49 19.25 20.26
N GLY E 118 28.06 18.96 21.49
CA GLY E 118 26.70 18.58 21.81
C GLY E 118 26.60 17.07 21.98
N PRO E 119 25.44 16.60 22.46
CA PRO E 119 25.27 15.20 22.89
C PRO E 119 25.57 14.12 21.84
N ARG E 120 25.44 14.44 20.55
CA ARG E 120 25.63 13.40 19.55
C ARG E 120 26.98 13.53 18.88
N SER E 121 27.84 14.44 19.34
CA SER E 121 29.03 14.81 18.59
C SER E 121 29.99 13.66 18.48
N GLN E 122 29.86 12.65 19.35
CA GLN E 122 30.73 11.47 19.25
C GLN E 122 29.99 10.24 18.69
N GLN E 123 28.65 10.27 18.54
CA GLN E 123 27.90 9.17 17.95
C GLN E 123 28.31 8.92 16.50
N ALA E 124 28.48 7.66 16.15
CA ALA E 124 28.64 7.27 14.75
C ALA E 124 27.34 7.57 14.00
N GLY E 125 27.46 7.64 12.69
CA GLY E 125 26.30 7.99 11.88
C GLY E 125 26.62 7.99 10.39
N HIS E 126 25.53 8.04 9.62
CA HIS E 126 25.63 8.24 8.18
C HIS E 126 24.48 9.16 7.77
N ASP E 127 24.49 9.51 6.48
CA ASP E 127 23.57 10.48 5.92
C ASP E 127 22.17 10.30 6.46
N ILE E 128 21.66 9.07 6.37
CA ILE E 128 20.27 8.80 6.71
C ILE E 128 19.94 9.18 8.15
N ASN E 129 20.95 9.12 9.04
CA ASN E 129 20.78 9.49 10.44
C ASN E 129 20.66 11.01 10.57
N TYR E 130 21.57 11.73 9.89
CA TYR E 130 21.61 13.19 10.03
C TYR E 130 20.30 13.80 9.55
N ILE E 131 19.76 13.26 8.43
CA ILE E 131 18.51 13.78 7.87
C ILE E 131 17.28 13.25 8.58
N SER E 132 17.41 12.24 9.44
CA SER E 132 16.23 11.80 10.18
C SER E 132 15.86 12.81 11.29
N LEU E 133 16.88 13.50 11.80
CA LEU E 133 16.77 14.22 13.04
C LEU E 133 16.29 15.66 12.85
N ASN E 134 16.32 16.14 11.60
CA ASN E 134 16.00 17.53 11.29
C ASN E 134 14.77 17.63 10.40
N GLY E 135 13.97 16.55 10.27
CA GLY E 135 12.67 16.59 9.61
C GLY E 135 12.68 16.30 8.10
N ILE E 136 13.87 16.19 7.52
CA ILE E 136 14.01 16.00 6.09
C ILE E 136 13.53 14.60 5.67
N LEU E 137 14.13 13.55 6.24
CA LEU E 137 13.83 12.21 5.81
C LEU E 137 12.34 11.93 5.92
N HIS E 138 11.70 12.50 6.94
CA HIS E 138 10.29 12.25 7.18
C HIS E 138 9.45 12.70 5.99
N ALA E 139 9.95 13.68 5.25
CA ALA E 139 9.12 14.33 4.26
C ALA E 139 9.25 13.67 2.89
N ILE E 140 10.13 12.65 2.74
CA ILE E 140 10.46 12.07 1.44
C ILE E 140 9.83 10.69 1.29
N GLY E 141 8.97 10.55 0.26
CA GLY E 141 8.36 9.30 -0.14
C GLY E 141 6.83 9.38 -0.24
N ARG E 142 6.20 8.28 -0.62
CA ARG E 142 4.74 8.21 -0.69
C ARG E 142 4.10 8.22 0.70
N GLY E 143 2.88 8.75 0.76
CA GLY E 143 2.18 8.99 2.00
C GLY E 143 1.83 7.69 2.74
N ASP E 144 1.60 6.64 1.97
CA ASP E 144 1.12 5.38 2.53
C ASP E 144 2.29 4.46 2.92
N GLU E 145 3.55 4.95 2.97
CA GLU E 145 4.69 4.06 3.13
C GLU E 145 5.74 4.68 4.03
N ARG E 146 6.70 3.87 4.44
CA ARG E 146 7.73 4.41 5.29
C ARG E 146 8.66 5.33 4.49
N PRO E 147 9.27 6.35 5.11
CA PRO E 147 10.08 7.31 4.37
C PRO E 147 11.16 6.58 3.59
N VAL E 148 11.56 7.19 2.47
CA VAL E 148 12.58 6.59 1.62
C VAL E 148 13.79 7.52 1.59
N PRO E 149 15.01 7.02 1.74
CA PRO E 149 16.20 7.83 1.69
C PRO E 149 16.51 8.29 0.27
N PRO E 150 16.81 9.58 0.10
CA PRO E 150 17.17 10.13 -1.20
C PRO E 150 18.65 9.90 -1.44
N LEU E 151 19.00 8.62 -1.61
CA LEU E 151 20.36 8.15 -1.49
C LEU E 151 21.03 8.89 -0.31
N ASN E 152 22.32 9.15 -0.45
CA ASN E 152 23.06 10.03 0.46
C ASN E 152 23.34 11.39 -0.17
N LEU E 153 22.34 11.99 -0.86
CA LEU E 153 22.53 13.20 -1.63
C LEU E 153 22.35 14.40 -0.74
N VAL E 154 21.44 14.31 0.22
CA VAL E 154 21.03 15.48 0.96
C VAL E 154 21.92 15.76 2.17
N GLY E 155 22.42 14.75 2.86
CA GLY E 155 23.24 14.99 4.05
C GLY E 155 24.74 15.02 3.70
N ASP E 156 25.24 13.95 3.10
CA ASP E 156 26.63 13.94 2.69
C ASP E 156 26.95 15.08 1.71
N PHE E 157 26.12 15.30 0.67
CA PHE E 157 26.62 16.11 -0.43
C PHE E 157 25.96 17.48 -0.37
N GLY E 158 24.64 17.55 -0.62
CA GLY E 158 23.93 18.81 -0.68
C GLY E 158 24.12 19.64 0.59
N GLY E 159 23.97 18.99 1.75
CA GLY E 159 23.97 19.70 2.99
C GLY E 159 25.28 19.48 3.75
N GLY E 160 26.23 18.85 3.07
CA GLY E 160 27.46 18.39 3.70
C GLY E 160 28.67 19.02 3.04
N SER E 161 29.26 18.29 2.10
CA SER E 161 30.37 18.73 1.30
C SER E 161 30.12 20.14 0.75
N MET E 162 28.93 20.39 0.19
CA MET E 162 28.71 21.66 -0.49
C MET E 162 28.82 22.80 0.51
N PHE E 163 28.35 22.62 1.76
CA PHE E 163 28.42 23.69 2.74
C PHE E 163 29.83 23.83 3.30
N LEU E 164 30.59 22.73 3.34
CA LEU E 164 32.00 22.80 3.66
C LEU E 164 32.69 23.69 2.61
N LEU E 165 32.36 23.47 1.34
CA LEU E 165 32.95 24.25 0.26
C LEU E 165 32.63 25.74 0.46
N VAL E 166 31.38 26.07 0.74
CA VAL E 166 31.00 27.46 0.89
C VAL E 166 31.74 28.09 2.08
N GLY E 167 31.95 27.32 3.15
CA GLY E 167 32.66 27.81 4.32
C GLY E 167 34.13 28.11 4.02
N ILE E 168 34.81 27.17 3.38
CA ILE E 168 36.17 27.37 2.91
C ILE E 168 36.32 28.64 2.08
N LEU E 169 35.54 28.76 0.99
CA LEU E 169 35.70 29.88 0.06
C LEU E 169 35.25 31.17 0.72
N ALA E 170 34.18 31.16 1.50
CA ALA E 170 33.77 32.34 2.25
C ALA E 170 34.83 32.78 3.26
N ALA E 171 35.59 31.82 3.80
CA ALA E 171 36.61 32.16 4.80
C ALA E 171 37.84 32.72 4.10
N LEU E 172 38.23 32.12 2.96
CA LEU E 172 39.28 32.63 2.10
C LEU E 172 39.01 34.10 1.73
N TRP E 173 37.76 34.42 1.40
CA TRP E 173 37.40 35.80 1.10
C TRP E 173 37.72 36.70 2.29
N GLU E 174 37.23 36.31 3.45
CA GLU E 174 37.43 37.03 4.70
C GLU E 174 38.92 37.23 5.00
N ARG E 175 39.73 36.22 4.65
CA ARG E 175 41.16 36.23 4.90
C ARG E 175 41.86 37.30 4.05
N GLN E 176 41.33 37.61 2.86
CA GLN E 176 41.92 38.64 2.01
C GLN E 176 41.88 39.95 2.80
N SER E 177 40.81 40.19 3.55
CA SER E 177 40.60 41.43 4.27
C SER E 177 41.15 41.38 5.71
N SER E 178 41.48 40.21 6.27
CA SER E 178 41.90 40.22 7.67
C SER E 178 43.27 39.56 7.88
N GLY E 179 43.80 38.85 6.88
CA GLY E 179 45.10 38.19 6.96
C GLY E 179 45.09 36.87 7.75
N LYS E 180 44.00 36.57 8.47
CA LYS E 180 43.91 35.42 9.37
C LYS E 180 43.01 34.30 8.81
N GLY E 181 43.43 33.06 9.04
CA GLY E 181 42.61 31.88 8.87
C GLY E 181 41.53 31.78 9.95
N GLN E 182 40.87 30.61 10.04
CA GLN E 182 39.90 30.35 11.08
C GLN E 182 39.35 28.95 10.85
N VAL E 183 38.44 28.53 11.72
CA VAL E 183 37.95 27.16 11.70
C VAL E 183 36.52 27.15 11.14
N VAL E 184 36.29 26.23 10.19
CA VAL E 184 34.96 26.02 9.62
C VAL E 184 34.37 24.72 10.17
N ASP E 185 33.27 24.88 10.93
CA ASP E 185 32.46 23.79 11.45
C ASP E 185 31.23 23.62 10.56
N ALA E 186 31.34 22.63 9.64
CA ALA E 186 30.29 22.22 8.71
C ALA E 186 29.68 20.89 9.16
N ALA E 187 28.51 20.99 9.78
CA ALA E 187 27.79 19.83 10.25
C ALA E 187 26.65 19.51 9.27
N MET E 188 26.59 18.26 8.75
CA MET E 188 25.54 17.80 7.83
C MET E 188 24.15 18.09 8.35
N VAL E 189 23.93 18.02 9.67
CA VAL E 189 22.61 18.30 10.21
C VAL E 189 22.27 19.80 10.09
N ASP E 190 23.31 20.65 9.97
CA ASP E 190 23.08 22.09 9.83
C ASP E 190 22.85 22.44 8.34
N GLY E 191 23.84 22.10 7.51
CA GLY E 191 23.76 22.37 6.09
C GLY E 191 22.45 21.87 5.49
N SER E 192 22.11 20.60 5.76
CA SER E 192 20.94 20.00 5.19
C SER E 192 19.73 20.79 5.63
N SER E 193 19.74 21.38 6.84
CA SER E 193 18.63 22.19 7.31
C SER E 193 18.50 23.50 6.51
N VAL E 194 19.62 24.09 6.09
CA VAL E 194 19.57 25.32 5.32
C VAL E 194 19.18 24.93 3.91
N LEU E 195 19.61 23.75 3.50
CA LEU E 195 19.29 23.29 2.17
C LEU E 195 17.77 23.22 2.02
N ILE E 196 17.06 22.95 3.10
CA ILE E 196 15.62 22.79 3.02
C ILE E 196 14.92 24.01 3.62
N GLN E 197 15.59 25.17 3.63
CA GLN E 197 14.99 26.35 4.21
C GLN E 197 13.63 26.66 3.56
N MET E 198 13.46 26.38 2.26
CA MET E 198 12.19 26.67 1.60
C MET E 198 11.04 25.95 2.30
N MET E 199 11.24 24.67 2.67
CA MET E 199 10.15 23.94 3.30
C MET E 199 9.82 24.59 4.64
N TRP E 200 10.83 24.99 5.41
CA TRP E 200 10.59 25.66 6.68
C TRP E 200 9.88 27.01 6.47
N ALA E 201 10.19 27.72 5.38
CA ALA E 201 9.49 28.94 5.02
C ALA E 201 8.01 28.67 4.71
N MET E 202 7.76 27.80 3.73
CA MET E 202 6.39 27.46 3.36
C MET E 202 5.61 26.96 4.57
N ARG E 203 6.30 26.31 5.51
CA ARG E 203 5.64 25.69 6.65
C ARG E 203 5.06 26.76 7.54
N ALA E 204 5.82 27.83 7.74
CA ALA E 204 5.41 28.97 8.57
C ALA E 204 4.15 29.65 8.01
N THR E 205 4.00 29.66 6.69
CA THR E 205 2.89 30.36 6.07
C THR E 205 1.81 29.37 5.63
N GLY E 206 1.74 28.23 6.34
CA GLY E 206 0.75 27.20 6.11
C GLY E 206 0.72 26.62 4.70
N MET E 207 1.81 26.75 3.92
CA MET E 207 1.84 26.24 2.55
C MET E 207 2.62 24.92 2.44
N TRP E 208 2.98 24.31 3.57
CA TRP E 208 3.61 22.99 3.58
C TRP E 208 3.16 22.29 4.85
N THR E 209 2.75 21.01 4.75
CA THR E 209 2.39 20.22 5.92
C THR E 209 3.37 19.07 6.12
N ASP E 210 3.36 18.56 7.37
CA ASP E 210 4.22 17.48 7.80
C ASP E 210 3.69 16.14 7.29
N THR E 211 2.51 16.13 6.70
CA THR E 211 2.02 14.94 6.04
C THR E 211 2.85 14.63 4.81
N ARG E 212 3.42 13.42 4.79
CA ARG E 212 4.23 12.97 3.67
C ARG E 212 3.30 12.71 2.50
N GLY E 213 3.73 13.11 1.30
CA GLY E 213 3.00 12.79 0.07
C GLY E 213 1.77 13.66 -0.16
N ALA E 214 1.73 14.83 0.48
CA ALA E 214 0.57 15.71 0.41
C ALA E 214 0.95 17.16 0.11
N ASN E 215 2.11 17.45 -0.47
CA ASN E 215 2.51 18.84 -0.69
C ASN E 215 2.79 19.08 -2.17
N MET E 216 3.12 20.31 -2.54
CA MET E 216 3.26 20.66 -3.96
C MET E 216 4.47 19.95 -4.57
N LEU E 217 5.52 19.67 -3.78
CA LEU E 217 6.79 19.24 -4.34
C LEU E 217 7.26 17.88 -3.79
N ASP E 218 6.40 17.14 -3.08
CA ASP E 218 6.84 15.85 -2.53
C ASP E 218 6.28 14.67 -3.31
N GLY E 219 5.50 14.96 -4.36
CA GLY E 219 4.88 13.91 -5.13
C GLY E 219 3.38 13.97 -4.94
N GLY E 220 2.94 14.74 -3.95
CA GLY E 220 1.51 14.92 -3.73
C GLY E 220 0.76 15.58 -4.89
N ALA E 221 1.39 16.53 -5.61
CA ALA E 221 0.67 17.22 -6.67
C ALA E 221 0.68 16.39 -7.94
N PRO E 222 -0.47 16.22 -8.61
CA PRO E 222 -0.50 15.48 -9.86
C PRO E 222 0.32 16.10 -10.98
N TYR E 223 0.57 17.41 -10.85
CA TYR E 223 1.32 18.13 -11.87
C TYR E 223 2.81 18.16 -11.53
N TYR E 224 3.23 17.53 -10.41
CA TYR E 224 4.63 17.50 -9.98
C TYR E 224 4.94 16.11 -9.44
N ASP E 225 5.23 15.18 -10.37
CA ASP E 225 5.34 13.77 -10.04
C ASP E 225 5.82 13.04 -11.28
N THR E 226 6.06 11.74 -11.13
CA THR E 226 6.37 10.88 -12.24
C THR E 226 5.10 10.10 -12.63
N TYR E 227 5.08 9.63 -13.88
CA TYR E 227 4.00 8.82 -14.40
C TYR E 227 4.61 7.66 -15.16
N GLU E 228 4.00 6.49 -15.01
CA GLU E 228 4.44 5.33 -15.74
C GLU E 228 3.77 5.34 -17.12
N CYS E 229 4.53 4.95 -18.14
CA CYS E 229 4.14 5.02 -19.55
C CYS E 229 3.84 3.60 -20.06
N ALA E 230 3.43 3.47 -21.32
CA ALA E 230 2.96 2.19 -21.86
C ALA E 230 4.05 1.14 -21.81
N ASP E 231 5.31 1.57 -21.88
CA ASP E 231 6.43 0.64 -21.95
C ASP E 231 6.95 0.30 -20.55
N GLY E 232 6.34 0.82 -19.48
CA GLY E 232 6.84 0.52 -18.15
C GLY E 232 7.95 1.48 -17.71
N ARG E 233 8.34 2.44 -18.57
CA ARG E 233 9.30 3.46 -18.22
C ARG E 233 8.54 4.71 -17.81
N TYR E 234 9.24 5.77 -17.41
CA TYR E 234 8.60 6.87 -16.70
C TYR E 234 8.90 8.20 -17.35
N VAL E 235 8.01 9.15 -17.07
CA VAL E 235 8.25 10.56 -17.35
C VAL E 235 8.10 11.32 -16.05
N ALA E 236 8.69 12.51 -16.04
CA ALA E 236 8.51 13.47 -14.98
C ALA E 236 7.71 14.66 -15.48
N VAL E 237 6.78 15.07 -14.63
CA VAL E 237 5.93 16.20 -14.88
C VAL E 237 6.21 17.22 -13.80
N GLY E 238 6.47 18.47 -14.23
CA GLY E 238 6.79 19.55 -13.32
C GLY E 238 6.07 20.84 -13.67
N ALA E 239 4.84 20.70 -14.14
CA ALA E 239 4.08 21.78 -14.74
C ALA E 239 3.34 22.56 -13.68
N ILE E 240 4.11 23.35 -12.94
CA ILE E 240 3.57 24.08 -11.81
C ILE E 240 2.78 25.30 -12.28
N GLU E 241 3.36 26.08 -13.21
CA GLU E 241 2.78 27.34 -13.66
C GLU E 241 1.57 27.05 -14.54
N PRO E 242 0.46 27.76 -14.35
CA PRO E 242 -0.76 27.40 -15.06
C PRO E 242 -0.57 27.30 -16.57
N GLN E 243 0.29 28.14 -17.15
CA GLN E 243 0.42 28.19 -18.60
CA GLN E 243 0.45 28.19 -18.61
C GLN E 243 1.10 26.91 -19.07
N PHE E 244 2.06 26.43 -18.26
CA PHE E 244 2.82 25.24 -18.62
C PHE E 244 1.95 24.00 -18.41
N TYR E 245 1.14 24.03 -17.36
CA TYR E 245 0.15 22.98 -17.12
C TYR E 245 -0.82 22.92 -18.32
N ALA E 246 -1.31 24.05 -18.82
CA ALA E 246 -2.26 23.97 -19.94
C ALA E 246 -1.61 23.33 -21.15
N ALA E 247 -0.33 23.67 -21.37
CA ALA E 247 0.39 23.12 -22.50
C ALA E 247 0.51 21.61 -22.40
N MET E 248 0.71 21.14 -21.18
CA MET E 248 0.80 19.71 -20.90
C MET E 248 -0.52 19.00 -21.25
N LEU E 249 -1.64 19.53 -20.75
CA LEU E 249 -2.94 18.92 -20.98
C LEU E 249 -3.21 18.78 -22.48
N ALA E 250 -2.92 19.83 -23.24
CA ALA E 250 -3.16 19.80 -24.68
C ALA E 250 -2.31 18.75 -25.35
N GLY E 251 -1.06 18.57 -24.92
CA GLY E 251 -0.20 17.58 -25.54
C GLY E 251 -0.68 16.17 -25.21
N LEU E 252 -1.36 16.03 -24.06
CA LEU E 252 -1.92 14.75 -23.64
C LEU E 252 -3.28 14.51 -24.31
N GLY E 253 -3.81 15.52 -25.00
CA GLY E 253 -5.06 15.35 -25.71
C GLY E 253 -6.23 15.50 -24.75
N LEU E 254 -6.00 16.17 -23.61
CA LEU E 254 -7.06 16.32 -22.63
C LEU E 254 -7.55 17.75 -22.65
N ASP E 255 -8.86 17.85 -22.51
CA ASP E 255 -9.57 19.10 -22.61
C ASP E 255 -9.71 19.62 -21.19
N ALA E 256 -9.17 20.80 -20.89
CA ALA E 256 -9.19 21.35 -19.54
C ALA E 256 -10.60 21.44 -18.97
N ALA E 257 -11.62 21.52 -19.84
CA ALA E 257 -12.99 21.74 -19.42
C ALA E 257 -13.53 20.50 -18.69
N GLU E 258 -12.98 19.33 -19.00
CA GLU E 258 -13.45 18.08 -18.44
C GLU E 258 -12.68 17.71 -17.15
N LEU E 259 -11.61 18.44 -16.80
CA LEU E 259 -10.77 18.06 -15.68
C LEU E 259 -11.07 18.91 -14.47
N PRO E 260 -10.77 18.43 -13.25
CA PRO E 260 -10.88 19.27 -12.06
C PRO E 260 -9.81 20.35 -12.14
N PRO E 261 -9.95 21.46 -11.41
CA PRO E 261 -8.93 22.51 -11.38
C PRO E 261 -7.56 21.99 -10.95
N GLN E 262 -6.51 22.59 -11.47
CA GLN E 262 -5.16 22.16 -11.21
C GLN E 262 -4.89 22.07 -9.69
N ASN E 263 -5.38 23.04 -8.92
CA ASN E 263 -5.00 23.14 -7.54
C ASN E 263 -6.19 22.96 -6.60
N ASP E 264 -7.23 22.25 -7.04
CA ASP E 264 -8.24 21.75 -6.12
C ASP E 264 -7.71 20.43 -5.56
N ARG E 265 -7.06 20.52 -4.39
CA ARG E 265 -6.42 19.37 -3.78
C ARG E 265 -7.42 18.26 -3.46
N ALA E 266 -8.69 18.59 -3.20
CA ALA E 266 -9.69 17.58 -2.86
C ALA E 266 -9.86 16.60 -4.02
N ARG E 267 -9.59 17.05 -5.25
CA ARG E 267 -9.86 16.31 -6.48
C ARG E 267 -8.58 15.86 -7.16
N TRP E 268 -7.47 15.99 -6.45
CA TRP E 268 -6.20 15.53 -6.94
C TRP E 268 -6.21 14.04 -7.28
N PRO E 269 -6.80 13.14 -6.46
CA PRO E 269 -6.84 11.74 -6.87
C PRO E 269 -7.56 11.58 -8.21
N GLU E 270 -8.64 12.33 -8.43
CA GLU E 270 -9.39 12.26 -9.69
C GLU E 270 -8.51 12.79 -10.85
N LEU E 271 -7.92 13.97 -10.65
CA LEU E 271 -6.97 14.53 -11.61
C LEU E 271 -5.84 13.54 -11.89
N ARG E 272 -5.27 12.92 -10.87
CA ARG E 272 -4.15 12.01 -11.07
C ARG E 272 -4.59 10.79 -11.87
N ALA E 273 -5.82 10.31 -11.66
CA ALA E 273 -6.28 9.16 -12.41
C ALA E 273 -6.36 9.48 -13.91
N LEU E 274 -6.90 10.63 -14.28
CA LEU E 274 -7.05 11.02 -15.68
C LEU E 274 -5.67 11.19 -16.33
N LEU E 275 -4.70 11.81 -15.61
CA LEU E 275 -3.34 11.96 -16.12
C LEU E 275 -2.64 10.60 -16.25
N THR E 276 -2.87 9.71 -15.27
CA THR E 276 -2.27 8.39 -15.30
C THR E 276 -2.69 7.63 -16.55
N GLU E 277 -4.00 7.63 -16.86
CA GLU E 277 -4.51 6.94 -18.03
C GLU E 277 -3.92 7.55 -19.30
N ALA E 278 -3.78 8.88 -19.37
CA ALA E 278 -3.21 9.52 -20.56
C ALA E 278 -1.76 9.12 -20.77
N PHE E 279 -0.92 9.17 -19.72
CA PHE E 279 0.50 8.88 -19.94
C PHE E 279 0.69 7.39 -20.21
N ALA E 280 -0.17 6.55 -19.62
CA ALA E 280 -0.08 5.11 -19.81
C ALA E 280 -0.37 4.70 -21.27
N SER E 281 -0.94 5.59 -22.08
CA SER E 281 -1.36 5.20 -23.42
C SER E 281 -0.23 5.30 -24.45
N HIS E 282 0.92 5.92 -24.12
CA HIS E 282 2.04 5.90 -25.05
C HIS E 282 3.33 5.59 -24.27
N ASP E 283 4.42 5.27 -24.96
CA ASP E 283 5.66 4.92 -24.33
C ASP E 283 6.47 6.17 -24.02
N ARG E 284 7.58 6.01 -23.29
CA ARG E 284 8.25 7.17 -22.72
C ARG E 284 8.80 8.06 -23.83
N ASP E 285 9.41 7.44 -24.82
CA ASP E 285 10.07 8.15 -25.90
C ASP E 285 9.07 8.91 -26.77
N HIS E 286 7.88 8.34 -26.98
CA HIS E 286 6.81 9.09 -27.59
C HIS E 286 6.61 10.43 -26.85
N TRP E 287 6.50 10.39 -25.51
CA TRP E 287 6.17 11.61 -24.80
C TRP E 287 7.32 12.59 -24.90
N GLY E 288 8.54 12.07 -24.98
CA GLY E 288 9.74 12.88 -25.02
C GLY E 288 9.80 13.70 -26.30
N ALA E 289 9.33 13.11 -27.41
CA ALA E 289 9.25 13.73 -28.72
C ALA E 289 8.16 14.81 -28.76
N VAL E 290 6.94 14.36 -28.56
CA VAL E 290 5.77 15.20 -28.44
C VAL E 290 6.06 16.48 -27.67
N PHE E 291 6.85 16.40 -26.58
CA PHE E 291 7.03 17.53 -25.69
C PHE E 291 8.40 18.23 -25.83
N ALA E 292 9.25 17.72 -26.73
CA ALA E 292 10.46 18.44 -27.13
C ALA E 292 10.10 19.87 -27.54
N ASN E 293 10.81 20.85 -26.98
CA ASN E 293 10.69 22.26 -27.28
C ASN E 293 9.45 22.87 -26.66
N SER E 294 8.71 22.13 -25.81
CA SER E 294 7.58 22.72 -25.10
C SER E 294 7.97 23.18 -23.72
N ASP E 295 7.14 24.08 -23.20
CA ASP E 295 7.17 24.45 -21.81
C ASP E 295 6.22 23.60 -20.95
N ALA E 296 5.90 22.41 -21.42
CA ALA E 296 4.96 21.53 -20.72
C ALA E 296 5.58 20.98 -19.44
N CYS E 297 6.91 21.05 -19.32
CA CYS E 297 7.63 20.59 -18.14
C CYS E 297 7.49 19.08 -18.01
N VAL E 298 7.69 18.37 -19.12
CA VAL E 298 7.56 16.94 -19.19
C VAL E 298 8.85 16.46 -19.80
N THR E 299 9.49 15.51 -19.14
CA THR E 299 10.80 15.01 -19.54
C THR E 299 10.82 13.51 -19.30
N PRO E 300 11.63 12.77 -20.06
CA PRO E 300 11.80 11.34 -19.79
C PRO E 300 12.71 11.13 -18.58
N VAL E 301 12.38 10.10 -17.80
CA VAL E 301 13.17 9.73 -16.63
C VAL E 301 14.20 8.73 -17.09
N LEU E 302 15.46 9.17 -17.26
CA LEU E 302 16.51 8.30 -17.76
C LEU E 302 17.21 7.61 -16.59
N ALA E 303 17.53 6.34 -16.82
CA ALA E 303 18.45 5.59 -15.97
C ALA E 303 19.89 5.96 -16.31
N PHE E 304 20.77 5.82 -15.32
CA PHE E 304 22.17 6.17 -15.47
C PHE E 304 22.71 5.73 -16.84
N GLY E 305 22.52 4.46 -17.19
CA GLY E 305 23.12 3.90 -18.38
C GLY E 305 22.59 4.46 -19.71
N GLU E 306 21.54 5.30 -19.69
CA GLU E 306 20.91 5.86 -20.89
C GLU E 306 21.32 7.31 -21.06
N VAL E 307 21.88 7.89 -20.00
CA VAL E 307 22.12 9.31 -19.91
C VAL E 307 23.07 9.77 -21.03
N HIS E 308 24.06 8.92 -21.33
CA HIS E 308 25.12 9.26 -22.29
C HIS E 308 24.55 9.43 -23.70
N ASN E 309 23.33 8.92 -23.96
CA ASN E 309 22.67 9.03 -25.26
C ASN E 309 21.71 10.22 -25.37
N GLU E 310 21.62 11.09 -24.37
CA GLU E 310 20.63 12.15 -24.43
C GLU E 310 21.30 13.39 -25.04
N PRO E 311 20.80 13.86 -26.20
CA PRO E 311 21.39 15.00 -26.89
C PRO E 311 21.78 16.19 -26.04
N HIS E 312 20.93 16.63 -25.12
CA HIS E 312 21.28 17.81 -24.37
C HIS E 312 22.47 17.53 -23.43
N ILE E 313 22.58 16.29 -22.95
CA ILE E 313 23.68 15.87 -22.09
C ILE E 313 24.96 15.86 -22.93
N ILE E 314 24.89 15.22 -24.10
CA ILE E 314 26.03 15.09 -25.01
C ILE E 314 26.61 16.44 -25.39
N GLU E 315 25.76 17.37 -25.77
CA GLU E 315 26.20 18.59 -26.44
C GLU E 315 26.77 19.62 -25.46
N ARG E 316 26.38 19.54 -24.19
CA ARG E 316 26.96 20.45 -23.21
C ARG E 316 28.18 19.82 -22.51
N ASN E 317 28.56 18.58 -22.87
CA ASN E 317 29.67 17.87 -22.26
C ASN E 317 29.49 17.87 -20.73
N THR E 318 28.33 17.40 -20.28
CA THR E 318 28.07 17.29 -18.86
C THR E 318 28.87 16.11 -18.29
N PHE E 319 29.14 15.09 -19.13
CA PHE E 319 29.98 13.95 -18.76
C PHE E 319 31.21 13.84 -19.67
N TYR E 320 32.27 13.19 -19.17
CA TYR E 320 33.40 12.73 -19.95
C TYR E 320 33.57 11.23 -19.66
N GLU E 321 34.20 10.49 -20.58
CA GLU E 321 34.44 9.08 -20.35
C GLU E 321 35.74 8.88 -19.59
N ALA E 322 35.84 7.78 -18.84
CA ALA E 322 37.08 7.45 -18.15
C ALA E 322 37.08 5.96 -17.82
N ASN E 323 38.12 5.24 -18.29
CA ASN E 323 38.45 3.92 -17.77
C ASN E 323 37.42 2.89 -18.21
N GLY E 324 36.23 3.00 -17.63
CA GLY E 324 35.12 2.10 -17.90
C GLY E 324 33.85 2.64 -17.26
N GLY E 325 33.54 3.91 -17.58
CA GLY E 325 32.33 4.57 -17.12
C GLY E 325 32.39 6.08 -17.36
N TRP E 326 31.23 6.68 -17.66
CA TRP E 326 31.10 8.12 -17.69
C TRP E 326 31.15 8.66 -16.27
N GLN E 327 31.61 9.92 -16.15
CA GLN E 327 31.78 10.61 -14.90
C GLN E 327 31.37 12.04 -15.15
N PRO E 328 30.81 12.77 -14.17
CA PRO E 328 30.44 14.16 -14.38
C PRO E 328 31.67 15.04 -14.51
N MET E 329 31.59 15.98 -15.47
CA MET E 329 32.58 17.02 -15.64
C MET E 329 32.38 18.06 -14.54
N PRO E 330 33.42 18.84 -14.24
CA PRO E 330 33.32 19.83 -13.18
C PRO E 330 32.09 20.70 -13.29
N ALA E 331 31.72 21.31 -12.19
CA ALA E 331 30.64 22.26 -12.21
C ALA E 331 30.92 23.24 -11.08
N PRO E 332 30.46 24.51 -11.11
CA PRO E 332 29.82 25.08 -12.29
C PRO E 332 30.91 25.44 -13.29
N ARG E 333 30.58 26.31 -14.25
CA ARG E 333 31.51 26.61 -15.34
C ARG E 333 31.84 28.10 -15.36
N PHE E 334 33.01 28.41 -15.92
CA PHE E 334 33.62 29.72 -15.80
C PHE E 334 34.03 30.25 -17.18
N SER E 335 33.57 31.49 -17.49
CA SER E 335 33.82 32.12 -18.79
C SER E 335 35.32 32.26 -19.07
N ARG E 336 36.04 32.95 -18.17
CA ARG E 336 37.44 33.28 -18.38
C ARG E 336 38.36 32.15 -17.92
N THR E 337 38.33 31.77 -16.63
CA THR E 337 39.26 30.77 -16.11
C THR E 337 38.61 29.41 -16.03
N ALA E 338 38.50 28.73 -17.18
CA ALA E 338 37.63 27.58 -17.27
C ALA E 338 38.32 26.37 -16.65
N SER E 339 37.53 25.48 -16.04
CA SER E 339 38.04 24.19 -15.58
C SER E 339 38.50 23.37 -16.77
N SER E 340 39.24 22.32 -16.47
CA SER E 340 39.71 21.38 -17.47
C SER E 340 39.29 20.00 -17.03
N GLN E 341 39.51 19.03 -17.90
CA GLN E 341 39.02 17.70 -17.64
C GLN E 341 39.73 17.09 -16.46
N PRO E 342 39.01 16.49 -15.48
CA PRO E 342 39.66 15.83 -14.35
C PRO E 342 40.75 14.83 -14.71
N ARG E 343 41.79 14.83 -13.84
CA ARG E 343 42.90 13.88 -13.85
C ARG E 343 42.51 12.65 -13.04
N PRO E 344 42.70 11.43 -13.58
CA PRO E 344 42.39 10.20 -12.84
C PRO E 344 43.26 10.01 -11.62
N PRO E 345 42.81 9.25 -10.60
CA PRO E 345 43.69 8.91 -9.48
C PRO E 345 45.02 8.39 -10.04
N ALA E 346 46.13 9.00 -9.58
CA ALA E 346 47.47 8.55 -9.91
C ALA E 346 48.04 7.77 -8.74
N ALA E 347 49.21 7.14 -8.94
CA ALA E 347 49.93 6.47 -7.87
C ALA E 347 50.40 7.50 -6.84
N THR E 348 51.09 7.01 -5.80
CA THR E 348 51.56 7.85 -4.72
C THR E 348 52.89 8.52 -5.06
N ILE E 349 52.81 9.81 -5.39
CA ILE E 349 53.85 10.77 -5.04
C ILE E 349 53.97 10.74 -3.52
N ASP E 350 55.19 10.49 -2.97
CA ASP E 350 55.43 10.45 -1.54
C ASP E 350 55.98 11.79 -1.04
N ILE E 351 55.81 12.02 0.26
CA ILE E 351 55.45 13.33 0.78
C ILE E 351 56.61 14.34 0.73
N GLU E 352 57.86 13.86 0.58
CA GLU E 352 59.00 14.74 0.44
C GLU E 352 58.95 15.47 -0.89
N ALA E 353 58.57 14.71 -1.94
CA ALA E 353 58.48 15.19 -3.31
C ALA E 353 57.53 16.39 -3.40
N VAL E 354 56.46 16.36 -2.58
CA VAL E 354 55.46 17.42 -2.55
C VAL E 354 56.05 18.66 -1.89
N LEU E 355 56.73 18.47 -0.75
CA LEU E 355 57.39 19.56 -0.03
C LEU E 355 58.47 20.19 -0.91
N THR E 356 59.19 19.37 -1.71
CA THR E 356 59.99 19.87 -2.82
C THR E 356 59.14 20.87 -3.62
N ASP E 357 58.18 20.35 -4.39
CA ASP E 357 57.39 21.14 -5.31
C ASP E 357 56.92 22.43 -4.64
N TRP E 358 56.34 22.34 -3.42
CA TRP E 358 55.92 23.51 -2.69
C TRP E 358 57.13 24.19 -2.07
N ASP E 359 57.79 25.06 -2.85
CA ASP E 359 58.88 25.91 -2.39
C ASP E 359 59.25 25.52 -0.95
N MET F 1 27.92 44.40 9.51
CA MET F 1 27.23 43.12 9.15
C MET F 1 28.09 41.93 9.56
N ALA F 2 27.54 41.03 10.39
CA ALA F 2 28.31 39.90 10.93
C ALA F 2 28.53 38.79 9.91
N GLY F 3 29.75 38.25 9.84
CA GLY F 3 30.03 37.04 9.09
C GLY F 3 31.20 37.20 8.14
N PRO F 4 31.71 36.12 7.54
CA PRO F 4 32.94 36.19 6.76
C PRO F 4 32.83 36.88 5.40
N LEU F 5 31.59 37.03 4.91
CA LEU F 5 31.35 37.69 3.63
C LEU F 5 31.00 39.16 3.86
N SER F 6 31.09 39.62 5.10
CA SER F 6 30.94 41.03 5.42
C SER F 6 31.69 41.86 4.37
N GLY F 7 30.99 42.89 3.88
CA GLY F 7 31.57 43.78 2.91
C GLY F 7 31.27 43.38 1.47
N LEU F 8 31.00 42.09 1.19
CA LEU F 8 30.60 41.69 -0.17
C LEU F 8 29.18 42.17 -0.46
N ARG F 9 29.00 42.65 -1.70
CA ARG F 9 27.76 43.33 -2.13
C ARG F 9 27.10 42.56 -3.26
N VAL F 10 25.78 42.39 -3.18
CA VAL F 10 25.14 41.47 -4.09
C VAL F 10 23.86 42.08 -4.62
N VAL F 11 23.72 41.94 -5.94
CA VAL F 11 22.49 42.32 -6.60
C VAL F 11 21.83 41.06 -7.17
N GLU F 12 20.57 40.88 -6.76
CA GLU F 12 19.81 39.69 -7.10
C GLU F 12 18.60 40.12 -7.94
N LEU F 13 18.59 39.67 -9.20
CA LEU F 13 17.42 39.79 -10.04
C LEU F 13 16.38 38.71 -9.68
N ALA F 14 15.32 39.16 -9.00
CA ALA F 14 14.28 38.33 -8.39
C ALA F 14 13.85 37.18 -9.30
N GLY F 15 14.01 35.96 -8.77
CA GLY F 15 13.73 34.72 -9.47
C GLY F 15 13.07 33.73 -8.52
N ILE F 16 13.02 32.45 -8.90
CA ILE F 16 12.47 31.45 -8.00
C ILE F 16 13.50 30.34 -7.82
N GLY F 17 13.53 29.80 -6.59
CA GLY F 17 14.26 28.57 -6.35
C GLY F 17 15.72 28.82 -6.02
N PRO F 18 16.66 28.39 -6.87
CA PRO F 18 18.08 28.42 -6.54
C PRO F 18 18.67 29.83 -6.41
N GLY F 19 18.20 30.75 -7.26
CA GLY F 19 18.65 32.12 -7.27
C GLY F 19 18.48 32.75 -5.91
N PRO F 20 17.25 32.82 -5.41
CA PRO F 20 17.04 33.38 -4.08
C PRO F 20 17.66 32.56 -2.93
N HIS F 21 18.00 31.28 -3.20
CA HIS F 21 18.52 30.44 -2.12
C HIS F 21 19.99 30.77 -1.96
N ALA F 22 20.69 30.90 -3.11
CA ALA F 22 22.09 31.28 -3.10
C ALA F 22 22.25 32.69 -2.53
N ALA F 23 21.25 33.54 -2.76
CA ALA F 23 21.32 34.91 -2.29
C ALA F 23 21.11 34.94 -0.78
N MET F 24 20.27 34.03 -0.28
CA MET F 24 20.00 33.95 1.13
C MET F 24 21.30 33.61 1.84
N ILE F 25 22.02 32.66 1.29
CA ILE F 25 23.16 32.12 2.00
C ILE F 25 24.27 33.18 1.99
N LEU F 26 24.48 33.85 0.85
CA LEU F 26 25.36 35.02 0.78
C LEU F 26 24.99 36.04 1.87
N GLY F 27 23.72 36.41 1.98
CA GLY F 27 23.27 37.28 3.05
C GLY F 27 23.42 36.67 4.46
N ASP F 28 23.07 35.39 4.59
CA ASP F 28 23.25 34.66 5.84
C ASP F 28 24.65 34.92 6.39
N LEU F 29 25.69 34.82 5.54
CA LEU F 29 27.11 34.90 5.90
C LEU F 29 27.68 36.34 5.91
N GLY F 30 26.85 37.38 5.74
CA GLY F 30 27.29 38.75 6.01
C GLY F 30 27.27 39.68 4.79
N ALA F 31 27.11 39.13 3.59
CA ALA F 31 26.95 39.93 2.38
C ALA F 31 25.76 40.87 2.47
N ASP F 32 25.95 42.02 1.80
CA ASP F 32 24.95 43.06 1.60
C ASP F 32 24.18 42.73 0.32
N VAL F 33 22.91 42.33 0.46
CA VAL F 33 22.21 41.75 -0.67
C VAL F 33 21.03 42.64 -1.03
N VAL F 34 21.01 43.05 -2.30
CA VAL F 34 19.93 43.88 -2.78
C VAL F 34 19.24 43.16 -3.91
N ARG F 35 17.93 43.06 -3.72
CA ARG F 35 17.07 42.22 -4.55
C ARG F 35 16.14 43.09 -5.38
N ILE F 36 16.32 43.11 -6.71
CA ILE F 36 15.45 43.85 -7.61
C ILE F 36 14.29 42.97 -8.08
N ASP F 37 13.10 43.27 -7.55
CA ASP F 37 11.84 42.69 -8.00
C ASP F 37 11.07 43.64 -8.93
N ARG F 38 10.14 43.05 -9.69
CA ARG F 38 9.12 43.75 -10.47
C ARG F 38 8.20 44.52 -9.54
N PRO F 39 7.67 45.72 -9.92
CA PRO F 39 6.73 46.44 -9.04
C PRO F 39 5.36 45.75 -8.96
N SER F 40 5.05 44.95 -10.00
CA SER F 40 3.84 44.14 -10.06
C SER F 40 4.00 42.87 -9.23
N SER F 41 4.49 43.03 -8.00
CA SER F 41 4.80 41.92 -7.10
C SER F 41 5.51 42.45 -5.85
N VAL F 42 4.80 43.31 -5.11
CA VAL F 42 5.22 43.82 -3.81
C VAL F 42 4.00 44.13 -2.94
N ASP F 43 2.89 44.50 -3.60
CA ASP F 43 1.58 44.62 -2.96
C ASP F 43 1.46 46.01 -2.32
N SER F 46 7.31 40.82 2.29
CA SER F 46 7.06 39.42 1.85
C SER F 46 7.06 38.48 3.05
N ARG F 47 6.22 37.44 2.98
CA ARG F 47 6.19 36.43 4.03
C ARG F 47 7.02 35.20 3.62
N ASP F 48 7.73 35.28 2.49
CA ASP F 48 8.77 34.30 2.18
C ASP F 48 10.00 34.61 3.05
N ALA F 49 10.24 33.74 4.04
CA ALA F 49 11.38 33.79 4.93
C ALA F 49 12.71 33.48 4.23
N MET F 50 12.69 33.06 2.95
CA MET F 50 13.92 32.85 2.16
C MET F 50 14.48 34.19 1.68
N LEU F 51 13.70 35.27 1.85
CA LEU F 51 14.08 36.65 1.54
C LEU F 51 14.60 37.38 2.76
N ARG F 52 15.04 36.62 3.76
CA ARG F 52 15.78 37.16 4.89
C ARG F 52 17.14 37.66 4.41
N ASN F 53 17.76 38.54 5.22
CA ASN F 53 19.08 39.13 4.95
C ASN F 53 19.12 39.78 3.55
N ARG F 54 18.07 40.56 3.25
CA ARG F 54 17.92 41.26 1.98
C ARG F 54 17.49 42.71 2.22
N ARG F 55 17.84 43.56 1.25
CA ARG F 55 17.04 44.74 0.97
C ARG F 55 16.32 44.51 -0.37
N ILE F 56 15.01 44.83 -0.39
CA ILE F 56 14.18 44.67 -1.57
C ILE F 56 13.92 46.03 -2.22
N VAL F 57 14.21 46.15 -3.53
CA VAL F 57 13.82 47.30 -4.33
C VAL F 57 12.95 46.85 -5.53
N THR F 58 12.02 47.71 -5.96
CA THR F 58 11.23 47.49 -7.17
C THR F 58 11.87 48.28 -8.32
N ALA F 59 11.69 47.80 -9.56
CA ALA F 59 12.26 48.48 -10.72
C ALA F 59 11.88 47.76 -12.02
N ASP F 60 11.02 48.40 -12.83
CA ASP F 60 10.68 47.88 -14.15
C ASP F 60 11.91 47.98 -15.06
N LEU F 61 12.47 46.83 -15.44
CA LEU F 61 13.74 46.79 -16.15
C LEU F 61 13.52 46.90 -17.65
N LYS F 62 12.25 46.91 -18.07
CA LYS F 62 11.93 47.12 -19.48
C LYS F 62 11.94 48.61 -19.78
N SER F 63 11.71 49.46 -18.77
CA SER F 63 11.76 50.90 -18.93
C SER F 63 13.20 51.40 -18.89
N ASP F 64 13.37 52.72 -19.06
CA ASP F 64 14.69 53.30 -19.20
C ASP F 64 15.19 53.72 -17.83
N GLN F 65 14.31 54.30 -17.03
CA GLN F 65 14.66 54.68 -15.68
C GLN F 65 15.01 53.43 -14.86
N GLY F 66 14.29 52.33 -15.16
CA GLY F 66 14.52 51.04 -14.56
C GLY F 66 15.90 50.48 -14.91
N LEU F 67 16.21 50.31 -16.20
CA LEU F 67 17.48 49.74 -16.60
C LEU F 67 18.64 50.55 -16.01
N GLU F 68 18.51 51.87 -16.06
CA GLU F 68 19.64 52.72 -15.73
C GLU F 68 19.95 52.64 -14.24
N LEU F 69 18.93 52.71 -13.37
CA LEU F 69 19.11 52.59 -11.94
C LEU F 69 19.73 51.24 -11.55
N ALA F 70 19.34 50.17 -12.25
CA ALA F 70 19.88 48.85 -11.98
C ALA F 70 21.33 48.75 -12.43
N LEU F 71 21.70 49.42 -13.53
CA LEU F 71 23.05 49.29 -14.07
C LEU F 71 24.04 50.02 -13.16
N LYS F 72 23.51 50.91 -12.31
CA LYS F 72 24.30 51.67 -11.36
C LYS F 72 24.47 50.90 -10.05
N LEU F 73 23.44 50.17 -9.61
CA LEU F 73 23.63 49.23 -8.50
C LEU F 73 24.73 48.25 -8.89
N ILE F 74 24.66 47.76 -10.13
CA ILE F 74 25.59 46.72 -10.57
C ILE F 74 27.00 47.27 -10.67
N ALA F 75 27.09 48.58 -10.93
CA ALA F 75 28.37 49.25 -11.13
C ALA F 75 29.17 49.24 -9.83
N LYS F 76 28.44 49.39 -8.71
CA LYS F 76 28.93 49.51 -7.35
C LYS F 76 28.87 48.19 -6.58
N ALA F 77 28.80 47.03 -7.27
CA ALA F 77 28.56 45.77 -6.59
C ALA F 77 29.49 44.68 -7.10
N ASP F 78 29.66 43.65 -6.25
CA ASP F 78 30.61 42.56 -6.48
C ASP F 78 30.00 41.44 -7.30
N VAL F 79 28.69 41.26 -7.05
CA VAL F 79 28.00 40.06 -7.49
C VAL F 79 26.62 40.41 -8.00
N LEU F 80 26.32 39.85 -9.19
CA LEU F 80 24.97 39.81 -9.70
C LEU F 80 24.49 38.37 -9.86
N ILE F 81 23.26 38.17 -9.35
CA ILE F 81 22.55 36.91 -9.54
C ILE F 81 21.29 37.13 -10.37
N GLU F 82 21.16 36.27 -11.39
CA GLU F 82 19.97 36.18 -12.22
C GLU F 82 19.67 34.70 -12.49
N GLY F 83 18.37 34.34 -12.44
CA GLY F 83 17.96 32.96 -12.71
C GLY F 83 16.87 32.85 -13.79
N TYR F 84 16.98 33.67 -14.85
CA TYR F 84 15.96 33.68 -15.90
C TYR F 84 16.49 32.80 -17.02
N ARG F 85 15.63 32.54 -18.01
CA ARG F 85 16.05 31.76 -19.15
C ARG F 85 17.22 32.49 -19.80
N PRO F 86 18.10 31.79 -20.51
CA PRO F 86 19.15 32.44 -21.27
C PRO F 86 18.57 33.43 -22.27
N GLY F 87 19.11 34.66 -22.36
CA GLY F 87 18.62 35.67 -23.28
C GLY F 87 17.86 36.75 -22.51
N VAL F 88 17.28 36.41 -21.36
CA VAL F 88 16.39 37.38 -20.77
C VAL F 88 17.16 38.65 -20.36
N THR F 89 18.42 38.49 -19.93
CA THR F 89 19.15 39.62 -19.37
C THR F 89 19.74 40.47 -20.48
N GLU F 90 20.38 39.82 -21.46
CA GLU F 90 20.67 40.44 -22.75
C GLU F 90 19.53 41.40 -23.11
N ARG F 91 18.34 40.87 -23.36
CA ARG F 91 17.26 41.63 -23.97
C ARG F 91 16.79 42.73 -23.04
N LEU F 92 17.09 42.62 -21.74
CA LEU F 92 16.78 43.67 -20.79
C LEU F 92 17.86 44.77 -20.83
N GLY F 93 18.99 44.49 -21.51
CA GLY F 93 20.19 45.33 -21.45
C GLY F 93 20.97 45.21 -20.13
N LEU F 94 20.90 44.02 -19.49
CA LEU F 94 21.56 43.71 -18.24
C LEU F 94 22.35 42.41 -18.39
N GLY F 95 22.70 42.03 -19.63
CA GLY F 95 23.52 40.85 -19.88
C GLY F 95 24.94 41.02 -19.33
N PRO F 96 25.82 40.01 -19.48
CA PRO F 96 27.22 40.11 -19.05
C PRO F 96 28.02 41.23 -19.73
N GLU F 97 27.82 41.44 -21.05
CA GLU F 97 28.62 42.41 -21.78
C GLU F 97 28.25 43.83 -21.38
N GLU F 98 26.95 44.14 -21.30
CA GLU F 98 26.50 45.42 -20.76
C GLU F 98 27.00 45.65 -19.34
N CYS F 99 27.10 44.57 -18.55
CA CYS F 99 27.52 44.69 -17.17
C CYS F 99 29.06 44.85 -17.15
N ALA F 100 29.80 44.13 -18.01
CA ALA F 100 31.27 44.18 -18.07
C ALA F 100 31.80 45.53 -18.57
N LYS F 101 30.89 46.46 -18.87
CA LYS F 101 31.21 47.78 -19.35
C LYS F 101 31.12 48.75 -18.20
N VAL F 102 30.15 48.56 -17.30
CA VAL F 102 29.99 49.49 -16.20
C VAL F 102 30.70 48.94 -14.95
N ASN F 103 31.44 47.83 -15.06
CA ASN F 103 32.04 47.19 -13.90
C ASN F 103 32.57 45.82 -14.31
N ASP F 104 33.84 45.75 -14.73
CA ASP F 104 34.47 44.50 -15.14
C ASP F 104 35.02 43.73 -13.93
N ARG F 105 34.64 44.13 -12.70
CA ARG F 105 34.97 43.38 -11.50
C ARG F 105 33.79 42.49 -11.08
N LEU F 106 32.74 42.42 -11.92
CA LEU F 106 31.49 41.77 -11.56
C LEU F 106 31.67 40.26 -11.64
N ILE F 107 31.18 39.59 -10.59
CA ILE F 107 30.84 38.18 -10.72
C ILE F 107 29.39 38.07 -11.19
N TYR F 108 29.28 37.47 -12.38
CA TYR F 108 28.03 37.50 -13.14
C TYR F 108 27.43 36.10 -13.04
N ALA F 109 26.51 35.91 -12.08
CA ALA F 109 26.19 34.54 -11.73
C ALA F 109 24.84 34.13 -12.34
N ARG F 110 24.92 33.15 -13.27
CA ARG F 110 23.80 32.66 -14.06
C ARG F 110 23.34 31.25 -13.62
N MET F 111 22.13 31.24 -13.03
CA MET F 111 21.49 30.07 -12.43
C MET F 111 20.40 29.57 -13.38
N THR F 112 20.65 28.45 -14.03
CA THR F 112 19.63 27.82 -14.83
C THR F 112 19.54 26.33 -14.51
N GLY F 113 18.55 25.67 -15.14
CA GLY F 113 18.40 24.23 -15.06
C GLY F 113 19.14 23.51 -16.17
N TRP F 114 18.89 23.90 -17.44
CA TRP F 114 19.52 23.21 -18.56
C TRP F 114 20.85 23.86 -18.99
N GLY F 115 21.22 25.03 -18.44
CA GLY F 115 22.42 25.73 -18.91
C GLY F 115 22.11 26.84 -19.93
N GLN F 116 23.16 27.33 -20.61
CA GLN F 116 23.06 28.53 -21.42
C GLN F 116 22.83 28.18 -22.89
N THR F 117 23.22 26.98 -23.33
CA THR F 117 22.96 26.54 -24.69
C THR F 117 22.58 25.06 -24.73
N GLY F 118 22.25 24.59 -25.93
CA GLY F 118 21.86 23.21 -26.16
C GLY F 118 20.36 23.12 -26.41
N PRO F 119 19.89 21.97 -26.89
CA PRO F 119 18.48 21.80 -27.32
C PRO F 119 17.38 22.08 -26.30
N ARG F 120 17.68 21.96 -24.99
CA ARG F 120 16.64 22.08 -24.00
C ARG F 120 16.74 23.42 -23.32
N SER F 121 17.62 24.31 -23.81
CA SER F 121 18.04 25.47 -23.05
C SER F 121 16.95 26.52 -22.95
N GLN F 122 15.92 26.42 -23.82
CA GLN F 122 14.79 27.32 -23.67
C GLN F 122 13.54 26.62 -23.10
N GLN F 123 13.56 25.30 -22.85
CA GLN F 123 12.42 24.65 -22.21
C GLN F 123 12.21 25.12 -20.76
N ALA F 124 11.00 25.55 -20.44
CA ALA F 124 10.59 25.65 -19.04
C ALA F 124 10.87 24.34 -18.30
N GLY F 125 10.89 24.43 -16.98
CA GLY F 125 11.47 23.35 -16.20
C GLY F 125 11.48 23.65 -14.72
N HIS F 126 11.45 22.55 -13.94
CA HIS F 126 11.69 22.61 -12.52
C HIS F 126 12.58 21.43 -12.10
N ASP F 127 12.95 21.44 -10.81
CA ASP F 127 13.86 20.47 -10.24
C ASP F 127 13.61 19.07 -10.76
N ILE F 128 12.36 18.57 -10.64
CA ILE F 128 12.05 17.21 -11.03
C ILE F 128 12.48 16.93 -12.47
N ASN F 129 12.37 17.95 -13.35
CA ASN F 129 12.77 17.77 -14.74
C ASN F 129 14.29 17.65 -14.91
N TYR F 130 15.04 18.53 -14.23
CA TYR F 130 16.50 18.54 -14.34
C TYR F 130 17.08 17.21 -13.81
N ILE F 131 16.59 16.69 -12.68
CA ILE F 131 17.09 15.41 -12.18
C ILE F 131 16.56 14.20 -12.93
N SER F 132 15.51 14.35 -13.75
CA SER F 132 15.01 13.22 -14.52
C SER F 132 15.97 12.87 -15.62
N LEU F 133 16.66 13.87 -16.18
CA LEU F 133 17.46 13.65 -17.39
C LEU F 133 18.83 13.05 -17.12
N ASN F 134 19.33 13.13 -15.88
CA ASN F 134 20.70 12.71 -15.58
C ASN F 134 20.78 11.48 -14.66
N GLY F 135 19.72 10.65 -14.59
CA GLY F 135 19.79 9.38 -13.87
C GLY F 135 19.39 9.46 -12.40
N ILE F 136 19.29 10.66 -11.82
CA ILE F 136 19.10 10.83 -10.38
C ILE F 136 17.69 10.38 -9.95
N LEU F 137 16.66 10.98 -10.55
CA LEU F 137 15.29 10.69 -10.16
C LEU F 137 14.98 9.19 -10.29
N HIS F 138 15.48 8.58 -11.34
CA HIS F 138 15.22 7.20 -11.62
C HIS F 138 15.70 6.32 -10.46
N ALA F 139 16.73 6.78 -9.74
CA ALA F 139 17.39 5.97 -8.72
C ALA F 139 16.72 6.10 -7.36
N ILE F 140 15.68 6.93 -7.25
CA ILE F 140 15.09 7.28 -5.97
C ILE F 140 13.68 6.72 -5.80
N GLY F 141 13.50 5.95 -4.73
CA GLY F 141 12.20 5.40 -4.40
C GLY F 141 12.28 3.88 -4.26
N ARG F 142 11.14 3.25 -3.93
CA ARG F 142 11.10 1.80 -3.81
C ARG F 142 11.10 1.16 -5.19
N GLY F 143 11.62 -0.09 -5.24
CA GLY F 143 11.83 -0.86 -6.45
C GLY F 143 10.53 -1.18 -7.18
N ASP F 144 9.44 -1.31 -6.46
CA ASP F 144 8.22 -1.85 -7.05
C ASP F 144 7.30 -0.69 -7.47
N GLU F 145 7.77 0.55 -7.40
CA GLU F 145 6.94 1.73 -7.61
C GLU F 145 7.66 2.69 -8.54
N ARG F 146 6.94 3.71 -8.99
CA ARG F 146 7.52 4.71 -9.84
C ARG F 146 8.38 5.66 -9.01
N PRO F 147 9.40 6.29 -9.62
CA PRO F 147 10.33 7.12 -8.88
C PRO F 147 9.60 8.21 -8.10
N VAL F 148 10.23 8.57 -6.98
CA VAL F 148 9.62 9.56 -6.13
C VAL F 148 10.58 10.73 -6.04
N PRO F 149 10.07 11.97 -6.18
CA PRO F 149 10.96 13.13 -6.16
C PRO F 149 11.46 13.38 -4.74
N PRO F 150 12.77 13.63 -4.55
CA PRO F 150 13.29 14.02 -3.24
C PRO F 150 13.07 15.49 -2.96
N LEU F 151 11.81 15.86 -2.83
CA LEU F 151 11.40 17.26 -2.86
C LEU F 151 12.15 17.94 -3.99
N ASN F 152 12.49 19.22 -3.79
CA ASN F 152 13.32 19.94 -4.73
C ASN F 152 14.72 20.14 -4.16
N LEU F 153 15.27 19.11 -3.53
CA LEU F 153 16.46 19.31 -2.70
C LEU F 153 17.70 19.13 -3.55
N VAL F 154 17.60 18.28 -4.57
CA VAL F 154 18.77 17.83 -5.27
C VAL F 154 19.06 18.74 -6.45
N GLY F 155 18.02 19.22 -7.14
CA GLY F 155 18.24 19.97 -8.37
C GLY F 155 18.40 21.47 -8.10
N ASP F 156 17.41 22.07 -7.44
CA ASP F 156 17.38 23.46 -7.04
C ASP F 156 18.48 23.82 -6.05
N PHE F 157 18.72 22.99 -5.02
CA PHE F 157 19.57 23.41 -3.93
C PHE F 157 20.89 22.67 -3.97
N GLY F 158 20.90 21.39 -3.61
CA GLY F 158 22.13 20.64 -3.58
C GLY F 158 22.95 20.79 -4.85
N GLY F 159 22.29 20.59 -6.00
CA GLY F 159 22.92 20.60 -7.31
C GLY F 159 22.78 21.95 -8.04
N GLY F 160 22.23 22.94 -7.35
CA GLY F 160 21.72 24.15 -7.95
C GLY F 160 22.39 25.37 -7.34
N SER F 161 21.72 25.94 -6.34
CA SER F 161 22.18 27.08 -5.55
C SER F 161 23.59 26.86 -5.04
N MET F 162 23.84 25.67 -4.47
CA MET F 162 25.09 25.49 -3.76
C MET F 162 26.25 25.56 -4.74
N PHE F 163 26.02 25.15 -5.99
CA PHE F 163 27.09 25.19 -6.98
C PHE F 163 27.21 26.62 -7.56
N LEU F 164 26.11 27.36 -7.61
CA LEU F 164 26.22 28.78 -7.92
C LEU F 164 27.11 29.45 -6.88
N LEU F 165 26.92 29.08 -5.60
CA LEU F 165 27.67 29.64 -4.48
C LEU F 165 29.15 29.30 -4.58
N VAL F 166 29.48 28.03 -4.82
CA VAL F 166 30.86 27.64 -5.10
C VAL F 166 31.45 28.42 -6.28
N GLY F 167 30.65 28.72 -7.31
CA GLY F 167 31.14 29.49 -8.46
C GLY F 167 31.43 30.94 -8.09
N ILE F 168 30.45 31.58 -7.47
CA ILE F 168 30.57 32.95 -7.02
C ILE F 168 31.80 33.09 -6.13
N LEU F 169 31.95 32.19 -5.13
CA LEU F 169 33.03 32.33 -4.17
C LEU F 169 34.35 31.86 -4.77
N ALA F 170 34.36 30.86 -5.66
CA ALA F 170 35.59 30.51 -6.35
C ALA F 170 36.07 31.66 -7.23
N ALA F 171 35.12 32.43 -7.76
CA ALA F 171 35.47 33.44 -8.75
C ALA F 171 35.96 34.69 -8.04
N LEU F 172 35.41 34.98 -6.84
CA LEU F 172 35.89 36.06 -5.98
C LEU F 172 37.33 35.84 -5.53
N TRP F 173 37.79 34.57 -5.46
CA TRP F 173 39.16 34.22 -5.08
C TRP F 173 40.10 34.43 -6.25
N GLU F 174 39.67 34.00 -7.44
CA GLU F 174 40.44 34.23 -8.66
C GLU F 174 40.58 35.75 -8.92
N ARG F 175 39.49 36.50 -8.70
CA ARG F 175 39.43 37.94 -8.86
C ARG F 175 40.50 38.65 -8.04
N GLN F 176 40.75 38.15 -6.82
CA GLN F 176 41.65 38.84 -5.90
C GLN F 176 43.04 38.89 -6.54
N SER F 177 43.36 37.97 -7.46
CA SER F 177 44.67 37.99 -8.11
C SER F 177 44.64 38.47 -9.57
N SER F 178 43.49 38.57 -10.26
CA SER F 178 43.51 38.99 -11.67
C SER F 178 42.90 40.37 -11.86
N GLY F 179 42.21 40.91 -10.85
CA GLY F 179 41.54 42.20 -10.94
C GLY F 179 40.16 42.16 -11.62
N LYS F 180 39.83 41.02 -12.25
CA LYS F 180 38.67 40.88 -13.14
C LYS F 180 37.56 40.02 -12.51
N GLY F 181 36.31 40.37 -12.83
CA GLY F 181 35.17 39.48 -12.65
C GLY F 181 35.09 38.44 -13.78
N GLN F 182 33.92 37.82 -13.93
CA GLN F 182 33.67 36.82 -14.96
C GLN F 182 32.27 36.23 -14.72
N VAL F 183 31.90 35.28 -15.61
CA VAL F 183 30.56 34.73 -15.66
C VAL F 183 30.61 33.28 -15.16
N VAL F 184 29.73 33.01 -14.19
CA VAL F 184 29.46 31.67 -13.69
C VAL F 184 28.19 31.12 -14.33
N ASP F 185 28.36 30.04 -15.11
CA ASP F 185 27.27 29.24 -15.64
C ASP F 185 27.03 28.00 -14.76
N ALA F 186 26.05 28.11 -13.87
CA ALA F 186 25.59 27.04 -12.98
C ALA F 186 24.28 26.44 -13.50
N ALA F 187 24.38 25.26 -14.13
CA ALA F 187 23.22 24.49 -14.54
C ALA F 187 22.91 23.35 -13.58
N MET F 188 21.66 23.30 -13.11
CA MET F 188 21.21 22.29 -12.15
C MET F 188 21.46 20.89 -12.66
N VAL F 189 21.51 20.69 -13.98
CA VAL F 189 21.73 19.37 -14.52
C VAL F 189 23.20 18.96 -14.40
N ASP F 190 24.11 19.95 -14.39
CA ASP F 190 25.52 19.66 -14.20
C ASP F 190 25.83 19.50 -12.69
N GLY F 191 25.43 20.50 -11.90
CA GLY F 191 25.66 20.57 -10.47
C GLY F 191 25.12 19.32 -9.75
N SER F 192 23.97 18.80 -10.19
CA SER F 192 23.34 17.66 -9.56
C SER F 192 24.08 16.39 -9.97
N SER F 193 24.68 16.40 -11.17
CA SER F 193 25.44 15.24 -11.62
C SER F 193 26.76 15.11 -10.84
N VAL F 194 27.31 16.27 -10.44
CA VAL F 194 28.54 16.29 -9.67
C VAL F 194 28.22 15.89 -8.24
N LEU F 195 27.10 16.37 -7.73
CA LEU F 195 26.57 15.99 -6.43
C LEU F 195 26.50 14.47 -6.25
N ILE F 196 26.10 13.74 -7.32
CA ILE F 196 25.92 12.29 -7.30
C ILE F 196 27.12 11.60 -7.91
N GLN F 197 28.30 12.23 -7.85
CA GLN F 197 29.49 11.66 -8.45
C GLN F 197 29.79 10.31 -7.83
N MET F 198 29.45 10.14 -6.54
CA MET F 198 29.76 8.90 -5.85
C MET F 198 29.09 7.73 -6.55
N MET F 199 27.80 7.90 -6.92
CA MET F 199 27.10 6.80 -7.56
C MET F 199 27.75 6.53 -8.91
N TRP F 200 28.16 7.57 -9.65
CA TRP F 200 28.82 7.33 -10.92
C TRP F 200 30.14 6.55 -10.71
N ALA F 201 30.88 6.90 -9.66
CA ALA F 201 32.09 6.15 -9.33
C ALA F 201 31.76 4.70 -8.95
N MET F 202 30.74 4.50 -8.11
CA MET F 202 30.38 3.15 -7.70
C MET F 202 29.90 2.32 -8.89
N ARG F 203 29.13 2.93 -9.82
CA ARG F 203 28.66 2.24 -11.02
C ARG F 203 29.81 1.64 -11.82
N ALA F 204 30.89 2.43 -11.96
CA ALA F 204 32.06 2.04 -12.74
C ALA F 204 32.72 0.78 -12.16
N THR F 205 32.67 0.59 -10.84
CA THR F 205 33.32 -0.55 -10.21
C THR F 205 32.31 -1.65 -9.90
N GLY F 206 31.11 -1.58 -10.49
CA GLY F 206 30.10 -2.61 -10.28
C GLY F 206 29.51 -2.60 -8.86
N MET F 207 29.64 -1.50 -8.13
CA MET F 207 29.10 -1.42 -6.78
C MET F 207 27.77 -0.65 -6.76
N TRP F 208 27.17 -0.39 -7.93
CA TRP F 208 25.88 0.29 -7.98
C TRP F 208 25.17 -0.14 -9.25
N THR F 209 23.89 -0.56 -9.18
CA THR F 209 23.12 -0.93 -10.36
C THR F 209 22.00 0.09 -10.60
N ASP F 210 21.52 0.14 -11.86
CA ASP F 210 20.46 1.05 -12.27
C ASP F 210 19.10 0.59 -11.74
N THR F 211 19.01 -0.61 -11.18
CA THR F 211 17.76 -1.05 -10.58
C THR F 211 17.49 -0.26 -9.32
N ARG F 212 16.28 0.29 -9.24
CA ARG F 212 15.83 1.11 -8.13
C ARG F 212 15.54 0.18 -6.95
N GLY F 213 15.94 0.60 -5.76
CA GLY F 213 15.56 -0.10 -4.54
C GLY F 213 16.43 -1.33 -4.31
N ALA F 214 17.57 -1.44 -4.98
CA ALA F 214 18.38 -2.63 -4.88
C ALA F 214 19.83 -2.29 -4.61
N ASN F 215 20.17 -1.15 -3.99
CA ASN F 215 21.57 -0.80 -3.76
C ASN F 215 21.82 -0.54 -2.28
N MET F 216 23.06 -0.18 -1.94
CA MET F 216 23.49 -0.08 -0.54
C MET F 216 22.83 1.12 0.11
N LEU F 217 22.62 2.20 -0.67
CA LEU F 217 22.19 3.46 -0.06
C LEU F 217 20.84 3.92 -0.54
N ASP F 218 20.09 3.07 -1.27
CA ASP F 218 18.83 3.54 -1.82
C ASP F 218 17.63 2.99 -1.07
N GLY F 219 17.87 2.21 0.00
CA GLY F 219 16.80 1.53 0.69
C GLY F 219 16.79 0.02 0.43
N GLY F 220 17.54 -0.45 -0.55
CA GLY F 220 17.70 -1.87 -0.79
C GLY F 220 18.42 -2.65 0.34
N ALA F 221 19.36 -2.04 1.06
CA ALA F 221 20.04 -2.78 2.12
C ALA F 221 19.21 -2.71 3.39
N PRO F 222 18.90 -3.84 4.05
CA PRO F 222 18.14 -3.82 5.30
C PRO F 222 18.71 -3.04 6.49
N TYR F 223 20.03 -2.83 6.44
CA TYR F 223 20.70 -2.03 7.45
C TYR F 223 20.88 -0.56 7.06
N TYR F 224 20.34 -0.10 5.91
CA TYR F 224 20.31 1.32 5.54
C TYR F 224 18.91 1.65 5.02
N ASP F 225 17.97 1.91 5.91
CA ASP F 225 16.58 2.09 5.53
C ASP F 225 15.82 2.56 6.74
N THR F 226 14.55 2.94 6.56
CA THR F 226 13.68 3.23 7.68
C THR F 226 12.85 1.99 8.05
N TYR F 227 12.36 1.94 9.29
CA TYR F 227 11.54 0.87 9.81
C TYR F 227 10.35 1.50 10.52
N GLU F 228 9.19 0.92 10.27
CA GLU F 228 8.01 1.33 11.00
C GLU F 228 8.02 0.66 12.37
N CYS F 229 7.64 1.46 13.36
CA CYS F 229 7.57 1.05 14.75
C CYS F 229 6.13 0.70 15.10
N ALA F 230 5.92 0.21 16.33
CA ALA F 230 4.62 -0.24 16.82
C ALA F 230 3.61 0.90 16.85
N ASP F 231 4.05 2.16 17.04
CA ASP F 231 3.12 3.29 17.06
C ASP F 231 2.91 3.91 15.67
N GLY F 232 3.42 3.33 14.58
CA GLY F 232 3.28 3.93 13.26
C GLY F 232 4.31 5.02 12.93
N ARG F 233 5.22 5.38 13.84
CA ARG F 233 6.30 6.31 13.54
C ARG F 233 7.48 5.50 13.05
N TYR F 234 8.65 6.12 12.81
CA TYR F 234 9.73 5.44 12.14
C TYR F 234 11.08 5.72 12.80
N VAL F 235 11.99 4.76 12.64
CA VAL F 235 13.39 4.99 12.90
C VAL F 235 14.11 4.82 11.60
N ALA F 236 15.30 5.40 11.56
CA ALA F 236 16.22 5.23 10.45
C ALA F 236 17.37 4.39 10.94
N VAL F 237 17.80 3.47 10.11
CA VAL F 237 18.91 2.61 10.43
C VAL F 237 19.98 2.88 9.40
N GLY F 238 21.22 3.15 9.86
CA GLY F 238 22.30 3.38 8.94
C GLY F 238 23.55 2.62 9.32
N ALA F 239 23.38 1.35 9.72
CA ALA F 239 24.42 0.63 10.41
C ALA F 239 25.24 -0.12 9.39
N ILE F 240 26.03 0.61 8.64
CA ILE F 240 26.78 0.01 7.55
C ILE F 240 27.96 -0.78 8.10
N GLU F 241 28.75 -0.16 8.99
CA GLU F 241 29.96 -0.80 9.48
C GLU F 241 29.56 -1.98 10.35
N PRO F 242 30.21 -3.14 10.22
CA PRO F 242 29.77 -4.34 10.93
C PRO F 242 29.68 -4.16 12.44
N GLN F 243 30.57 -3.34 13.02
CA GLN F 243 30.59 -3.11 14.46
C GLN F 243 29.33 -2.36 14.85
N PHE F 244 28.91 -1.40 14.03
CA PHE F 244 27.72 -0.65 14.37
C PHE F 244 26.49 -1.55 14.18
N TYR F 245 26.50 -2.35 13.10
CA TYR F 245 25.45 -3.32 12.83
C TYR F 245 25.29 -4.28 14.03
N ALA F 246 26.41 -4.74 14.59
CA ALA F 246 26.36 -5.63 15.74
C ALA F 246 25.75 -4.90 16.93
N ALA F 247 26.05 -3.61 17.09
CA ALA F 247 25.46 -2.88 18.22
C ALA F 247 23.95 -2.77 18.03
N MET F 248 23.54 -2.62 16.77
CA MET F 248 22.14 -2.45 16.47
C MET F 248 21.39 -3.73 16.83
N LEU F 249 21.90 -4.89 16.38
CA LEU F 249 21.31 -6.18 16.72
C LEU F 249 21.22 -6.35 18.24
N ALA F 250 22.30 -6.00 18.96
CA ALA F 250 22.28 -6.14 20.43
C ALA F 250 21.08 -5.40 21.00
N GLY F 251 20.84 -4.15 20.56
CA GLY F 251 19.74 -3.40 21.15
C GLY F 251 18.36 -3.91 20.70
N LEU F 252 18.28 -4.54 19.53
CA LEU F 252 17.02 -5.11 19.07
C LEU F 252 16.70 -6.38 19.83
N GLY F 253 17.71 -7.00 20.42
CA GLY F 253 17.48 -8.23 21.15
C GLY F 253 17.57 -9.44 20.23
N LEU F 254 18.11 -9.24 19.01
CA LEU F 254 18.31 -10.33 18.07
C LEU F 254 19.72 -10.89 18.17
N ASP F 255 19.78 -12.20 18.35
CA ASP F 255 21.03 -12.91 18.44
C ASP F 255 21.57 -13.07 17.03
N ALA F 256 22.77 -12.53 16.76
CA ALA F 256 23.40 -12.62 15.45
C ALA F 256 23.40 -14.05 14.88
N ALA F 257 23.46 -15.08 15.73
CA ALA F 257 23.57 -16.44 15.23
C ALA F 257 22.27 -16.93 14.58
N GLU F 258 21.13 -16.27 14.84
CA GLU F 258 19.84 -16.65 14.26
C GLU F 258 19.58 -15.98 12.91
N LEU F 259 20.49 -15.10 12.46
CA LEU F 259 20.20 -14.22 11.35
C LEU F 259 21.07 -14.60 10.15
N PRO F 260 20.65 -14.30 8.92
CA PRO F 260 21.59 -14.32 7.82
C PRO F 260 22.68 -13.29 8.05
N PRO F 261 23.83 -13.46 7.37
CA PRO F 261 24.91 -12.48 7.44
C PRO F 261 24.47 -11.14 6.85
N GLN F 262 25.02 -10.06 7.41
CA GLN F 262 24.58 -8.71 7.11
C GLN F 262 24.63 -8.46 5.60
N ASN F 263 25.66 -8.97 4.95
CA ASN F 263 25.86 -8.67 3.55
C ASN F 263 25.69 -9.90 2.67
N ASP F 264 24.94 -10.90 3.13
CA ASP F 264 24.45 -11.90 2.20
C ASP F 264 23.19 -11.35 1.52
N ARG F 265 23.40 -10.65 0.40
CA ARG F 265 22.34 -10.04 -0.38
C ARG F 265 21.27 -11.06 -0.73
N ALA F 266 21.65 -12.31 -1.04
CA ALA F 266 20.65 -13.28 -1.46
C ALA F 266 19.63 -13.52 -0.35
N ARG F 267 19.95 -13.22 0.91
CA ARG F 267 19.09 -13.54 2.03
C ARG F 267 18.59 -12.27 2.71
N TRP F 268 18.77 -11.13 2.06
CA TRP F 268 18.21 -9.88 2.52
C TRP F 268 16.69 -9.98 2.72
N PRO F 269 15.89 -10.69 1.89
CA PRO F 269 14.46 -10.77 2.20
C PRO F 269 14.21 -11.31 3.61
N GLU F 270 14.98 -12.34 4.02
CA GLU F 270 14.83 -12.91 5.35
C GLU F 270 15.27 -11.90 6.43
N LEU F 271 16.46 -11.33 6.23
CA LEU F 271 17.01 -10.36 7.18
C LEU F 271 16.04 -9.20 7.37
N ARG F 272 15.50 -8.71 6.26
CA ARG F 272 14.60 -7.57 6.30
C ARG F 272 13.36 -7.94 7.09
N ALA F 273 12.85 -9.17 6.88
CA ALA F 273 11.67 -9.60 7.64
C ALA F 273 11.96 -9.67 9.14
N LEU F 274 13.16 -10.12 9.53
CA LEU F 274 13.52 -10.21 10.93
C LEU F 274 13.65 -8.83 11.56
N LEU F 275 14.32 -7.90 10.86
CA LEU F 275 14.51 -6.56 11.41
C LEU F 275 13.15 -5.84 11.49
N THR F 276 12.30 -6.06 10.48
CA THR F 276 10.98 -5.44 10.39
C THR F 276 10.13 -5.84 11.58
N GLU F 277 10.08 -7.14 11.88
CA GLU F 277 9.30 -7.63 13.03
C GLU F 277 9.86 -7.07 14.34
N ALA F 278 11.19 -7.04 14.47
CA ALA F 278 11.83 -6.50 15.64
C ALA F 278 11.51 -5.03 15.87
N PHE F 279 11.76 -4.12 14.89
CA PHE F 279 11.44 -2.71 15.11
C PHE F 279 9.93 -2.52 15.29
N ALA F 280 9.10 -3.39 14.69
CA ALA F 280 7.65 -3.18 14.82
C ALA F 280 7.14 -3.56 16.21
N SER F 281 7.96 -4.22 17.06
CA SER F 281 7.47 -4.76 18.33
C SER F 281 7.50 -3.73 19.46
N HIS F 282 8.06 -2.54 19.23
CA HIS F 282 8.03 -1.44 20.18
C HIS F 282 7.93 -0.12 19.43
N ASP F 283 7.60 0.95 20.17
CA ASP F 283 7.34 2.24 19.56
C ASP F 283 8.67 2.99 19.40
N ARG F 284 8.66 4.10 18.67
CA ARG F 284 9.86 4.84 18.32
C ARG F 284 10.58 5.35 19.57
N ASP F 285 9.82 5.95 20.49
CA ASP F 285 10.38 6.35 21.77
C ASP F 285 11.19 5.21 22.37
N HIS F 286 10.62 4.00 22.39
CA HIS F 286 11.33 2.89 22.99
C HIS F 286 12.73 2.78 22.39
N TRP F 287 12.84 2.93 21.05
CA TRP F 287 14.11 2.71 20.39
C TRP F 287 15.07 3.88 20.66
N GLY F 288 14.54 5.08 20.88
CA GLY F 288 15.36 6.19 21.35
C GLY F 288 16.08 5.88 22.68
N ALA F 289 15.32 5.38 23.66
CA ALA F 289 15.86 5.00 24.95
C ALA F 289 16.93 3.93 24.75
N VAL F 290 16.59 2.86 24.01
CA VAL F 290 17.51 1.75 23.83
C VAL F 290 18.80 2.25 23.17
N PHE F 291 18.70 3.07 22.11
CA PHE F 291 19.88 3.33 21.29
C PHE F 291 20.55 4.62 21.73
N ALA F 292 19.76 5.60 22.19
CA ALA F 292 20.22 6.73 23.00
C ALA F 292 21.59 7.27 22.58
N ASN F 293 22.66 6.68 23.13
CA ASN F 293 23.99 7.26 23.03
C ASN F 293 24.92 6.46 22.12
N SER F 294 24.36 5.55 21.30
CA SER F 294 25.15 4.43 20.81
C SER F 294 25.58 4.61 19.36
N ASP F 295 26.60 3.86 18.99
CA ASP F 295 27.07 3.80 17.62
C ASP F 295 26.23 2.86 16.76
N ALA F 296 25.01 2.53 17.19
CA ALA F 296 24.18 1.60 16.45
C ALA F 296 23.65 2.21 15.14
N CYS F 297 23.75 3.54 15.00
CA CYS F 297 23.26 4.29 13.85
C CYS F 297 21.77 4.11 13.68
N VAL F 298 21.03 4.27 14.77
CA VAL F 298 19.58 4.19 14.77
C VAL F 298 19.07 5.47 15.37
N THR F 299 18.19 6.19 14.66
CA THR F 299 17.73 7.50 15.07
C THR F 299 16.25 7.58 14.77
N PRO F 300 15.47 8.38 15.52
CA PRO F 300 14.06 8.52 15.23
C PRO F 300 13.94 9.43 14.01
N VAL F 301 12.96 9.13 13.14
CA VAL F 301 12.64 9.97 12.00
C VAL F 301 11.61 10.99 12.46
N LEU F 302 12.09 12.19 12.81
CA LEU F 302 11.25 13.26 13.32
C LEU F 302 10.61 14.02 12.16
N ALA F 303 9.30 14.31 12.32
CA ALA F 303 8.59 15.30 11.53
C ALA F 303 9.08 16.71 11.86
N PHE F 304 8.91 17.64 10.92
CA PHE F 304 9.40 19.01 11.09
C PHE F 304 9.00 19.57 12.48
N GLY F 305 7.72 19.45 12.79
CA GLY F 305 7.11 19.95 14.02
C GLY F 305 7.71 19.44 15.32
N GLU F 306 8.44 18.34 15.29
CA GLU F 306 9.00 17.76 16.51
C GLU F 306 10.47 18.13 16.66
N VAL F 307 11.08 18.71 15.62
CA VAL F 307 12.52 18.87 15.61
C VAL F 307 12.98 19.78 16.76
N HIS F 308 12.17 20.81 17.07
CA HIS F 308 12.52 21.81 18.07
C HIS F 308 12.67 21.18 19.46
N ASN F 309 12.07 19.99 19.71
CA ASN F 309 12.16 19.30 20.99
C ASN F 309 13.32 18.30 21.06
N GLU F 310 14.30 18.40 20.17
CA GLU F 310 15.38 17.41 20.12
C GLU F 310 16.64 18.01 20.73
N PRO F 311 17.14 17.44 21.86
CA PRO F 311 18.25 18.02 22.61
C PRO F 311 19.47 18.43 21.82
N HIS F 312 19.98 17.56 20.92
CA HIS F 312 21.13 17.92 20.12
C HIS F 312 20.88 19.09 19.17
N ILE F 313 19.61 19.20 18.71
CA ILE F 313 19.17 20.30 17.85
C ILE F 313 19.11 21.59 18.69
N ILE F 314 18.40 21.54 19.82
CA ILE F 314 18.28 22.69 20.73
C ILE F 314 19.67 23.22 21.11
N GLU F 315 20.56 22.34 21.60
CA GLU F 315 21.83 22.77 22.18
C GLU F 315 22.78 23.42 21.18
N ARG F 316 22.76 22.97 19.91
CA ARG F 316 23.64 23.56 18.92
C ARG F 316 22.98 24.76 18.26
N ASN F 317 21.73 25.10 18.65
CA ASN F 317 20.98 26.16 18.01
C ASN F 317 21.10 26.04 16.49
N THR F 318 20.64 24.90 15.98
CA THR F 318 20.50 24.68 14.54
C THR F 318 19.38 25.59 14.01
N PHE F 319 18.39 25.89 14.86
CA PHE F 319 17.21 26.67 14.46
C PHE F 319 17.03 27.89 15.38
N TYR F 320 16.39 28.94 14.84
CA TYR F 320 15.94 30.07 15.64
C TYR F 320 14.45 30.32 15.37
N GLU F 321 13.77 30.89 16.37
CA GLU F 321 12.38 31.27 16.27
C GLU F 321 12.30 32.61 15.54
N ALA F 322 11.77 32.61 14.31
CA ALA F 322 11.51 33.83 13.56
C ALA F 322 10.01 33.94 13.29
N ASN F 323 9.32 34.81 14.02
CA ASN F 323 7.99 35.21 13.63
C ASN F 323 7.02 34.06 13.93
N GLY F 324 6.55 33.36 12.88
CA GLY F 324 5.58 32.29 13.06
C GLY F 324 6.14 30.92 12.68
N GLY F 325 7.33 30.59 13.18
CA GLY F 325 7.88 29.25 13.07
C GLY F 325 9.40 29.24 13.06
N TRP F 326 9.98 28.08 13.39
CA TRP F 326 11.42 27.92 13.41
C TRP F 326 11.97 28.03 12.00
N GLN F 327 13.22 28.46 11.91
CA GLN F 327 13.92 28.58 10.65
C GLN F 327 15.36 28.22 10.90
N PRO F 328 16.06 27.64 9.91
CA PRO F 328 17.45 27.26 10.12
C PRO F 328 18.34 28.48 10.26
N MET F 329 19.19 28.43 11.29
CA MET F 329 20.35 29.32 11.43
C MET F 329 21.35 29.07 10.31
N PRO F 330 22.18 30.07 9.99
CA PRO F 330 23.15 29.95 8.91
C PRO F 330 24.10 28.79 9.07
N ALA F 331 24.59 28.30 7.93
CA ALA F 331 25.59 27.26 7.94
C ALA F 331 26.55 27.56 6.80
N PRO F 332 27.82 27.08 6.84
CA PRO F 332 28.41 26.43 8.03
C PRO F 332 28.80 27.47 9.08
N ARG F 333 29.51 27.05 10.13
CA ARG F 333 29.78 27.95 11.26
C ARG F 333 31.26 28.32 11.25
N PHE F 334 31.53 29.54 11.75
CA PHE F 334 32.85 30.15 11.66
C PHE F 334 33.34 30.47 13.07
N SER F 335 34.57 30.07 13.40
CA SER F 335 35.17 30.30 14.73
C SER F 335 35.34 31.79 15.04
N ARG F 336 35.98 32.53 14.12
CA ARG F 336 36.30 33.95 14.30
C ARG F 336 35.15 34.87 13.86
N THR F 337 34.83 34.89 12.55
CA THR F 337 33.81 35.80 12.03
C THR F 337 32.46 35.11 11.96
N ALA F 338 31.82 34.93 13.11
CA ALA F 338 30.62 34.11 13.19
C ALA F 338 29.45 34.88 12.61
N SER F 339 28.63 34.18 11.81
CA SER F 339 27.42 34.76 11.24
C SER F 339 26.51 35.13 12.39
N SER F 340 25.46 35.92 12.12
CA SER F 340 24.52 36.31 13.15
C SER F 340 23.12 35.90 12.73
N GLN F 341 22.17 36.09 13.64
CA GLN F 341 20.81 35.63 13.44
C GLN F 341 20.23 36.37 12.25
N PRO F 342 19.65 35.69 11.24
CA PRO F 342 19.14 36.37 10.05
C PRO F 342 18.15 37.48 10.41
N ARG F 343 18.20 38.55 9.61
CA ARG F 343 17.22 39.64 9.68
C ARG F 343 16.05 39.32 8.77
N PRO F 344 14.80 39.56 9.24
CA PRO F 344 13.60 39.24 8.46
C PRO F 344 13.50 40.06 7.18
N PRO F 345 12.52 39.77 6.28
CA PRO F 345 12.48 40.44 4.97
C PRO F 345 12.35 41.97 5.13
N ALA F 346 13.10 42.74 4.31
CA ALA F 346 13.35 44.16 4.56
C ALA F 346 12.56 45.06 3.59
N ALA F 347 11.35 45.45 4.02
CA ALA F 347 10.31 46.12 3.23
C ALA F 347 10.91 47.04 2.17
N THR F 348 10.15 47.25 1.07
CA THR F 348 10.67 47.87 -0.15
C THR F 348 11.28 49.22 0.17
N ILE F 349 12.55 49.38 -0.20
CA ILE F 349 13.22 50.66 -0.06
C ILE F 349 13.47 51.18 -1.48
N ASP F 350 13.85 52.47 -1.59
CA ASP F 350 14.14 53.12 -2.86
C ASP F 350 15.50 52.70 -3.40
N ILE F 351 15.53 52.37 -4.68
CA ILE F 351 16.79 52.04 -5.35
C ILE F 351 17.73 53.24 -5.27
N GLU F 352 17.13 54.43 -5.05
CA GLU F 352 17.85 55.66 -4.76
C GLU F 352 18.63 55.54 -3.45
N ALA F 353 17.89 55.44 -2.32
CA ALA F 353 18.45 55.40 -0.98
C ALA F 353 19.62 54.41 -0.88
N VAL F 354 19.60 53.35 -1.70
CA VAL F 354 20.65 52.35 -1.73
C VAL F 354 21.87 52.92 -2.46
N LEU F 355 21.65 53.61 -3.57
CA LEU F 355 22.77 54.18 -4.31
C LEU F 355 23.50 55.22 -3.45
N THR F 356 22.74 55.96 -2.60
CA THR F 356 23.29 56.86 -1.60
C THR F 356 24.27 56.07 -0.73
N ASP F 357 23.71 55.21 0.13
CA ASP F 357 24.40 54.26 0.98
C ASP F 357 25.69 53.73 0.33
N TRP F 358 25.60 53.24 -0.91
CA TRP F 358 26.78 52.83 -1.65
C TRP F 358 27.40 54.04 -2.35
N ASP F 359 28.03 54.92 -1.54
CA ASP F 359 28.75 56.10 -2.00
C ASP F 359 27.76 57.12 -2.57
N MET G 1 24.80 -36.67 35.32
CA MET G 1 25.39 -35.40 35.84
C MET G 1 25.89 -34.53 34.69
N ALA G 2 25.38 -33.30 34.59
CA ALA G 2 25.64 -32.44 33.44
C ALA G 2 26.90 -31.59 33.60
N GLY G 3 27.88 -31.78 32.69
CA GLY G 3 28.87 -30.78 32.39
C GLY G 3 30.16 -31.41 31.90
N PRO G 4 31.18 -30.62 31.52
CA PRO G 4 32.38 -31.20 30.94
C PRO G 4 33.25 -32.05 31.86
N LEU G 5 32.96 -32.03 33.17
CA LEU G 5 33.79 -32.76 34.13
C LEU G 5 33.02 -34.00 34.61
N SER G 6 31.87 -34.27 33.97
CA SER G 6 31.03 -35.43 34.27
C SER G 6 31.90 -36.68 34.30
N GLY G 7 31.65 -37.55 35.29
CA GLY G 7 32.49 -38.72 35.50
C GLY G 7 33.66 -38.50 36.46
N LEU G 8 34.22 -37.28 36.54
CA LEU G 8 35.37 -37.03 37.42
C LEU G 8 34.97 -37.18 38.89
N ARG G 9 35.89 -37.77 39.67
CA ARG G 9 35.59 -38.15 41.04
C ARG G 9 36.55 -37.44 42.00
N VAL G 10 35.94 -36.83 43.02
CA VAL G 10 36.64 -35.83 43.82
C VAL G 10 36.38 -36.11 45.30
N VAL G 11 37.49 -36.18 46.06
CA VAL G 11 37.37 -36.30 47.50
C VAL G 11 37.81 -35.01 48.16
N GLU G 12 36.93 -34.43 49.01
CA GLU G 12 37.14 -33.11 49.58
C GLU G 12 37.24 -33.20 51.10
N LEU G 13 38.46 -32.95 51.64
CA LEU G 13 38.64 -32.87 53.10
C LEU G 13 38.18 -31.50 53.64
N ALA G 14 37.02 -31.48 54.31
CA ALA G 14 36.35 -30.25 54.71
C ALA G 14 37.31 -29.22 55.31
N GLY G 15 37.14 -27.98 54.86
CA GLY G 15 38.03 -26.87 55.15
C GLY G 15 37.23 -25.58 55.07
N ILE G 16 37.93 -24.45 55.01
CA ILE G 16 37.25 -23.17 54.88
C ILE G 16 37.91 -22.42 53.73
N GLY G 17 37.08 -21.66 52.99
CA GLY G 17 37.59 -20.72 52.01
C GLY G 17 37.92 -21.42 50.69
N PRO G 18 39.19 -21.41 50.24
CA PRO G 18 39.51 -21.82 48.88
C PRO G 18 39.22 -23.27 48.56
N GLY G 19 39.47 -24.18 49.52
CA GLY G 19 39.27 -25.60 49.30
C GLY G 19 37.83 -25.87 48.90
N PRO G 20 36.84 -25.47 49.72
CA PRO G 20 35.44 -25.67 49.36
C PRO G 20 34.93 -24.92 48.13
N HIS G 21 35.63 -23.85 47.74
CA HIS G 21 35.21 -23.06 46.59
C HIS G 21 35.64 -23.83 45.32
N ALA G 22 36.88 -24.30 45.33
CA ALA G 22 37.38 -25.13 44.25
C ALA G 22 36.50 -26.38 44.06
N ALA G 23 36.05 -26.97 45.16
CA ALA G 23 35.29 -28.20 45.09
C ALA G 23 33.91 -27.89 44.56
N MET G 24 33.40 -26.70 44.92
CA MET G 24 32.12 -26.24 44.42
C MET G 24 32.18 -26.18 42.89
N ILE G 25 33.26 -25.65 42.33
CA ILE G 25 33.33 -25.34 40.91
C ILE G 25 33.48 -26.65 40.15
N LEU G 26 34.35 -27.55 40.65
CA LEU G 26 34.47 -28.90 40.11
C LEU G 26 33.10 -29.56 40.04
N GLY G 27 32.32 -29.49 41.12
CA GLY G 27 30.98 -30.05 41.16
C GLY G 27 29.96 -29.23 40.38
N ASP G 28 30.26 -27.93 40.18
CA ASP G 28 29.46 -27.06 39.32
C ASP G 28 29.49 -27.60 37.88
N LEU G 29 30.69 -27.97 37.40
CA LEU G 29 30.92 -28.41 36.03
C LEU G 29 30.68 -29.91 35.83
N GLY G 30 30.12 -30.59 36.85
CA GLY G 30 29.58 -31.95 36.72
C GLY G 30 30.41 -33.07 37.37
N ALA G 31 31.49 -32.75 38.09
CA ALA G 31 32.33 -33.73 38.78
C ALA G 31 31.58 -34.30 39.98
N ASP G 32 31.90 -35.56 40.34
CA ASP G 32 31.35 -36.20 41.52
C ASP G 32 32.25 -35.91 42.72
N VAL G 33 31.68 -35.15 43.67
CA VAL G 33 32.46 -34.53 44.74
C VAL G 33 31.96 -35.07 46.07
N VAL G 34 32.90 -35.70 46.78
CA VAL G 34 32.53 -36.26 48.05
C VAL G 34 33.32 -35.52 49.12
N ARG G 35 32.55 -34.88 50.00
CA ARG G 35 33.11 -34.05 51.05
C ARG G 35 33.04 -34.78 52.39
N ILE G 36 34.23 -35.03 52.98
CA ILE G 36 34.36 -35.67 54.27
C ILE G 36 34.47 -34.57 55.33
N ASP G 37 33.39 -34.31 56.08
CA ASP G 37 33.43 -33.44 57.24
C ASP G 37 33.56 -34.30 58.50
N ARG G 38 34.03 -33.69 59.61
CA ARG G 38 34.14 -34.39 60.89
C ARG G 38 32.73 -34.49 61.48
N PRO G 39 32.42 -35.57 62.23
CA PRO G 39 31.07 -35.81 62.76
C PRO G 39 30.53 -34.70 63.66
N SER G 40 31.46 -33.99 64.30
CA SER G 40 31.18 -32.89 65.22
C SER G 40 30.33 -31.78 64.58
N SER G 41 29.88 -31.94 63.33
CA SER G 41 29.11 -30.92 62.63
C SER G 41 27.67 -31.34 62.32
N VAL G 42 27.17 -32.42 62.93
CA VAL G 42 25.75 -32.74 62.87
C VAL G 42 24.96 -31.58 63.49
N GLY G 44 21.87 -30.40 61.20
CA GLY G 44 20.89 -30.46 60.10
C GLY G 44 21.58 -30.56 58.74
N ILE G 45 20.90 -30.05 57.70
CA ILE G 45 21.50 -29.92 56.38
C ILE G 45 22.25 -28.58 56.39
N SER G 46 23.42 -28.52 55.74
CA SER G 46 24.23 -27.30 55.70
C SER G 46 23.50 -26.21 54.92
N ARG G 47 23.56 -24.97 55.42
CA ARG G 47 22.91 -23.86 54.74
C ARG G 47 23.95 -22.94 54.07
N ASP G 48 25.19 -23.43 53.93
CA ASP G 48 26.20 -22.81 53.07
C ASP G 48 26.02 -23.31 51.63
N ALA G 49 25.57 -22.40 50.76
CA ALA G 49 25.39 -22.69 49.36
C ALA G 49 26.74 -22.95 48.67
N MET G 50 27.86 -22.66 49.37
CA MET G 50 29.16 -23.02 48.84
C MET G 50 29.35 -24.54 48.87
N LEU G 51 28.47 -25.26 49.58
CA LEU G 51 28.48 -26.73 49.63
C LEU G 51 27.40 -27.32 48.73
N ARG G 52 27.06 -26.62 47.64
CA ARG G 52 26.20 -27.14 46.60
C ARG G 52 26.99 -28.13 45.75
N ASN G 53 26.27 -28.99 45.01
CA ASN G 53 26.86 -29.99 44.11
C ASN G 53 27.83 -30.92 44.85
N ARG G 54 27.34 -31.47 45.96
CA ARG G 54 28.19 -32.11 46.95
C ARG G 54 27.52 -33.39 47.47
N ARG G 55 28.31 -34.39 47.83
CA ARG G 55 27.78 -35.34 48.81
C ARG G 55 28.66 -35.28 50.06
N ILE G 56 27.96 -35.05 51.19
CA ILE G 56 28.58 -34.87 52.50
C ILE G 56 28.63 -36.19 53.28
N VAL G 57 29.82 -36.56 53.79
CA VAL G 57 29.96 -37.73 54.65
C VAL G 57 30.70 -37.39 55.94
N THR G 58 30.08 -37.78 57.07
CA THR G 58 30.69 -37.85 58.39
C THR G 58 31.77 -38.92 58.45
N ALA G 59 32.80 -38.70 59.28
CA ALA G 59 33.87 -39.67 59.49
C ALA G 59 35.00 -39.06 60.29
N ASP G 60 35.09 -39.46 61.57
CA ASP G 60 36.21 -39.11 62.46
C ASP G 60 37.51 -39.70 61.91
N LEU G 61 38.37 -38.84 61.36
CA LEU G 61 39.62 -39.28 60.73
C LEU G 61 40.66 -39.68 61.76
N LYS G 62 40.35 -39.48 63.04
CA LYS G 62 41.30 -39.81 64.10
C LYS G 62 41.39 -41.34 64.25
N SER G 63 40.24 -42.02 64.10
CA SER G 63 40.11 -43.46 64.27
C SER G 63 40.76 -44.25 63.11
N ASP G 64 40.72 -45.58 63.21
CA ASP G 64 41.11 -46.47 62.13
C ASP G 64 39.85 -46.77 61.31
N GLN G 65 38.68 -46.58 61.93
CA GLN G 65 37.39 -46.67 61.28
C GLN G 65 37.23 -45.60 60.20
N GLY G 66 37.76 -44.40 60.46
CA GLY G 66 37.73 -43.29 59.52
C GLY G 66 38.87 -43.37 58.52
N LEU G 67 40.12 -43.51 59.00
CA LEU G 67 41.26 -43.54 58.09
C LEU G 67 41.04 -44.60 57.02
N GLU G 68 40.27 -45.66 57.33
CA GLU G 68 40.10 -46.76 56.39
C GLU G 68 39.03 -46.42 55.36
N LEU G 69 37.81 -46.12 55.82
CA LEU G 69 36.75 -45.72 54.91
C LEU G 69 37.22 -44.60 53.98
N ALA G 70 38.00 -43.64 54.51
CA ALA G 70 38.44 -42.48 53.74
C ALA G 70 39.48 -42.87 52.70
N LEU G 71 40.31 -43.87 53.02
CA LEU G 71 41.30 -44.35 52.07
C LEU G 71 40.64 -45.21 50.98
N LYS G 72 39.37 -45.60 51.20
CA LYS G 72 38.62 -46.42 50.25
C LYS G 72 37.64 -45.57 49.44
N LEU G 73 37.52 -44.29 49.79
CA LEU G 73 37.02 -43.31 48.84
C LEU G 73 38.20 -42.90 47.95
N ILE G 74 39.30 -42.48 48.57
CA ILE G 74 40.44 -41.99 47.81
C ILE G 74 40.91 -43.05 46.82
N ALA G 75 40.58 -44.33 47.10
CA ALA G 75 40.96 -45.45 46.26
C ALA G 75 40.23 -45.38 44.91
N LYS G 76 38.91 -45.16 44.96
CA LYS G 76 38.04 -45.13 43.79
C LYS G 76 37.77 -43.69 43.35
N ALA G 77 38.80 -42.85 43.22
CA ALA G 77 38.58 -41.43 42.93
C ALA G 77 39.81 -40.80 42.30
N ASP G 78 39.59 -39.66 41.60
CA ASP G 78 40.58 -39.04 40.74
C ASP G 78 41.37 -37.96 41.45
N VAL G 79 40.67 -37.23 42.31
CA VAL G 79 41.24 -36.02 42.90
C VAL G 79 40.97 -35.99 44.40
N LEU G 80 42.03 -35.64 45.14
CA LEU G 80 41.83 -35.23 46.53
C LEU G 80 42.25 -33.78 46.79
N ILE G 81 41.37 -33.14 47.57
CA ILE G 81 41.50 -31.74 47.99
C ILE G 81 41.57 -31.69 49.52
N GLU G 82 42.65 -31.11 50.01
CA GLU G 82 42.72 -30.80 51.43
C GLU G 82 43.29 -29.40 51.59
N GLY G 83 42.74 -28.66 52.57
CA GLY G 83 43.20 -27.31 52.85
C GLY G 83 43.61 -27.07 54.30
N TYR G 84 44.34 -28.03 54.89
CA TYR G 84 44.80 -27.94 56.28
C TYR G 84 46.24 -27.48 56.25
N ARG G 85 46.79 -27.15 57.43
CA ARG G 85 48.21 -26.77 57.47
C ARG G 85 49.01 -27.95 56.96
N PRO G 86 50.22 -27.70 56.45
CA PRO G 86 51.08 -28.78 55.98
C PRO G 86 51.41 -29.72 57.14
N GLY G 87 51.51 -31.02 56.86
CA GLY G 87 51.91 -31.99 57.87
C GLY G 87 50.69 -32.67 58.47
N VAL G 88 49.51 -32.09 58.26
CA VAL G 88 48.31 -32.56 58.94
C VAL G 88 47.81 -33.87 58.34
N THR G 89 47.67 -33.96 57.01
CA THR G 89 47.08 -35.16 56.43
C THR G 89 47.99 -36.37 56.62
N GLU G 90 49.32 -36.16 56.50
CA GLU G 90 50.31 -37.15 56.86
C GLU G 90 49.93 -37.75 58.22
N ARG G 91 49.93 -36.92 59.28
CA ARG G 91 49.61 -37.35 60.63
C ARG G 91 48.28 -38.08 60.70
N LEU G 92 47.35 -37.78 59.80
CA LEU G 92 46.14 -38.58 59.75
C LEU G 92 46.43 -39.90 59.03
N GLY G 93 47.54 -39.97 58.27
CA GLY G 93 47.84 -41.09 57.40
C GLY G 93 47.25 -40.97 56.00
N LEU G 94 46.92 -39.74 55.57
CA LEU G 94 46.28 -39.44 54.28
C LEU G 94 47.24 -38.63 53.41
N GLY G 95 48.50 -38.53 53.80
CA GLY G 95 49.49 -37.80 53.01
C GLY G 95 49.58 -38.30 51.58
N PRO G 96 50.28 -37.57 50.69
CA PRO G 96 50.54 -38.06 49.34
C PRO G 96 51.35 -39.37 49.35
N GLU G 97 52.18 -39.51 50.39
CA GLU G 97 52.94 -40.72 50.69
C GLU G 97 52.00 -41.92 50.65
N GLU G 98 51.06 -41.94 51.60
CA GLU G 98 50.13 -43.02 51.83
C GLU G 98 49.05 -43.09 50.75
N CYS G 99 48.81 -41.97 50.06
CA CYS G 99 47.72 -41.96 49.11
C CYS G 99 48.21 -42.60 47.81
N ALA G 100 49.51 -42.43 47.50
CA ALA G 100 50.11 -43.06 46.33
C ALA G 100 50.20 -44.58 46.48
N LYS G 101 49.29 -45.19 47.25
CA LYS G 101 49.30 -46.62 47.52
C LYS G 101 47.88 -47.12 47.81
N VAL G 102 46.89 -46.39 47.33
CA VAL G 102 45.58 -46.97 47.04
C VAL G 102 45.16 -46.39 45.69
N ASN G 103 46.13 -45.83 44.95
CA ASN G 103 45.86 -44.94 43.83
C ASN G 103 47.12 -44.17 43.45
N ASP G 104 47.98 -44.69 42.56
CA ASP G 104 49.11 -43.87 42.10
C ASP G 104 48.67 -43.01 40.91
N ARG G 105 47.36 -42.99 40.62
CA ARG G 105 46.78 -42.09 39.63
C ARG G 105 46.44 -40.73 40.25
N LEU G 106 46.09 -40.74 41.55
CA LEU G 106 45.38 -39.66 42.22
C LEU G 106 46.07 -38.31 42.06
N ILE G 107 45.23 -37.29 41.82
CA ILE G 107 45.66 -35.90 41.90
C ILE G 107 45.49 -35.42 43.33
N TYR G 108 46.65 -35.18 43.97
CA TYR G 108 46.69 -34.86 45.39
C TYR G 108 46.79 -33.35 45.51
N ALA G 109 45.67 -32.70 45.88
CA ALA G 109 45.59 -31.25 45.71
C ALA G 109 45.63 -30.55 47.05
N ARG G 110 46.74 -29.83 47.29
CA ARG G 110 47.03 -29.20 48.57
C ARG G 110 46.84 -27.68 48.49
N MET G 111 45.79 -27.20 49.19
CA MET G 111 45.40 -25.78 49.21
C MET G 111 45.84 -25.10 50.51
N THR G 112 46.87 -24.26 50.43
CA THR G 112 47.31 -23.48 51.58
C THR G 112 47.47 -22.01 51.20
N GLY G 113 47.84 -21.22 52.22
CA GLY G 113 48.15 -19.82 52.04
C GLY G 113 49.64 -19.62 51.80
N TRP G 114 50.45 -20.22 52.69
CA TRP G 114 51.85 -19.88 52.71
C TRP G 114 52.67 -20.94 51.95
N GLY G 115 52.07 -22.07 51.63
CA GLY G 115 52.79 -23.15 50.96
C GLY G 115 53.12 -24.31 51.91
N GLN G 116 53.97 -25.22 51.43
CA GLN G 116 54.13 -26.49 52.12
C GLN G 116 55.31 -26.41 53.07
N THR G 117 56.25 -25.49 52.80
CA THR G 117 57.43 -25.29 53.63
C THR G 117 57.76 -23.81 53.76
N GLY G 118 58.81 -23.50 54.53
CA GLY G 118 59.30 -22.14 54.69
C GLY G 118 58.85 -21.59 56.03
N PRO G 119 59.40 -20.43 56.47
CA PRO G 119 59.19 -19.95 57.85
C PRO G 119 57.74 -19.69 58.29
N ARG G 120 56.82 -19.49 57.34
CA ARG G 120 55.49 -19.06 57.70
C ARG G 120 54.54 -20.23 57.52
N SER G 121 55.07 -21.39 57.13
CA SER G 121 54.22 -22.49 56.68
C SER G 121 53.30 -23.03 57.76
N GLN G 122 53.60 -22.76 59.04
CA GLN G 122 52.74 -23.21 60.14
C GLN G 122 51.94 -22.06 60.80
N GLN G 123 52.14 -20.83 60.35
CA GLN G 123 51.30 -19.73 60.82
C GLN G 123 49.85 -19.86 60.34
N ALA G 124 48.91 -19.76 61.28
CA ALA G 124 47.54 -19.42 60.96
C ALA G 124 47.50 -18.14 60.15
N GLY G 125 46.51 -18.05 59.25
CA GLY G 125 46.32 -16.84 58.47
C GLY G 125 45.00 -16.90 57.70
N HIS G 126 44.61 -15.75 57.13
CA HIS G 126 43.50 -15.70 56.20
C HIS G 126 43.91 -14.86 54.97
N ASP G 127 42.94 -14.66 54.05
CA ASP G 127 43.18 -13.92 52.81
C ASP G 127 44.01 -12.68 53.07
N ILE G 128 43.56 -11.81 53.99
CA ILE G 128 44.24 -10.54 54.21
C ILE G 128 45.75 -10.70 54.51
N ASN G 129 46.12 -11.76 55.23
CA ASN G 129 47.54 -12.00 55.52
C ASN G 129 48.32 -12.41 54.28
N TYR G 130 47.77 -13.32 53.47
CA TYR G 130 48.50 -13.82 52.30
C TYR G 130 48.79 -12.68 51.32
N ILE G 131 47.81 -11.80 51.09
CA ILE G 131 48.01 -10.69 50.17
C ILE G 131 48.80 -9.53 50.79
N SER G 132 49.00 -9.50 52.13
CA SER G 132 49.76 -8.40 52.71
C SER G 132 51.23 -8.53 52.34
N LEU G 133 51.68 -9.79 52.19
CA LEU G 133 53.10 -10.13 52.12
C LEU G 133 53.67 -9.99 50.71
N ASN G 134 52.83 -9.93 49.65
CA ASN G 134 53.35 -9.99 48.29
C ASN G 134 53.07 -8.70 47.51
N GLY G 135 52.76 -7.60 48.23
CA GLY G 135 52.56 -6.30 47.61
C GLY G 135 51.10 -5.99 47.28
N ILE G 136 50.24 -6.98 47.22
CA ILE G 136 48.91 -6.74 46.68
C ILE G 136 48.09 -5.80 47.57
N LEU G 137 47.96 -6.14 48.87
CA LEU G 137 47.08 -5.39 49.78
C LEU G 137 47.53 -3.93 49.83
N HIS G 138 48.85 -3.72 49.78
CA HIS G 138 49.38 -2.38 49.86
C HIS G 138 48.91 -1.50 48.69
N ALA G 139 48.55 -2.11 47.57
CA ALA G 139 48.26 -1.37 46.35
C ALA G 139 46.80 -0.94 46.29
N ILE G 140 45.99 -1.37 47.27
CA ILE G 140 44.53 -1.26 47.21
C ILE G 140 44.03 -0.20 48.18
N GLY G 141 43.23 0.75 47.67
CA GLY G 141 42.58 1.76 48.49
C GLY G 141 43.00 3.15 48.04
N ARG G 142 42.46 4.15 48.74
CA ARG G 142 42.80 5.54 48.47
C ARG G 142 44.19 5.86 49.00
N GLY G 143 44.88 6.85 48.40
CA GLY G 143 46.25 7.13 48.78
C GLY G 143 46.32 7.80 50.17
N ASP G 144 45.23 8.44 50.59
CA ASP G 144 45.30 9.28 51.77
C ASP G 144 44.94 8.44 53.01
N GLU G 145 44.97 7.09 52.87
CA GLU G 145 44.30 6.19 53.79
C GLU G 145 45.03 4.85 53.81
N ARG G 146 44.77 4.09 54.86
CA ARG G 146 45.36 2.78 55.00
C ARG G 146 44.72 1.81 54.01
N PRO G 147 45.46 0.76 53.57
CA PRO G 147 44.97 -0.18 52.56
C PRO G 147 43.65 -0.80 52.99
N VAL G 148 42.82 -1.10 51.98
CA VAL G 148 41.52 -1.69 52.25
C VAL G 148 41.53 -3.08 51.62
N PRO G 149 41.03 -4.08 52.37
CA PRO G 149 40.93 -5.42 51.83
C PRO G 149 39.87 -5.50 50.73
N PRO G 150 40.23 -6.09 49.57
CA PRO G 150 39.26 -6.41 48.53
C PRO G 150 38.46 -7.68 48.84
N LEU G 151 37.64 -7.60 49.89
CA LEU G 151 37.01 -8.74 50.53
C LEU G 151 38.07 -9.85 50.62
N ASN G 152 37.69 -11.10 50.41
CA ASN G 152 38.65 -12.20 50.29
C ASN G 152 38.67 -12.77 48.86
N LEU G 153 38.65 -11.87 47.86
CA LEU G 153 38.45 -12.25 46.47
C LEU G 153 39.76 -12.65 45.83
N VAL G 154 40.86 -12.04 46.29
CA VAL G 154 42.13 -12.08 45.61
C VAL G 154 42.97 -13.25 46.14
N GLY G 155 42.98 -13.45 47.47
CA GLY G 155 43.81 -14.48 48.11
C GLY G 155 43.11 -15.85 48.14
N ASP G 156 41.92 -15.88 48.73
CA ASP G 156 41.15 -17.09 48.84
C ASP G 156 40.70 -17.63 47.49
N PHE G 157 40.15 -16.76 46.62
CA PHE G 157 39.50 -17.25 45.41
C PHE G 157 40.36 -17.01 44.18
N GLY G 158 40.44 -15.78 43.70
CA GLY G 158 41.22 -15.49 42.50
C GLY G 158 42.62 -16.10 42.50
N GLY G 159 43.30 -16.01 43.64
CA GLY G 159 44.68 -16.47 43.71
C GLY G 159 44.80 -17.81 44.48
N GLY G 160 43.65 -18.36 44.85
CA GLY G 160 43.57 -19.48 45.75
C GLY G 160 42.93 -20.69 45.08
N SER G 161 41.62 -20.78 45.24
CA SER G 161 40.86 -21.85 44.64
C SER G 161 41.14 -21.89 43.15
N MET G 162 41.18 -20.73 42.48
CA MET G 162 41.24 -20.77 41.02
C MET G 162 42.58 -21.38 40.57
N PHE G 163 43.68 -21.14 41.28
CA PHE G 163 44.93 -21.79 40.93
C PHE G 163 44.94 -23.26 41.35
N LEU G 164 44.24 -23.63 42.42
CA LEU G 164 44.09 -25.05 42.76
C LEU G 164 43.47 -25.75 41.54
N LEU G 165 42.34 -25.21 41.07
CA LEU G 165 41.60 -25.73 39.93
C LEU G 165 42.50 -25.85 38.69
N VAL G 166 43.24 -24.79 38.34
CA VAL G 166 44.18 -24.89 37.23
C VAL G 166 45.13 -26.08 37.42
N GLY G 167 45.70 -26.18 38.63
CA GLY G 167 46.66 -27.23 38.95
C GLY G 167 46.05 -28.61 38.79
N ILE G 168 44.86 -28.79 39.35
CA ILE G 168 44.14 -30.04 39.28
C ILE G 168 43.96 -30.38 37.80
N LEU G 169 43.27 -29.48 37.09
CA LEU G 169 42.88 -29.76 35.72
C LEU G 169 44.11 -29.93 34.83
N ALA G 170 45.20 -29.18 35.04
CA ALA G 170 46.42 -29.35 34.26
C ALA G 170 47.10 -30.70 34.53
N ALA G 171 46.93 -31.23 35.76
CA ALA G 171 47.57 -32.47 36.18
C ALA G 171 46.81 -33.64 35.59
N LEU G 172 45.48 -33.51 35.54
CA LEU G 172 44.60 -34.48 34.91
C LEU G 172 44.91 -34.62 33.42
N TRP G 173 45.36 -33.52 32.77
CA TRP G 173 45.74 -33.57 31.37
C TRP G 173 47.02 -34.36 31.24
N GLU G 174 47.96 -34.06 32.14
CA GLU G 174 49.26 -34.71 32.17
C GLU G 174 49.07 -36.21 32.36
N ARG G 175 48.07 -36.56 33.18
CA ARG G 175 47.76 -37.93 33.57
C ARG G 175 47.33 -38.78 32.37
N GLN G 176 46.63 -38.16 31.41
CA GLN G 176 46.14 -38.88 30.23
C GLN G 176 47.32 -39.46 29.44
N SER G 177 48.52 -38.84 29.55
CA SER G 177 49.75 -39.37 28.95
C SER G 177 50.41 -40.42 29.85
N SER G 178 50.86 -39.98 31.02
CA SER G 178 51.86 -40.67 31.82
C SER G 178 51.25 -41.75 32.71
N GLY G 179 49.92 -41.76 32.89
CA GLY G 179 49.23 -42.78 33.67
C GLY G 179 49.17 -42.47 35.16
N LYS G 180 49.88 -41.39 35.55
CA LYS G 180 50.42 -41.16 36.88
C LYS G 180 49.91 -39.83 37.47
N GLY G 181 49.38 -39.91 38.69
CA GLY G 181 49.03 -38.75 39.49
C GLY G 181 50.24 -37.90 39.85
N GLN G 182 50.00 -36.95 40.76
CA GLN G 182 51.06 -36.17 41.38
C GLN G 182 50.41 -35.19 42.37
N VAL G 183 51.27 -34.39 43.02
CA VAL G 183 50.84 -33.49 44.07
C VAL G 183 50.88 -32.07 43.52
N VAL G 184 49.75 -31.38 43.73
CA VAL G 184 49.59 -29.97 43.39
C VAL G 184 49.72 -29.14 44.67
N ASP G 185 50.75 -28.30 44.71
CA ASP G 185 50.95 -27.34 45.78
C ASP G 185 50.46 -25.94 45.35
N ALA G 186 49.22 -25.62 45.71
CA ALA G 186 48.62 -24.29 45.51
C ALA G 186 48.73 -23.42 46.77
N ALA G 187 49.68 -22.48 46.74
CA ALA G 187 49.77 -21.49 47.80
C ALA G 187 49.23 -20.12 47.35
N MET G 188 48.30 -19.57 48.15
CA MET G 188 47.63 -18.31 47.88
C MET G 188 48.63 -17.20 47.63
N VAL G 189 49.74 -17.24 48.35
CA VAL G 189 50.75 -16.20 48.19
C VAL G 189 51.42 -16.30 46.79
N ASP G 190 51.39 -17.49 46.18
CA ASP G 190 51.95 -17.68 44.84
C ASP G 190 50.88 -17.36 43.80
N GLY G 191 49.72 -18.02 43.95
CA GLY G 191 48.60 -17.82 43.05
C GLY G 191 48.30 -16.34 42.86
N SER G 192 48.21 -15.61 43.98
CA SER G 192 47.84 -14.21 43.96
C SER G 192 48.95 -13.37 43.33
N SER G 193 50.23 -13.77 43.47
CA SER G 193 51.31 -13.06 42.83
C SER G 193 51.21 -13.18 41.29
N VAL G 194 50.84 -14.37 40.78
CA VAL G 194 50.64 -14.60 39.36
C VAL G 194 49.39 -13.86 38.89
N LEU G 195 48.37 -13.80 39.74
CA LEU G 195 47.15 -13.06 39.41
C LEU G 195 47.45 -11.58 39.14
N ILE G 196 48.43 -10.99 39.81
CA ILE G 196 48.74 -9.58 39.64
C ILE G 196 50.01 -9.35 38.81
N GLN G 197 50.34 -10.31 37.93
CA GLN G 197 51.52 -10.24 37.09
C GLN G 197 51.55 -8.95 36.26
N MET G 198 50.39 -8.47 35.82
CA MET G 198 50.38 -7.27 35.04
C MET G 198 51.05 -6.13 35.80
N MET G 199 50.78 -6.01 37.12
CA MET G 199 51.34 -4.87 37.84
C MET G 199 52.88 -4.99 37.91
N TRP G 200 53.35 -6.24 38.11
CA TRP G 200 54.76 -6.55 38.11
C TRP G 200 55.37 -6.23 36.74
N ALA G 201 54.67 -6.57 35.65
CA ALA G 201 55.10 -6.24 34.28
C ALA G 201 55.20 -4.72 34.09
N MET G 202 54.13 -4.01 34.45
CA MET G 202 54.10 -2.56 34.30
C MET G 202 55.11 -1.88 35.21
N ARG G 203 55.30 -2.45 36.40
CA ARG G 203 56.29 -1.97 37.34
C ARG G 203 57.69 -1.98 36.73
N ALA G 204 58.06 -3.07 36.05
CA ALA G 204 59.40 -3.23 35.48
C ALA G 204 59.68 -2.14 34.45
N THR G 205 58.65 -1.72 33.71
CA THR G 205 58.80 -0.78 32.61
C THR G 205 58.40 0.63 33.03
N GLY G 206 58.24 0.87 34.34
CA GLY G 206 57.96 2.19 34.87
C GLY G 206 56.51 2.68 34.72
N MET G 207 55.57 1.81 34.34
CA MET G 207 54.18 2.22 34.14
C MET G 207 53.35 2.03 35.41
N TRP G 208 54.00 1.72 36.54
CA TRP G 208 53.25 1.51 37.77
C TRP G 208 54.16 1.78 38.96
N THR G 209 53.69 2.60 39.91
CA THR G 209 54.46 2.95 41.09
C THR G 209 53.84 2.29 42.33
N ASP G 210 54.61 2.31 43.42
CA ASP G 210 54.24 1.68 44.67
C ASP G 210 53.34 2.61 45.50
N THR G 211 53.25 3.89 45.12
CA THR G 211 52.31 4.81 45.73
C THR G 211 50.86 4.43 45.46
N ARG G 212 50.13 4.21 46.56
CA ARG G 212 48.76 3.79 46.50
C ARG G 212 47.92 4.96 45.96
N GLY G 213 46.99 4.61 45.08
CA GLY G 213 46.05 5.56 44.51
C GLY G 213 46.64 6.51 43.45
N ALA G 214 47.78 6.19 42.86
CA ALA G 214 48.41 7.07 41.88
C ALA G 214 48.80 6.31 40.61
N ASN G 215 47.97 5.36 40.18
CA ASN G 215 48.27 4.53 39.03
C ASN G 215 47.06 4.53 38.11
N MET G 216 47.17 3.86 36.95
CA MET G 216 46.10 3.89 35.95
C MET G 216 44.86 3.12 36.43
N LEU G 217 45.08 2.04 37.20
CA LEU G 217 44.00 1.10 37.49
C LEU G 217 43.67 1.00 39.00
N ASP G 218 44.20 1.86 39.87
CA ASP G 218 43.93 1.78 41.33
C ASP G 218 42.97 2.87 41.81
N GLY G 219 42.45 3.67 40.88
CA GLY G 219 41.61 4.80 41.20
C GLY G 219 42.35 6.12 41.06
N GLY G 220 43.64 6.11 40.78
CA GLY G 220 44.36 7.35 40.55
C GLY G 220 43.96 8.09 39.26
N ALA G 221 43.54 7.35 38.22
CA ALA G 221 43.16 7.98 36.96
C ALA G 221 41.72 8.45 37.05
N PRO G 222 41.41 9.72 36.70
CA PRO G 222 40.02 10.17 36.75
C PRO G 222 39.08 9.48 35.79
N TYR G 223 39.64 8.90 34.72
CA TYR G 223 38.78 8.18 33.79
C TYR G 223 38.68 6.70 34.19
N TYR G 224 39.24 6.29 35.33
CA TYR G 224 39.10 4.90 35.79
C TYR G 224 38.90 4.91 37.31
N ASP G 225 37.65 5.10 37.71
CA ASP G 225 37.30 5.32 39.11
C ASP G 225 35.79 5.37 39.17
N THR G 226 35.26 5.41 40.40
CA THR G 226 33.85 5.59 40.65
C THR G 226 33.59 7.06 40.96
N TYR G 227 32.34 7.47 40.79
CA TYR G 227 31.96 8.87 41.00
C TYR G 227 30.62 8.85 41.74
N GLU G 228 30.51 9.74 42.72
CA GLU G 228 29.26 9.87 43.43
C GLU G 228 28.32 10.78 42.63
N CYS G 229 27.06 10.36 42.54
CA CYS G 229 26.00 11.05 41.82
C CYS G 229 25.15 11.91 42.77
N ALA G 230 24.11 12.56 42.25
CA ALA G 230 23.32 13.54 43.03
C ALA G 230 22.53 12.80 44.12
N ASP G 231 22.20 11.54 43.88
CA ASP G 231 21.41 10.77 44.83
C ASP G 231 22.31 10.05 45.84
N GLY G 232 23.64 10.20 45.80
CA GLY G 232 24.48 9.46 46.73
C GLY G 232 24.78 8.04 46.26
N ARG G 233 24.28 7.65 45.08
CA ARG G 233 24.70 6.39 44.47
C ARG G 233 25.92 6.68 43.57
N TYR G 234 26.46 5.64 42.93
CA TYR G 234 27.75 5.73 42.25
C TYR G 234 27.62 5.17 40.83
N VAL G 235 28.48 5.68 39.95
CA VAL G 235 28.73 5.08 38.68
C VAL G 235 30.19 4.73 38.66
N ALA G 236 30.53 3.82 37.76
CA ALA G 236 31.89 3.48 37.48
C ALA G 236 32.23 4.00 36.09
N VAL G 237 33.39 4.62 35.99
CA VAL G 237 33.92 5.12 34.76
C VAL G 237 35.16 4.32 34.44
N GLY G 238 35.22 3.74 33.23
CA GLY G 238 36.38 2.99 32.80
C GLY G 238 36.88 3.36 31.41
N ALA G 239 36.84 4.66 31.13
CA ALA G 239 36.96 5.10 29.76
C ALA G 239 38.40 5.37 29.44
N ILE G 240 39.18 4.30 29.26
CA ILE G 240 40.63 4.40 29.08
C ILE G 240 40.95 4.85 27.66
N GLU G 241 40.40 4.13 26.67
CA GLU G 241 40.68 4.47 25.28
C GLU G 241 40.11 5.86 25.00
N PRO G 242 40.87 6.68 24.26
CA PRO G 242 40.47 8.07 24.03
C PRO G 242 39.09 8.23 23.40
N GLN G 243 38.69 7.27 22.55
CA GLN G 243 37.44 7.40 21.82
C GLN G 243 36.28 7.11 22.77
N PHE G 244 36.52 6.23 23.77
CA PHE G 244 35.50 5.95 24.77
C PHE G 244 35.38 7.14 25.70
N TYR G 245 36.54 7.69 26.13
CA TYR G 245 36.59 8.90 26.94
C TYR G 245 35.82 10.05 26.27
N ALA G 246 36.06 10.26 24.98
CA ALA G 246 35.34 11.32 24.27
C ALA G 246 33.82 11.11 24.36
N ALA G 247 33.37 9.86 24.12
CA ALA G 247 31.95 9.57 24.24
C ALA G 247 31.45 9.90 25.66
N MET G 248 32.28 9.61 26.65
CA MET G 248 31.93 9.85 28.04
C MET G 248 31.73 11.37 28.22
N LEU G 249 32.70 12.19 27.78
CA LEU G 249 32.58 13.65 27.90
C LEU G 249 31.29 14.17 27.26
N ALA G 250 30.94 13.61 26.09
CA ALA G 250 29.82 14.11 25.29
C ALA G 250 28.54 13.87 26.06
N GLY G 251 28.47 12.71 26.73
CA GLY G 251 27.30 12.38 27.51
C GLY G 251 27.19 13.23 28.78
N LEU G 252 28.34 13.63 29.36
CA LEU G 252 28.37 14.52 30.53
C LEU G 252 28.02 15.94 30.16
N GLY G 253 28.12 16.25 28.86
CA GLY G 253 27.79 17.60 28.41
C GLY G 253 28.99 18.52 28.64
N LEU G 254 30.18 17.93 28.76
CA LEU G 254 31.41 18.71 28.91
C LEU G 254 32.12 18.87 27.57
N ASP G 255 32.47 20.11 27.29
CA ASP G 255 33.21 20.45 26.10
C ASP G 255 34.69 20.14 26.34
N ALA G 256 35.28 19.25 25.50
CA ALA G 256 36.65 18.78 25.65
C ALA G 256 37.66 19.94 25.57
N ALA G 257 37.36 20.99 24.79
CA ALA G 257 38.26 22.14 24.74
C ALA G 257 38.36 22.87 26.09
N GLU G 258 37.40 22.70 27.01
CA GLU G 258 37.46 23.38 28.30
C GLU G 258 38.24 22.57 29.34
N LEU G 259 38.63 21.31 29.01
CA LEU G 259 39.20 20.41 30.01
C LEU G 259 40.68 20.25 29.71
N PRO G 260 41.48 19.87 30.72
CA PRO G 260 42.84 19.43 30.48
C PRO G 260 42.84 18.14 29.67
N PRO G 261 43.98 17.75 29.05
CA PRO G 261 44.08 16.47 28.36
C PRO G 261 43.87 15.29 29.31
N GLN G 262 43.24 14.25 28.76
CA GLN G 262 42.93 13.03 29.47
C GLN G 262 44.16 12.52 30.22
N ASN G 263 45.34 12.50 29.59
CA ASN G 263 46.52 11.93 30.22
C ASN G 263 47.61 12.96 30.47
N ASP G 264 47.23 14.23 30.68
CA ASP G 264 48.09 15.15 31.39
C ASP G 264 47.95 14.88 32.90
N ARG G 265 48.81 14.01 33.43
CA ARG G 265 48.72 13.54 34.81
C ARG G 265 48.89 14.68 35.81
N ALA G 266 49.70 15.69 35.45
CA ALA G 266 49.91 16.84 36.33
C ALA G 266 48.64 17.67 36.50
N ARG G 267 47.65 17.47 35.62
CA ARG G 267 46.41 18.25 35.68
C ARG G 267 45.22 17.36 35.99
N TRP G 268 45.49 16.14 36.45
CA TRP G 268 44.42 15.27 36.92
C TRP G 268 43.61 15.91 38.04
N PRO G 269 44.18 16.70 38.98
CA PRO G 269 43.38 17.34 40.02
C PRO G 269 42.22 18.17 39.49
N GLU G 270 42.51 19.02 38.50
CA GLU G 270 41.47 19.82 37.87
C GLU G 270 40.52 18.90 37.13
N LEU G 271 41.07 17.93 36.39
CA LEU G 271 40.22 17.04 35.60
C LEU G 271 39.25 16.32 36.52
N ARG G 272 39.77 15.74 37.62
CA ARG G 272 38.92 15.05 38.56
C ARG G 272 37.86 16.01 39.12
N ALA G 273 38.23 17.26 39.41
CA ALA G 273 37.21 18.17 39.96
C ALA G 273 36.12 18.42 38.93
N LEU G 274 36.45 18.46 37.64
CA LEU G 274 35.44 18.74 36.63
C LEU G 274 34.51 17.55 36.46
N LEU G 275 35.11 16.35 36.41
CA LEU G 275 34.29 15.15 36.28
C LEU G 275 33.42 14.97 37.53
N THR G 276 33.97 15.32 38.70
CA THR G 276 33.25 15.11 39.97
C THR G 276 31.97 15.94 40.02
N GLU G 277 32.10 17.25 39.70
CA GLU G 277 30.97 18.18 39.61
C GLU G 277 29.97 17.72 38.56
N ALA G 278 30.45 17.31 37.40
CA ALA G 278 29.55 16.80 36.38
C ALA G 278 28.76 15.58 36.87
N PHE G 279 29.42 14.53 37.39
CA PHE G 279 28.62 13.37 37.76
C PHE G 279 27.75 13.69 38.97
N ALA G 280 28.18 14.62 39.83
CA ALA G 280 27.39 14.95 41.01
C ALA G 280 26.12 15.71 40.64
N SER G 281 25.97 16.17 39.40
CA SER G 281 24.90 17.09 39.04
C SER G 281 23.61 16.34 38.73
N HIS G 282 23.70 15.06 38.40
CA HIS G 282 22.51 14.26 38.21
C HIS G 282 22.62 12.94 38.98
N ASP G 283 21.51 12.21 39.07
CA ASP G 283 21.42 10.95 39.80
C ASP G 283 21.84 9.77 38.92
N ARG G 284 22.07 8.61 39.57
CA ARG G 284 22.66 7.46 38.92
C ARG G 284 21.75 6.95 37.79
N ASP G 285 20.43 7.01 38.01
CA ASP G 285 19.47 6.63 36.97
C ASP G 285 19.66 7.52 35.73
N HIS G 286 19.87 8.83 35.97
CA HIS G 286 20.05 9.78 34.89
C HIS G 286 21.20 9.31 34.01
N TRP G 287 22.31 8.88 34.61
CA TRP G 287 23.49 8.48 33.85
C TRP G 287 23.27 7.15 33.15
N GLY G 288 22.55 6.22 33.81
CA GLY G 288 22.15 4.97 33.17
C GLY G 288 21.42 5.24 31.85
N ALA G 289 20.48 6.18 31.86
CA ALA G 289 19.71 6.46 30.64
C ALA G 289 20.63 7.13 29.63
N VAL G 290 21.35 8.19 30.05
CA VAL G 290 22.26 8.91 29.16
C VAL G 290 23.24 7.91 28.53
N PHE G 291 23.84 6.99 29.30
CA PHE G 291 24.93 6.19 28.72
C PHE G 291 24.43 4.86 28.14
N ALA G 292 23.26 4.37 28.60
CA ALA G 292 22.46 3.36 27.93
C ALA G 292 23.28 2.27 27.23
N ASN G 293 23.58 2.51 25.94
CA ASN G 293 24.06 1.49 25.02
C ASN G 293 25.50 1.76 24.60
N SER G 294 26.18 2.67 25.30
CA SER G 294 27.28 3.39 24.67
C SER G 294 28.63 2.78 25.02
N ASP G 295 29.63 3.11 24.21
CA ASP G 295 31.00 2.77 24.48
C ASP G 295 31.67 3.75 25.47
N ALA G 296 30.88 4.47 26.24
CA ALA G 296 31.41 5.47 27.15
C ALA G 296 32.06 4.84 28.40
N CYS G 297 31.80 3.55 28.65
CA CYS G 297 32.38 2.79 29.74
C CYS G 297 31.98 3.42 31.07
N VAL G 298 30.69 3.74 31.20
CA VAL G 298 30.11 4.30 32.41
C VAL G 298 28.97 3.39 32.76
N THR G 299 28.98 2.83 33.97
CA THR G 299 27.99 1.84 34.37
C THR G 299 27.55 2.15 35.78
N PRO G 300 26.29 1.84 36.14
CA PRO G 300 25.81 1.99 37.50
C PRO G 300 26.55 1.01 38.43
N VAL G 301 26.94 1.47 39.62
CA VAL G 301 27.49 0.57 40.63
C VAL G 301 26.33 0.02 41.44
N LEU G 302 25.93 -1.21 41.13
CA LEU G 302 24.78 -1.81 41.76
C LEU G 302 25.20 -2.54 43.04
N ALA G 303 24.36 -2.42 44.07
CA ALA G 303 24.45 -3.22 45.26
C ALA G 303 23.87 -4.60 44.96
N PHE G 304 24.31 -5.61 45.75
CA PHE G 304 23.88 -6.99 45.54
C PHE G 304 22.37 -7.06 45.34
N GLY G 305 21.65 -6.33 46.20
CA GLY G 305 20.20 -6.41 46.22
C GLY G 305 19.52 -5.88 44.96
N GLU G 306 20.26 -5.17 44.10
CA GLU G 306 19.69 -4.58 42.90
C GLU G 306 20.07 -5.37 41.64
N VAL G 307 21.02 -6.31 41.80
CA VAL G 307 21.61 -7.00 40.67
C VAL G 307 20.55 -7.75 39.87
N HIS G 308 19.59 -8.38 40.58
CA HIS G 308 18.54 -9.17 39.96
C HIS G 308 17.59 -8.34 39.07
N ASN G 309 17.58 -7.01 39.15
CA ASN G 309 16.73 -6.19 38.27
C ASN G 309 17.49 -5.63 37.06
N GLU G 310 18.70 -6.12 36.81
CA GLU G 310 19.52 -5.56 35.74
C GLU G 310 19.34 -6.44 34.51
N PRO G 311 18.79 -5.86 33.40
CA PRO G 311 18.45 -6.64 32.20
C PRO G 311 19.52 -7.59 31.66
N HIS G 312 20.76 -7.14 31.55
CA HIS G 312 21.80 -8.01 31.01
C HIS G 312 22.01 -9.21 31.95
N ILE G 313 21.82 -9.03 33.26
CA ILE G 313 22.02 -10.08 34.24
C ILE G 313 20.89 -11.09 34.09
N ILE G 314 19.66 -10.59 33.99
CA ILE G 314 18.47 -11.43 33.88
C ILE G 314 18.58 -12.31 32.61
N GLU G 315 18.76 -11.70 31.46
CA GLU G 315 18.68 -12.43 30.21
C GLU G 315 19.73 -13.53 30.08
N ARG G 316 20.96 -13.31 30.57
CA ARG G 316 22.02 -14.31 30.41
C ARG G 316 21.97 -15.38 31.52
N ASN G 317 21.00 -15.28 32.43
CA ASN G 317 20.88 -16.23 33.53
C ASN G 317 22.20 -16.35 34.29
N THR G 318 22.70 -15.20 34.77
CA THR G 318 23.94 -15.19 35.52
C THR G 318 23.67 -15.80 36.90
N PHE G 319 22.46 -15.58 37.45
CA PHE G 319 22.02 -16.05 38.76
C PHE G 319 20.84 -17.01 38.61
N TYR G 320 20.56 -17.80 39.67
CA TYR G 320 19.31 -18.55 39.81
C TYR G 320 18.79 -18.33 41.23
N GLU G 321 17.48 -18.50 41.45
CA GLU G 321 16.92 -18.40 42.79
C GLU G 321 17.05 -19.74 43.50
N ALA G 322 17.49 -19.70 44.77
CA ALA G 322 17.54 -20.89 45.60
C ALA G 322 17.28 -20.49 47.04
N ASN G 323 16.07 -20.78 47.52
CA ASN G 323 15.80 -20.77 48.94
C ASN G 323 15.93 -19.32 49.44
N GLY G 324 15.09 -18.42 48.93
CA GLY G 324 15.17 -17.00 49.27
C GLY G 324 16.60 -16.46 49.19
N GLY G 325 17.22 -16.60 48.02
CA GLY G 325 18.57 -16.11 47.83
C GLY G 325 19.07 -16.38 46.41
N TRP G 326 19.30 -15.32 45.65
CA TRP G 326 19.98 -15.46 44.36
C TRP G 326 21.40 -15.96 44.61
N GLN G 327 21.84 -16.90 43.76
CA GLN G 327 23.18 -17.47 43.77
C GLN G 327 23.67 -17.51 42.33
N PRO G 328 24.99 -17.45 42.09
CA PRO G 328 25.50 -17.47 40.73
C PRO G 328 25.51 -18.83 40.06
N MET G 329 25.16 -18.84 38.77
CA MET G 329 25.16 -20.06 37.99
C MET G 329 26.60 -20.41 37.64
N PRO G 330 26.88 -21.70 37.34
CA PRO G 330 28.23 -22.10 36.99
C PRO G 330 28.90 -21.23 35.95
N ALA G 331 30.23 -21.15 36.00
CA ALA G 331 30.95 -20.44 34.98
C ALA G 331 32.26 -21.19 34.81
N PRO G 332 32.93 -21.13 33.65
CA PRO G 332 32.39 -20.50 32.44
C PRO G 332 31.30 -21.38 31.84
N ARG G 333 30.78 -21.00 30.65
CA ARG G 333 29.78 -21.81 29.97
C ARG G 333 30.40 -22.62 28.82
N PHE G 334 29.72 -23.73 28.49
CA PHE G 334 30.21 -24.69 27.50
C PHE G 334 29.11 -24.92 26.47
N SER G 335 29.46 -24.89 25.17
CA SER G 335 28.46 -24.99 24.10
C SER G 335 27.82 -26.38 24.00
N ARG G 336 28.62 -27.45 24.18
CA ARG G 336 28.13 -28.82 24.02
C ARG G 336 27.69 -29.43 25.34
N THR G 337 28.61 -29.51 26.32
CA THR G 337 28.35 -30.17 27.59
C THR G 337 28.10 -29.14 28.69
N ALA G 338 26.88 -28.61 28.72
CA ALA G 338 26.54 -27.46 29.54
C ALA G 338 26.23 -27.90 30.96
N SER G 339 26.74 -27.14 31.93
CA SER G 339 26.46 -27.39 33.34
C SER G 339 24.98 -27.20 33.56
N SER G 340 24.43 -27.74 34.64
CA SER G 340 23.02 -27.52 34.94
C SER G 340 22.93 -26.71 36.21
N GLN G 341 21.70 -26.30 36.55
CA GLN G 341 21.48 -25.64 37.83
C GLN G 341 22.16 -26.48 38.91
N PRO G 342 22.87 -25.86 39.88
CA PRO G 342 23.44 -26.62 40.99
C PRO G 342 22.33 -27.19 41.88
N ARG G 343 22.60 -28.38 42.47
CA ARG G 343 21.72 -28.95 43.48
C ARG G 343 22.08 -28.41 44.85
N PRO G 344 21.08 -28.11 45.73
CA PRO G 344 21.35 -27.48 47.01
C PRO G 344 21.97 -28.52 47.92
N PRO G 345 22.72 -28.11 48.98
CA PRO G 345 23.53 -29.03 49.78
C PRO G 345 22.80 -30.30 50.20
N ALA G 346 23.50 -31.44 50.07
CA ALA G 346 22.89 -32.75 50.13
C ALA G 346 23.05 -33.35 51.53
N ALA G 347 21.95 -33.39 52.30
CA ALA G 347 21.86 -34.02 53.60
C ALA G 347 22.74 -35.27 53.69
N THR G 348 23.14 -35.60 54.92
CA THR G 348 24.28 -36.48 55.19
C THR G 348 24.03 -37.90 54.70
N ILE G 349 24.53 -38.15 53.49
CA ILE G 349 24.71 -39.50 53.02
C ILE G 349 25.80 -40.12 53.89
N ASP G 350 25.65 -41.41 54.19
CA ASP G 350 26.62 -42.17 54.99
C ASP G 350 27.55 -42.89 54.01
N ILE G 351 28.84 -42.93 54.37
CA ILE G 351 29.97 -43.25 53.50
C ILE G 351 29.83 -44.62 52.84
N GLU G 352 29.11 -45.53 53.52
CA GLU G 352 28.87 -46.87 53.02
C GLU G 352 28.25 -46.76 51.63
N ALA G 353 27.09 -46.08 51.59
CA ALA G 353 26.27 -45.98 50.39
C ALA G 353 27.07 -45.40 49.23
N VAL G 354 28.03 -44.50 49.53
CA VAL G 354 28.86 -43.88 48.50
C VAL G 354 29.77 -44.94 47.88
N LEU G 355 30.36 -45.79 48.71
CA LEU G 355 31.27 -46.82 48.22
C LEU G 355 30.53 -47.88 47.41
N THR G 356 29.25 -48.14 47.74
CA THR G 356 28.39 -49.02 46.95
C THR G 356 28.30 -48.49 45.54
N ASP G 357 27.66 -47.32 45.39
CA ASP G 357 27.42 -46.68 44.11
C ASP G 357 28.74 -46.56 43.33
N TRP G 358 29.85 -46.20 43.98
CA TRP G 358 31.15 -46.28 43.32
C TRP G 358 31.61 -47.73 43.30
N ASP G 359 31.12 -48.48 42.30
CA ASP G 359 31.37 -49.91 42.11
C ASP G 359 30.45 -50.71 43.02
N MET H 1 59.66 -28.81 26.73
CA MET H 1 59.10 -27.75 27.60
C MET H 1 58.69 -28.35 28.95
N ALA H 2 59.12 -27.69 30.04
CA ALA H 2 58.86 -28.16 31.41
C ALA H 2 57.45 -27.75 31.88
N GLY H 3 56.69 -28.74 32.35
CA GLY H 3 55.45 -28.51 33.08
C GLY H 3 54.43 -29.59 32.76
N PRO H 4 53.25 -29.65 33.44
CA PRO H 4 52.26 -30.69 33.18
C PRO H 4 51.38 -30.54 31.94
N LEU H 5 51.61 -29.48 31.17
CA LEU H 5 50.84 -29.25 29.95
C LEU H 5 51.76 -29.34 28.74
N SER H 6 52.95 -29.99 28.92
CA SER H 6 53.88 -30.26 27.84
C SER H 6 53.13 -30.76 26.62
N GLY H 7 53.42 -30.09 25.48
CA GLY H 7 52.84 -30.44 24.18
C GLY H 7 51.34 -30.17 24.06
N LEU H 8 50.76 -29.32 24.93
CA LEU H 8 49.49 -28.70 24.62
C LEU H 8 49.78 -27.51 23.71
N ARG H 9 48.96 -27.40 22.66
CA ARG H 9 49.21 -26.43 21.61
C ARG H 9 48.07 -25.43 21.59
N VAL H 10 48.49 -24.15 21.59
CA VAL H 10 47.61 -23.04 21.90
C VAL H 10 47.90 -21.92 20.93
N VAL H 11 46.81 -21.45 20.28
CA VAL H 11 46.88 -20.23 19.48
C VAL H 11 46.11 -19.14 20.21
N GLU H 12 46.81 -18.00 20.38
CA GLU H 12 46.27 -16.82 21.02
C GLU H 12 46.12 -15.72 19.98
N LEU H 13 44.89 -15.22 19.77
CA LEU H 13 44.71 -13.99 19.00
C LEU H 13 44.96 -12.78 19.92
N ALA H 14 46.10 -12.13 19.74
CA ALA H 14 46.52 -11.01 20.57
C ALA H 14 45.34 -10.12 20.95
N GLY H 15 45.10 -10.00 22.26
CA GLY H 15 44.23 -8.99 22.85
C GLY H 15 44.89 -8.40 24.10
N ILE H 16 44.09 -7.76 24.97
CA ILE H 16 44.60 -7.17 26.21
C ILE H 16 43.93 -7.85 27.40
N GLY H 17 44.67 -7.97 28.51
CA GLY H 17 44.06 -8.32 29.78
C GLY H 17 43.90 -9.82 29.97
N PRO H 18 42.66 -10.33 30.15
CA PRO H 18 42.46 -11.73 30.54
C PRO H 18 43.02 -12.69 29.51
N GLY H 19 42.86 -12.36 28.22
CA GLY H 19 43.30 -13.26 27.18
C GLY H 19 44.80 -13.56 27.25
N PRO H 20 45.69 -12.56 27.16
CA PRO H 20 47.12 -12.83 27.36
C PRO H 20 47.50 -13.39 28.74
N HIS H 21 46.69 -13.14 29.77
CA HIS H 21 47.01 -13.66 31.09
C HIS H 21 46.81 -15.17 31.08
N ALA H 22 45.68 -15.64 30.56
CA ALA H 22 45.40 -17.06 30.49
C ALA H 22 46.41 -17.76 29.58
N ALA H 23 46.70 -17.15 28.43
CA ALA H 23 47.67 -17.71 27.53
C ALA H 23 49.00 -17.85 28.28
N MET H 24 49.40 -16.81 29.02
CA MET H 24 50.66 -16.80 29.75
C MET H 24 50.72 -17.95 30.75
N ILE H 25 49.60 -18.24 31.39
CA ILE H 25 49.62 -19.23 32.45
C ILE H 25 49.79 -20.60 31.79
N LEU H 26 49.04 -20.85 30.70
CA LEU H 26 49.15 -22.10 29.95
C LEU H 26 50.62 -22.33 29.56
N GLY H 27 51.29 -21.30 29.05
CA GLY H 27 52.70 -21.37 28.69
C GLY H 27 53.66 -21.39 29.87
N ASP H 28 53.21 -20.96 31.06
CA ASP H 28 54.02 -21.03 32.26
C ASP H 28 54.21 -22.49 32.65
N LEU H 29 53.12 -23.27 32.52
CA LEU H 29 52.97 -24.68 32.85
C LEU H 29 53.35 -25.61 31.67
N GLY H 30 54.07 -25.08 30.66
CA GLY H 30 54.72 -25.91 29.64
C GLY H 30 53.88 -26.15 28.37
N ALA H 31 52.94 -25.26 28.07
CA ALA H 31 52.13 -25.40 26.85
C ALA H 31 52.81 -24.66 25.70
N ASP H 32 52.58 -25.18 24.49
CA ASP H 32 53.14 -24.58 23.30
C ASP H 32 52.21 -23.44 22.85
N VAL H 33 52.68 -22.20 23.01
CA VAL H 33 51.78 -21.07 22.86
C VAL H 33 52.32 -20.14 21.80
N VAL H 34 51.42 -19.86 20.86
CA VAL H 34 51.71 -19.15 19.63
C VAL H 34 50.71 -17.99 19.54
N ARG H 35 51.26 -16.79 19.59
CA ARG H 35 50.46 -15.59 19.69
C ARG H 35 50.48 -14.86 18.35
N ILE H 36 49.30 -14.74 17.71
CA ILE H 36 49.17 -14.08 16.41
C ILE H 36 48.89 -12.60 16.65
N ASP H 37 49.83 -11.74 16.28
CA ASP H 37 49.62 -10.31 16.37
C ASP H 37 49.58 -9.67 14.97
N ARG H 38 48.91 -8.52 14.84
CA ARG H 38 49.03 -7.65 13.69
C ARG H 38 50.42 -7.00 13.73
N PRO H 39 51.09 -6.74 12.58
CA PRO H 39 52.26 -5.86 12.61
C PRO H 39 51.82 -4.45 13.02
N SER H 40 51.71 -4.23 14.34
CA SER H 40 50.93 -3.15 14.94
C SER H 40 50.67 -2.02 13.94
N GLY H 44 60.55 -4.28 17.64
CA GLY H 44 61.49 -5.42 17.80
C GLY H 44 60.96 -6.47 18.78
N ILE H 45 61.48 -6.43 20.02
CA ILE H 45 61.29 -7.51 20.99
C ILE H 45 60.51 -6.95 22.18
N SER H 46 59.46 -7.68 22.62
CA SER H 46 58.49 -7.15 23.57
C SER H 46 59.05 -7.11 25.00
N ARG H 47 58.65 -6.07 25.75
CA ARG H 47 59.05 -5.94 27.15
C ARG H 47 57.84 -6.06 28.09
N ASP H 48 56.68 -6.49 27.57
CA ASP H 48 55.55 -6.88 28.41
C ASP H 48 55.81 -8.29 28.90
N ALA H 49 56.31 -8.39 30.15
CA ALA H 49 56.60 -9.66 30.77
C ALA H 49 55.37 -10.57 30.73
N MET H 50 54.17 -10.03 30.46
CA MET H 50 52.99 -10.89 30.38
C MET H 50 53.07 -11.79 29.14
N LEU H 51 53.88 -11.37 28.14
CA LEU H 51 54.11 -12.13 26.92
C LEU H 51 55.30 -13.09 27.05
N ARG H 52 55.59 -13.56 28.27
CA ARG H 52 56.57 -14.62 28.47
C ARG H 52 55.97 -15.94 27.98
N ASN H 53 56.82 -16.94 27.70
CA ASN H 53 56.43 -18.29 27.29
C ASN H 53 55.56 -18.32 26.03
N ARG H 54 55.93 -17.51 25.03
CA ARG H 54 55.23 -17.41 23.76
C ARG H 54 56.19 -17.55 22.59
N ARG H 55 55.64 -17.93 21.42
CA ARG H 55 56.15 -17.43 20.16
C ARG H 55 55.16 -16.40 19.59
N ILE H 56 55.68 -15.18 19.35
CA ILE H 56 54.99 -14.08 18.68
C ILE H 56 55.15 -14.26 17.16
N VAL H 57 54.03 -14.34 16.44
CA VAL H 57 54.03 -14.34 14.98
C VAL H 57 53.15 -13.18 14.53
N THR H 58 53.35 -12.72 13.28
CA THR H 58 52.51 -11.67 12.73
C THR H 58 51.68 -12.22 11.57
N ALA H 59 50.69 -11.42 11.16
CA ALA H 59 49.71 -11.82 10.17
C ALA H 59 48.62 -10.76 10.16
N ASP H 60 48.21 -10.37 8.95
CA ASP H 60 46.97 -9.65 8.74
C ASP H 60 45.88 -10.68 8.48
N LEU H 61 44.92 -10.78 9.41
CA LEU H 61 43.84 -11.76 9.33
C LEU H 61 42.75 -11.25 8.39
N LYS H 62 42.82 -9.95 8.05
CA LYS H 62 41.98 -9.35 7.04
C LYS H 62 42.49 -9.66 5.62
N SER H 63 43.79 -10.00 5.45
CA SER H 63 44.28 -10.67 4.24
C SER H 63 43.59 -12.01 4.01
N ASP H 64 43.78 -12.61 2.82
CA ASP H 64 43.38 -13.99 2.57
C ASP H 64 44.53 -14.91 2.95
N GLN H 65 45.73 -14.38 2.74
CA GLN H 65 46.98 -15.01 3.07
C GLN H 65 47.05 -15.22 4.58
N GLY H 66 46.91 -14.11 5.32
CA GLY H 66 46.89 -14.13 6.78
C GLY H 66 45.85 -15.10 7.34
N LEU H 67 44.62 -15.06 6.78
CA LEU H 67 43.54 -15.94 7.22
C LEU H 67 43.90 -17.39 6.93
N GLU H 68 44.60 -17.63 5.81
CA GLU H 68 44.90 -19.00 5.38
C GLU H 68 45.85 -19.64 6.40
N LEU H 69 46.90 -18.91 6.80
CA LEU H 69 47.91 -19.37 7.75
C LEU H 69 47.31 -19.62 9.14
N ALA H 70 46.78 -18.58 9.76
CA ALA H 70 45.96 -18.71 10.96
C ALA H 70 45.22 -20.05 10.98
N LEU H 71 44.40 -20.33 9.95
CA LEU H 71 43.55 -21.52 9.92
C LEU H 71 44.38 -22.80 9.84
N LYS H 72 45.59 -22.73 9.27
CA LYS H 72 46.51 -23.85 9.27
C LYS H 72 47.02 -24.07 10.70
N LEU H 73 47.58 -23.00 11.32
CA LEU H 73 48.05 -23.00 12.71
C LEU H 73 47.02 -23.62 13.63
N ILE H 74 45.77 -23.16 13.47
CA ILE H 74 44.63 -23.61 14.25
C ILE H 74 44.23 -25.05 13.94
N ALA H 75 44.61 -25.54 12.76
CA ALA H 75 44.30 -26.91 12.41
C ALA H 75 45.23 -27.85 13.19
N LYS H 76 46.45 -27.38 13.52
CA LYS H 76 47.44 -28.17 14.24
C LYS H 76 47.38 -27.96 15.76
N ALA H 77 46.40 -27.21 16.28
CA ALA H 77 46.42 -26.77 17.66
C ALA H 77 45.29 -27.41 18.45
N ASP H 78 45.42 -27.38 19.78
CA ASP H 78 44.42 -27.96 20.68
C ASP H 78 43.45 -26.88 21.14
N VAL H 79 43.96 -25.66 21.32
CA VAL H 79 43.19 -24.60 21.94
C VAL H 79 43.36 -23.29 21.18
N LEU H 80 42.22 -22.58 21.05
CA LEU H 80 42.22 -21.19 20.57
C LEU H 80 41.62 -20.24 21.61
N ILE H 81 42.30 -19.10 21.76
CA ILE H 81 41.91 -18.03 22.68
C ILE H 81 41.70 -16.75 21.89
N GLU H 82 40.49 -16.19 22.00
CA GLU H 82 40.22 -14.87 21.44
C GLU H 82 39.48 -14.04 22.50
N GLY H 83 39.84 -12.74 22.56
CA GLY H 83 39.21 -11.84 23.50
C GLY H 83 38.69 -10.56 22.84
N TYR H 84 38.06 -10.68 21.66
CA TYR H 84 37.49 -9.53 20.96
C TYR H 84 35.99 -9.50 21.24
N ARG H 85 35.34 -8.43 20.76
CA ARG H 85 33.89 -8.35 20.88
C ARG H 85 33.35 -9.55 20.13
N PRO H 86 32.20 -10.09 20.56
CA PRO H 86 31.49 -11.14 19.84
C PRO H 86 31.18 -10.67 18.42
N GLY H 87 31.52 -11.49 17.41
CA GLY H 87 31.33 -11.18 15.99
C GLY H 87 32.66 -10.95 15.28
N VAL H 88 33.71 -10.67 16.04
CA VAL H 88 34.91 -10.25 15.37
C VAL H 88 35.58 -11.46 14.72
N THR H 89 35.58 -12.60 15.43
CA THR H 89 36.24 -13.76 14.84
C THR H 89 35.38 -14.25 13.65
N GLU H 90 34.06 -14.27 13.81
CA GLU H 90 33.17 -14.69 12.74
C GLU H 90 33.49 -13.87 11.49
N ARG H 91 33.46 -12.53 11.60
CA ARG H 91 33.68 -11.67 10.45
C ARG H 91 35.08 -11.82 9.86
N LEU H 92 36.06 -12.27 10.63
CA LEU H 92 37.40 -12.44 10.11
C LEU H 92 37.56 -13.75 9.34
N GLY H 93 36.62 -14.70 9.53
CA GLY H 93 36.73 -16.06 8.99
C GLY H 93 37.17 -17.13 9.99
N LEU H 94 37.35 -16.70 11.27
CA LEU H 94 38.07 -17.45 12.30
C LEU H 94 37.14 -17.82 13.44
N GLY H 95 35.83 -17.83 13.19
CA GLY H 95 34.85 -18.14 14.20
C GLY H 95 34.83 -19.63 14.53
N PRO H 96 34.05 -20.05 15.55
CA PRO H 96 33.91 -21.47 15.89
C PRO H 96 33.59 -22.35 14.67
N GLU H 97 32.57 -21.98 13.89
CA GLU H 97 32.15 -22.81 12.77
C GLU H 97 33.26 -22.93 11.73
N GLU H 98 33.90 -21.82 11.34
CA GLU H 98 35.02 -21.90 10.40
C GLU H 98 36.21 -22.68 10.97
N CYS H 99 36.41 -22.63 12.29
CA CYS H 99 37.55 -23.30 12.92
C CYS H 99 37.27 -24.81 13.04
N ALA H 100 36.01 -25.18 13.33
CA ALA H 100 35.58 -26.56 13.49
C ALA H 100 35.63 -27.37 12.19
N LYS H 101 35.69 -26.68 11.05
CA LYS H 101 35.85 -27.34 9.76
C LYS H 101 37.28 -27.83 9.59
N VAL H 102 38.26 -27.11 10.14
CA VAL H 102 39.65 -27.50 9.97
C VAL H 102 40.18 -28.21 11.23
N ASN H 103 39.32 -28.51 12.21
CA ASN H 103 39.75 -29.11 13.48
C ASN H 103 38.54 -29.25 14.41
N ASP H 104 37.89 -30.41 14.38
CA ASP H 104 36.71 -30.63 15.21
C ASP H 104 37.10 -31.05 16.63
N ARG H 105 38.39 -30.97 16.97
CA ARG H 105 38.85 -31.26 18.33
C ARG H 105 39.30 -29.99 19.06
N LEU H 106 38.89 -28.82 18.55
CA LEU H 106 39.43 -27.58 19.04
C LEU H 106 38.64 -27.15 20.28
N ILE H 107 39.40 -26.68 21.29
CA ILE H 107 38.78 -25.92 22.37
C ILE H 107 38.82 -24.46 21.94
N TYR H 108 37.61 -23.93 21.74
CA TYR H 108 37.44 -22.55 21.26
C TYR H 108 37.03 -21.68 22.44
N ALA H 109 37.97 -20.85 22.89
CA ALA H 109 37.84 -20.17 24.18
C ALA H 109 37.66 -18.67 23.96
N ARG H 110 36.48 -18.19 24.34
CA ARG H 110 36.08 -16.82 24.08
C ARG H 110 36.07 -16.06 25.39
N MET H 111 36.99 -15.11 25.51
CA MET H 111 37.16 -14.25 26.66
C MET H 111 36.46 -12.91 26.45
N THR H 112 35.36 -12.66 27.16
CA THR H 112 34.75 -11.34 27.13
C THR H 112 34.35 -10.88 28.54
N GLY H 113 33.84 -9.65 28.62
CA GLY H 113 33.32 -9.13 29.87
C GLY H 113 31.85 -9.40 30.06
N TRP H 114 31.08 -9.10 28.99
CA TRP H 114 29.63 -9.12 29.13
C TRP H 114 29.03 -10.45 28.65
N GLY H 115 29.82 -11.23 27.92
CA GLY H 115 29.34 -12.47 27.33
C GLY H 115 29.06 -12.35 25.83
N GLN H 116 28.59 -13.46 25.27
CA GLN H 116 28.50 -13.59 23.82
C GLN H 116 27.17 -13.03 23.35
N THR H 117 26.15 -12.97 24.20
CA THR H 117 24.85 -12.47 23.78
C THR H 117 24.28 -11.54 24.84
N GLY H 118 23.13 -10.95 24.55
CA GLY H 118 22.45 -10.07 25.49
C GLY H 118 22.73 -8.58 25.25
N PRO H 119 21.96 -7.69 25.90
CA PRO H 119 21.94 -6.26 25.59
C PRO H 119 23.27 -5.51 25.69
N ARG H 120 24.21 -6.01 26.50
CA ARG H 120 25.47 -5.32 26.62
C ARG H 120 26.56 -6.04 25.87
N SER H 121 26.19 -7.07 25.08
CA SER H 121 27.19 -7.91 24.43
C SER H 121 28.17 -7.13 23.56
N GLN H 122 27.75 -5.95 23.06
CA GLN H 122 28.61 -5.21 22.13
C GLN H 122 29.16 -3.93 22.75
N GLN H 123 28.83 -3.67 24.02
CA GLN H 123 29.26 -2.46 24.71
C GLN H 123 30.73 -2.56 25.14
N ALA H 124 31.51 -1.52 24.87
CA ALA H 124 32.89 -1.50 25.36
C ALA H 124 32.88 -1.54 26.88
N GLY H 125 34.01 -1.94 27.47
CA GLY H 125 34.07 -2.05 28.91
C GLY H 125 35.46 -2.41 29.39
N HIS H 126 35.67 -2.17 30.69
CA HIS H 126 36.85 -2.65 31.37
C HIS H 126 36.45 -3.27 32.70
N ASP H 127 37.44 -3.85 33.40
CA ASP H 127 37.21 -4.57 34.66
C ASP H 127 36.17 -3.86 35.52
N ILE H 128 36.42 -2.57 35.80
CA ILE H 128 35.63 -1.80 36.75
C ILE H 128 34.15 -1.81 36.34
N ASN H 129 33.88 -1.85 35.02
CA ASN H 129 32.50 -1.88 34.53
C ASN H 129 31.84 -3.25 34.79
N TYR H 130 32.55 -4.36 34.51
CA TYR H 130 31.96 -5.69 34.69
C TYR H 130 31.65 -5.94 36.17
N ILE H 131 32.50 -5.44 37.08
CA ILE H 131 32.31 -5.71 38.52
C ILE H 131 31.32 -4.72 39.12
N SER H 132 30.98 -3.65 38.39
CA SER H 132 30.01 -2.67 38.88
C SER H 132 28.59 -3.24 38.81
N LEU H 133 28.34 -4.14 37.86
CA LEU H 133 26.98 -4.52 37.51
C LEU H 133 26.49 -5.70 38.35
N ASN H 134 27.42 -6.45 38.96
CA ASN H 134 27.06 -7.69 39.66
C ASN H 134 27.25 -7.60 41.18
N GLY H 135 27.35 -6.37 41.73
CA GLY H 135 27.33 -6.17 43.17
C GLY H 135 28.72 -6.03 43.80
N ILE H 136 29.77 -6.45 43.09
CA ILE H 136 31.10 -6.62 43.66
C ILE H 136 31.74 -5.27 44.02
N LEU H 137 31.90 -4.36 43.05
CA LEU H 137 32.56 -3.08 43.29
C LEU H 137 31.88 -2.34 44.43
N HIS H 138 30.54 -2.38 44.46
CA HIS H 138 29.77 -1.72 45.51
C HIS H 138 30.25 -2.16 46.91
N ALA H 139 30.72 -3.39 47.02
CA ALA H 139 31.09 -3.98 48.29
C ALA H 139 32.50 -3.58 48.76
N ILE H 140 33.29 -2.91 47.91
CA ILE H 140 34.71 -2.75 48.19
C ILE H 140 35.01 -1.29 48.56
N GLY H 141 35.60 -1.06 49.76
CA GLY H 141 36.10 0.23 50.23
C GLY H 141 35.51 0.58 51.60
N ARG H 142 35.90 1.73 52.17
CA ARG H 142 35.36 2.20 53.44
C ARG H 142 33.90 2.67 53.27
N GLY H 143 33.11 2.63 54.35
CA GLY H 143 31.69 2.92 54.30
C GLY H 143 31.42 4.39 53.99
N ASP H 144 32.33 5.25 54.43
CA ASP H 144 32.14 6.70 54.37
C ASP H 144 32.66 7.30 53.06
N GLU H 145 32.85 6.48 52.02
CA GLU H 145 33.59 6.90 50.85
C GLU H 145 33.07 6.16 49.62
N ARG H 146 33.44 6.60 48.43
CA ARG H 146 32.92 5.96 47.23
C ARG H 146 33.70 4.67 47.00
N PRO H 147 33.12 3.62 46.35
CA PRO H 147 33.80 2.34 46.23
C PRO H 147 35.13 2.48 45.55
N VAL H 148 36.03 1.57 45.88
CA VAL H 148 37.37 1.65 45.33
C VAL H 148 37.62 0.39 44.48
N PRO H 149 38.19 0.57 43.28
CA PRO H 149 38.47 -0.56 42.40
C PRO H 149 39.61 -1.39 42.96
N PRO H 150 39.41 -2.70 43.10
CA PRO H 150 40.48 -3.62 43.52
C PRO H 150 41.45 -3.92 42.39
N LEU H 151 42.08 -2.84 41.94
CA LEU H 151 42.77 -2.79 40.66
C LEU H 151 41.87 -3.48 39.64
N ASN H 152 42.47 -4.25 38.73
CA ASN H 152 41.72 -5.11 37.83
C ASN H 152 41.90 -6.60 38.15
N LEU H 153 41.89 -6.95 39.46
CA LEU H 153 42.21 -8.32 39.88
C LEU H 153 41.00 -9.22 39.75
N VAL H 154 39.80 -8.66 39.95
CA VAL H 154 38.63 -9.45 40.21
C VAL H 154 37.90 -9.77 38.89
N GLY H 155 37.89 -8.80 37.96
CA GLY H 155 37.17 -8.95 36.69
C GLY H 155 38.06 -9.55 35.61
N ASP H 156 39.17 -8.87 35.31
CA ASP H 156 40.13 -9.39 34.36
C ASP H 156 40.70 -10.75 34.77
N PHE H 157 41.22 -10.91 35.99
CA PHE H 157 42.01 -12.11 36.25
C PHE H 157 41.17 -13.10 37.06
N GLY H 158 40.88 -12.75 38.31
CA GLY H 158 40.22 -13.72 39.16
C GLY H 158 38.92 -14.27 38.59
N GLY H 159 38.08 -13.39 38.03
CA GLY H 159 36.81 -13.80 37.46
C GLY H 159 36.85 -13.85 35.93
N GLY H 160 38.05 -13.79 35.38
CA GLY H 160 38.23 -13.58 33.95
C GLY H 160 39.07 -14.69 33.32
N SER H 161 40.37 -14.43 33.20
CA SER H 161 41.33 -15.40 32.73
C SER H 161 41.22 -16.71 33.51
N MET H 162 41.00 -16.64 34.82
CA MET H 162 41.09 -17.86 35.61
C MET H 162 39.93 -18.78 35.28
N PHE H 163 38.76 -18.19 35.01
CA PHE H 163 37.65 -18.99 34.55
C PHE H 163 37.80 -19.42 33.08
N LEU H 164 38.45 -18.62 32.24
CA LEU H 164 38.79 -19.07 30.91
C LEU H 164 39.59 -20.38 31.02
N LEU H 165 40.63 -20.34 31.85
CA LEU H 165 41.51 -21.49 32.06
C LEU H 165 40.77 -22.72 32.58
N VAL H 166 39.89 -22.55 33.54
CA VAL H 166 39.12 -23.68 34.07
C VAL H 166 38.31 -24.30 32.94
N GLY H 167 37.72 -23.45 32.08
CA GLY H 167 36.90 -23.91 30.97
C GLY H 167 37.73 -24.67 29.93
N ILE H 168 38.86 -24.10 29.55
CA ILE H 168 39.79 -24.74 28.63
C ILE H 168 40.15 -26.13 29.15
N LEU H 169 40.65 -26.19 30.39
CA LEU H 169 41.21 -27.42 30.92
C LEU H 169 40.06 -28.38 31.20
N ALA H 170 38.90 -27.90 31.65
CA ALA H 170 37.77 -28.80 31.84
C ALA H 170 37.32 -29.40 30.50
N ALA H 171 37.44 -28.63 29.41
CA ALA H 171 36.94 -29.09 28.12
C ALA H 171 37.97 -30.04 27.49
N LEU H 172 39.27 -29.85 27.80
CA LEU H 172 40.34 -30.76 27.41
C LEU H 172 40.18 -32.12 28.06
N TRP H 173 39.57 -32.15 29.26
CA TRP H 173 39.26 -33.40 29.97
C TRP H 173 38.12 -34.09 29.25
N GLU H 174 37.03 -33.36 29.06
CA GLU H 174 35.85 -33.88 28.40
C GLU H 174 36.20 -34.39 26.99
N ARG H 175 37.18 -33.74 26.34
CA ARG H 175 37.63 -34.14 25.02
C ARG H 175 38.28 -35.52 25.08
N GLN H 176 39.26 -35.69 25.99
CA GLN H 176 40.05 -36.91 26.05
C GLN H 176 39.10 -38.11 26.19
N SER H 177 37.80 -37.86 26.46
CA SER H 177 36.79 -38.90 26.49
C SER H 177 35.82 -38.92 25.32
N SER H 178 35.62 -37.79 24.60
CA SER H 178 34.59 -37.78 23.57
C SER H 178 35.16 -37.40 22.20
N GLY H 179 36.49 -37.27 22.08
CA GLY H 179 37.15 -36.95 20.83
C GLY H 179 36.87 -35.54 20.29
N LYS H 180 36.02 -34.77 21.01
CA LYS H 180 35.32 -33.60 20.49
C LYS H 180 35.65 -32.31 21.26
N GLY H 181 35.99 -31.25 20.49
CA GLY H 181 36.11 -29.90 21.02
C GLY H 181 34.76 -29.25 21.36
N GLN H 182 34.80 -27.99 21.82
CA GLN H 182 33.58 -27.21 22.01
C GLN H 182 33.97 -25.76 22.28
N VAL H 183 32.94 -24.92 22.52
CA VAL H 183 33.12 -23.50 22.76
C VAL H 183 32.97 -23.19 24.25
N VAL H 184 33.98 -22.46 24.77
CA VAL H 184 34.02 -21.92 26.11
C VAL H 184 33.73 -20.41 26.04
N ASP H 185 32.53 -20.05 26.53
CA ASP H 185 32.09 -18.68 26.77
C ASP H 185 32.41 -18.26 28.23
N ALA H 186 33.58 -17.65 28.43
CA ALA H 186 34.00 -17.07 29.69
C ALA H 186 33.71 -15.58 29.72
N ALA H 187 32.71 -15.19 30.52
CA ALA H 187 32.32 -13.79 30.67
C ALA H 187 32.69 -13.28 32.06
N MET H 188 33.45 -12.17 32.12
CA MET H 188 33.95 -11.62 33.38
C MET H 188 32.83 -11.37 34.38
N VAL H 189 31.63 -11.05 33.90
CA VAL H 189 30.51 -10.74 34.80
C VAL H 189 29.97 -12.01 35.45
N ASP H 190 30.21 -13.18 34.84
CA ASP H 190 29.77 -14.45 35.40
C ASP H 190 30.86 -14.97 36.34
N GLY H 191 32.06 -15.09 35.79
CA GLY H 191 33.20 -15.57 36.53
C GLY H 191 33.36 -14.84 37.87
N SER H 192 33.19 -13.52 37.85
CA SER H 192 33.46 -12.73 39.04
C SER H 192 32.30 -12.96 39.99
N SER H 193 31.13 -13.30 39.45
CA SER H 193 29.99 -13.62 40.30
C SER H 193 30.22 -14.96 41.02
N VAL H 194 30.84 -15.95 40.36
CA VAL H 194 31.09 -17.20 41.04
C VAL H 194 32.23 -17.01 42.04
N LEU H 195 33.20 -16.16 41.67
CA LEU H 195 34.29 -15.81 42.55
C LEU H 195 33.75 -15.35 43.90
N ILE H 196 32.58 -14.71 43.92
CA ILE H 196 32.10 -14.02 45.12
C ILE H 196 30.90 -14.77 45.66
N GLN H 197 30.78 -16.05 45.29
CA GLN H 197 29.65 -16.86 45.72
C GLN H 197 29.54 -16.91 47.26
N MET H 198 30.67 -16.79 47.96
CA MET H 198 30.63 -16.84 49.43
C MET H 198 29.77 -15.69 49.97
N MET H 199 29.89 -14.50 49.38
CA MET H 199 29.13 -13.36 49.85
C MET H 199 27.65 -13.59 49.53
N TRP H 200 27.35 -14.19 48.37
CA TRP H 200 25.98 -14.47 48.03
C TRP H 200 25.38 -15.50 49.00
N ALA H 201 26.16 -16.52 49.38
CA ALA H 201 25.75 -17.49 50.41
C ALA H 201 25.52 -16.83 51.79
N MET H 202 26.51 -16.06 52.25
CA MET H 202 26.38 -15.34 53.51
C MET H 202 25.17 -14.39 53.49
N ARG H 203 24.94 -13.75 52.34
CA ARG H 203 23.84 -12.81 52.18
C ARG H 203 22.49 -13.50 52.42
N ALA H 204 22.36 -14.72 51.89
CA ALA H 204 21.10 -15.47 51.95
C ALA H 204 20.76 -15.90 53.38
N THR H 205 21.79 -16.09 54.23
CA THR H 205 21.60 -16.44 55.63
C THR H 205 21.72 -15.23 56.57
N GLY H 206 21.66 -13.99 56.07
CA GLY H 206 21.72 -12.82 56.92
C GLY H 206 23.10 -12.56 57.56
N MET H 207 24.18 -13.11 57.00
CA MET H 207 25.52 -12.93 57.55
C MET H 207 26.37 -11.97 56.70
N TRP H 208 25.72 -11.22 55.79
CA TRP H 208 26.40 -10.21 54.98
C TRP H 208 25.37 -9.17 54.56
N THR H 209 25.69 -7.87 54.70
CA THR H 209 24.75 -6.84 54.26
C THR H 209 25.37 -6.01 53.14
N ASP H 210 24.47 -5.37 52.37
CA ASP H 210 24.89 -4.53 51.25
C ASP H 210 25.50 -3.21 51.70
N THR H 211 25.48 -2.93 53.00
CA THR H 211 26.23 -1.80 53.53
C THR H 211 27.74 -2.02 53.41
N ARG H 212 28.42 -1.10 52.72
CA ARG H 212 29.87 -1.14 52.56
C ARG H 212 30.58 -0.83 53.88
N GLY H 213 31.63 -1.59 54.20
CA GLY H 213 32.45 -1.33 55.39
C GLY H 213 31.83 -1.83 56.70
N ALA H 214 30.88 -2.77 56.62
CA ALA H 214 30.10 -3.18 57.80
C ALA H 214 30.00 -4.71 57.91
N ASN H 215 30.98 -5.44 57.38
CA ASN H 215 30.90 -6.90 57.34
C ASN H 215 32.19 -7.49 57.86
N MET H 216 32.22 -8.80 58.04
CA MET H 216 33.37 -9.49 58.62
C MET H 216 34.61 -9.31 57.75
N LEU H 217 34.44 -9.28 56.40
CA LEU H 217 35.59 -9.44 55.51
C LEU H 217 35.88 -8.24 54.60
N ASP H 218 35.28 -7.08 54.85
CA ASP H 218 35.33 -5.90 53.96
C ASP H 218 36.11 -4.76 54.60
N GLY H 219 36.64 -4.99 55.82
CA GLY H 219 37.38 -3.99 56.57
C GLY H 219 36.58 -3.49 57.77
N GLY H 220 35.29 -3.79 57.80
CA GLY H 220 34.46 -3.38 58.92
C GLY H 220 34.83 -4.02 60.27
N ALA H 221 35.27 -5.30 60.28
CA ALA H 221 35.68 -5.98 61.50
C ALA H 221 37.04 -5.48 61.93
N PRO H 222 37.18 -5.02 63.20
CA PRO H 222 38.46 -4.66 63.78
C PRO H 222 39.56 -5.73 63.77
N TYR H 223 39.14 -7.01 63.74
CA TYR H 223 40.10 -8.11 63.68
C TYR H 223 40.37 -8.63 62.25
N TYR H 224 39.88 -7.91 61.23
CA TYR H 224 40.07 -8.23 59.83
C TYR H 224 40.22 -6.92 59.04
N ASP H 225 41.40 -6.33 59.16
CA ASP H 225 41.58 -4.96 58.69
C ASP H 225 43.07 -4.64 58.77
N THR H 226 43.46 -3.49 58.22
CA THR H 226 44.82 -3.02 58.41
C THR H 226 44.85 -1.97 59.51
N TYR H 227 46.04 -1.81 60.10
CA TYR H 227 46.31 -0.84 61.14
C TYR H 227 47.58 -0.10 60.73
N GLU H 228 47.57 1.20 60.98
CA GLU H 228 48.76 1.99 60.82
C GLU H 228 49.67 1.89 62.06
N CYS H 229 50.99 1.73 61.84
CA CYS H 229 51.98 1.63 62.91
C CYS H 229 52.74 2.94 63.11
N ALA H 230 53.67 2.97 64.06
CA ALA H 230 54.35 4.19 64.49
C ALA H 230 55.19 4.80 63.37
N ASP H 231 55.65 3.99 62.41
CA ASP H 231 56.46 4.49 61.32
C ASP H 231 55.59 4.84 60.10
N GLY H 232 54.26 4.82 60.22
CA GLY H 232 53.40 5.15 59.09
C GLY H 232 53.25 4.00 58.10
N ARG H 233 53.76 2.81 58.44
CA ARG H 233 53.57 1.61 57.64
C ARG H 233 52.47 0.77 58.28
N TYR H 234 52.09 -0.34 57.65
CA TYR H 234 50.87 -1.02 58.03
C TYR H 234 51.16 -2.48 58.37
N VAL H 235 50.31 -3.02 59.22
CA VAL H 235 50.12 -4.45 59.37
C VAL H 235 48.70 -4.79 58.94
N ALA H 236 48.55 -6.07 58.58
CA ALA H 236 47.26 -6.70 58.39
C ALA H 236 47.00 -7.65 59.53
N VAL H 237 45.77 -7.54 60.03
CA VAL H 237 45.15 -8.37 61.03
C VAL H 237 44.05 -9.21 60.39
N GLY H 238 44.11 -10.52 60.61
CA GLY H 238 43.12 -11.45 60.10
C GLY H 238 42.66 -12.47 61.14
N ALA H 239 42.68 -12.06 62.42
CA ALA H 239 42.43 -12.96 63.53
C ALA H 239 40.94 -13.19 63.75
N ILE H 240 40.34 -14.03 62.89
CA ILE H 240 38.92 -14.29 62.91
C ILE H 240 38.54 -15.26 64.03
N GLU H 241 39.26 -16.40 64.09
CA GLU H 241 38.94 -17.41 65.11
C GLU H 241 39.32 -16.87 66.49
N PRO H 242 38.50 -17.09 67.53
CA PRO H 242 38.80 -16.58 68.87
C PRO H 242 40.18 -16.87 69.46
N GLN H 243 40.72 -18.05 69.17
CA GLN H 243 42.01 -18.45 69.73
C GLN H 243 43.09 -17.58 69.11
N PHE H 244 42.93 -17.25 67.81
CA PHE H 244 43.92 -16.47 67.10
C PHE H 244 43.83 -15.02 67.58
N TYR H 245 42.58 -14.59 67.83
CA TYR H 245 42.32 -13.25 68.33
C TYR H 245 42.93 -13.08 69.72
N ALA H 246 42.75 -14.08 70.57
CA ALA H 246 43.27 -14.02 71.93
C ALA H 246 44.79 -13.96 71.90
N ALA H 247 45.39 -14.70 70.98
CA ALA H 247 46.85 -14.65 70.80
C ALA H 247 47.30 -13.25 70.42
N MET H 248 46.52 -12.60 69.54
CA MET H 248 46.90 -11.27 69.09
C MET H 248 46.81 -10.27 70.24
N LEU H 249 45.74 -10.35 71.06
CA LEU H 249 45.53 -9.43 72.19
C LEU H 249 46.69 -9.54 73.18
N ALA H 250 47.11 -10.78 73.43
CA ALA H 250 48.21 -11.01 74.37
C ALA H 250 49.52 -10.43 73.87
N GLY H 251 49.82 -10.54 72.54
CA GLY H 251 51.02 -9.93 71.96
C GLY H 251 50.96 -8.40 71.86
N LEU H 252 49.75 -7.82 71.86
CA LEU H 252 49.59 -6.37 71.88
C LEU H 252 49.64 -5.81 73.30
N GLY H 253 49.65 -6.69 74.31
CA GLY H 253 49.66 -6.28 75.70
C GLY H 253 48.27 -5.92 76.18
N LEU H 254 47.21 -6.36 75.47
CA LEU H 254 45.89 -5.93 75.87
C LEU H 254 45.19 -7.08 76.59
N ASP H 255 44.41 -6.67 77.57
CA ASP H 255 43.77 -7.56 78.50
C ASP H 255 42.34 -7.72 78.03
N ALA H 256 41.89 -8.96 77.82
CA ALA H 256 40.59 -9.22 77.22
C ALA H 256 39.44 -8.67 78.07
N ALA H 257 39.52 -8.78 79.40
CA ALA H 257 38.43 -8.32 80.26
C ALA H 257 38.28 -6.81 80.20
N GLU H 258 39.27 -6.09 79.65
CA GLU H 258 39.23 -4.64 79.49
C GLU H 258 38.66 -4.19 78.14
N LEU H 259 38.33 -5.11 77.23
CA LEU H 259 37.97 -4.77 75.86
C LEU H 259 36.51 -5.15 75.62
N PRO H 260 35.83 -4.60 74.61
CA PRO H 260 34.53 -5.14 74.23
C PRO H 260 34.67 -6.56 73.69
N PRO H 261 33.60 -7.37 73.70
CA PRO H 261 33.64 -8.65 73.00
C PRO H 261 34.08 -8.49 71.53
N GLN H 262 34.73 -9.53 70.99
CA GLN H 262 35.31 -9.52 69.65
C GLN H 262 34.22 -9.30 68.62
N ASN H 263 33.03 -9.89 68.84
CA ASN H 263 31.94 -9.86 67.85
C ASN H 263 30.70 -9.13 68.37
N ASP H 264 30.85 -8.20 69.32
CA ASP H 264 29.82 -7.19 69.54
C ASP H 264 30.04 -6.04 68.56
N ARG H 265 29.28 -6.05 67.46
CA ARG H 265 29.36 -5.10 66.35
C ARG H 265 29.01 -3.67 66.78
N ALA H 266 28.15 -3.50 67.78
CA ALA H 266 27.77 -2.16 68.22
C ALA H 266 29.00 -1.45 68.78
N ARG H 267 29.96 -2.21 69.34
CA ARG H 267 31.12 -1.63 70.00
C ARG H 267 32.40 -1.76 69.17
N TRP H 268 32.26 -2.15 67.91
CA TRP H 268 33.43 -2.29 67.06
C TRP H 268 34.22 -0.98 66.94
N PRO H 269 33.59 0.21 66.86
CA PRO H 269 34.38 1.46 66.86
C PRO H 269 35.28 1.60 68.10
N GLU H 270 34.77 1.17 69.24
CA GLU H 270 35.53 1.23 70.48
C GLU H 270 36.71 0.24 70.42
N LEU H 271 36.42 -1.03 70.07
CA LEU H 271 37.46 -2.03 69.93
C LEU H 271 38.54 -1.55 68.99
N ARG H 272 38.10 -0.99 67.85
CA ARG H 272 39.05 -0.53 66.85
C ARG H 272 39.91 0.59 67.40
N ALA H 273 39.33 1.52 68.16
CA ALA H 273 40.12 2.60 68.72
C ALA H 273 41.24 2.06 69.64
N LEU H 274 40.93 1.02 70.43
CA LEU H 274 41.88 0.42 71.35
C LEU H 274 42.99 -0.32 70.59
N LEU H 275 42.64 -1.13 69.57
CA LEU H 275 43.63 -1.81 68.70
C LEU H 275 44.49 -0.79 67.97
N THR H 276 43.88 0.33 67.53
CA THR H 276 44.56 1.40 66.80
C THR H 276 45.67 2.00 67.65
N GLU H 277 45.34 2.42 68.85
CA GLU H 277 46.37 2.90 69.78
C GLU H 277 47.47 1.86 69.99
N ALA H 278 47.16 0.57 70.17
CA ALA H 278 48.20 -0.43 70.44
C ALA H 278 49.16 -0.54 69.26
N PHE H 279 48.64 -0.80 68.07
CA PHE H 279 49.50 -0.95 66.90
C PHE H 279 50.29 0.33 66.60
N ALA H 280 49.73 1.52 66.95
CA ALA H 280 50.44 2.77 66.71
C ALA H 280 51.65 2.94 67.62
N SER H 281 51.82 2.15 68.68
CA SER H 281 52.91 2.44 69.61
C SER H 281 54.22 1.79 69.17
N HIS H 282 54.22 0.96 68.12
CA HIS H 282 55.45 0.42 67.57
C HIS H 282 55.39 0.38 66.05
N ASP H 283 56.57 0.20 65.43
CA ASP H 283 56.65 0.22 63.98
C ASP H 283 56.30 -1.16 63.43
N ARG H 284 56.11 -1.19 62.10
CA ARG H 284 55.61 -2.37 61.41
C ARG H 284 56.52 -3.56 61.69
N ASP H 285 57.84 -3.37 61.56
CA ASP H 285 58.76 -4.49 61.63
C ASP H 285 58.78 -5.08 63.04
N HIS H 286 58.54 -4.24 64.05
CA HIS H 286 58.40 -4.75 65.40
C HIS H 286 57.28 -5.78 65.45
N TRP H 287 56.08 -5.42 64.94
CA TRP H 287 54.95 -6.33 65.07
C TRP H 287 55.21 -7.61 64.28
N GLY H 288 55.88 -7.47 63.15
CA GLY H 288 56.15 -8.62 62.29
C GLY H 288 56.97 -9.66 63.04
N ALA H 289 58.01 -9.17 63.72
CA ALA H 289 58.93 -9.97 64.52
C ALA H 289 58.22 -10.54 65.75
N VAL H 290 57.48 -9.71 66.48
CA VAL H 290 56.72 -10.16 67.64
C VAL H 290 55.79 -11.32 67.28
N PHE H 291 55.18 -11.30 66.09
CA PHE H 291 54.15 -12.26 65.79
C PHE H 291 54.66 -13.32 64.81
N ALA H 292 55.97 -13.31 64.48
CA ALA H 292 56.56 -14.44 63.76
C ALA H 292 56.37 -15.71 64.60
N ASN H 293 55.79 -16.73 63.96
CA ASN H 293 55.64 -18.09 64.44
C ASN H 293 54.39 -18.21 65.28
N SER H 294 53.55 -17.17 65.27
CA SER H 294 52.32 -17.19 66.03
C SER H 294 51.17 -17.36 65.09
N ASP H 295 50.05 -17.77 65.70
CA ASP H 295 48.75 -17.82 65.10
C ASP H 295 47.94 -16.53 65.32
N ALA H 296 48.62 -15.42 65.62
CA ALA H 296 47.94 -14.14 65.82
C ALA H 296 47.32 -13.55 64.53
N CYS H 297 47.76 -14.06 63.36
CA CYS H 297 47.29 -13.59 62.05
C CYS H 297 47.55 -12.09 61.89
N VAL H 298 48.78 -11.68 62.20
CA VAL H 298 49.22 -10.33 62.01
C VAL H 298 50.46 -10.39 61.13
N THR H 299 50.48 -9.63 60.01
CA THR H 299 51.59 -9.73 59.08
C THR H 299 51.92 -8.32 58.61
N PRO H 300 53.18 -8.05 58.18
CA PRO H 300 53.50 -6.74 57.64
C PRO H 300 52.88 -6.58 56.24
N VAL H 301 52.41 -5.36 55.95
CA VAL H 301 51.93 -5.01 54.63
C VAL H 301 53.11 -4.44 53.86
N LEU H 302 53.68 -5.26 52.95
CA LEU H 302 54.85 -4.89 52.15
C LEU H 302 54.41 -4.27 50.83
N ALA H 303 55.10 -3.18 50.44
CA ALA H 303 55.00 -2.65 49.09
C ALA H 303 55.74 -3.60 48.15
N PHE H 304 55.29 -3.67 46.89
CA PHE H 304 55.93 -4.49 45.86
C PHE H 304 57.46 -4.46 45.99
N GLY H 305 58.01 -3.24 46.17
CA GLY H 305 59.44 -2.97 46.23
C GLY H 305 60.19 -3.63 47.39
N GLU H 306 59.47 -4.05 48.45
CA GLU H 306 60.06 -4.68 49.62
C GLU H 306 59.93 -6.19 49.57
N VAL H 307 59.14 -6.71 48.64
CA VAL H 307 58.73 -8.10 48.67
C VAL H 307 59.93 -9.04 48.54
N HIS H 308 60.93 -8.64 47.72
CA HIS H 308 62.07 -9.48 47.39
C HIS H 308 62.95 -9.70 48.63
N ASN H 309 62.80 -8.86 49.67
CA ASN H 309 63.53 -8.98 50.92
C ASN H 309 62.79 -9.73 52.02
N GLU H 310 61.73 -10.49 51.69
CA GLU H 310 60.93 -11.16 52.69
C GLU H 310 61.34 -12.63 52.72
N PRO H 311 61.92 -13.12 53.85
CA PRO H 311 62.47 -14.48 53.91
C PRO H 311 61.55 -15.55 53.36
N HIS H 312 60.28 -15.53 53.75
CA HIS H 312 59.34 -16.54 53.26
C HIS H 312 59.15 -16.47 51.75
N ILE H 313 59.35 -15.29 51.16
CA ILE H 313 59.13 -15.10 49.73
C ILE H 313 60.36 -15.65 49.03
N ILE H 314 61.53 -15.15 49.46
CA ILE H 314 62.85 -15.58 48.99
C ILE H 314 62.95 -17.11 49.02
N GLU H 315 62.59 -17.70 50.16
CA GLU H 315 62.92 -19.09 50.40
C GLU H 315 62.11 -20.01 49.51
N ARG H 316 60.83 -19.69 49.22
CA ARG H 316 60.04 -20.57 48.37
C ARG H 316 60.17 -20.21 46.87
N ASN H 317 61.03 -19.25 46.51
CA ASN H 317 61.20 -18.71 45.17
C ASN H 317 59.81 -18.45 44.56
N THR H 318 59.07 -17.54 45.20
CA THR H 318 57.80 -17.11 44.65
C THR H 318 58.07 -16.24 43.43
N PHE H 319 59.19 -15.52 43.45
CA PHE H 319 59.62 -14.61 42.40
C PHE H 319 60.97 -15.05 41.79
N TYR H 320 61.23 -14.61 40.55
CA TYR H 320 62.55 -14.69 39.93
C TYR H 320 62.90 -13.31 39.37
N GLU H 321 64.20 -13.00 39.27
CA GLU H 321 64.63 -11.78 38.61
C GLU H 321 64.73 -12.07 37.12
N ALA H 322 64.12 -11.21 36.31
CA ALA H 322 64.31 -11.18 34.86
C ALA H 322 64.22 -9.73 34.41
N ASN H 323 64.74 -9.43 33.21
CA ASN H 323 64.59 -8.09 32.66
C ASN H 323 65.15 -7.10 33.68
N GLY H 324 64.35 -6.10 34.07
CA GLY H 324 64.69 -5.14 35.11
C GLY H 324 63.62 -5.07 36.21
N GLY H 325 63.32 -6.23 36.79
CA GLY H 325 62.42 -6.31 37.94
C GLY H 325 62.04 -7.76 38.25
N TRP H 326 61.70 -8.00 39.51
CA TRP H 326 61.18 -9.29 39.92
C TRP H 326 59.87 -9.57 39.19
N GLN H 327 59.61 -10.88 39.01
CA GLN H 327 58.40 -11.38 38.39
C GLN H 327 58.00 -12.67 39.09
N PRO H 328 56.69 -12.96 39.23
CA PRO H 328 56.25 -14.17 39.91
C PRO H 328 56.57 -15.41 39.09
N MET H 329 56.92 -16.48 39.79
CA MET H 329 57.11 -17.79 39.19
C MET H 329 55.75 -18.42 38.94
N PRO H 330 55.69 -19.42 38.04
CA PRO H 330 54.48 -20.17 37.79
C PRO H 330 53.82 -20.63 39.05
N ALA H 331 52.50 -20.66 39.00
CA ALA H 331 51.69 -21.22 40.04
C ALA H 331 50.59 -21.95 39.31
N PRO H 332 50.00 -23.02 39.90
CA PRO H 332 50.53 -23.61 41.14
C PRO H 332 51.79 -24.44 40.87
N ARG H 333 52.25 -25.24 41.85
CA ARG H 333 53.46 -26.04 41.71
C ARG H 333 53.09 -27.51 41.65
N PHE H 334 53.97 -28.30 41.00
CA PHE H 334 53.71 -29.69 40.63
C PHE H 334 54.82 -30.62 41.16
N SER H 335 54.48 -31.82 41.64
CA SER H 335 55.52 -32.67 42.26
C SER H 335 56.45 -33.28 41.20
N ARG H 336 55.91 -33.94 40.18
CA ARG H 336 56.75 -34.54 39.13
C ARG H 336 57.09 -33.56 38.00
N THR H 337 56.06 -32.98 37.37
CA THR H 337 56.22 -32.20 36.17
C THR H 337 56.32 -30.71 36.50
N ALA H 338 57.43 -30.34 37.14
CA ALA H 338 57.60 -29.00 37.64
C ALA H 338 57.80 -28.06 36.46
N SER H 339 57.42 -26.81 36.68
CA SER H 339 57.57 -25.78 35.68
C SER H 339 59.00 -25.29 35.75
N SER H 340 59.37 -24.44 34.80
CA SER H 340 60.69 -23.87 34.77
C SER H 340 60.55 -22.36 34.75
N GLN H 341 61.69 -21.69 34.99
CA GLN H 341 61.77 -20.26 34.86
C GLN H 341 61.10 -19.89 33.55
N PRO H 342 60.10 -18.97 33.55
CA PRO H 342 59.50 -18.49 32.30
C PRO H 342 60.55 -17.98 31.31
N ARG H 343 60.32 -18.32 30.04
CA ARG H 343 61.19 -17.90 28.95
C ARG H 343 60.77 -16.49 28.55
N PRO H 344 61.69 -15.51 28.51
CA PRO H 344 61.30 -14.12 28.28
C PRO H 344 60.65 -13.87 26.92
N PRO H 345 60.16 -12.62 26.67
CA PRO H 345 59.56 -12.30 25.38
C PRO H 345 60.65 -12.25 24.31
N ALA H 346 60.54 -13.12 23.29
CA ALA H 346 61.53 -13.24 22.22
C ALA H 346 60.90 -12.84 20.88
N ALA H 347 61.72 -12.23 20.01
CA ALA H 347 61.25 -11.52 18.82
C ALA H 347 60.54 -12.45 17.83
N THR H 348 60.00 -11.84 16.76
CA THR H 348 58.94 -12.42 15.95
C THR H 348 59.41 -13.60 15.11
N ILE H 349 59.24 -14.82 15.66
CA ILE H 349 59.40 -16.05 14.89
C ILE H 349 58.41 -16.05 13.73
N ASP H 350 58.79 -16.74 12.65
CA ASP H 350 58.13 -16.65 11.35
C ASP H 350 56.96 -17.64 11.30
N ILE H 351 55.77 -17.14 10.93
CA ILE H 351 54.55 -17.93 11.03
C ILE H 351 54.70 -19.28 10.33
N GLU H 352 55.72 -19.36 9.44
CA GLU H 352 55.99 -20.51 8.60
C GLU H 352 56.90 -21.52 9.29
N ALA H 353 57.99 -21.01 9.91
CA ALA H 353 58.88 -21.79 10.76
C ALA H 353 58.07 -22.60 11.77
N VAL H 354 57.03 -21.96 12.32
CA VAL H 354 56.17 -22.58 13.31
C VAL H 354 55.38 -23.70 12.65
N LEU H 355 54.95 -23.48 11.41
CA LEU H 355 54.16 -24.46 10.68
C LEU H 355 55.04 -25.61 10.19
N THR H 356 56.32 -25.33 9.88
CA THR H 356 57.32 -26.37 9.67
C THR H 356 57.37 -27.25 10.91
N ASP H 357 57.78 -26.60 12.02
CA ASP H 357 57.99 -27.22 13.32
C ASP H 357 56.71 -27.92 13.78
N TRP H 358 55.53 -27.33 13.52
CA TRP H 358 54.28 -28.03 13.68
C TRP H 358 53.92 -28.75 12.38
N ASP H 359 54.61 -29.85 12.08
CA ASP H 359 54.28 -30.67 10.93
C ASP H 359 53.80 -29.75 9.79
N MET I 1 -60.81 31.60 -14.95
CA MET I 1 -60.60 31.22 -13.52
C MET I 1 -60.67 32.47 -12.66
N ALA I 2 -61.66 32.49 -11.74
CA ALA I 2 -61.93 33.63 -10.87
C ALA I 2 -60.86 33.75 -9.80
N GLY I 3 -60.51 34.98 -9.44
CA GLY I 3 -59.78 35.24 -8.21
C GLY I 3 -58.55 36.03 -8.59
N PRO I 4 -57.85 36.65 -7.62
CA PRO I 4 -56.77 37.53 -7.99
C PRO I 4 -55.54 36.84 -8.57
N LEU I 5 -55.45 35.50 -8.46
CA LEU I 5 -54.27 34.83 -8.97
C LEU I 5 -54.56 34.16 -10.31
N SER I 6 -55.63 34.55 -11.02
CA SER I 6 -55.86 34.08 -12.39
C SER I 6 -54.56 34.18 -13.18
N GLY I 7 -54.24 33.12 -13.93
CA GLY I 7 -53.08 33.15 -14.82
C GLY I 7 -51.76 32.71 -14.17
N LEU I 8 -51.70 32.62 -12.82
CA LEU I 8 -50.53 32.06 -12.16
C LEU I 8 -50.58 30.54 -12.33
N ARG I 9 -49.42 29.96 -12.69
CA ARG I 9 -49.31 28.53 -12.94
C ARG I 9 -48.41 27.89 -11.90
N VAL I 10 -48.95 26.83 -11.31
CA VAL I 10 -48.28 26.21 -10.18
C VAL I 10 -48.12 24.74 -10.50
N VAL I 11 -46.92 24.22 -10.24
CA VAL I 11 -46.75 22.78 -10.27
C VAL I 11 -46.52 22.28 -8.84
N GLU I 12 -47.29 21.26 -8.49
CA GLU I 12 -47.28 20.67 -7.16
C GLU I 12 -46.78 19.21 -7.20
N LEU I 13 -45.62 18.94 -6.60
CA LEU I 13 -45.18 17.56 -6.45
C LEU I 13 -45.87 16.97 -5.22
N ALA I 14 -46.80 16.06 -5.48
CA ALA I 14 -47.71 15.51 -4.48
C ALA I 14 -46.96 15.07 -3.22
N GLY I 15 -47.44 15.60 -2.08
CA GLY I 15 -46.89 15.36 -0.77
C GLY I 15 -48.02 15.31 0.26
N ILE I 16 -47.73 15.61 1.51
CA ILE I 16 -48.78 15.58 2.52
C ILE I 16 -48.68 16.82 3.39
N GLY I 17 -49.83 17.29 3.84
CA GLY I 17 -49.86 18.31 4.89
C GLY I 17 -49.68 19.72 4.29
N PRO I 18 -48.62 20.44 4.64
CA PRO I 18 -48.50 21.83 4.23
C PRO I 18 -48.41 22.06 2.71
N GLY I 19 -47.70 21.19 1.99
CA GLY I 19 -47.55 21.36 0.55
C GLY I 19 -48.92 21.42 -0.11
N PRO I 20 -49.77 20.38 0.03
CA PRO I 20 -51.10 20.40 -0.57
C PRO I 20 -52.06 21.49 -0.08
N HIS I 21 -51.91 21.96 1.17
CA HIS I 21 -52.78 23.00 1.69
C HIS I 21 -52.47 24.34 1.01
N ALA I 22 -51.18 24.65 0.87
CA ALA I 22 -50.72 25.79 0.08
C ALA I 22 -51.23 25.73 -1.35
N ALA I 23 -51.04 24.59 -2.00
CA ALA I 23 -51.46 24.45 -3.39
C ALA I 23 -52.96 24.72 -3.48
N MET I 24 -53.68 24.25 -2.45
CA MET I 24 -55.13 24.40 -2.40
C MET I 24 -55.50 25.89 -2.41
N ILE I 25 -54.80 26.70 -1.58
CA ILE I 25 -55.15 28.11 -1.40
C ILE I 25 -54.79 28.91 -2.66
N LEU I 26 -53.64 28.60 -3.28
CA LEU I 26 -53.33 29.18 -4.58
C LEU I 26 -54.48 28.90 -5.52
N GLY I 27 -54.93 27.64 -5.57
CA GLY I 27 -56.00 27.23 -6.46
C GLY I 27 -57.32 27.96 -6.13
N ASP I 28 -57.62 28.03 -4.82
CA ASP I 28 -58.81 28.70 -4.32
C ASP I 28 -58.92 30.10 -4.93
N LEU I 29 -57.81 30.82 -4.97
CA LEU I 29 -57.69 32.22 -5.37
C LEU I 29 -57.39 32.37 -6.87
N GLY I 30 -57.55 31.28 -7.64
CA GLY I 30 -57.57 31.31 -9.09
C GLY I 30 -56.26 30.92 -9.79
N ALA I 31 -55.24 30.47 -9.04
CA ALA I 31 -54.06 29.87 -9.66
C ALA I 31 -54.43 28.60 -10.45
N ASP I 32 -53.65 28.34 -11.53
CA ASP I 32 -53.79 27.14 -12.34
C ASP I 32 -52.81 26.10 -11.80
N VAL I 33 -53.34 25.13 -11.04
CA VAL I 33 -52.52 24.29 -10.18
C VAL I 33 -52.50 22.89 -10.77
N VAL I 34 -51.28 22.40 -11.10
CA VAL I 34 -51.13 21.06 -11.68
C VAL I 34 -50.32 20.23 -10.71
N ARG I 35 -50.97 19.17 -10.23
CA ARG I 35 -50.40 18.31 -9.20
C ARG I 35 -49.91 17.01 -9.84
N ILE I 36 -48.61 16.71 -9.69
CA ILE I 36 -48.04 15.46 -10.16
C ILE I 36 -48.00 14.47 -8.99
N ASP I 37 -48.77 13.38 -9.11
CA ASP I 37 -48.64 12.26 -8.21
C ASP I 37 -47.98 11.06 -8.90
N ARG I 38 -47.61 10.02 -8.13
CA ARG I 38 -47.18 8.74 -8.68
C ARG I 38 -48.38 7.99 -9.27
N PRO I 39 -48.17 7.10 -10.28
CA PRO I 39 -49.24 6.25 -10.77
C PRO I 39 -49.69 5.25 -9.70
N SER I 40 -48.76 4.85 -8.83
CA SER I 40 -49.03 3.85 -7.79
C SER I 40 -50.20 4.29 -6.92
N SER I 41 -50.09 5.48 -6.32
CA SER I 41 -51.12 5.96 -5.39
C SER I 41 -52.13 6.85 -6.11
N VAL I 42 -52.71 6.35 -7.21
CA VAL I 42 -53.76 7.06 -7.95
C VAL I 42 -54.74 6.02 -8.50
N ASP I 43 -56.01 6.15 -8.10
CA ASP I 43 -56.98 5.09 -8.24
C ASP I 43 -58.39 5.69 -8.19
N GLY I 44 -58.86 6.26 -9.31
CA GLY I 44 -60.17 6.88 -9.40
C GLY I 44 -60.18 8.32 -8.88
N ILE I 45 -61.37 8.87 -8.61
CA ILE I 45 -61.51 10.25 -8.14
C ILE I 45 -61.14 10.32 -6.65
N SER I 46 -60.46 11.39 -6.25
CA SER I 46 -59.93 11.49 -4.90
C SER I 46 -61.05 11.83 -3.91
N ARG I 47 -60.93 11.27 -2.69
CA ARG I 47 -61.84 11.50 -1.58
C ARG I 47 -61.54 12.82 -0.87
N ASP I 48 -60.28 13.28 -0.98
CA ASP I 48 -59.71 14.32 -0.15
C ASP I 48 -60.11 15.70 -0.69
N ALA I 49 -61.05 16.36 0.03
CA ALA I 49 -61.46 17.72 -0.34
C ALA I 49 -60.30 18.71 -0.32
N MET I 50 -59.13 18.36 0.24
CA MET I 50 -57.97 19.26 0.20
C MET I 50 -57.38 19.33 -1.22
N LEU I 51 -57.82 18.45 -2.13
CA LEU I 51 -57.31 18.40 -3.49
C LEU I 51 -58.26 19.11 -4.45
N ARG I 52 -59.08 20.03 -3.92
CA ARG I 52 -59.96 20.86 -4.74
C ARG I 52 -59.10 21.84 -5.54
N ASN I 53 -59.68 22.35 -6.65
CA ASN I 53 -59.07 23.40 -7.47
C ASN I 53 -57.72 22.97 -8.06
N ARG I 54 -57.74 21.79 -8.64
CA ARG I 54 -56.54 21.04 -8.94
C ARG I 54 -56.74 20.48 -10.36
N ARG I 55 -55.65 20.30 -11.13
CA ARG I 55 -55.62 19.25 -12.14
C ARG I 55 -54.57 18.21 -11.73
N ILE I 56 -54.99 16.93 -11.73
CA ILE I 56 -54.14 15.84 -11.26
C ILE I 56 -53.60 15.09 -12.49
N VAL I 57 -52.26 14.99 -12.54
CA VAL I 57 -51.54 14.14 -13.48
C VAL I 57 -50.61 13.19 -12.73
N THR I 58 -50.24 12.11 -13.43
CA THR I 58 -49.54 10.94 -12.91
C THR I 58 -48.19 10.81 -13.62
N ALA I 59 -47.12 10.53 -12.87
CA ALA I 59 -45.81 10.37 -13.48
C ALA I 59 -44.85 9.68 -12.52
N ASP I 60 -44.04 8.77 -13.08
CA ASP I 60 -42.97 8.12 -12.37
C ASP I 60 -41.71 8.95 -12.65
N LEU I 61 -41.34 9.74 -11.65
CA LEU I 61 -40.28 10.74 -11.79
C LEU I 61 -38.91 10.06 -11.74
N LYS I 62 -38.91 8.77 -11.43
CA LYS I 62 -37.70 7.97 -11.44
C LYS I 62 -37.40 7.54 -12.89
N SER I 63 -38.43 7.44 -13.76
CA SER I 63 -38.23 7.16 -15.18
C SER I 63 -37.61 8.36 -15.91
N ASP I 64 -37.18 8.14 -17.17
CA ASP I 64 -36.62 9.20 -17.99
C ASP I 64 -37.76 9.99 -18.65
N GLN I 65 -38.80 9.27 -19.05
CA GLN I 65 -39.95 9.91 -19.63
C GLN I 65 -40.75 10.65 -18.56
N GLY I 66 -40.56 10.24 -17.30
CA GLY I 66 -41.18 10.93 -16.18
C GLY I 66 -40.50 12.25 -15.88
N LEU I 67 -39.18 12.24 -15.68
CA LEU I 67 -38.40 13.43 -15.42
C LEU I 67 -38.55 14.44 -16.57
N GLU I 68 -38.69 13.93 -17.80
CA GLU I 68 -38.70 14.82 -18.96
C GLU I 68 -40.00 15.61 -18.98
N LEU I 69 -41.14 14.90 -18.87
CA LEU I 69 -42.46 15.50 -18.95
C LEU I 69 -42.64 16.53 -17.83
N ALA I 70 -42.08 16.22 -16.66
CA ALA I 70 -42.11 17.13 -15.50
C ALA I 70 -41.28 18.38 -15.75
N LEU I 71 -40.07 18.24 -16.31
CA LEU I 71 -39.25 19.41 -16.62
C LEU I 71 -39.92 20.30 -17.68
N LYS I 72 -40.83 19.73 -18.47
CA LYS I 72 -41.58 20.50 -19.45
C LYS I 72 -42.70 21.31 -18.78
N LEU I 73 -43.44 20.69 -17.86
CA LEU I 73 -44.45 21.44 -17.11
C LEU I 73 -43.79 22.60 -16.40
N ILE I 74 -42.65 22.32 -15.76
CA ILE I 74 -42.00 23.27 -14.88
C ILE I 74 -41.46 24.46 -15.68
N ALA I 75 -41.11 24.17 -16.95
CA ALA I 75 -40.58 25.18 -17.85
C ALA I 75 -41.66 26.22 -18.18
N LYS I 76 -42.94 25.79 -18.23
CA LYS I 76 -44.06 26.63 -18.62
C LYS I 76 -44.81 27.21 -17.40
N ALA I 77 -44.23 27.15 -16.20
CA ALA I 77 -44.93 27.44 -14.95
C ALA I 77 -44.24 28.56 -14.18
N ASP I 78 -44.97 29.16 -13.21
CA ASP I 78 -44.41 30.21 -12.36
C ASP I 78 -43.87 29.67 -11.05
N VAL I 79 -44.53 28.63 -10.52
CA VAL I 79 -44.25 28.13 -9.18
C VAL I 79 -44.09 26.60 -9.17
N LEU I 80 -43.03 26.16 -8.50
CA LEU I 80 -42.93 24.77 -8.10
C LEU I 80 -42.98 24.61 -6.58
N ILE I 81 -43.87 23.70 -6.16
CA ILE I 81 -43.99 23.28 -4.76
C ILE I 81 -43.53 21.83 -4.59
N GLU I 82 -42.56 21.61 -3.69
CA GLU I 82 -42.24 20.24 -3.25
C GLU I 82 -42.19 20.20 -1.71
N GLY I 83 -42.67 19.09 -1.13
CA GLY I 83 -42.59 18.87 0.31
C GLY I 83 -41.88 17.57 0.71
N TYR I 84 -40.76 17.25 0.04
CA TYR I 84 -40.03 16.03 0.31
C TYR I 84 -38.87 16.37 1.22
N ARG I 85 -38.18 15.32 1.67
CA ARG I 85 -36.96 15.54 2.43
C ARG I 85 -35.99 16.33 1.56
N PRO I 86 -35.10 17.13 2.17
CA PRO I 86 -34.02 17.77 1.44
C PRO I 86 -33.22 16.69 0.74
N GLY I 87 -32.91 16.96 -0.53
CA GLY I 87 -32.01 16.13 -1.30
C GLY I 87 -32.79 15.25 -2.24
N VAL I 88 -34.11 15.10 -2.01
CA VAL I 88 -34.92 14.22 -2.84
C VAL I 88 -35.08 14.74 -4.26
N THR I 89 -35.43 16.01 -4.43
CA THR I 89 -35.68 16.50 -5.78
C THR I 89 -34.34 16.51 -6.54
N GLU I 90 -33.26 16.86 -5.86
CA GLU I 90 -31.93 16.85 -6.44
C GLU I 90 -31.70 15.48 -7.10
N ARG I 91 -31.81 14.38 -6.32
CA ARG I 91 -31.63 13.01 -6.80
C ARG I 91 -32.59 12.65 -7.92
N LEU I 92 -33.80 13.21 -7.94
CA LEU I 92 -34.73 12.93 -9.04
C LEU I 92 -34.37 13.78 -10.28
N GLY I 93 -33.39 14.68 -10.15
CA GLY I 93 -33.08 15.65 -11.18
C GLY I 93 -34.07 16.83 -11.29
N LEU I 94 -34.87 17.09 -10.23
CA LEU I 94 -35.83 18.20 -10.25
C LEU I 94 -35.43 19.23 -9.21
N GLY I 95 -34.14 19.27 -8.88
CA GLY I 95 -33.63 20.20 -7.90
C GLY I 95 -33.73 21.62 -8.43
N PRO I 96 -33.49 22.64 -7.57
CA PRO I 96 -33.51 24.02 -8.02
C PRO I 96 -32.55 24.21 -9.20
N GLU I 97 -31.29 23.75 -9.05
CA GLU I 97 -30.24 23.98 -10.04
C GLU I 97 -30.67 23.52 -11.43
N GLU I 98 -31.24 22.30 -11.50
CA GLU I 98 -31.76 21.73 -12.73
C GLU I 98 -32.93 22.56 -13.25
N CYS I 99 -33.84 22.93 -12.33
CA CYS I 99 -35.08 23.60 -12.71
C CYS I 99 -34.74 24.99 -13.24
N ALA I 100 -33.73 25.63 -12.62
CA ALA I 100 -33.23 26.94 -12.98
C ALA I 100 -32.62 26.94 -14.38
N LYS I 101 -32.24 25.75 -14.88
CA LYS I 101 -31.68 25.59 -16.21
C LYS I 101 -32.78 25.73 -17.26
N VAL I 102 -34.02 25.28 -16.99
CA VAL I 102 -35.08 25.30 -18.00
C VAL I 102 -36.05 26.47 -17.77
N ASN I 103 -35.82 27.32 -16.75
CA ASN I 103 -36.78 28.38 -16.41
C ASN I 103 -36.29 29.16 -15.20
N ASP I 104 -35.49 30.23 -15.43
CA ASP I 104 -34.92 31.02 -14.35
C ASP I 104 -35.91 32.09 -13.82
N ARG I 105 -37.16 32.01 -14.27
CA ARG I 105 -38.24 32.83 -13.73
C ARG I 105 -38.95 32.11 -12.57
N LEU I 106 -38.60 30.84 -12.32
CA LEU I 106 -39.36 29.95 -11.46
C LEU I 106 -39.22 30.32 -9.98
N ILE I 107 -40.35 30.23 -9.26
CA ILE I 107 -40.33 30.23 -7.81
C ILE I 107 -40.30 28.79 -7.32
N TYR I 108 -39.19 28.44 -6.67
CA TYR I 108 -38.95 27.05 -6.27
C TYR I 108 -39.24 27.00 -4.79
N ALA I 109 -40.42 26.45 -4.45
CA ALA I 109 -40.92 26.53 -3.08
C ALA I 109 -40.70 25.21 -2.34
N ARG I 110 -39.86 25.25 -1.29
CA ARG I 110 -39.47 24.05 -0.57
C ARG I 110 -40.10 24.04 0.83
N MET I 111 -41.08 23.13 0.97
CA MET I 111 -41.85 22.97 2.18
C MET I 111 -41.32 21.81 3.01
N THR I 112 -40.53 22.10 4.06
CA THR I 112 -40.13 21.09 5.02
C THR I 112 -40.58 21.46 6.44
N GLY I 113 -40.32 20.56 7.40
CA GLY I 113 -40.44 20.87 8.81
C GLY I 113 -39.16 21.38 9.45
N TRP I 114 -38.06 20.69 9.15
CA TRP I 114 -36.79 20.95 9.82
C TRP I 114 -35.95 21.95 8.99
N GLY I 115 -36.28 22.14 7.73
CA GLY I 115 -35.40 22.94 6.87
C GLY I 115 -34.50 22.09 5.96
N GLN I 116 -33.60 22.76 5.23
CA GLN I 116 -32.81 22.13 4.20
C GLN I 116 -31.50 21.60 4.76
N THR I 117 -31.05 22.08 5.93
CA THR I 117 -29.81 21.61 6.51
C THR I 117 -29.97 21.45 8.02
N GLY I 118 -28.93 20.87 8.63
CA GLY I 118 -28.78 20.83 10.08
C GLY I 118 -29.05 19.42 10.60
N PRO I 119 -28.83 19.16 11.91
CA PRO I 119 -28.79 17.79 12.42
C PRO I 119 -30.06 16.96 12.26
N ARG I 120 -31.23 17.61 12.17
CA ARG I 120 -32.50 16.90 12.10
C ARG I 120 -33.08 16.91 10.69
N SER I 121 -32.34 17.47 9.71
CA SER I 121 -32.90 17.73 8.39
C SER I 121 -33.40 16.48 7.70
N GLN I 122 -32.85 15.30 8.06
CA GLN I 122 -33.24 14.05 7.42
C GLN I 122 -34.18 13.21 8.29
N GLN I 123 -34.45 13.63 9.54
CA GLN I 123 -35.45 12.95 10.35
C GLN I 123 -36.87 13.12 9.80
N ALA I 124 -37.58 12.01 9.64
CA ALA I 124 -39.01 12.02 9.49
C ALA I 124 -39.65 12.76 10.67
N GLY I 125 -40.84 13.28 10.40
CA GLY I 125 -41.52 14.12 11.38
C GLY I 125 -42.93 14.53 10.98
N HIS I 126 -43.63 15.08 11.99
CA HIS I 126 -44.97 15.59 11.81
C HIS I 126 -45.09 16.83 12.68
N ASP I 127 -46.22 17.51 12.49
CA ASP I 127 -46.49 18.80 13.13
C ASP I 127 -45.99 18.80 14.58
N ILE I 128 -46.46 17.81 15.36
CA ILE I 128 -46.20 17.74 16.79
C ILE I 128 -44.70 17.79 17.11
N ASN I 129 -43.88 17.18 16.23
CA ASN I 129 -42.43 17.19 16.41
C ASN I 129 -41.85 18.60 16.19
N TYR I 130 -42.25 19.24 15.10
CA TYR I 130 -41.65 20.53 14.77
C TYR I 130 -41.99 21.56 15.84
N ILE I 131 -43.23 21.53 16.33
CA ILE I 131 -43.59 22.47 17.38
C ILE I 131 -43.06 22.06 18.76
N SER I 132 -42.58 20.81 18.94
CA SER I 132 -42.05 20.45 20.26
C SER I 132 -40.71 21.12 20.50
N LEU I 133 -40.00 21.42 19.39
CA LEU I 133 -38.59 21.83 19.50
C LEU I 133 -38.44 23.33 19.75
N ASN I 134 -39.45 24.15 19.48
CA ASN I 134 -39.26 25.59 19.50
C ASN I 134 -40.12 26.25 20.60
N GLY I 135 -40.64 25.43 21.52
CA GLY I 135 -41.27 25.90 22.74
C GLY I 135 -42.80 25.95 22.71
N ILE I 136 -43.39 25.77 21.53
CA ILE I 136 -44.80 25.97 21.28
C ILE I 136 -45.65 24.87 21.94
N LEU I 137 -45.38 23.60 21.63
CA LEU I 137 -46.18 22.53 22.20
C LEU I 137 -46.17 22.62 23.73
N HIS I 138 -45.00 22.93 24.31
CA HIS I 138 -44.85 22.94 25.75
C HIS I 138 -45.85 23.93 26.38
N ALA I 139 -46.18 24.99 25.65
CA ALA I 139 -46.95 26.11 26.20
C ALA I 139 -48.45 25.87 26.10
N ILE I 140 -48.87 24.75 25.51
CA ILE I 140 -50.27 24.48 25.23
C ILE I 140 -50.81 23.37 26.13
N GLY I 141 -51.92 23.68 26.83
CA GLY I 141 -52.64 22.73 27.66
C GLY I 141 -52.78 23.21 29.10
N ARG I 142 -53.45 22.40 29.92
CA ARG I 142 -53.60 22.73 31.34
C ARG I 142 -52.28 22.51 32.06
N GLY I 143 -52.11 23.25 33.16
CA GLY I 143 -50.87 23.28 33.92
C GLY I 143 -50.62 22.00 34.71
N ASP I 144 -51.68 21.29 35.04
CA ASP I 144 -51.56 20.06 35.82
C ASP I 144 -51.48 18.82 34.91
N GLU I 145 -51.16 19.00 33.63
CA GLU I 145 -51.22 17.92 32.65
C GLU I 145 -50.10 18.04 31.63
N ARG I 146 -49.95 16.97 30.84
CA ARG I 146 -48.91 16.98 29.83
C ARG I 146 -49.40 17.82 28.65
N PRO I 147 -48.48 18.40 27.84
CA PRO I 147 -48.87 19.38 26.82
C PRO I 147 -49.83 18.71 25.86
N VAL I 148 -50.75 19.45 25.24
CA VAL I 148 -51.68 18.83 24.31
C VAL I 148 -51.49 19.46 22.94
N PRO I 149 -51.56 18.64 21.89
CA PRO I 149 -51.38 19.16 20.54
C PRO I 149 -52.60 19.94 20.07
N PRO I 150 -52.39 21.18 19.58
CA PRO I 150 -53.43 21.94 18.90
C PRO I 150 -53.68 21.43 17.48
N LEU I 151 -54.19 20.19 17.39
CA LEU I 151 -54.33 19.45 16.15
C LEU I 151 -53.00 19.62 15.41
N ASN I 152 -53.04 19.71 14.09
CA ASN I 152 -51.84 20.06 13.32
C ASN I 152 -51.99 21.45 12.69
N LEU I 153 -52.46 22.42 13.50
CA LEU I 153 -52.84 23.73 12.97
C LEU I 153 -51.67 24.68 12.95
N VAL I 154 -50.75 24.50 13.86
CA VAL I 154 -49.77 25.53 14.14
C VAL I 154 -48.50 25.26 13.32
N GLY I 155 -48.17 23.95 13.15
CA GLY I 155 -46.96 23.53 12.45
C GLY I 155 -47.20 23.35 10.94
N ASP I 156 -48.14 22.47 10.59
CA ASP I 156 -48.51 22.18 9.22
C ASP I 156 -49.06 23.41 8.50
N PHE I 157 -50.02 24.13 9.11
CA PHE I 157 -50.74 25.16 8.37
C PHE I 157 -50.28 26.56 8.76
N GLY I 158 -50.63 27.02 9.98
CA GLY I 158 -50.27 28.34 10.44
C GLY I 158 -48.82 28.73 10.22
N GLY I 159 -47.89 27.84 10.62
CA GLY I 159 -46.46 28.06 10.59
C GLY I 159 -45.79 27.33 9.42
N GLY I 160 -46.60 26.73 8.57
CA GLY I 160 -46.13 25.88 7.50
C GLY I 160 -46.62 26.39 6.14
N SER I 161 -47.75 25.88 5.69
CA SER I 161 -48.31 26.23 4.40
C SER I 161 -48.46 27.74 4.27
N MET I 162 -48.81 28.45 5.37
CA MET I 162 -49.13 29.86 5.19
C MET I 162 -47.86 30.63 4.87
N PHE I 163 -46.73 30.25 5.50
CA PHE I 163 -45.45 30.86 5.26
C PHE I 163 -44.89 30.50 3.88
N LEU I 164 -45.19 29.31 3.37
CA LEU I 164 -44.84 28.93 2.02
C LEU I 164 -45.52 29.90 1.06
N LEU I 165 -46.81 30.11 1.29
CA LEU I 165 -47.64 30.99 0.46
C LEU I 165 -47.09 32.41 0.47
N VAL I 166 -46.74 32.90 1.66
CA VAL I 166 -46.21 34.24 1.76
C VAL I 166 -44.87 34.33 1.00
N GLY I 167 -44.07 33.25 1.06
CA GLY I 167 -42.78 33.23 0.38
C GLY I 167 -42.97 33.29 -1.13
N ILE I 168 -43.87 32.44 -1.63
CA ILE I 168 -44.19 32.33 -3.02
C ILE I 168 -44.63 33.70 -3.55
N LEU I 169 -45.58 34.33 -2.85
CA LEU I 169 -46.18 35.55 -3.35
C LEU I 169 -45.21 36.72 -3.19
N ALA I 170 -44.42 36.71 -2.13
CA ALA I 170 -43.40 37.75 -2.01
C ALA I 170 -42.35 37.60 -3.10
N ALA I 171 -42.04 36.35 -3.49
CA ALA I 171 -40.99 36.13 -4.47
C ALA I 171 -41.48 36.56 -5.84
N LEU I 172 -42.78 36.31 -6.12
CA LEU I 172 -43.43 36.75 -7.34
C LEU I 172 -43.45 38.28 -7.47
N TRP I 173 -43.61 38.99 -6.36
CA TRP I 173 -43.49 40.44 -6.35
C TRP I 173 -42.07 40.87 -6.76
N GLU I 174 -41.07 40.30 -6.07
CA GLU I 174 -39.66 40.59 -6.32
C GLU I 174 -39.34 40.36 -7.79
N ARG I 175 -39.90 39.30 -8.39
CA ARG I 175 -39.67 38.92 -9.76
C ARG I 175 -40.11 40.05 -10.70
N GLN I 176 -41.18 40.75 -10.32
CA GLN I 176 -41.67 41.87 -11.13
C GLN I 176 -40.50 42.81 -11.43
N SER I 177 -39.65 43.15 -10.45
CA SER I 177 -38.49 44.02 -10.62
C SER I 177 -37.26 43.35 -11.25
N SER I 178 -37.04 42.05 -10.96
CA SER I 178 -35.74 41.42 -11.25
C SER I 178 -35.76 40.61 -12.54
N GLY I 179 -36.95 40.19 -12.97
CA GLY I 179 -37.12 39.23 -14.05
C GLY I 179 -36.70 37.80 -13.66
N LYS I 180 -36.44 37.55 -12.36
CA LYS I 180 -35.84 36.28 -11.96
C LYS I 180 -36.55 35.66 -10.76
N GLY I 181 -36.72 34.33 -10.86
CA GLY I 181 -37.20 33.48 -9.80
C GLY I 181 -36.17 33.33 -8.69
N GLN I 182 -36.50 32.45 -7.72
CA GLN I 182 -35.57 32.12 -6.66
C GLN I 182 -36.12 30.95 -5.85
N VAL I 183 -35.36 30.57 -4.82
CA VAL I 183 -35.78 29.46 -3.97
C VAL I 183 -36.30 30.01 -2.64
N VAL I 184 -37.46 29.47 -2.29
CA VAL I 184 -38.16 29.72 -1.03
C VAL I 184 -38.03 28.49 -0.13
N ASP I 185 -37.34 28.65 1.00
CA ASP I 185 -37.19 27.57 1.97
C ASP I 185 -38.11 27.86 3.17
N ALA I 186 -39.28 27.20 3.16
CA ALA I 186 -40.26 27.26 4.24
C ALA I 186 -40.16 26.06 5.20
N ALA I 187 -39.56 26.31 6.37
CA ALA I 187 -39.45 25.30 7.42
C ALA I 187 -40.48 25.55 8.54
N MET I 188 -41.26 24.51 8.87
CA MET I 188 -42.33 24.63 9.85
C MET I 188 -41.77 25.05 11.20
N VAL I 189 -40.52 24.70 11.51
CA VAL I 189 -39.92 25.10 12.78
C VAL I 189 -39.65 26.60 12.81
N ASP I 190 -39.41 27.22 11.63
CA ASP I 190 -39.16 28.66 11.55
C ASP I 190 -40.49 29.41 11.51
N GLY I 191 -41.35 29.01 10.59
CA GLY I 191 -42.62 29.66 10.38
C GLY I 191 -43.42 29.69 11.68
N SER I 192 -43.50 28.53 12.35
CA SER I 192 -44.25 28.42 13.57
C SER I 192 -43.64 29.34 14.60
N SER I 193 -42.31 29.53 14.55
CA SER I 193 -41.65 30.42 15.51
C SER I 193 -42.08 31.89 15.31
N VAL I 194 -42.19 32.33 14.06
CA VAL I 194 -42.59 33.70 13.75
C VAL I 194 -44.08 33.83 14.10
N LEU I 195 -44.86 32.79 13.80
CA LEU I 195 -46.26 32.82 14.16
C LEU I 195 -46.46 33.14 15.64
N ILE I 196 -45.54 32.75 16.51
CA ILE I 196 -45.69 32.90 17.94
C ILE I 196 -44.76 34.00 18.43
N GLN I 197 -44.42 34.94 17.54
CA GLN I 197 -43.48 35.96 17.95
C GLN I 197 -44.05 36.76 19.15
N MET I 198 -45.37 36.91 19.23
CA MET I 198 -45.92 37.68 20.35
C MET I 198 -45.48 37.12 21.72
N MET I 199 -45.38 35.78 21.85
CA MET I 199 -44.99 35.19 23.13
C MET I 199 -43.51 35.47 23.42
N TRP I 200 -42.67 35.39 22.37
CA TRP I 200 -41.26 35.68 22.53
C TRP I 200 -41.10 37.15 22.93
N ALA I 201 -42.06 37.98 22.52
CA ALA I 201 -41.98 39.42 22.81
C ALA I 201 -42.36 39.65 24.26
N MET I 202 -43.49 39.08 24.68
CA MET I 202 -43.97 39.19 26.04
C MET I 202 -42.97 38.57 27.02
N ARG I 203 -42.32 37.48 26.58
CA ARG I 203 -41.40 36.76 27.43
C ARG I 203 -40.22 37.66 27.79
N ALA I 204 -39.69 38.42 26.83
CA ALA I 204 -38.54 39.29 27.09
C ALA I 204 -38.84 40.44 28.07
N THR I 205 -40.11 40.86 28.16
CA THR I 205 -40.51 41.95 29.05
C THR I 205 -41.19 41.46 30.32
N GLY I 206 -41.00 40.17 30.66
CA GLY I 206 -41.57 39.59 31.86
C GLY I 206 -43.08 39.35 31.84
N MET I 207 -43.72 39.29 30.66
CA MET I 207 -45.17 39.24 30.60
C MET I 207 -45.65 37.88 30.13
N TRP I 208 -44.73 36.92 30.03
CA TRP I 208 -45.08 35.54 29.72
C TRP I 208 -44.05 34.60 30.35
N THR I 209 -44.53 33.55 31.04
CA THR I 209 -43.62 32.57 31.65
C THR I 209 -43.74 31.22 30.94
N ASP I 210 -42.72 30.39 31.18
CA ASP I 210 -42.62 29.06 30.62
C ASP I 210 -43.56 28.11 31.37
N THR I 211 -44.15 28.56 32.48
CA THR I 211 -45.13 27.74 33.18
C THR I 211 -46.45 27.64 32.41
N ARG I 212 -46.83 26.39 32.15
CA ARG I 212 -47.97 26.09 31.32
C ARG I 212 -49.25 26.40 32.10
N GLY I 213 -50.22 27.00 31.39
CA GLY I 213 -51.51 27.33 31.98
C GLY I 213 -51.48 28.44 33.02
N ALA I 214 -50.48 29.34 32.99
CA ALA I 214 -50.39 30.41 33.98
C ALA I 214 -50.12 31.77 33.32
N ASN I 215 -50.68 32.02 32.13
CA ASN I 215 -50.43 33.23 31.37
C ASN I 215 -51.78 33.81 30.90
N MET I 216 -51.75 34.98 30.22
CA MET I 216 -52.97 35.68 29.90
C MET I 216 -53.78 34.93 28.84
N LEU I 217 -53.12 34.20 27.93
CA LEU I 217 -53.81 33.69 26.75
C LEU I 217 -53.76 32.16 26.64
N ASP I 218 -53.26 31.45 27.66
CA ASP I 218 -53.07 30.00 27.58
C ASP I 218 -54.18 29.29 28.36
N GLY I 219 -55.08 30.06 28.98
CA GLY I 219 -56.16 29.53 29.77
C GLY I 219 -55.92 29.76 31.27
N GLY I 220 -54.75 30.32 31.62
CA GLY I 220 -54.45 30.73 32.97
C GLY I 220 -55.33 31.86 33.51
N ALA I 221 -55.75 32.81 32.65
CA ALA I 221 -56.55 33.94 33.10
C ALA I 221 -58.01 33.57 33.11
N PRO I 222 -58.75 33.81 34.22
CA PRO I 222 -60.17 33.49 34.28
C PRO I 222 -61.06 34.20 33.26
N TYR I 223 -60.58 35.34 32.73
CA TYR I 223 -61.31 36.09 31.71
C TYR I 223 -60.91 35.70 30.29
N TYR I 224 -60.03 34.68 30.17
CA TYR I 224 -59.66 34.16 28.86
C TYR I 224 -59.59 32.63 28.92
N ASP I 225 -60.75 31.99 28.79
CA ASP I 225 -60.84 30.56 28.99
C ASP I 225 -62.21 30.11 28.52
N THR I 226 -62.39 28.78 28.45
CA THR I 226 -63.68 28.18 28.30
C THR I 226 -64.28 27.90 29.69
N TYR I 227 -65.61 27.77 29.71
CA TYR I 227 -66.30 27.40 30.93
C TYR I 227 -67.42 26.44 30.58
N GLU I 228 -67.62 25.48 31.48
CA GLU I 228 -68.69 24.52 31.32
C GLU I 228 -70.01 25.11 31.84
N CYS I 229 -71.06 24.86 31.07
CA CYS I 229 -72.42 25.33 31.35
C CYS I 229 -73.26 24.21 31.98
N ALA I 230 -74.50 24.53 32.38
CA ALA I 230 -75.34 23.58 33.10
C ALA I 230 -75.63 22.33 32.26
N ASP I 231 -75.57 22.45 30.93
CA ASP I 231 -75.91 21.34 30.05
C ASP I 231 -74.66 20.53 29.67
N GLY I 232 -73.51 20.84 30.27
CA GLY I 232 -72.27 20.17 29.87
C GLY I 232 -71.68 20.72 28.56
N ARG I 233 -72.25 21.79 27.99
CA ARG I 233 -71.64 22.41 26.82
C ARG I 233 -70.85 23.63 27.30
N TYR I 234 -70.16 24.32 26.39
CA TYR I 234 -69.16 25.28 26.83
C TYR I 234 -69.36 26.64 26.19
N VAL I 235 -68.93 27.66 26.91
CA VAL I 235 -68.75 28.96 26.32
C VAL I 235 -67.29 29.33 26.41
N ALA I 236 -66.89 30.27 25.53
CA ALA I 236 -65.58 30.88 25.57
C ALA I 236 -65.72 32.32 26.04
N VAL I 237 -64.78 32.71 26.93
CA VAL I 237 -64.68 34.01 27.53
C VAL I 237 -63.38 34.61 27.07
N GLY I 238 -63.45 35.79 26.43
CA GLY I 238 -62.27 36.51 25.96
C GLY I 238 -62.23 37.96 26.42
N ALA I 239 -62.75 38.24 27.62
CA ALA I 239 -62.97 39.62 28.02
C ALA I 239 -61.72 40.21 28.64
N ILE I 240 -60.71 40.49 27.80
CA ILE I 240 -59.45 41.05 28.25
C ILE I 240 -59.63 42.50 28.72
N GLU I 241 -60.23 43.34 27.87
CA GLU I 241 -60.33 44.77 28.13
C GLU I 241 -61.32 45.00 29.27
N PRO I 242 -60.98 45.85 30.25
CA PRO I 242 -61.82 46.01 31.43
C PRO I 242 -63.27 46.34 31.11
N GLN I 243 -63.52 47.13 30.05
CA GLN I 243 -64.91 47.50 29.72
C GLN I 243 -65.70 46.26 29.36
N PHE I 244 -65.05 45.36 28.61
CA PHE I 244 -65.72 44.17 28.12
C PHE I 244 -65.98 43.21 29.29
N TYR I 245 -64.94 43.01 30.09
CA TYR I 245 -65.01 42.24 31.34
C TYR I 245 -66.20 42.73 32.20
N ALA I 246 -66.33 44.05 32.36
CA ALA I 246 -67.41 44.57 33.19
C ALA I 246 -68.77 44.23 32.57
N ALA I 247 -68.90 44.24 31.22
CA ALA I 247 -70.15 43.88 30.59
C ALA I 247 -70.47 42.43 30.89
N MET I 248 -69.42 41.63 30.89
CA MET I 248 -69.64 40.21 31.13
C MET I 248 -70.12 39.96 32.56
N LEU I 249 -69.48 40.60 33.54
CA LEU I 249 -69.88 40.45 34.94
C LEU I 249 -71.36 40.81 35.14
N ALA I 250 -71.80 41.90 34.51
CA ALA I 250 -73.19 42.32 34.66
C ALA I 250 -74.11 41.28 34.06
N GLY I 251 -73.74 40.74 32.88
CA GLY I 251 -74.54 39.70 32.26
C GLY I 251 -74.62 38.43 33.09
N LEU I 252 -73.57 38.12 33.88
CA LEU I 252 -73.58 36.92 34.69
C LEU I 252 -74.34 37.16 36.01
N GLY I 253 -74.68 38.42 36.31
CA GLY I 253 -75.39 38.71 37.54
C GLY I 253 -74.43 38.85 38.71
N LEU I 254 -73.14 39.08 38.44
CA LEU I 254 -72.14 39.19 39.48
C LEU I 254 -71.80 40.67 39.68
N ASP I 255 -71.76 41.02 40.96
CA ASP I 255 -71.52 42.35 41.44
C ASP I 255 -70.01 42.49 41.59
N ALA I 256 -69.42 43.41 40.83
CA ALA I 256 -67.99 43.67 40.88
C ALA I 256 -67.48 43.83 42.31
N ALA I 257 -68.31 44.32 43.24
CA ALA I 257 -67.82 44.54 44.60
C ALA I 257 -67.55 43.21 45.30
N GLU I 258 -68.23 42.14 44.89
CA GLU I 258 -68.08 40.85 45.53
C GLU I 258 -66.88 40.07 44.97
N LEU I 259 -66.19 40.55 43.92
CA LEU I 259 -65.18 39.75 43.25
C LEU I 259 -63.81 40.36 43.52
N PRO I 260 -62.71 39.59 43.40
CA PRO I 260 -61.39 40.20 43.33
C PRO I 260 -61.19 40.99 42.03
N PRO I 261 -60.16 41.86 41.96
CA PRO I 261 -59.74 42.53 40.74
C PRO I 261 -59.44 41.54 39.61
N GLN I 262 -59.79 41.97 38.40
CA GLN I 262 -59.70 41.18 37.20
C GLN I 262 -58.28 40.66 37.01
N ASN I 263 -57.29 41.54 37.27
CA ASN I 263 -55.90 41.22 37.04
C ASN I 263 -55.11 41.08 38.34
N ASP I 264 -55.78 40.76 39.45
CA ASP I 264 -55.04 40.31 40.63
C ASP I 264 -54.84 38.80 40.51
N ARG I 265 -53.67 38.40 39.99
CA ARG I 265 -53.39 37.00 39.68
C ARG I 265 -53.38 36.17 40.96
N ALA I 266 -53.00 36.79 42.08
CA ALA I 266 -52.92 36.09 43.35
C ALA I 266 -54.30 35.62 43.78
N ARG I 267 -55.38 36.23 43.23
CA ARG I 267 -56.71 35.77 43.59
C ARG I 267 -57.47 35.20 42.40
N TRP I 268 -56.76 34.85 41.32
CA TRP I 268 -57.42 34.23 40.18
C TRP I 268 -58.15 32.96 40.58
N PRO I 269 -57.65 32.17 41.56
CA PRO I 269 -58.36 30.97 41.98
C PRO I 269 -59.75 31.26 42.53
N GLU I 270 -59.89 32.29 43.38
CA GLU I 270 -61.20 32.73 43.84
C GLU I 270 -62.07 33.23 42.67
N LEU I 271 -61.47 34.07 41.81
CA LEU I 271 -62.19 34.63 40.66
C LEU I 271 -62.71 33.54 39.75
N ARG I 272 -61.84 32.57 39.44
CA ARG I 272 -62.22 31.45 38.59
C ARG I 272 -63.36 30.67 39.24
N ALA I 273 -63.32 30.51 40.56
CA ALA I 273 -64.36 29.73 41.22
C ALA I 273 -65.71 30.45 41.08
N LEU I 274 -65.69 31.77 41.19
CA LEU I 274 -66.92 32.56 41.05
C LEU I 274 -67.49 32.51 39.63
N LEU I 275 -66.63 32.72 38.61
CA LEU I 275 -67.06 32.65 37.21
C LEU I 275 -67.60 31.27 36.85
N THR I 276 -66.93 30.22 37.35
CA THR I 276 -67.31 28.83 37.11
C THR I 276 -68.73 28.59 37.61
N GLU I 277 -68.99 28.97 38.87
CA GLU I 277 -70.28 28.75 39.46
C GLU I 277 -71.33 29.50 38.63
N ALA I 278 -71.01 30.74 38.25
CA ALA I 278 -71.95 31.54 37.47
C ALA I 278 -72.27 30.91 36.10
N PHE I 279 -71.27 30.60 35.29
CA PHE I 279 -71.57 29.98 34.00
C PHE I 279 -72.22 28.61 34.11
N ALA I 280 -71.92 27.83 35.16
CA ALA I 280 -72.56 26.52 35.30
C ALA I 280 -74.05 26.67 35.61
N SER I 281 -74.52 27.86 35.99
CA SER I 281 -75.91 27.97 36.48
C SER I 281 -76.90 27.97 35.31
N HIS I 282 -76.43 28.25 34.08
CA HIS I 282 -77.30 28.17 32.93
C HIS I 282 -76.58 27.46 31.79
N ASP I 283 -77.38 27.10 30.79
CA ASP I 283 -76.91 26.29 29.70
C ASP I 283 -76.29 27.23 28.66
N ARG I 284 -75.58 26.61 27.71
CA ARG I 284 -74.80 27.35 26.73
C ARG I 284 -75.70 28.25 25.89
N ASP I 285 -76.81 27.75 25.34
CA ASP I 285 -77.64 28.58 24.48
C ASP I 285 -78.25 29.74 25.29
N HIS I 286 -78.45 29.56 26.60
CA HIS I 286 -78.88 30.69 27.43
C HIS I 286 -77.85 31.82 27.39
N TRP I 287 -76.55 31.51 27.53
CA TRP I 287 -75.53 32.54 27.55
C TRP I 287 -75.37 33.15 26.15
N GLY I 288 -75.63 32.34 25.13
CA GLY I 288 -75.59 32.80 23.76
C GLY I 288 -76.57 33.94 23.53
N ALA I 289 -77.80 33.79 24.06
CA ALA I 289 -78.86 34.81 24.00
C ALA I 289 -78.53 36.04 24.85
N VAL I 290 -78.31 35.84 26.16
CA VAL I 290 -77.87 36.91 27.04
C VAL I 290 -76.82 37.80 26.36
N PHE I 291 -75.77 37.21 25.72
CA PHE I 291 -74.66 38.04 25.29
C PHE I 291 -74.71 38.34 23.78
N ALA I 292 -75.80 37.98 23.10
CA ALA I 292 -75.95 38.13 21.65
C ALA I 292 -75.40 39.42 21.01
N ASN I 293 -75.66 40.61 21.51
CA ASN I 293 -75.05 41.73 20.79
C ASN I 293 -74.11 42.51 21.70
N SER I 294 -73.47 41.84 22.67
CA SER I 294 -72.63 42.53 23.63
C SER I 294 -71.15 42.49 23.24
N ASP I 295 -70.40 43.36 23.91
CA ASP I 295 -68.97 43.43 23.87
C ASP I 295 -68.35 42.65 25.04
N ALA I 296 -69.15 41.78 25.67
CA ALA I 296 -68.72 40.91 26.76
C ALA I 296 -67.70 39.84 26.34
N CYS I 297 -67.60 39.54 25.04
CA CYS I 297 -66.60 38.60 24.55
C CYS I 297 -66.94 37.21 25.10
N VAL I 298 -68.22 36.85 25.05
CA VAL I 298 -68.67 35.53 25.43
C VAL I 298 -69.35 34.90 24.22
N THR I 299 -68.91 33.69 23.84
CA THR I 299 -69.45 33.02 22.66
C THR I 299 -69.64 31.54 22.95
N PRO I 300 -70.61 30.88 22.30
CA PRO I 300 -70.79 29.45 22.49
C PRO I 300 -69.67 28.72 21.75
N VAL I 301 -69.21 27.62 22.35
CA VAL I 301 -68.21 26.75 21.75
C VAL I 301 -68.98 25.70 20.94
N LEU I 302 -69.03 25.91 19.62
CA LEU I 302 -69.78 25.05 18.73
C LEU I 302 -68.87 23.92 18.26
N ALA I 303 -69.44 22.72 18.17
CA ALA I 303 -68.80 21.58 17.55
C ALA I 303 -68.99 21.65 16.04
N PHE I 304 -68.12 20.98 15.28
CA PHE I 304 -68.12 21.08 13.84
C PHE I 304 -69.53 20.91 13.29
N GLY I 305 -70.22 19.88 13.77
CA GLY I 305 -71.56 19.53 13.32
C GLY I 305 -72.64 20.58 13.57
N GLU I 306 -72.43 21.55 14.49
CA GLU I 306 -73.44 22.57 14.72
C GLU I 306 -73.10 23.89 13.99
N VAL I 307 -71.88 24.02 13.46
CA VAL I 307 -71.45 25.27 12.85
C VAL I 307 -72.44 25.71 11.78
N HIS I 308 -72.97 24.77 10.98
CA HIS I 308 -73.82 25.12 9.85
C HIS I 308 -75.15 25.75 10.30
N ASN I 309 -75.51 25.66 11.58
CA ASN I 309 -76.74 26.28 12.10
C ASN I 309 -76.53 27.65 12.75
N GLU I 310 -75.32 28.23 12.70
CA GLU I 310 -75.04 29.51 13.35
C GLU I 310 -75.25 30.68 12.38
N PRO I 311 -76.22 31.58 12.66
CA PRO I 311 -76.58 32.63 11.72
C PRO I 311 -75.40 33.42 11.16
N HIS I 312 -74.38 33.73 11.97
CA HIS I 312 -73.31 34.55 11.43
C HIS I 312 -72.46 33.77 10.42
N ILE I 313 -72.41 32.44 10.57
CA ILE I 313 -71.71 31.54 9.65
C ILE I 313 -72.51 31.43 8.34
N ILE I 314 -73.81 31.14 8.46
CA ILE I 314 -74.71 31.08 7.32
C ILE I 314 -74.67 32.39 6.51
N GLU I 315 -74.79 33.54 7.18
CA GLU I 315 -75.04 34.77 6.46
C GLU I 315 -73.82 35.29 5.69
N ARG I 316 -72.59 35.00 6.15
CA ARG I 316 -71.41 35.44 5.43
C ARG I 316 -70.89 34.37 4.43
N ASN I 317 -71.56 33.22 4.34
CA ASN I 317 -71.16 32.16 3.43
C ASN I 317 -69.73 31.67 3.68
N THR I 318 -69.42 31.40 4.95
CA THR I 318 -68.07 30.99 5.33
C THR I 318 -67.78 29.58 4.79
N PHE I 319 -68.85 28.79 4.60
CA PHE I 319 -68.84 27.41 4.15
C PHE I 319 -69.73 27.25 2.91
N TYR I 320 -69.45 26.22 2.10
CA TYR I 320 -70.33 25.74 1.03
C TYR I 320 -70.53 24.24 1.24
N GLU I 321 -71.64 23.69 0.73
CA GLU I 321 -71.89 22.26 0.71
C GLU I 321 -71.17 21.63 -0.47
N ALA I 322 -70.39 20.58 -0.24
CA ALA I 322 -69.69 19.89 -1.31
C ALA I 322 -70.22 18.46 -1.46
N ASN I 323 -71.41 18.18 -0.91
CA ASN I 323 -72.09 16.90 -1.07
C ASN I 323 -71.50 15.89 -0.08
N GLY I 324 -72.27 15.62 0.98
CA GLY I 324 -71.77 14.82 2.09
C GLY I 324 -70.76 15.60 2.94
N GLY I 325 -71.05 16.89 3.20
CA GLY I 325 -70.24 17.66 4.12
C GLY I 325 -69.98 19.10 3.68
N TRP I 326 -70.05 20.01 4.67
CA TRP I 326 -69.66 21.40 4.50
C TRP I 326 -68.14 21.51 4.40
N GLN I 327 -67.68 22.48 3.61
CA GLN I 327 -66.28 22.80 3.46
C GLN I 327 -66.14 24.30 3.52
N PRO I 328 -65.01 24.82 4.00
CA PRO I 328 -64.78 26.26 4.01
C PRO I 328 -64.56 26.89 2.63
N MET I 329 -65.31 27.97 2.35
CA MET I 329 -65.11 28.81 1.18
C MET I 329 -63.73 29.43 1.27
N PRO I 330 -63.18 29.91 0.13
CA PRO I 330 -61.87 30.56 0.10
C PRO I 330 -61.70 31.79 0.99
N ALA I 331 -60.50 31.96 1.50
CA ALA I 331 -60.16 33.11 2.27
C ALA I 331 -58.79 33.59 1.83
N PRO I 332 -58.50 34.90 1.96
CA PRO I 332 -59.52 35.88 2.35
C PRO I 332 -60.37 36.25 1.12
N ARG I 333 -61.18 37.32 1.27
CA ARG I 333 -62.10 37.80 0.26
C ARG I 333 -61.54 39.06 -0.39
N PHE I 334 -61.94 39.26 -1.67
CA PHE I 334 -61.41 40.28 -2.55
C PHE I 334 -62.58 41.03 -3.18
N SER I 335 -62.58 42.37 -3.07
CA SER I 335 -63.73 43.19 -3.47
C SER I 335 -63.97 43.14 -4.99
N ARG I 336 -62.89 43.22 -5.80
CA ARG I 336 -63.05 43.29 -7.24
C ARG I 336 -62.85 41.91 -7.89
N THR I 337 -61.71 41.23 -7.68
CA THR I 337 -61.54 39.92 -8.33
C THR I 337 -61.81 38.79 -7.32
N ALA I 338 -63.08 38.42 -7.20
CA ALA I 338 -63.52 37.59 -6.10
C ALA I 338 -63.36 36.13 -6.50
N SER I 339 -63.07 35.29 -5.50
CA SER I 339 -62.93 33.86 -5.72
C SER I 339 -64.29 33.27 -6.05
N SER I 340 -64.30 32.16 -6.79
CA SER I 340 -65.48 31.34 -6.93
C SER I 340 -65.43 30.12 -6.01
N GLN I 341 -66.58 29.48 -5.88
CA GLN I 341 -66.76 28.24 -5.15
C GLN I 341 -65.73 27.25 -5.68
N PRO I 342 -65.00 26.53 -4.80
CA PRO I 342 -64.02 25.54 -5.25
C PRO I 342 -64.59 24.47 -6.16
N ARG I 343 -63.77 24.02 -7.13
CA ARG I 343 -64.13 22.90 -7.99
C ARG I 343 -63.71 21.61 -7.30
N PRO I 344 -64.58 20.57 -7.32
CA PRO I 344 -64.23 19.28 -6.75
C PRO I 344 -62.95 18.68 -7.35
N PRO I 345 -62.33 17.71 -6.65
CA PRO I 345 -61.24 16.92 -7.23
C PRO I 345 -61.78 16.21 -8.48
N ALA I 346 -61.06 16.35 -9.60
CA ALA I 346 -61.46 15.81 -10.89
C ALA I 346 -60.66 14.54 -11.21
N ALA I 347 -61.06 13.82 -12.27
CA ALA I 347 -60.34 12.63 -12.71
C ALA I 347 -58.92 12.98 -13.18
N THR I 348 -58.05 11.97 -13.22
CA THR I 348 -56.71 12.12 -13.76
C THR I 348 -56.79 12.58 -15.22
N ILE I 349 -55.85 13.44 -15.59
CA ILE I 349 -55.72 14.03 -16.91
C ILE I 349 -54.35 13.58 -17.43
N ASP I 350 -54.19 13.49 -18.75
CA ASP I 350 -52.89 13.18 -19.33
C ASP I 350 -51.98 14.41 -19.22
N ILE I 351 -50.78 14.20 -18.71
CA ILE I 351 -49.75 15.23 -18.63
C ILE I 351 -49.50 15.91 -19.98
N GLU I 352 -49.77 15.21 -21.09
CA GLU I 352 -49.61 15.76 -22.44
C GLU I 352 -50.66 16.84 -22.73
N ALA I 353 -51.92 16.57 -22.39
CA ALA I 353 -53.03 17.47 -22.68
C ALA I 353 -52.87 18.79 -21.91
N VAL I 354 -52.12 18.76 -20.81
CA VAL I 354 -51.86 19.95 -20.01
C VAL I 354 -50.81 20.82 -20.72
N LEU I 355 -49.78 20.17 -21.28
CA LEU I 355 -48.68 20.85 -21.96
C LEU I 355 -49.18 21.53 -23.24
N THR I 356 -50.14 20.88 -23.92
CA THR I 356 -50.82 21.46 -25.06
C THR I 356 -51.42 22.79 -24.60
N ASP I 357 -52.32 22.66 -23.61
CA ASP I 357 -53.13 23.74 -23.06
C ASP I 357 -52.27 24.93 -22.67
N TRP I 358 -51.09 24.69 -22.07
CA TRP I 358 -50.14 25.77 -21.81
C TRP I 358 -49.37 26.05 -23.11
N ASP I 359 -50.03 26.85 -23.97
CA ASP I 359 -49.51 27.34 -25.24
C ASP I 359 -50.20 26.56 -26.37
N MET J 1 -32.86 48.25 2.09
CA MET J 1 -33.71 47.30 2.86
C MET J 1 -33.65 45.93 2.19
N ALA J 2 -33.14 44.96 2.94
CA ALA J 2 -32.92 43.62 2.44
C ALA J 2 -34.25 42.88 2.37
N GLY J 3 -34.43 42.07 1.32
CA GLY J 3 -35.45 41.04 1.27
C GLY J 3 -36.29 41.20 0.03
N PRO J 4 -37.14 40.20 -0.31
CA PRO J 4 -37.92 40.24 -1.54
C PRO J 4 -38.99 41.32 -1.67
N LEU J 5 -39.40 41.94 -0.55
CA LEU J 5 -40.46 42.93 -0.58
C LEU J 5 -39.88 44.34 -0.54
N SER J 6 -38.56 44.46 -0.75
CA SER J 6 -37.87 45.73 -0.90
C SER J 6 -38.64 46.61 -1.87
N GLY J 7 -38.99 47.82 -1.41
CA GLY J 7 -39.66 48.83 -2.25
C GLY J 7 -41.18 48.80 -2.17
N LEU J 8 -41.75 47.90 -1.37
CA LEU J 8 -43.17 47.93 -1.06
C LEU J 8 -43.37 48.86 0.13
N ARG J 9 -44.40 49.72 0.03
CA ARG J 9 -44.69 50.70 1.06
C ARG J 9 -46.03 50.39 1.71
N VAL J 10 -46.01 50.23 3.02
CA VAL J 10 -47.19 49.83 3.74
C VAL J 10 -47.50 50.92 4.74
N VAL J 11 -48.78 51.27 4.86
CA VAL J 11 -49.20 52.08 5.99
C VAL J 11 -50.08 51.22 6.88
N GLU J 12 -49.72 51.21 8.17
CA GLU J 12 -50.35 50.40 9.18
C GLU J 12 -51.02 51.33 10.19
N LEU J 13 -52.35 51.23 10.29
CA LEU J 13 -53.08 51.86 11.39
C LEU J 13 -53.07 50.98 12.63
N ALA J 14 -52.31 51.44 13.62
CA ALA J 14 -52.04 50.73 14.86
C ALA J 14 -53.28 50.07 15.41
N GLY J 15 -53.18 48.75 15.59
CA GLY J 15 -54.19 47.92 16.22
C GLY J 15 -53.53 46.88 17.12
N ILE J 16 -54.22 45.75 17.34
CA ILE J 16 -53.67 44.72 18.22
C ILE J 16 -53.79 43.39 17.52
N GLY J 17 -52.79 42.53 17.72
CA GLY J 17 -52.89 41.13 17.27
C GLY J 17 -52.55 40.95 15.80
N PRO J 18 -53.52 40.60 14.93
CA PRO J 18 -53.19 40.24 13.55
C PRO J 18 -52.65 41.37 12.66
N GLY J 19 -53.31 42.55 12.70
CA GLY J 19 -52.86 43.72 11.97
C GLY J 19 -51.36 43.96 12.17
N PRO J 20 -50.88 44.16 13.41
CA PRO J 20 -49.46 44.31 13.67
C PRO J 20 -48.56 43.11 13.32
N HIS J 21 -49.08 41.89 13.34
CA HIS J 21 -48.25 40.73 12.99
C HIS J 21 -48.04 40.67 11.46
N ALA J 22 -49.09 40.93 10.68
CA ALA J 22 -48.97 41.01 9.24
C ALA J 22 -47.98 42.13 8.85
N ALA J 23 -48.08 43.28 9.52
CA ALA J 23 -47.21 44.39 9.18
C ALA J 23 -45.76 44.05 9.54
N MET J 24 -45.58 43.33 10.64
CA MET J 24 -44.26 42.87 11.06
C MET J 24 -43.63 41.99 9.99
N ILE J 25 -44.39 41.03 9.48
CA ILE J 25 -43.86 40.11 8.51
C ILE J 25 -43.51 40.84 7.21
N LEU J 26 -44.41 41.70 6.71
CA LEU J 26 -44.09 42.53 5.55
C LEU J 26 -42.79 43.28 5.79
N GLY J 27 -42.62 43.89 6.96
CA GLY J 27 -41.37 44.57 7.27
C GLY J 27 -40.16 43.66 7.37
N ASP J 28 -40.38 42.43 7.86
CA ASP J 28 -39.31 41.45 8.02
C ASP J 28 -38.67 41.14 6.66
N LEU J 29 -39.51 41.02 5.63
CA LEU J 29 -39.13 40.62 4.29
C LEU J 29 -38.81 41.82 3.37
N GLY J 30 -38.64 43.01 3.96
CA GLY J 30 -38.02 44.14 3.29
C GLY J 30 -38.96 45.32 2.97
N ALA J 31 -40.23 45.22 3.36
CA ALA J 31 -41.20 46.28 3.10
C ALA J 31 -40.86 47.50 3.94
N ASP J 32 -41.32 48.65 3.42
CA ASP J 32 -41.18 49.92 4.11
C ASP J 32 -42.48 50.20 4.84
N VAL J 33 -42.50 49.96 6.15
CA VAL J 33 -43.78 49.93 6.85
C VAL J 33 -43.86 51.14 7.75
N VAL J 34 -44.94 51.92 7.62
CA VAL J 34 -45.06 53.07 8.48
C VAL J 34 -46.35 52.93 9.25
N ARG J 35 -46.19 53.00 10.57
CA ARG J 35 -47.27 52.72 11.49
C ARG J 35 -47.72 54.01 12.14
N ILE J 36 -49.00 54.34 11.97
CA ILE J 36 -49.59 55.52 12.58
C ILE J 36 -50.28 55.10 13.87
N ASP J 37 -49.75 55.53 15.01
CA ASP J 37 -50.40 55.33 16.29
C ASP J 37 -51.11 56.63 16.67
N ARG J 38 -51.84 56.61 17.80
CA ARG J 38 -52.48 57.82 18.27
C ARG J 38 -51.55 58.44 19.31
N PRO J 39 -51.55 59.78 19.47
CA PRO J 39 -50.52 60.46 20.26
C PRO J 39 -50.40 60.02 21.72
N SER J 40 -51.50 59.53 22.31
CA SER J 40 -51.46 59.03 23.68
C SER J 40 -50.46 57.88 23.84
N SER J 41 -49.98 57.25 22.75
CA SER J 41 -49.10 56.09 22.81
C SER J 41 -47.80 56.34 22.03
N GLY J 44 -41.79 56.91 25.26
CA GLY J 44 -40.46 56.52 24.72
C GLY J 44 -40.55 55.32 23.78
N ILE J 45 -39.37 54.81 23.34
CA ILE J 45 -39.28 53.66 22.45
C ILE J 45 -40.14 52.54 23.01
N SER J 46 -40.88 51.84 22.14
CA SER J 46 -41.73 50.72 22.54
C SER J 46 -40.86 49.50 22.86
N ARG J 47 -41.28 48.74 23.87
CA ARG J 47 -40.63 47.49 24.25
C ARG J 47 -41.41 46.27 23.73
N ASP J 48 -42.19 46.45 22.65
CA ASP J 48 -42.91 45.33 22.04
C ASP J 48 -42.19 44.94 20.75
N ALA J 49 -41.52 43.79 20.80
CA ALA J 49 -40.74 43.30 19.66
C ALA J 49 -41.63 43.04 18.44
N MET J 50 -42.97 42.97 18.60
CA MET J 50 -43.82 42.76 17.44
C MET J 50 -43.80 44.02 16.55
N LEU J 51 -43.25 45.15 17.06
CA LEU J 51 -43.19 46.41 16.31
C LEU J 51 -41.82 46.61 15.65
N ARG J 52 -41.05 45.54 15.48
CA ARG J 52 -39.80 45.60 14.74
C ARG J 52 -40.08 45.92 13.28
N ASN J 53 -39.02 46.41 12.61
CA ASN J 53 -39.02 46.69 11.17
C ASN J 53 -40.14 47.65 10.82
N ARG J 54 -40.19 48.80 11.53
CA ARG J 54 -41.23 49.81 11.37
C ARG J 54 -40.68 51.23 11.45
N ARG J 55 -41.42 52.19 10.91
CA ARG J 55 -41.34 53.54 11.42
C ARG J 55 -42.69 53.89 12.06
N ILE J 56 -42.63 54.45 13.27
CA ILE J 56 -43.78 54.75 14.11
C ILE J 56 -44.01 56.26 14.03
N VAL J 57 -45.17 56.69 13.51
CA VAL J 57 -45.55 58.09 13.60
C VAL J 57 -46.85 58.16 14.39
N THR J 58 -47.02 59.25 15.16
CA THR J 58 -48.28 59.47 15.84
C THR J 58 -49.08 60.51 15.06
N ALA J 59 -50.39 60.38 15.06
CA ALA J 59 -51.26 61.35 14.40
C ALA J 59 -52.65 61.17 15.00
N ASP J 60 -53.29 62.31 15.31
CA ASP J 60 -54.67 62.28 15.77
C ASP J 60 -55.57 62.30 14.54
N LEU J 61 -56.15 61.14 14.23
CA LEU J 61 -56.89 60.91 13.00
C LEU J 61 -58.28 61.52 13.11
N LYS J 62 -58.68 61.97 14.30
CA LYS J 62 -59.94 62.68 14.41
C LYS J 62 -59.77 64.15 13.99
N SER J 63 -58.62 64.77 14.31
CA SER J 63 -58.32 66.12 13.86
C SER J 63 -58.37 66.20 12.34
N ASP J 64 -58.27 67.42 11.81
CA ASP J 64 -58.30 67.69 10.38
C ASP J 64 -56.91 67.47 9.81
N GLN J 65 -55.92 67.91 10.59
CA GLN J 65 -54.52 67.90 10.21
C GLN J 65 -53.99 66.46 10.25
N GLY J 66 -54.41 65.69 11.27
CA GLY J 66 -54.15 64.27 11.35
C GLY J 66 -54.64 63.54 10.12
N LEU J 67 -55.93 63.70 9.79
CA LEU J 67 -56.52 62.99 8.67
C LEU J 67 -55.85 63.35 7.35
N GLU J 68 -55.38 64.60 7.22
CA GLU J 68 -54.77 65.04 5.98
C GLU J 68 -53.38 64.41 5.82
N LEU J 69 -52.60 64.37 6.91
CA LEU J 69 -51.26 63.83 6.89
C LEU J 69 -51.29 62.32 6.57
N ALA J 70 -52.34 61.62 7.04
CA ALA J 70 -52.57 60.20 6.81
C ALA J 70 -53.00 59.94 5.36
N LEU J 71 -53.88 60.76 4.79
CA LEU J 71 -54.25 60.59 3.40
C LEU J 71 -53.05 60.87 2.48
N LYS J 72 -52.10 61.67 2.97
CA LYS J 72 -50.90 61.94 2.19
C LYS J 72 -50.00 60.72 2.17
N LEU J 73 -49.72 60.11 3.34
CA LEU J 73 -48.97 58.85 3.39
C LEU J 73 -49.62 57.81 2.50
N ILE J 74 -50.95 57.68 2.59
CA ILE J 74 -51.65 56.61 1.89
C ILE J 74 -51.59 56.80 0.38
N ALA J 75 -51.40 58.05 -0.07
CA ALA J 75 -51.36 58.38 -1.49
C ALA J 75 -50.06 57.87 -2.10
N LYS J 76 -49.00 57.86 -1.29
CA LYS J 76 -47.67 57.46 -1.70
C LYS J 76 -47.40 55.97 -1.44
N ALA J 77 -48.41 55.16 -1.07
CA ALA J 77 -48.16 53.80 -0.57
C ALA J 77 -48.86 52.74 -1.41
N ASP J 78 -48.46 51.48 -1.17
CA ASP J 78 -48.99 50.33 -1.89
C ASP J 78 -50.12 49.65 -1.12
N VAL J 79 -50.03 49.69 0.21
CA VAL J 79 -50.88 48.88 1.06
C VAL J 79 -51.31 49.69 2.27
N LEU J 80 -52.60 49.54 2.60
CA LEU J 80 -53.13 50.00 3.88
C LEU J 80 -53.66 48.81 4.69
N ILE J 81 -53.22 48.76 5.95
CA ILE J 81 -53.67 47.77 6.92
C ILE J 81 -54.47 48.47 8.04
N GLU J 82 -55.69 47.98 8.27
CA GLU J 82 -56.51 48.47 9.35
C GLU J 82 -57.17 47.29 10.06
N GLY J 83 -57.13 47.28 11.40
CA GLY J 83 -57.84 46.23 12.14
C GLY J 83 -58.78 46.75 13.23
N TYR J 84 -59.60 47.74 12.85
CA TYR J 84 -60.66 48.29 13.69
C TYR J 84 -61.96 47.58 13.30
N ARG J 85 -63.04 47.76 14.07
CA ARG J 85 -64.33 47.22 13.66
C ARG J 85 -64.76 47.87 12.36
N PRO J 86 -65.62 47.21 11.58
CA PRO J 86 -66.16 47.83 10.36
C PRO J 86 -66.82 49.17 10.73
N GLY J 87 -66.68 50.17 9.84
CA GLY J 87 -67.25 51.49 10.02
C GLY J 87 -66.24 52.48 10.60
N VAL J 88 -65.18 51.98 11.21
CA VAL J 88 -64.31 52.87 11.94
C VAL J 88 -63.43 53.73 11.02
N THR J 89 -62.84 53.15 9.97
CA THR J 89 -62.04 53.96 9.08
C THR J 89 -62.96 54.85 8.27
N GLU J 90 -64.13 54.33 7.86
CA GLU J 90 -65.11 55.15 7.16
C GLU J 90 -65.32 56.47 7.89
N ARG J 91 -65.62 56.39 9.19
CA ARG J 91 -65.97 57.56 9.98
C ARG J 91 -64.78 58.48 10.21
N LEU J 92 -63.56 57.95 10.14
CA LEU J 92 -62.38 58.81 10.18
C LEU J 92 -62.18 59.53 8.84
N GLY J 93 -62.94 59.17 7.80
CA GLY J 93 -62.60 59.63 6.46
C GLY J 93 -61.40 58.89 5.85
N LEU J 94 -61.11 57.66 6.32
CA LEU J 94 -60.02 56.83 5.81
C LEU J 94 -60.53 55.50 5.26
N GLY J 95 -61.82 55.45 4.90
CA GLY J 95 -62.41 54.23 4.38
C GLY J 95 -61.88 53.93 2.98
N PRO J 96 -62.24 52.76 2.39
CA PRO J 96 -61.76 52.39 1.06
C PRO J 96 -62.11 53.44 -0.01
N GLU J 97 -63.35 53.93 -0.03
CA GLU J 97 -63.76 54.89 -1.05
C GLU J 97 -62.96 56.19 -0.96
N GLU J 98 -62.75 56.72 0.25
CA GLU J 98 -61.91 57.89 0.40
C GLU J 98 -60.48 57.61 -0.05
N CYS J 99 -59.91 56.44 0.34
CA CYS J 99 -58.53 56.13 -0.05
C CYS J 99 -58.45 55.90 -1.57
N ALA J 100 -59.51 55.33 -2.16
CA ALA J 100 -59.57 55.04 -3.58
C ALA J 100 -59.54 56.31 -4.43
N LYS J 101 -59.74 57.47 -3.79
CA LYS J 101 -59.77 58.75 -4.47
C LYS J 101 -58.37 59.35 -4.53
N VAL J 102 -57.53 59.11 -3.52
CA VAL J 102 -56.16 59.58 -3.60
C VAL J 102 -55.23 58.52 -4.20
N ASN J 103 -55.74 57.30 -4.52
CA ASN J 103 -54.83 56.21 -4.90
C ASN J 103 -55.65 54.97 -5.23
N ASP J 104 -55.97 54.77 -6.51
CA ASP J 104 -56.75 53.59 -6.88
C ASP J 104 -55.85 52.37 -7.13
N ARG J 105 -54.56 52.49 -6.77
CA ARG J 105 -53.63 51.37 -6.83
C ARG J 105 -53.50 50.67 -5.47
N LEU J 106 -54.01 51.31 -4.41
CA LEU J 106 -53.82 50.88 -3.03
C LEU J 106 -54.50 49.53 -2.78
N ILE J 107 -53.79 48.65 -2.04
CA ILE J 107 -54.42 47.44 -1.54
C ILE J 107 -54.97 47.75 -0.16
N TYR J 108 -56.31 47.66 -0.04
CA TYR J 108 -56.95 48.09 1.19
C TYR J 108 -57.24 46.85 2.05
N ALA J 109 -56.44 46.69 3.13
CA ALA J 109 -56.43 45.43 3.85
C ALA J 109 -57.14 45.53 5.21
N ARG J 110 -58.27 44.82 5.31
CA ARG J 110 -59.16 44.90 6.48
C ARG J 110 -59.14 43.60 7.33
N MET J 111 -58.51 43.70 8.51
CA MET J 111 -58.29 42.60 9.43
C MET J 111 -59.32 42.63 10.58
N THR J 112 -60.34 41.77 10.49
CA THR J 112 -61.28 41.59 11.59
C THR J 112 -61.38 40.11 12.01
N GLY J 113 -62.15 39.82 13.07
CA GLY J 113 -62.47 38.45 13.42
C GLY J 113 -63.76 37.99 12.79
N TRP J 114 -64.79 38.84 12.86
CA TRP J 114 -66.10 38.42 12.40
C TRP J 114 -66.33 38.82 10.93
N GLY J 115 -65.50 39.67 10.34
CA GLY J 115 -65.78 40.10 8.97
C GLY J 115 -66.54 41.44 8.91
N GLN J 116 -66.97 41.82 7.69
CA GLN J 116 -67.36 43.21 7.45
C GLN J 116 -68.85 43.42 7.72
N THR J 117 -69.63 42.35 7.63
CA THR J 117 -71.07 42.42 7.77
C THR J 117 -71.59 41.21 8.54
N GLY J 118 -72.88 41.24 8.87
CA GLY J 118 -73.56 40.13 9.51
C GLY J 118 -73.74 40.37 11.00
N PRO J 119 -74.50 39.48 11.67
CA PRO J 119 -74.99 39.73 13.05
C PRO J 119 -73.92 40.00 14.11
N ARG J 120 -72.72 39.41 13.98
CA ARG J 120 -71.70 39.64 15.00
C ARG J 120 -70.67 40.68 14.56
N SER J 121 -70.86 41.42 13.45
CA SER J 121 -69.79 42.24 12.89
C SER J 121 -69.37 43.42 13.76
N GLN J 122 -70.20 43.81 14.75
CA GLN J 122 -69.83 44.92 15.64
C GLN J 122 -69.49 44.43 17.05
N GLN J 123 -69.51 43.13 17.25
CA GLN J 123 -69.30 42.56 18.57
C GLN J 123 -67.80 42.51 18.83
N ALA J 124 -67.40 43.09 19.96
CA ALA J 124 -66.02 42.95 20.42
C ALA J 124 -65.67 41.47 20.56
N GLY J 125 -64.38 41.17 20.43
CA GLY J 125 -63.95 39.78 20.42
C GLY J 125 -62.44 39.63 20.44
N HIS J 126 -62.02 38.41 20.76
CA HIS J 126 -60.62 38.03 20.69
C HIS J 126 -60.54 36.64 20.06
N ASP J 127 -59.31 36.17 19.84
CA ASP J 127 -59.03 34.89 19.20
C ASP J 127 -59.96 33.79 19.69
N ILE J 128 -59.98 33.54 21.01
CA ILE J 128 -60.81 32.48 21.58
C ILE J 128 -62.25 32.53 21.07
N ASN J 129 -62.83 33.75 20.91
CA ASN J 129 -64.20 33.88 20.44
C ASN J 129 -64.34 33.49 18.96
N TYR J 130 -63.40 33.93 18.12
CA TYR J 130 -63.48 33.66 16.69
C TYR J 130 -63.41 32.16 16.47
N ILE J 131 -62.52 31.49 17.19
CA ILE J 131 -62.35 30.04 16.99
C ILE J 131 -63.41 29.20 17.72
N SER J 132 -64.18 29.79 18.67
CA SER J 132 -65.26 29.05 19.29
C SER J 132 -66.41 28.80 18.32
N LEU J 133 -66.60 29.71 17.34
CA LEU J 133 -67.81 29.71 16.52
C LEU J 133 -67.74 28.75 15.34
N ASN J 134 -66.52 28.37 14.95
CA ASN J 134 -66.34 27.64 13.69
C ASN J 134 -65.91 26.19 13.91
N GLY J 135 -65.95 25.72 15.17
CA GLY J 135 -65.75 24.31 15.50
C GLY J 135 -64.35 24.03 16.05
N ILE J 136 -63.44 24.96 15.82
CA ILE J 136 -62.03 24.73 16.06
C ILE J 136 -61.74 24.51 17.56
N LEU J 137 -62.14 25.49 18.40
CA LEU J 137 -61.81 25.42 19.82
C LEU J 137 -62.39 24.16 20.48
N HIS J 138 -63.57 23.71 20.03
CA HIS J 138 -64.19 22.55 20.62
C HIS J 138 -63.33 21.31 20.38
N ALA J 139 -62.48 21.34 19.35
CA ALA J 139 -61.75 20.15 18.92
C ALA J 139 -60.46 19.99 19.72
N ILE J 140 -60.14 20.97 20.57
CA ILE J 140 -58.84 21.08 21.20
C ILE J 140 -58.90 20.80 22.70
N GLY J 141 -58.07 19.83 23.13
CA GLY J 141 -57.89 19.46 24.54
C GLY J 141 -58.17 17.97 24.80
N ARG J 142 -58.00 17.55 26.04
CA ARG J 142 -58.38 16.20 26.44
C ARG J 142 -59.90 16.03 26.39
N GLY J 143 -60.36 14.80 26.11
CA GLY J 143 -61.77 14.46 26.02
C GLY J 143 -62.56 14.62 27.33
N ASP J 144 -61.87 14.60 28.47
CA ASP J 144 -62.54 14.59 29.76
C ASP J 144 -62.55 16.00 30.38
N GLU J 145 -62.12 17.03 29.66
CA GLU J 145 -62.05 18.34 30.27
C GLU J 145 -62.60 19.34 29.28
N ARG J 146 -62.63 20.59 29.71
CA ARG J 146 -63.19 21.61 28.86
C ARG J 146 -62.14 22.04 27.84
N PRO J 147 -62.55 22.60 26.68
CA PRO J 147 -61.60 22.90 25.62
C PRO J 147 -60.51 23.84 26.12
N VAL J 148 -59.30 23.68 25.57
CA VAL J 148 -58.19 24.52 25.97
C VAL J 148 -57.80 25.40 24.78
N PRO J 149 -57.54 26.71 25.02
CA PRO J 149 -57.21 27.60 23.92
C PRO J 149 -55.78 27.33 23.46
N PRO J 150 -55.60 27.19 22.13
CA PRO J 150 -54.26 27.07 21.55
C PRO J 150 -53.52 28.40 21.47
N LEU J 151 -53.28 28.97 22.65
CA LEU J 151 -52.90 30.36 22.80
C LEU J 151 -53.77 31.18 21.86
N ASN J 152 -53.20 32.21 21.23
CA ASN J 152 -53.91 32.94 20.19
C ASN J 152 -53.25 32.67 18.85
N LEU J 153 -52.92 31.40 18.57
CA LEU J 153 -52.08 31.07 17.42
C LEU J 153 -52.96 30.83 16.21
N VAL J 154 -54.22 30.46 16.40
CA VAL J 154 -55.01 29.92 15.31
C VAL J 154 -55.89 31.00 14.70
N GLY J 155 -56.38 31.93 15.53
CA GLY J 155 -57.33 32.96 15.12
C GLY J 155 -56.58 34.22 14.69
N ASP J 156 -55.79 34.76 15.61
CA ASP J 156 -55.01 35.94 15.37
C ASP J 156 -53.98 35.74 14.26
N PHE J 157 -53.22 34.62 14.28
CA PHE J 157 -52.02 34.58 13.43
C PHE J 157 -52.26 33.60 12.30
N GLY J 158 -52.35 32.31 12.64
CA GLY J 158 -52.58 31.29 11.64
C GLY J 158 -53.72 31.59 10.69
N GLY J 159 -54.88 31.94 11.22
CA GLY J 159 -56.06 32.16 10.39
C GLY J 159 -56.44 33.65 10.27
N GLY J 160 -55.53 34.51 10.68
CA GLY J 160 -55.73 35.94 10.82
C GLY J 160 -54.72 36.69 9.98
N SER J 161 -53.61 37.08 10.60
CA SER J 161 -52.53 37.80 9.92
C SER J 161 -52.05 37.04 8.68
N MET J 162 -52.02 35.69 8.71
CA MET J 162 -51.40 34.99 7.60
C MET J 162 -52.28 35.09 6.36
N PHE J 163 -53.61 35.01 6.53
CA PHE J 163 -54.51 35.19 5.39
C PHE J 163 -54.54 36.65 4.93
N LEU J 164 -54.41 37.63 5.84
CA LEU J 164 -54.28 39.02 5.43
C LEU J 164 -53.07 39.14 4.49
N LEU J 165 -51.91 38.62 4.92
CA LEU J 165 -50.67 38.64 4.14
C LEU J 165 -50.88 38.00 2.76
N VAL J 166 -51.54 36.84 2.72
CA VAL J 166 -51.77 36.15 1.46
C VAL J 166 -52.64 37.02 0.55
N GLY J 167 -53.68 37.60 1.14
CA GLY J 167 -54.60 38.45 0.41
C GLY J 167 -53.88 39.67 -0.16
N ILE J 168 -53.10 40.33 0.69
CA ILE J 168 -52.33 41.48 0.25
C ILE J 168 -51.45 41.12 -0.96
N LEU J 169 -50.66 40.02 -0.86
CA LEU J 169 -49.64 39.75 -1.87
C LEU J 169 -50.32 39.20 -3.11
N ALA J 170 -51.42 38.50 -2.91
CA ALA J 170 -52.21 38.04 -4.03
C ALA J 170 -52.78 39.23 -4.80
N ALA J 171 -53.22 40.26 -4.06
CA ALA J 171 -53.83 41.46 -4.63
C ALA J 171 -52.80 42.23 -5.46
N LEU J 172 -51.57 42.37 -4.94
CA LEU J 172 -50.43 42.94 -5.65
C LEU J 172 -50.07 42.19 -6.93
N TRP J 173 -50.07 40.86 -6.89
CA TRP J 173 -49.91 40.12 -8.12
C TRP J 173 -50.98 40.58 -9.11
N GLU J 174 -52.24 40.63 -8.66
CA GLU J 174 -53.34 40.95 -9.56
C GLU J 174 -53.15 42.38 -10.09
N ARG J 175 -52.64 43.27 -9.24
CA ARG J 175 -52.43 44.66 -9.59
C ARG J 175 -51.43 44.80 -10.74
N GLN J 176 -50.53 43.83 -10.87
CA GLN J 176 -49.53 43.88 -11.91
C GLN J 176 -50.20 43.88 -13.28
N SER J 177 -51.32 43.20 -13.46
CA SER J 177 -51.89 43.17 -14.79
C SER J 177 -53.12 44.09 -14.93
N SER J 178 -53.70 44.62 -13.83
CA SER J 178 -54.92 45.43 -13.87
C SER J 178 -54.63 46.93 -13.70
N GLY J 179 -53.48 47.28 -13.12
CA GLY J 179 -53.16 48.63 -12.73
C GLY J 179 -53.99 49.14 -11.55
N LYS J 180 -54.84 48.26 -10.95
CA LYS J 180 -55.85 48.62 -9.96
C LYS J 180 -55.68 47.88 -8.62
N GLY J 181 -55.83 48.63 -7.52
CA GLY J 181 -55.91 48.08 -6.18
C GLY J 181 -57.27 47.42 -5.95
N GLN J 182 -57.57 46.99 -4.73
CA GLN J 182 -58.89 46.49 -4.35
C GLN J 182 -58.90 46.28 -2.83
N VAL J 183 -60.02 45.81 -2.29
CA VAL J 183 -60.12 45.68 -0.84
C VAL J 183 -59.96 44.19 -0.47
N VAL J 184 -59.14 43.95 0.55
CA VAL J 184 -59.00 42.62 1.12
C VAL J 184 -59.72 42.54 2.46
N ASP J 185 -60.68 41.62 2.53
CA ASP J 185 -61.48 41.35 3.72
C ASP J 185 -61.04 40.02 4.36
N ALA J 186 -60.20 40.13 5.38
CA ALA J 186 -59.66 38.97 6.08
C ALA J 186 -60.33 38.83 7.44
N ALA J 187 -61.25 37.86 7.53
CA ALA J 187 -61.90 37.58 8.80
C ALA J 187 -61.32 36.30 9.41
N MET J 188 -60.86 36.42 10.66
CA MET J 188 -60.26 35.31 11.41
C MET J 188 -61.16 34.08 11.45
N VAL J 189 -62.49 34.25 11.43
CA VAL J 189 -63.43 33.15 11.44
C VAL J 189 -63.40 32.39 10.09
N ASP J 190 -63.00 33.10 9.02
CA ASP J 190 -62.87 32.54 7.68
C ASP J 190 -61.49 31.86 7.55
N GLY J 191 -60.44 32.65 7.74
CA GLY J 191 -59.08 32.16 7.59
C GLY J 191 -58.87 30.89 8.40
N SER J 192 -59.36 30.91 9.66
CA SER J 192 -59.13 29.80 10.56
C SER J 192 -59.91 28.59 10.07
N SER J 193 -61.06 28.83 9.42
CA SER J 193 -61.81 27.74 8.82
C SER J 193 -61.02 27.09 7.67
N VAL J 194 -60.31 27.88 6.88
CA VAL J 194 -59.57 27.31 5.76
C VAL J 194 -58.31 26.63 6.32
N LEU J 195 -57.76 27.18 7.41
CA LEU J 195 -56.58 26.63 8.05
C LEU J 195 -56.87 25.20 8.52
N ILE J 196 -58.13 24.92 8.88
CA ILE J 196 -58.48 23.62 9.41
C ILE J 196 -59.23 22.81 8.37
N GLN J 197 -59.10 23.15 7.10
CA GLN J 197 -59.89 22.46 6.08
C GLN J 197 -59.64 20.94 6.10
N MET J 198 -58.43 20.53 6.53
CA MET J 198 -58.11 19.11 6.57
C MET J 198 -59.09 18.38 7.50
N MET J 199 -59.42 18.98 8.65
CA MET J 199 -60.37 18.33 9.54
C MET J 199 -61.73 18.25 8.83
N TRP J 200 -62.13 19.30 8.09
CA TRP J 200 -63.44 19.26 7.43
C TRP J 200 -63.42 18.19 6.32
N ALA J 201 -62.26 17.98 5.67
CA ALA J 201 -62.12 16.93 4.66
C ALA J 201 -62.19 15.53 5.29
N MET J 202 -61.51 15.33 6.42
CA MET J 202 -61.56 14.05 7.11
C MET J 202 -62.98 13.80 7.62
N ARG J 203 -63.61 14.84 8.15
CA ARG J 203 -64.94 14.66 8.72
C ARG J 203 -65.89 14.15 7.65
N ALA J 204 -65.77 14.67 6.42
CA ALA J 204 -66.69 14.30 5.35
C ALA J 204 -66.53 12.83 4.94
N THR J 205 -65.35 12.24 5.16
CA THR J 205 -65.13 10.86 4.77
C THR J 205 -65.07 9.93 5.98
N GLY J 206 -65.72 10.28 7.10
CA GLY J 206 -65.77 9.41 8.27
C GLY J 206 -64.44 9.24 9.02
N MET J 207 -63.45 10.10 8.83
CA MET J 207 -62.17 9.88 9.47
C MET J 207 -61.89 10.93 10.55
N TRP J 208 -62.88 11.74 10.91
CA TRP J 208 -62.70 12.69 11.98
C TRP J 208 -64.04 12.80 12.70
N THR J 209 -63.99 12.78 14.03
CA THR J 209 -65.20 12.82 14.85
C THR J 209 -65.21 14.09 15.74
N ASP J 210 -66.42 14.57 16.02
CA ASP J 210 -66.63 15.76 16.83
C ASP J 210 -66.31 15.51 18.30
N THR J 211 -66.17 14.24 18.70
CA THR J 211 -65.72 13.89 20.05
C THR J 211 -64.27 14.30 20.25
N ARG J 212 -64.02 15.08 21.29
CA ARG J 212 -62.70 15.62 21.58
C ARG J 212 -61.81 14.54 22.18
N GLY J 213 -60.53 14.53 21.80
CA GLY J 213 -59.56 13.55 22.26
C GLY J 213 -59.76 12.14 21.71
N ALA J 214 -60.38 11.97 20.53
CA ALA J 214 -60.67 10.65 19.98
C ALA J 214 -60.34 10.55 18.49
N ASN J 215 -59.35 11.31 18.03
CA ASN J 215 -59.04 11.42 16.62
C ASN J 215 -57.55 11.21 16.44
N MET J 216 -57.10 11.12 15.17
CA MET J 216 -55.71 10.85 14.84
C MET J 216 -54.79 11.99 15.27
N LEU J 217 -55.27 13.25 15.27
CA LEU J 217 -54.36 14.37 15.44
C LEU J 217 -54.68 15.28 16.64
N ASP J 218 -55.59 14.87 17.52
CA ASP J 218 -55.99 15.73 18.63
C ASP J 218 -55.37 15.26 19.95
N GLY J 219 -54.54 14.21 19.89
CA GLY J 219 -53.99 13.65 21.11
C GLY J 219 -54.65 12.33 21.51
N GLY J 220 -55.74 11.96 20.83
CA GLY J 220 -56.42 10.69 21.08
C GLY J 220 -55.62 9.45 20.63
N ALA J 221 -54.76 9.59 19.62
CA ALA J 221 -53.93 8.49 19.13
C ALA J 221 -52.71 8.32 20.02
N PRO J 222 -52.40 7.11 20.54
CA PRO J 222 -51.21 6.94 21.38
C PRO J 222 -49.90 7.21 20.67
N TYR J 223 -49.93 7.17 19.33
CA TYR J 223 -48.77 7.47 18.49
C TYR J 223 -48.69 8.92 18.03
N TYR J 224 -49.63 9.79 18.47
CA TYR J 224 -49.62 11.23 18.13
C TYR J 224 -50.03 12.00 19.37
N ASP J 225 -49.08 12.17 20.29
CA ASP J 225 -49.34 12.66 21.63
C ASP J 225 -48.01 12.90 22.32
N THR J 226 -48.06 13.61 23.46
CA THR J 226 -46.95 13.73 24.37
C THR J 226 -46.97 12.62 25.43
N TYR J 227 -45.80 12.40 26.03
CA TYR J 227 -45.61 11.45 27.11
C TYR J 227 -44.70 12.10 28.13
N GLU J 228 -45.01 11.86 29.40
CA GLU J 228 -44.19 12.27 30.51
C GLU J 228 -43.10 11.22 30.71
N CYS J 229 -41.88 11.74 30.96
CA CYS J 229 -40.67 10.96 31.11
C CYS J 229 -40.33 10.92 32.60
N ALA J 230 -39.27 10.19 32.98
CA ALA J 230 -38.97 9.89 34.38
C ALA J 230 -38.59 11.18 35.11
N ASP J 231 -38.06 12.18 34.39
CA ASP J 231 -37.66 13.44 34.98
C ASP J 231 -38.85 14.41 35.07
N GLY J 232 -40.04 14.00 34.66
CA GLY J 232 -41.19 14.91 34.67
C GLY J 232 -41.18 15.89 33.48
N ARG J 233 -40.21 15.76 32.55
CA ARG J 233 -40.24 16.49 31.28
C ARG J 233 -40.95 15.63 30.24
N TYR J 234 -41.18 16.18 29.03
CA TYR J 234 -41.99 15.45 28.05
C TYR J 234 -41.26 15.14 26.74
N VAL J 235 -41.80 14.13 26.04
CA VAL J 235 -41.49 13.92 24.66
C VAL J 235 -42.79 14.01 23.87
N ALA J 236 -42.60 14.32 22.59
CA ALA J 236 -43.65 14.24 21.61
C ALA J 236 -43.40 13.07 20.68
N VAL J 237 -44.50 12.34 20.46
CA VAL J 237 -44.50 11.23 19.54
C VAL J 237 -45.42 11.59 18.37
N GLY J 238 -44.91 11.42 17.16
CA GLY J 238 -45.72 11.69 15.97
C GLY J 238 -45.59 10.63 14.90
N ALA J 239 -45.46 9.38 15.33
CA ALA J 239 -45.20 8.24 14.45
C ALA J 239 -46.48 7.77 13.76
N ILE J 240 -46.97 8.55 12.78
CA ILE J 240 -48.17 8.15 12.06
C ILE J 240 -47.90 6.96 11.14
N GLU J 241 -46.89 7.07 10.27
CA GLU J 241 -46.65 6.04 9.25
C GLU J 241 -46.24 4.74 9.94
N PRO J 242 -46.75 3.58 9.51
CA PRO J 242 -46.47 2.33 10.24
C PRO J 242 -44.97 2.05 10.46
N GLN J 243 -44.11 2.37 9.47
CA GLN J 243 -42.69 2.05 9.55
C GLN J 243 -42.06 2.87 10.66
N PHE J 244 -42.52 4.13 10.80
CA PHE J 244 -41.98 5.05 11.81
C PHE J 244 -42.45 4.59 13.19
N TYR J 245 -43.71 4.14 13.27
CA TYR J 245 -44.26 3.56 14.49
C TYR J 245 -43.50 2.29 14.91
N ALA J 246 -43.23 1.40 13.96
CA ALA J 246 -42.45 0.19 14.26
C ALA J 246 -41.09 0.56 14.81
N ALA J 247 -40.47 1.61 14.22
CA ALA J 247 -39.15 2.04 14.69
C ALA J 247 -39.26 2.53 16.12
N MET J 248 -40.32 3.29 16.39
CA MET J 248 -40.49 3.88 17.71
C MET J 248 -40.67 2.75 18.75
N LEU J 249 -41.42 1.71 18.40
CA LEU J 249 -41.65 0.59 19.32
C LEU J 249 -40.34 -0.11 19.65
N ALA J 250 -39.56 -0.45 18.62
CA ALA J 250 -38.30 -1.14 18.85
C ALA J 250 -37.40 -0.31 19.76
N GLY J 251 -37.37 1.01 19.53
CA GLY J 251 -36.54 1.87 20.37
C GLY J 251 -36.97 1.88 21.85
N LEU J 252 -38.27 1.70 22.10
CA LEU J 252 -38.81 1.64 23.44
C LEU J 252 -38.56 0.27 24.08
N GLY J 253 -38.08 -0.68 23.26
CA GLY J 253 -37.83 -2.05 23.69
C GLY J 253 -39.13 -2.85 23.75
N LEU J 254 -40.09 -2.49 22.90
CA LEU J 254 -41.40 -3.13 22.96
C LEU J 254 -41.52 -3.97 21.70
N ASP J 255 -42.11 -5.13 21.89
CA ASP J 255 -42.22 -6.13 20.85
C ASP J 255 -43.65 -6.03 20.29
N ALA J 256 -43.75 -5.62 19.02
CA ALA J 256 -45.00 -5.34 18.34
C ALA J 256 -45.96 -6.52 18.36
N ALA J 257 -45.46 -7.74 18.40
CA ALA J 257 -46.33 -8.92 18.47
C ALA J 257 -47.07 -8.99 19.80
N GLU J 258 -46.59 -8.29 20.86
CA GLU J 258 -47.24 -8.32 22.16
C GLU J 258 -48.22 -7.15 22.34
N LEU J 259 -48.31 -6.22 21.39
CA LEU J 259 -49.11 -5.01 21.51
C LEU J 259 -50.35 -5.10 20.62
N PRO J 260 -51.43 -4.33 20.90
CA PRO J 260 -52.56 -4.27 19.97
C PRO J 260 -52.20 -3.56 18.66
N PRO J 261 -52.99 -3.74 17.56
CA PRO J 261 -52.77 -2.99 16.32
C PRO J 261 -52.71 -1.46 16.53
N GLN J 262 -51.77 -0.82 15.82
CA GLN J 262 -51.53 0.60 15.90
C GLN J 262 -52.85 1.38 15.83
N ASN J 263 -53.76 0.97 14.94
CA ASN J 263 -54.97 1.75 14.67
C ASN J 263 -56.23 1.00 15.12
N ASP J 264 -56.10 0.11 16.11
CA ASP J 264 -57.29 -0.45 16.74
C ASP J 264 -57.69 0.48 17.88
N ARG J 265 -58.64 1.37 17.59
CA ARG J 265 -59.04 2.46 18.46
C ARG J 265 -59.62 1.90 19.77
N ALA J 266 -60.34 0.79 19.71
CA ALA J 266 -60.88 0.19 20.93
C ALA J 266 -59.77 -0.13 21.94
N ARG J 267 -58.54 -0.36 21.48
CA ARG J 267 -57.46 -0.76 22.37
C ARG J 267 -56.41 0.33 22.60
N TRP J 268 -56.69 1.51 22.08
CA TRP J 268 -55.82 2.66 22.29
C TRP J 268 -55.51 2.90 23.76
N PRO J 269 -56.47 2.83 24.71
CA PRO J 269 -56.11 2.97 26.12
C PRO J 269 -55.04 1.97 26.56
N GLU J 270 -55.17 0.70 26.09
CA GLU J 270 -54.24 -0.36 26.43
C GLU J 270 -52.86 -0.08 25.82
N LEU J 271 -52.85 0.32 24.52
CA LEU J 271 -51.60 0.74 23.88
C LEU J 271 -50.96 1.93 24.59
N ARG J 272 -51.76 2.95 24.89
CA ARG J 272 -51.24 4.12 25.57
C ARG J 272 -50.58 3.74 26.89
N ALA J 273 -51.25 2.87 27.67
CA ALA J 273 -50.69 2.44 28.93
C ALA J 273 -49.29 1.84 28.72
N LEU J 274 -49.14 1.00 27.69
CA LEU J 274 -47.86 0.34 27.46
C LEU J 274 -46.80 1.40 27.10
N LEU J 275 -47.12 2.32 26.17
CA LEU J 275 -46.18 3.39 25.81
C LEU J 275 -45.91 4.31 26.99
N THR J 276 -46.94 4.61 27.81
CA THR J 276 -46.73 5.45 28.97
C THR J 276 -45.67 4.88 29.90
N GLU J 277 -45.80 3.60 30.23
CA GLU J 277 -44.83 2.90 31.08
C GLU J 277 -43.43 2.94 30.49
N ALA J 278 -43.29 2.72 29.18
CA ALA J 278 -41.97 2.74 28.57
C ALA J 278 -41.35 4.14 28.66
N PHE J 279 -42.05 5.19 28.25
CA PHE J 279 -41.39 6.49 28.22
C PHE J 279 -41.06 6.98 29.61
N ALA J 280 -41.87 6.58 30.61
CA ALA J 280 -41.66 7.01 31.99
C ALA J 280 -40.42 6.36 32.61
N SER J 281 -39.87 5.32 31.97
CA SER J 281 -38.73 4.61 32.53
C SER J 281 -37.41 5.35 32.34
N HIS J 282 -37.36 6.35 31.47
CA HIS J 282 -36.13 7.14 31.32
C HIS J 282 -36.47 8.61 31.10
N ASP J 283 -35.46 9.46 31.27
CA ASP J 283 -35.62 10.90 31.25
C ASP J 283 -35.69 11.41 29.81
N ARG J 284 -36.17 12.64 29.60
CA ARG J 284 -36.41 13.17 28.27
C ARG J 284 -35.13 13.13 27.43
N ASP J 285 -34.00 13.50 28.03
CA ASP J 285 -32.75 13.59 27.28
C ASP J 285 -32.28 12.20 26.85
N HIS J 286 -32.59 11.16 27.63
CA HIS J 286 -32.31 9.80 27.20
C HIS J 286 -33.03 9.49 25.89
N TRP J 287 -34.32 9.83 25.78
CA TRP J 287 -35.06 9.50 24.58
C TRP J 287 -34.53 10.29 23.38
N GLY J 288 -34.05 11.52 23.61
CA GLY J 288 -33.52 12.38 22.55
C GLY J 288 -32.25 11.77 21.94
N ALA J 289 -31.38 11.22 22.78
CA ALA J 289 -30.23 10.44 22.32
C ALA J 289 -30.62 9.16 21.57
N VAL J 290 -31.45 8.32 22.19
CA VAL J 290 -31.93 7.06 21.63
C VAL J 290 -32.52 7.28 20.23
N PHE J 291 -33.29 8.38 20.03
CA PHE J 291 -33.97 8.50 18.76
C PHE J 291 -33.36 9.54 17.82
N ALA J 292 -32.22 10.14 18.21
CA ALA J 292 -31.44 10.96 17.28
C ALA J 292 -31.12 10.12 16.05
N ASN J 293 -31.36 10.75 14.88
CA ASN J 293 -31.13 10.23 13.54
C ASN J 293 -32.13 9.14 13.15
N SER J 294 -33.25 9.00 13.89
CA SER J 294 -34.24 7.98 13.58
C SER J 294 -35.47 8.60 12.93
N ASP J 295 -36.24 7.77 12.20
CA ASP J 295 -37.56 8.12 11.72
C ASP J 295 -38.67 7.74 12.71
N ALA J 296 -38.36 7.58 14.00
CA ALA J 296 -39.31 7.19 15.02
C ALA J 296 -40.31 8.33 15.36
N CYS J 297 -40.02 9.56 14.96
CA CYS J 297 -40.88 10.73 15.16
C CYS J 297 -41.03 11.01 16.66
N VAL J 298 -39.90 11.00 17.37
CA VAL J 298 -39.87 11.25 18.79
C VAL J 298 -38.92 12.42 19.02
N THR J 299 -39.41 13.46 19.71
CA THR J 299 -38.65 14.67 19.91
C THR J 299 -38.88 15.15 21.34
N PRO J 300 -37.87 15.78 21.94
CA PRO J 300 -38.05 16.45 23.23
C PRO J 300 -38.97 17.67 23.09
N VAL J 301 -39.81 17.86 24.11
CA VAL J 301 -40.71 19.00 24.18
C VAL J 301 -39.97 20.05 24.97
N LEU J 302 -39.40 21.01 24.24
CA LEU J 302 -38.58 22.03 24.89
C LEU J 302 -39.49 23.17 25.32
N ALA J 303 -39.23 23.70 26.53
CA ALA J 303 -39.76 24.98 26.96
C ALA J 303 -39.00 26.12 26.26
N PHE J 304 -39.67 27.27 26.08
CA PHE J 304 -39.07 28.45 25.45
C PHE J 304 -37.64 28.67 25.97
N GLY J 305 -37.44 28.69 27.28
CA GLY J 305 -36.13 29.00 27.86
C GLY J 305 -35.03 27.99 27.53
N GLU J 306 -35.39 26.82 26.99
CA GLU J 306 -34.41 25.79 26.66
C GLU J 306 -34.06 25.80 25.19
N VAL J 307 -34.88 26.46 24.36
CA VAL J 307 -34.78 26.33 22.91
C VAL J 307 -33.43 26.86 22.40
N HIS J 308 -32.88 27.87 23.07
CA HIS J 308 -31.62 28.46 22.63
C HIS J 308 -30.48 27.42 22.66
N ASN J 309 -30.62 26.32 23.42
CA ASN J 309 -29.56 25.34 23.58
C ASN J 309 -29.76 24.10 22.73
N GLU J 310 -30.80 24.05 21.89
CA GLU J 310 -31.00 22.93 20.99
C GLU J 310 -30.08 23.13 19.79
N PRO J 311 -29.20 22.15 19.44
CA PRO J 311 -28.34 22.26 18.27
C PRO J 311 -29.01 22.59 16.94
N HIS J 312 -30.14 21.97 16.59
CA HIS J 312 -30.74 22.21 15.28
C HIS J 312 -31.29 23.64 15.16
N ILE J 313 -31.69 24.22 16.30
CA ILE J 313 -32.14 25.60 16.39
C ILE J 313 -30.94 26.53 16.21
N ILE J 314 -29.84 26.27 16.95
CA ILE J 314 -28.65 27.10 16.92
C ILE J 314 -28.10 27.17 15.50
N GLU J 315 -28.02 26.00 14.87
CA GLU J 315 -27.23 25.87 13.66
C GLU J 315 -27.99 26.34 12.43
N ARG J 316 -29.31 26.56 12.51
CA ARG J 316 -30.03 27.20 11.42
C ARG J 316 -30.36 28.68 11.72
N ASN J 317 -29.81 29.24 12.79
CA ASN J 317 -30.11 30.61 13.17
C ASN J 317 -31.61 30.92 13.00
N THR J 318 -32.47 30.05 13.54
CA THR J 318 -33.90 30.28 13.62
C THR J 318 -34.21 31.50 14.51
N PHE J 319 -33.36 31.77 15.49
CA PHE J 319 -33.52 32.89 16.42
C PHE J 319 -32.30 33.82 16.35
N TYR J 320 -32.50 35.07 16.78
CA TYR J 320 -31.42 36.01 17.02
C TYR J 320 -31.63 36.61 18.41
N GLU J 321 -30.55 37.16 18.98
CA GLU J 321 -30.65 37.80 20.28
C GLU J 321 -30.84 39.29 20.06
N ALA J 322 -31.89 39.87 20.67
CA ALA J 322 -32.23 41.25 20.42
C ALA J 322 -31.91 42.05 21.67
N ASN J 323 -32.94 42.59 22.33
CA ASN J 323 -32.76 43.57 23.38
C ASN J 323 -32.28 42.82 24.61
N GLY J 324 -33.16 42.02 25.21
CA GLY J 324 -32.76 40.99 26.16
C GLY J 324 -32.84 39.62 25.50
N GLY J 325 -34.03 39.05 25.45
CA GLY J 325 -34.21 37.67 25.04
C GLY J 325 -34.14 37.45 23.52
N TRP J 326 -34.27 36.17 23.16
CA TRP J 326 -34.22 35.71 21.78
C TRP J 326 -35.52 36.06 21.09
N GLN J 327 -35.43 36.17 19.74
CA GLN J 327 -36.56 36.49 18.90
C GLN J 327 -36.43 35.70 17.61
N PRO J 328 -37.54 35.26 17.00
CA PRO J 328 -37.46 34.49 15.77
C PRO J 328 -37.02 35.32 14.58
N MET J 329 -36.10 34.76 13.80
CA MET J 329 -35.64 35.39 12.58
C MET J 329 -36.76 35.30 11.55
N PRO J 330 -36.76 36.19 10.56
CA PRO J 330 -37.77 36.18 9.53
C PRO J 330 -37.95 34.82 8.89
N ALA J 331 -39.18 34.53 8.50
CA ALA J 331 -39.45 33.35 7.71
C ALA J 331 -40.46 33.74 6.65
N PRO J 332 -40.55 33.02 5.51
CA PRO J 332 -39.60 31.95 5.18
C PRO J 332 -38.27 32.54 4.68
N ARG J 333 -37.42 31.68 4.09
CA ARG J 333 -36.08 32.11 3.67
C ARG J 333 -35.98 32.16 2.15
N PHE J 334 -35.16 33.12 1.66
CA PHE J 334 -35.09 33.42 0.23
C PHE J 334 -33.66 33.23 -0.27
N SER J 335 -33.44 32.47 -1.35
CA SER J 335 -32.07 32.18 -1.81
C SER J 335 -31.33 33.44 -2.29
N ARG J 336 -31.97 34.30 -3.08
CA ARG J 336 -31.26 35.42 -3.72
C ARG J 336 -31.45 36.73 -2.97
N THR J 337 -32.70 37.09 -2.66
CA THR J 337 -32.98 38.29 -1.90
C THR J 337 -33.40 37.89 -0.48
N ALA J 338 -32.39 37.68 0.37
CA ALA J 338 -32.59 37.19 1.72
C ALA J 338 -32.95 38.35 2.63
N SER J 339 -33.81 38.06 3.59
CA SER J 339 -34.12 39.02 4.61
C SER J 339 -32.89 39.24 5.46
N SER J 340 -32.93 40.27 6.29
CA SER J 340 -31.87 40.50 7.23
C SER J 340 -32.42 40.55 8.65
N GLN J 341 -31.50 40.68 9.61
CA GLN J 341 -31.86 40.71 11.01
C GLN J 341 -32.78 41.89 11.27
N PRO J 342 -33.94 41.70 11.91
CA PRO J 342 -34.87 42.79 12.12
C PRO J 342 -34.26 43.97 12.89
N ARG J 343 -34.82 45.16 12.65
CA ARG J 343 -34.40 46.40 13.29
C ARG J 343 -35.29 46.59 14.52
N PRO J 344 -34.69 46.89 15.70
CA PRO J 344 -35.46 47.12 16.92
C PRO J 344 -36.56 48.15 16.69
N PRO J 345 -37.65 48.13 17.48
CA PRO J 345 -38.64 49.21 17.45
C PRO J 345 -38.01 50.60 17.39
N ALA J 346 -38.36 51.34 16.32
CA ALA J 346 -37.85 52.69 16.07
C ALA J 346 -38.26 53.62 17.21
N ALA J 347 -37.59 54.78 17.32
CA ALA J 347 -38.16 55.90 18.04
C ALA J 347 -39.16 56.60 17.12
N THR J 348 -40.11 57.32 17.72
CA THR J 348 -41.16 58.00 16.98
C THR J 348 -40.50 59.02 16.06
N ILE J 349 -40.95 59.05 14.81
CA ILE J 349 -40.46 60.08 13.91
C ILE J 349 -41.64 60.95 13.53
N ASP J 350 -41.29 62.07 12.89
CA ASP J 350 -42.23 63.08 12.46
C ASP J 350 -42.83 62.63 11.13
N ILE J 351 -44.16 62.70 11.00
CA ILE J 351 -44.83 62.21 9.81
C ILE J 351 -44.39 62.98 8.58
N GLU J 352 -44.03 64.27 8.73
CA GLU J 352 -43.56 65.09 7.61
C GLU J 352 -42.20 64.58 7.11
N ALA J 353 -41.32 64.19 8.03
CA ALA J 353 -40.03 63.66 7.66
C ALA J 353 -40.19 62.47 6.71
N VAL J 354 -41.24 61.65 6.94
CA VAL J 354 -41.50 60.47 6.14
C VAL J 354 -41.95 60.87 4.73
N LEU J 355 -42.78 61.90 4.65
CA LEU J 355 -43.34 62.34 3.37
C LEU J 355 -42.24 62.90 2.48
N THR J 356 -41.29 63.62 3.10
CA THR J 356 -40.06 64.04 2.43
C THR J 356 -39.43 62.83 1.74
N ASP J 357 -38.99 61.88 2.58
CA ASP J 357 -38.24 60.69 2.20
C ASP J 357 -38.95 59.89 1.09
N TRP J 358 -40.29 59.85 1.11
CA TRP J 358 -41.05 59.17 0.07
C TRP J 358 -41.29 60.05 -1.15
N ASP J 359 -40.51 61.14 -1.31
CA ASP J 359 -40.81 62.25 -2.21
C ASP J 359 -42.02 61.92 -3.08
N MET K 1 -35.89 -36.25 20.11
CA MET K 1 -34.91 -35.20 19.71
C MET K 1 -35.64 -33.99 19.10
N ALA K 2 -35.41 -32.81 19.68
CA ALA K 2 -36.07 -31.57 19.29
C ALA K 2 -35.62 -31.13 17.89
N GLY K 3 -36.58 -30.66 17.07
CA GLY K 3 -36.30 -29.94 15.84
C GLY K 3 -37.09 -30.53 14.68
N PRO K 4 -37.16 -29.85 13.52
CA PRO K 4 -37.92 -30.36 12.37
C PRO K 4 -37.41 -31.60 11.64
N LEU K 5 -36.15 -32.00 11.90
CA LEU K 5 -35.56 -33.17 11.28
C LEU K 5 -35.54 -34.33 12.27
N SER K 6 -36.25 -34.18 13.40
CA SER K 6 -36.49 -35.27 14.33
C SER K 6 -36.86 -36.50 13.53
N GLY K 7 -36.12 -37.59 13.75
CA GLY K 7 -36.41 -38.89 13.15
C GLY K 7 -35.54 -39.20 11.95
N LEU K 8 -34.79 -38.20 11.44
CA LEU K 8 -33.93 -38.42 10.29
C LEU K 8 -32.61 -39.04 10.76
N ARG K 9 -32.14 -40.03 9.99
CA ARG K 9 -30.97 -40.80 10.39
C ARG K 9 -29.83 -40.53 9.42
N VAL K 10 -28.69 -40.17 10.00
CA VAL K 10 -27.56 -39.76 9.19
C VAL K 10 -26.33 -40.52 9.68
N VAL K 11 -25.63 -41.08 8.68
CA VAL K 11 -24.29 -41.60 8.87
C VAL K 11 -23.29 -40.69 8.15
N GLU K 12 -22.30 -40.24 8.92
CA GLU K 12 -21.25 -39.32 8.48
C GLU K 12 -19.92 -40.08 8.51
N LEU K 13 -19.30 -40.24 7.34
CA LEU K 13 -17.92 -40.71 7.28
C LEU K 13 -16.99 -39.54 7.59
N ALA K 14 -16.38 -39.59 8.79
CA ALA K 14 -15.56 -38.52 9.33
C ALA K 14 -14.62 -37.95 8.29
N GLY K 15 -14.68 -36.62 8.13
CA GLY K 15 -13.85 -35.86 7.21
C GLY K 15 -13.47 -34.51 7.81
N ILE K 16 -13.19 -33.51 6.96
CA ILE K 16 -12.86 -32.17 7.43
C ILE K 16 -13.65 -31.12 6.64
N GLY K 17 -14.01 -30.05 7.35
CA GLY K 17 -14.59 -28.89 6.70
C GLY K 17 -16.08 -29.09 6.43
N PRO K 18 -16.50 -29.10 5.16
CA PRO K 18 -17.92 -29.03 4.84
C PRO K 18 -18.75 -30.20 5.33
N GLY K 19 -18.24 -31.42 5.12
CA GLY K 19 -18.97 -32.60 5.50
C GLY K 19 -19.42 -32.53 6.95
N PRO K 20 -18.48 -32.38 7.90
CA PRO K 20 -18.83 -32.26 9.31
C PRO K 20 -19.65 -31.03 9.71
N HIS K 21 -19.64 -29.99 8.87
CA HIS K 21 -20.43 -28.80 9.14
C HIS K 21 -21.88 -29.11 8.74
N ALA K 22 -22.06 -29.77 7.60
CA ALA K 22 -23.36 -30.20 7.14
C ALA K 22 -23.96 -31.22 8.12
N ALA K 23 -23.18 -32.22 8.48
CA ALA K 23 -23.62 -33.17 9.51
C ALA K 23 -24.07 -32.39 10.74
N MET K 24 -23.25 -31.43 11.17
CA MET K 24 -23.52 -30.70 12.39
C MET K 24 -24.91 -30.03 12.32
N ILE K 25 -25.24 -29.42 11.19
CA ILE K 25 -26.47 -28.65 11.08
C ILE K 25 -27.68 -29.59 11.13
N LEU K 26 -27.56 -30.77 10.50
CA LEU K 26 -28.58 -31.80 10.58
C LEU K 26 -28.86 -32.15 12.04
N GLY K 27 -27.81 -32.48 12.78
CA GLY K 27 -27.93 -32.76 14.20
C GLY K 27 -28.53 -31.59 14.98
N ASP K 28 -28.16 -30.36 14.60
CA ASP K 28 -28.69 -29.14 15.18
C ASP K 28 -30.21 -29.13 15.03
N LEU K 29 -30.73 -29.45 13.84
CA LEU K 29 -32.16 -29.44 13.58
C LEU K 29 -32.87 -30.75 14.01
N GLY K 30 -32.18 -31.68 14.71
CA GLY K 30 -32.82 -32.81 15.37
C GLY K 30 -32.54 -34.19 14.77
N ALA K 31 -31.87 -34.23 13.60
CA ALA K 31 -31.47 -35.50 13.01
C ALA K 31 -30.60 -36.30 13.98
N ASP K 32 -30.67 -37.63 13.83
CA ASP K 32 -29.83 -38.58 14.54
C ASP K 32 -28.61 -38.88 13.65
N VAL K 33 -27.45 -38.37 14.09
CA VAL K 33 -26.24 -38.37 13.29
C VAL K 33 -25.24 -39.29 13.98
N VAL K 34 -24.77 -40.29 13.23
CA VAL K 34 -23.73 -41.17 13.72
C VAL K 34 -22.54 -40.98 12.81
N ARG K 35 -21.42 -40.65 13.46
CA ARG K 35 -20.20 -40.32 12.74
C ARG K 35 -19.24 -41.51 12.87
N ILE K 36 -18.82 -42.08 11.73
CA ILE K 36 -17.84 -43.13 11.76
C ILE K 36 -16.46 -42.54 11.53
N ASP K 37 -15.60 -42.57 12.57
CA ASP K 37 -14.21 -42.16 12.49
C ASP K 37 -13.28 -43.37 12.63
N ARG K 38 -12.01 -43.27 12.18
CA ARG K 38 -11.06 -44.36 12.41
C ARG K 38 -10.60 -44.38 13.87
N PRO K 39 -10.18 -45.56 14.39
CA PRO K 39 -9.62 -45.67 15.74
C PRO K 39 -8.32 -44.91 15.91
N SER K 40 -7.51 -44.87 14.84
CA SER K 40 -6.39 -43.95 14.70
C SER K 40 -6.69 -42.62 15.42
N SER K 41 -7.88 -42.03 15.21
CA SER K 41 -8.27 -40.79 15.86
C SER K 41 -9.60 -40.97 16.61
N GLY K 44 -10.20 -39.57 24.91
CA GLY K 44 -10.96 -38.46 25.52
C GLY K 44 -12.02 -37.94 24.56
N ILE K 45 -13.00 -37.20 25.10
CA ILE K 45 -14.09 -36.62 24.33
C ILE K 45 -13.47 -35.57 23.40
N SER K 46 -14.03 -35.40 22.17
CA SER K 46 -13.55 -34.40 21.23
C SER K 46 -13.78 -32.99 21.77
N ARG K 47 -12.79 -32.12 21.62
CA ARG K 47 -12.97 -30.73 22.00
C ARG K 47 -13.18 -29.87 20.75
N ASP K 48 -13.67 -30.50 19.66
CA ASP K 48 -14.15 -29.77 18.50
C ASP K 48 -15.68 -29.64 18.59
N ALA K 49 -16.15 -28.42 18.93
CA ALA K 49 -17.58 -28.14 19.06
C ALA K 49 -18.30 -28.37 17.73
N MET K 50 -17.58 -28.50 16.60
CA MET K 50 -18.23 -28.83 15.34
C MET K 50 -18.78 -30.26 15.36
N LEU K 51 -18.34 -31.09 16.34
CA LEU K 51 -18.85 -32.45 16.49
C LEU K 51 -19.95 -32.51 17.55
N ARG K 52 -20.66 -31.40 17.76
CA ARG K 52 -21.82 -31.38 18.64
C ARG K 52 -22.95 -32.12 17.92
N ASN K 53 -23.94 -32.60 18.70
CA ASN K 53 -25.11 -33.28 18.17
C ASN K 53 -24.73 -34.54 17.38
N ARG K 54 -23.83 -35.33 17.97
CA ARG K 54 -23.22 -36.49 17.33
C ARG K 54 -23.25 -37.70 18.27
N ARG K 55 -23.31 -38.90 17.70
CA ARG K 55 -22.70 -40.04 18.38
C ARG K 55 -21.51 -40.47 17.55
N ILE K 56 -20.33 -40.64 18.18
CA ILE K 56 -19.14 -41.06 17.45
C ILE K 56 -18.95 -42.58 17.62
N VAL K 57 -18.67 -43.27 16.50
CA VAL K 57 -18.25 -44.67 16.57
C VAL K 57 -16.95 -44.87 15.77
N THR K 58 -16.00 -45.58 16.41
CA THR K 58 -14.80 -46.07 15.75
C THR K 58 -15.16 -47.26 14.87
N ALA K 59 -14.50 -47.35 13.71
CA ALA K 59 -14.52 -48.54 12.89
C ALA K 59 -13.46 -48.37 11.82
N ASP K 60 -12.68 -49.43 11.61
CA ASP K 60 -11.68 -49.46 10.56
C ASP K 60 -12.36 -49.99 9.31
N LEU K 61 -12.62 -49.12 8.32
CA LEU K 61 -13.40 -49.49 7.15
C LEU K 61 -12.56 -50.30 6.17
N LYS K 62 -11.28 -50.47 6.48
CA LYS K 62 -10.41 -51.29 5.66
C LYS K 62 -10.65 -52.77 5.98
N SER K 63 -10.99 -53.09 7.23
CA SER K 63 -11.26 -54.46 7.66
C SER K 63 -12.65 -54.89 7.20
N ASP K 64 -12.88 -56.21 7.12
CA ASP K 64 -14.15 -56.76 6.67
C ASP K 64 -15.20 -56.55 7.75
N GLN K 65 -14.76 -56.53 9.01
CA GLN K 65 -15.67 -56.33 10.13
C GLN K 65 -16.11 -54.86 10.24
N GLY K 66 -15.15 -53.94 10.13
CA GLY K 66 -15.47 -52.53 9.97
C GLY K 66 -16.46 -52.28 8.83
N LEU K 67 -16.20 -52.82 7.63
CA LEU K 67 -17.09 -52.55 6.51
C LEU K 67 -18.47 -53.14 6.78
N GLU K 68 -18.55 -54.31 7.45
CA GLU K 68 -19.84 -54.95 7.62
C GLU K 68 -20.67 -54.11 8.60
N LEU K 69 -20.07 -53.76 9.73
CA LEU K 69 -20.69 -52.87 10.70
C LEU K 69 -21.19 -51.59 10.04
N ALA K 70 -20.43 -51.05 9.08
CA ALA K 70 -20.77 -49.79 8.46
C ALA K 70 -21.96 -49.97 7.54
N LEU K 71 -21.92 -51.03 6.73
CA LEU K 71 -22.96 -51.29 5.74
C LEU K 71 -24.32 -51.54 6.40
N LYS K 72 -24.28 -51.82 7.71
CA LYS K 72 -25.47 -52.15 8.47
C LYS K 72 -26.09 -50.91 9.09
N LEU K 73 -25.24 -50.00 9.62
CA LEU K 73 -25.65 -48.64 9.96
C LEU K 73 -26.34 -47.99 8.76
N ILE K 74 -25.72 -48.12 7.59
CA ILE K 74 -26.19 -47.43 6.40
C ILE K 74 -27.56 -47.95 6.00
N ALA K 75 -27.72 -49.28 6.14
CA ALA K 75 -28.93 -49.98 5.78
C ALA K 75 -30.16 -49.32 6.42
N LYS K 76 -30.03 -48.98 7.72
CA LYS K 76 -31.08 -48.46 8.56
C LYS K 76 -31.02 -46.92 8.67
N ALA K 77 -30.70 -46.22 7.57
CA ALA K 77 -30.52 -44.77 7.66
C ALA K 77 -31.00 -44.10 6.37
N ASP K 78 -31.22 -42.79 6.46
CA ASP K 78 -31.75 -41.99 5.35
C ASP K 78 -30.65 -41.37 4.50
N VAL K 79 -29.58 -40.93 5.18
CA VAL K 79 -28.57 -40.10 4.56
C VAL K 79 -27.19 -40.64 4.89
N LEU K 80 -26.34 -40.64 3.87
CA LEU K 80 -24.91 -40.80 4.10
C LEU K 80 -24.17 -39.59 3.52
N ILE K 81 -23.21 -39.14 4.32
CA ILE K 81 -22.31 -38.05 4.00
C ILE K 81 -20.89 -38.62 3.96
N GLU K 82 -20.26 -38.46 2.80
CA GLU K 82 -18.84 -38.66 2.63
C GLU K 82 -18.23 -37.42 1.95
N GLY K 83 -17.03 -37.05 2.41
CA GLY K 83 -16.26 -35.96 1.85
C GLY K 83 -14.82 -36.34 1.52
N TYR K 84 -14.63 -37.52 0.90
CA TYR K 84 -13.31 -37.98 0.50
C TYR K 84 -13.16 -37.71 -0.99
N ARG K 85 -11.92 -37.92 -1.51
CA ARG K 85 -11.73 -37.79 -2.94
C ARG K 85 -12.65 -38.80 -3.62
N PRO K 86 -13.02 -38.56 -4.89
CA PRO K 86 -13.80 -39.53 -5.66
C PRO K 86 -13.03 -40.85 -5.77
N GLY K 87 -13.72 -41.99 -5.67
CA GLY K 87 -13.12 -43.32 -5.71
C GLY K 87 -12.85 -43.86 -4.31
N VAL K 88 -12.81 -43.01 -3.28
CA VAL K 88 -12.39 -43.51 -2.00
C VAL K 88 -13.46 -44.45 -1.45
N THR K 89 -14.74 -44.08 -1.57
CA THR K 89 -15.77 -44.89 -0.95
C THR K 89 -15.96 -46.13 -1.81
N GLU K 90 -15.88 -45.95 -3.13
CA GLU K 90 -15.99 -47.07 -4.05
C GLU K 90 -15.02 -48.18 -3.61
N ARG K 91 -13.79 -47.80 -3.25
CA ARG K 91 -12.71 -48.74 -3.01
C ARG K 91 -12.90 -49.37 -1.63
N LEU K 92 -13.58 -48.68 -0.72
CA LEU K 92 -13.87 -49.29 0.57
C LEU K 92 -15.00 -50.35 0.49
N GLY K 93 -15.73 -50.44 -0.62
CA GLY K 93 -16.99 -51.17 -0.64
C GLY K 93 -18.17 -50.37 -0.09
N LEU K 94 -18.05 -49.02 -0.05
CA LEU K 94 -19.10 -48.15 0.48
C LEU K 94 -19.59 -47.19 -0.59
N GLY K 95 -19.29 -47.47 -1.87
CA GLY K 95 -19.69 -46.62 -2.96
C GLY K 95 -21.20 -46.53 -3.07
N PRO K 96 -21.76 -45.61 -3.91
CA PRO K 96 -23.20 -45.53 -4.14
C PRO K 96 -23.81 -46.92 -4.31
N GLU K 97 -23.31 -47.69 -5.28
CA GLU K 97 -23.97 -48.89 -5.76
C GLU K 97 -23.99 -50.01 -4.72
N GLU K 98 -22.90 -50.14 -3.95
CA GLU K 98 -22.86 -51.04 -2.80
C GLU K 98 -23.92 -50.66 -1.77
N CYS K 99 -24.14 -49.35 -1.61
CA CYS K 99 -25.14 -48.83 -0.70
C CYS K 99 -26.53 -49.00 -1.33
N ALA K 100 -26.66 -48.80 -2.64
CA ALA K 100 -27.91 -48.98 -3.37
C ALA K 100 -28.41 -50.43 -3.33
N LYS K 101 -27.59 -51.34 -2.77
CA LYS K 101 -27.97 -52.72 -2.62
C LYS K 101 -28.55 -52.96 -1.23
N VAL K 102 -28.10 -52.23 -0.23
CA VAL K 102 -28.63 -52.47 1.09
C VAL K 102 -29.72 -51.44 1.42
N ASN K 103 -30.07 -50.56 0.46
CA ASN K 103 -30.87 -49.37 0.78
C ASN K 103 -31.08 -48.54 -0.49
N ASP K 104 -32.11 -48.86 -1.28
CA ASP K 104 -32.33 -48.10 -2.51
C ASP K 104 -33.06 -46.80 -2.17
N ARG K 105 -33.20 -46.51 -0.86
CA ARG K 105 -33.85 -45.30 -0.37
C ARG K 105 -32.84 -44.29 0.21
N LEU K 106 -31.53 -44.57 0.04
CA LEU K 106 -30.51 -43.78 0.71
C LEU K 106 -30.23 -42.50 -0.10
N ILE K 107 -30.11 -41.38 0.60
CA ILE K 107 -29.57 -40.17 -0.03
C ILE K 107 -28.06 -40.24 0.15
N TYR K 108 -27.33 -40.34 -0.97
CA TYR K 108 -25.88 -40.54 -0.95
C TYR K 108 -25.21 -39.20 -1.25
N ALA K 109 -24.67 -38.58 -0.20
CA ALA K 109 -24.23 -37.18 -0.30
C ALA K 109 -22.70 -37.08 -0.38
N ARG K 110 -22.24 -36.66 -1.57
CA ARG K 110 -20.81 -36.59 -1.89
C ARG K 110 -20.30 -35.13 -1.91
N MET K 111 -19.53 -34.80 -0.87
CA MET K 111 -19.03 -33.43 -0.62
C MET K 111 -17.58 -33.32 -1.09
N THR K 112 -17.37 -32.74 -2.29
CA THR K 112 -16.00 -32.49 -2.77
C THR K 112 -15.80 -31.02 -3.09
N GLY K 113 -14.57 -30.69 -3.49
CA GLY K 113 -14.24 -29.35 -3.94
C GLY K 113 -14.33 -29.23 -5.45
N TRP K 114 -13.68 -30.19 -6.15
CA TRP K 114 -13.53 -30.09 -7.60
C TRP K 114 -14.64 -30.88 -8.32
N GLY K 115 -15.36 -31.71 -7.55
CA GLY K 115 -16.36 -32.61 -8.12
C GLY K 115 -15.82 -34.04 -8.35
N GLN K 116 -16.66 -34.84 -9.00
CA GLN K 116 -16.51 -36.29 -9.05
C GLN K 116 -15.65 -36.67 -10.25
N THR K 117 -15.63 -35.82 -11.27
CA THR K 117 -14.83 -36.09 -12.45
C THR K 117 -14.11 -34.84 -12.93
N GLY K 118 -13.30 -35.04 -13.97
CA GLY K 118 -12.65 -33.99 -14.72
C GLY K 118 -11.21 -33.83 -14.22
N PRO K 119 -10.41 -32.98 -14.88
CA PRO K 119 -8.95 -33.00 -14.70
C PRO K 119 -8.37 -32.63 -13.34
N ARG K 120 -9.19 -32.05 -12.43
CA ARG K 120 -8.68 -31.66 -11.13
C ARG K 120 -9.33 -32.50 -10.06
N SER K 121 -10.07 -33.54 -10.46
CA SER K 121 -10.91 -34.27 -9.53
C SER K 121 -10.10 -35.02 -8.48
N GLN K 122 -8.80 -35.28 -8.75
CA GLN K 122 -8.00 -35.99 -7.77
C GLN K 122 -7.01 -35.07 -7.04
N GLN K 123 -6.94 -33.79 -7.39
CA GLN K 123 -6.07 -32.84 -6.69
C GLN K 123 -6.61 -32.55 -5.29
N ALA K 124 -5.74 -32.68 -4.29
CA ALA K 124 -5.92 -32.09 -2.98
C ALA K 124 -6.17 -30.59 -3.14
N GLY K 125 -6.80 -30.04 -2.11
CA GLY K 125 -7.22 -28.66 -2.14
C GLY K 125 -7.98 -28.31 -0.86
N HIS K 126 -8.08 -27.02 -0.62
CA HIS K 126 -8.87 -26.46 0.45
C HIS K 126 -9.64 -25.26 -0.12
N ASP K 127 -10.47 -24.66 0.73
CA ASP K 127 -11.35 -23.57 0.35
C ASP K 127 -10.64 -22.62 -0.61
N ILE K 128 -9.48 -22.10 -0.22
CA ILE K 128 -8.79 -21.06 -0.97
C ILE K 128 -8.56 -21.48 -2.41
N ASN K 129 -8.34 -22.77 -2.65
CA ASN K 129 -8.10 -23.23 -4.00
C ASN K 129 -9.36 -23.26 -4.86
N TYR K 130 -10.43 -23.81 -4.32
CA TYR K 130 -11.70 -23.90 -5.06
C TYR K 130 -12.22 -22.51 -5.42
N ILE K 131 -12.12 -21.53 -4.51
CA ILE K 131 -12.60 -20.19 -4.87
C ILE K 131 -11.62 -19.43 -5.76
N SER K 132 -10.39 -19.92 -5.90
CA SER K 132 -9.46 -19.18 -6.73
C SER K 132 -9.78 -19.44 -8.19
N LEU K 133 -10.38 -20.59 -8.48
CA LEU K 133 -10.52 -21.01 -9.88
C LEU K 133 -11.77 -20.42 -10.52
N ASN K 134 -12.73 -19.99 -9.69
CA ASN K 134 -14.01 -19.54 -10.26
C ASN K 134 -14.23 -18.03 -10.14
N GLY K 135 -13.16 -17.25 -9.88
CA GLY K 135 -13.25 -15.78 -9.91
C GLY K 135 -13.53 -15.10 -8.57
N ILE K 136 -13.96 -15.86 -7.58
CA ILE K 136 -14.37 -15.31 -6.30
C ILE K 136 -13.16 -14.72 -5.59
N LEU K 137 -12.06 -15.47 -5.46
CA LEU K 137 -10.99 -15.00 -4.61
C LEU K 137 -10.43 -13.70 -5.20
N HIS K 138 -10.36 -13.64 -6.52
CA HIS K 138 -9.77 -12.51 -7.20
C HIS K 138 -10.52 -11.22 -6.85
N ALA K 139 -11.81 -11.32 -6.50
CA ALA K 139 -12.69 -10.18 -6.30
C ALA K 139 -12.61 -9.60 -4.88
N ILE K 140 -11.94 -10.29 -3.97
CA ILE K 140 -11.96 -9.95 -2.55
C ILE K 140 -10.65 -9.29 -2.15
N GLY K 141 -10.78 -8.14 -1.45
CA GLY K 141 -9.65 -7.42 -0.90
C GLY K 141 -9.50 -6.04 -1.54
N ARG K 142 -8.52 -5.28 -1.07
CA ARG K 142 -8.26 -3.95 -1.59
C ARG K 142 -7.60 -4.03 -2.96
N GLY K 143 -7.86 -2.99 -3.75
CA GLY K 143 -7.42 -2.95 -5.13
C GLY K 143 -5.90 -2.94 -5.24
N ASP K 144 -5.23 -2.35 -4.24
CA ASP K 144 -3.79 -2.11 -4.30
C ASP K 144 -2.99 -3.28 -3.72
N GLU K 145 -3.62 -4.44 -3.48
CA GLU K 145 -2.97 -5.51 -2.76
C GLU K 145 -3.43 -6.86 -3.27
N ARG K 146 -2.77 -7.91 -2.81
CA ARG K 146 -3.11 -9.22 -3.28
C ARG K 146 -4.41 -9.66 -2.61
N PRO K 147 -5.18 -10.54 -3.26
CA PRO K 147 -6.49 -10.91 -2.73
C PRO K 147 -6.38 -11.57 -1.37
N VAL K 148 -7.42 -11.35 -0.57
CA VAL K 148 -7.43 -11.80 0.81
C VAL K 148 -8.49 -12.89 0.94
N PRO K 149 -8.16 -14.05 1.55
CA PRO K 149 -9.10 -15.14 1.68
C PRO K 149 -10.15 -14.71 2.69
N PRO K 150 -11.43 -14.91 2.39
CA PRO K 150 -12.48 -14.63 3.36
C PRO K 150 -12.65 -15.80 4.31
N LEU K 151 -11.59 -16.06 5.06
CA LEU K 151 -11.47 -17.26 5.84
C LEU K 151 -11.85 -18.41 4.90
N ASN K 152 -12.41 -19.49 5.46
CA ASN K 152 -12.91 -20.58 4.64
C ASN K 152 -14.43 -20.51 4.60
N LEU K 153 -15.01 -19.32 4.52
CA LEU K 153 -16.45 -19.20 4.67
C LEU K 153 -17.17 -19.45 3.37
N VAL K 154 -16.55 -19.18 2.21
CA VAL K 154 -17.31 -19.18 0.96
C VAL K 154 -17.26 -20.53 0.25
N GLY K 155 -16.14 -21.25 0.35
CA GLY K 155 -15.95 -22.55 -0.33
C GLY K 155 -16.44 -23.72 0.51
N ASP K 156 -15.93 -23.80 1.74
CA ASP K 156 -16.23 -24.85 2.68
C ASP K 156 -17.69 -24.81 3.15
N PHE K 157 -18.16 -23.61 3.53
CA PHE K 157 -19.43 -23.51 4.23
C PHE K 157 -20.51 -22.95 3.31
N GLY K 158 -20.49 -21.65 3.01
CA GLY K 158 -21.48 -21.05 2.12
C GLY K 158 -21.70 -21.80 0.81
N GLY K 159 -20.63 -22.14 0.13
CA GLY K 159 -20.76 -22.75 -1.19
C GLY K 159 -20.51 -24.27 -1.10
N GLY K 160 -20.37 -24.77 0.11
CA GLY K 160 -19.98 -26.16 0.32
C GLY K 160 -21.02 -26.93 1.11
N SER K 161 -20.83 -26.93 2.42
CA SER K 161 -21.76 -27.59 3.33
C SER K 161 -23.20 -27.16 3.03
N MET K 162 -23.44 -25.88 2.71
CA MET K 162 -24.83 -25.42 2.64
C MET K 162 -25.47 -25.98 1.39
N PHE K 163 -24.73 -26.16 0.30
CA PHE K 163 -25.31 -26.77 -0.87
C PHE K 163 -25.45 -28.28 -0.70
N LEU K 164 -24.63 -28.91 0.12
CA LEU K 164 -24.81 -30.33 0.37
C LEU K 164 -26.15 -30.47 1.12
N LEU K 165 -26.34 -29.64 2.16
CA LEU K 165 -27.56 -29.63 2.96
C LEU K 165 -28.77 -29.43 2.06
N VAL K 166 -28.69 -28.47 1.12
CA VAL K 166 -29.82 -28.20 0.23
C VAL K 166 -30.12 -29.45 -0.60
N GLY K 167 -29.08 -30.09 -1.14
CA GLY K 167 -29.26 -31.25 -2.00
C GLY K 167 -29.86 -32.45 -1.26
N ILE K 168 -29.35 -32.71 -0.06
CA ILE K 168 -29.86 -33.77 0.78
C ILE K 168 -31.34 -33.56 1.08
N LEU K 169 -31.69 -32.35 1.54
CA LEU K 169 -33.05 -32.07 1.96
C LEU K 169 -33.94 -32.03 0.73
N ALA K 170 -33.43 -31.54 -0.40
CA ALA K 170 -34.21 -31.58 -1.61
C ALA K 170 -34.49 -33.02 -2.05
N ALA K 171 -33.47 -33.88 -1.96
CA ALA K 171 -33.61 -35.26 -2.39
C ALA K 171 -34.56 -36.02 -1.46
N LEU K 172 -34.56 -35.72 -0.15
CA LEU K 172 -35.54 -36.27 0.79
C LEU K 172 -36.98 -35.87 0.41
N TRP K 173 -37.15 -34.71 -0.23
CA TRP K 173 -38.45 -34.29 -0.71
C TRP K 173 -38.84 -35.09 -1.93
N GLU K 174 -37.89 -35.32 -2.83
CA GLU K 174 -38.18 -35.99 -4.09
C GLU K 174 -38.52 -37.46 -3.84
N ARG K 175 -37.85 -38.03 -2.82
CA ARG K 175 -38.03 -39.40 -2.33
C ARG K 175 -39.46 -39.66 -1.87
N GLN K 176 -40.13 -38.64 -1.32
CA GLN K 176 -41.49 -38.81 -0.81
C GLN K 176 -42.39 -39.21 -1.98
N SER K 177 -42.15 -38.64 -3.16
CA SER K 177 -42.89 -38.92 -4.40
C SER K 177 -42.40 -40.17 -5.15
N SER K 178 -41.12 -40.55 -5.02
CA SER K 178 -40.52 -41.52 -5.93
C SER K 178 -40.32 -42.91 -5.32
N GLY K 179 -40.23 -43.00 -3.98
CA GLY K 179 -39.85 -44.22 -3.28
C GLY K 179 -38.34 -44.46 -3.12
N LYS K 180 -37.48 -43.75 -3.87
CA LYS K 180 -36.06 -44.08 -3.98
C LYS K 180 -35.15 -42.95 -3.44
N GLY K 181 -33.91 -43.32 -3.12
CA GLY K 181 -32.82 -42.37 -2.91
C GLY K 181 -32.10 -42.01 -4.22
N GLN K 182 -30.87 -41.45 -4.10
CA GLN K 182 -30.06 -41.01 -5.23
C GLN K 182 -28.81 -40.27 -4.70
N VAL K 183 -27.95 -39.85 -5.64
CA VAL K 183 -26.60 -39.35 -5.30
C VAL K 183 -26.58 -37.84 -5.44
N VAL K 184 -26.18 -37.19 -4.34
CA VAL K 184 -25.93 -35.75 -4.36
C VAL K 184 -24.41 -35.50 -4.52
N ASP K 185 -24.08 -34.87 -5.67
CA ASP K 185 -22.76 -34.39 -6.01
C ASP K 185 -22.65 -32.88 -5.75
N ALA K 186 -22.23 -32.53 -4.52
CA ALA K 186 -21.96 -31.17 -4.10
C ALA K 186 -20.46 -30.84 -4.24
N ALA K 187 -20.11 -30.08 -5.28
CA ALA K 187 -18.76 -29.57 -5.46
C ALA K 187 -18.67 -28.09 -5.03
N MET K 188 -17.73 -27.78 -4.13
CA MET K 188 -17.54 -26.42 -3.63
C MET K 188 -17.33 -25.46 -4.78
N VAL K 189 -16.76 -25.92 -5.87
CA VAL K 189 -16.52 -25.00 -6.97
C VAL K 189 -17.82 -24.63 -7.67
N ASP K 190 -18.85 -25.50 -7.59
CA ASP K 190 -20.15 -25.19 -8.18
C ASP K 190 -20.99 -24.38 -7.20
N GLY K 191 -21.12 -24.89 -5.98
CA GLY K 191 -21.87 -24.24 -4.91
C GLY K 191 -21.45 -22.78 -4.76
N SER K 192 -20.14 -22.52 -4.72
CA SER K 192 -19.66 -21.18 -4.46
C SER K 192 -19.96 -20.27 -5.64
N SER K 193 -19.94 -20.82 -6.85
CA SER K 193 -20.32 -20.10 -8.06
C SER K 193 -21.80 -19.68 -8.05
N VAL K 194 -22.68 -20.55 -7.53
CA VAL K 194 -24.10 -20.20 -7.44
C VAL K 194 -24.24 -19.16 -6.32
N LEU K 195 -23.42 -19.29 -5.26
CA LEU K 195 -23.47 -18.38 -4.13
C LEU K 195 -23.18 -16.94 -4.60
N ILE K 196 -22.43 -16.78 -5.71
CA ILE K 196 -22.00 -15.46 -6.17
C ILE K 196 -22.72 -15.14 -7.47
N GLN K 197 -23.92 -15.72 -7.65
CA GLN K 197 -24.64 -15.50 -8.91
C GLN K 197 -24.97 -14.01 -9.11
N MET K 198 -25.17 -13.23 -8.03
CA MET K 198 -25.47 -11.80 -8.16
C MET K 198 -24.35 -11.10 -8.91
N MET K 199 -23.10 -11.50 -8.67
CA MET K 199 -21.99 -10.81 -9.30
C MET K 199 -21.93 -11.18 -10.77
N TRP K 200 -22.19 -12.43 -11.10
CA TRP K 200 -22.29 -12.76 -12.52
C TRP K 200 -23.48 -12.07 -13.18
N ALA K 201 -24.55 -11.80 -12.43
CA ALA K 201 -25.68 -11.04 -12.97
C ALA K 201 -25.26 -9.59 -13.26
N MET K 202 -24.60 -8.99 -12.28
CA MET K 202 -24.15 -7.61 -12.42
C MET K 202 -23.11 -7.48 -13.53
N ARG K 203 -22.17 -8.44 -13.68
CA ARG K 203 -21.20 -8.38 -14.76
C ARG K 203 -21.91 -8.33 -16.11
N ALA K 204 -22.95 -9.14 -16.25
CA ALA K 204 -23.66 -9.28 -17.51
C ALA K 204 -24.16 -7.92 -18.02
N THR K 205 -24.63 -7.09 -17.10
CA THR K 205 -25.24 -5.81 -17.42
C THR K 205 -24.33 -4.62 -17.11
N GLY K 206 -23.00 -4.82 -17.09
CA GLY K 206 -22.05 -3.72 -16.97
C GLY K 206 -21.97 -3.07 -15.59
N MET K 207 -22.46 -3.77 -14.57
CA MET K 207 -22.59 -3.20 -13.25
C MET K 207 -21.59 -3.85 -12.30
N TRP K 208 -20.63 -4.61 -12.83
CA TRP K 208 -19.57 -5.14 -11.99
C TRP K 208 -18.35 -5.42 -12.85
N THR K 209 -17.17 -4.91 -12.45
CA THR K 209 -15.96 -5.13 -13.23
C THR K 209 -14.97 -5.99 -12.46
N ASP K 210 -14.03 -6.57 -13.23
CA ASP K 210 -13.08 -7.53 -12.68
C ASP K 210 -12.00 -6.80 -11.87
N THR K 211 -12.01 -5.48 -11.88
CA THR K 211 -11.06 -4.73 -11.09
C THR K 211 -11.45 -4.79 -9.62
N ARG K 212 -10.49 -5.21 -8.80
CA ARG K 212 -10.73 -5.43 -7.40
C ARG K 212 -10.78 -4.10 -6.67
N GLY K 213 -11.70 -3.98 -5.72
CA GLY K 213 -11.87 -2.77 -4.93
C GLY K 213 -12.45 -1.58 -5.68
N ALA K 214 -13.19 -1.82 -6.76
CA ALA K 214 -13.76 -0.77 -7.58
C ALA K 214 -15.24 -1.04 -7.84
N ASN K 215 -15.93 -1.70 -6.90
CA ASN K 215 -17.33 -2.00 -7.13
C ASN K 215 -18.16 -1.57 -5.92
N MET K 216 -19.47 -1.77 -6.06
CA MET K 216 -20.42 -1.30 -5.09
C MET K 216 -20.31 -2.07 -3.79
N LEU K 217 -19.96 -3.37 -3.86
CA LEU K 217 -20.02 -4.25 -2.70
C LEU K 217 -18.67 -4.85 -2.29
N ASP K 218 -17.55 -4.45 -2.92
CA ASP K 218 -16.24 -5.07 -2.60
C ASP K 218 -15.39 -4.18 -1.71
N GLY K 219 -15.99 -3.05 -1.27
CA GLY K 219 -15.29 -2.05 -0.50
C GLY K 219 -14.92 -0.79 -1.30
N GLY K 220 -15.08 -0.82 -2.63
CA GLY K 220 -14.80 0.35 -3.45
C GLY K 220 -15.75 1.53 -3.16
N ALA K 221 -17.03 1.25 -2.89
CA ALA K 221 -17.98 2.31 -2.63
C ALA K 221 -17.75 2.88 -1.23
N PRO K 222 -17.61 4.21 -1.11
CA PRO K 222 -17.42 4.85 0.18
C PRO K 222 -18.62 4.68 1.11
N TYR K 223 -19.79 4.37 0.57
CA TYR K 223 -20.96 4.07 1.40
C TYR K 223 -21.16 2.57 1.71
N TYR K 224 -20.21 1.71 1.31
CA TYR K 224 -20.25 0.27 1.62
C TYR K 224 -18.83 -0.19 1.94
N ASP K 225 -18.44 0.00 3.19
CA ASP K 225 -17.06 -0.17 3.58
C ASP K 225 -16.98 0.05 5.09
N THR K 226 -15.80 -0.24 5.66
CA THR K 226 -15.54 0.05 7.05
C THR K 226 -14.75 1.36 7.16
N TYR K 227 -14.79 1.96 8.34
CA TYR K 227 -14.11 3.20 8.62
C TYR K 227 -13.46 3.08 9.98
N GLU K 228 -12.27 3.63 10.13
CA GLU K 228 -11.62 3.59 11.42
C GLU K 228 -12.10 4.78 12.25
N CYS K 229 -12.30 4.55 13.55
CA CYS K 229 -12.81 5.59 14.43
C CYS K 229 -11.65 6.15 15.24
N ALA K 230 -11.94 7.13 16.11
CA ALA K 230 -10.93 7.81 16.91
C ALA K 230 -10.17 6.85 17.82
N ASP K 231 -10.80 5.74 18.21
CA ASP K 231 -10.22 4.85 19.20
C ASP K 231 -9.45 3.71 18.51
N GLY K 232 -9.34 3.71 17.18
CA GLY K 232 -8.70 2.60 16.50
C GLY K 232 -9.66 1.43 16.27
N ARG K 233 -10.91 1.47 16.81
CA ARG K 233 -11.93 0.50 16.43
C ARG K 233 -12.69 0.93 15.17
N TYR K 234 -13.63 0.12 14.69
CA TYR K 234 -14.21 0.33 13.36
C TYR K 234 -15.72 0.37 13.40
N VAL K 235 -16.29 1.04 12.39
CA VAL K 235 -17.68 0.89 12.03
C VAL K 235 -17.78 0.39 10.61
N ALA K 236 -18.96 -0.16 10.31
CA ALA K 236 -19.33 -0.58 8.98
C ALA K 236 -20.48 0.27 8.52
N VAL K 237 -20.36 0.70 7.27
CA VAL K 237 -21.32 1.54 6.61
C VAL K 237 -21.81 0.75 5.42
N GLY K 238 -23.14 0.66 5.32
CA GLY K 238 -23.78 -0.06 4.24
C GLY K 238 -24.98 0.68 3.68
N ALA K 239 -24.85 2.01 3.55
CA ALA K 239 -25.98 2.85 3.22
C ALA K 239 -26.07 2.98 1.72
N ILE K 240 -26.61 1.93 1.08
CA ILE K 240 -26.75 1.89 -0.37
C ILE K 240 -27.90 2.79 -0.83
N GLU K 241 -29.06 2.67 -0.20
CA GLU K 241 -30.23 3.40 -0.67
C GLU K 241 -30.01 4.89 -0.46
N PRO K 242 -30.39 5.77 -1.41
CA PRO K 242 -30.22 7.22 -1.18
C PRO K 242 -30.72 7.77 0.15
N GLN K 243 -31.87 7.27 0.67
CA GLN K 243 -32.47 7.86 1.86
C GLN K 243 -31.58 7.53 3.07
N PHE K 244 -31.08 6.30 3.06
CA PHE K 244 -30.26 5.82 4.16
C PHE K 244 -28.93 6.56 4.11
N TYR K 245 -28.42 6.79 2.91
CA TYR K 245 -27.15 7.49 2.74
C TYR K 245 -27.31 8.92 3.26
N ALA K 246 -28.41 9.58 2.88
CA ALA K 246 -28.72 10.92 3.40
C ALA K 246 -28.80 10.97 4.92
N ALA K 247 -29.45 9.97 5.54
CA ALA K 247 -29.53 9.95 6.99
C ALA K 247 -28.13 9.82 7.57
N MET K 248 -27.27 9.05 6.89
CA MET K 248 -25.92 8.84 7.41
C MET K 248 -25.14 10.16 7.37
N LEU K 249 -25.18 10.89 6.25
CA LEU K 249 -24.48 12.16 6.14
C LEU K 249 -24.88 13.13 7.27
N ALA K 250 -26.19 13.25 7.51
CA ALA K 250 -26.69 14.17 8.53
C ALA K 250 -26.17 13.76 9.91
N GLY K 251 -26.12 12.45 10.17
CA GLY K 251 -25.64 11.99 11.46
C GLY K 251 -24.18 12.31 11.69
N LEU K 252 -23.41 12.36 10.59
CA LEU K 252 -22.01 12.75 10.64
C LEU K 252 -21.87 14.27 10.66
N GLY K 253 -22.95 15.02 10.48
CA GLY K 253 -22.81 16.48 10.49
C GLY K 253 -22.34 17.00 9.13
N LEU K 254 -22.56 16.23 8.06
CA LEU K 254 -22.10 16.60 6.74
C LEU K 254 -23.31 17.01 5.93
N ASP K 255 -23.13 18.13 5.22
CA ASP K 255 -24.18 18.72 4.43
C ASP K 255 -24.02 18.17 3.01
N ALA K 256 -25.01 17.42 2.56
CA ALA K 256 -25.01 16.78 1.25
C ALA K 256 -24.68 17.77 0.12
N ALA K 257 -25.08 19.03 0.29
CA ALA K 257 -24.86 20.08 -0.70
C ALA K 257 -23.37 20.29 -0.98
N GLU K 258 -22.51 20.02 0.01
CA GLU K 258 -21.07 20.26 -0.06
C GLU K 258 -20.28 19.03 -0.53
N LEU K 259 -20.97 17.96 -0.94
CA LEU K 259 -20.31 16.69 -1.20
C LEU K 259 -20.57 16.33 -2.66
N PRO K 260 -19.67 15.53 -3.25
CA PRO K 260 -19.94 14.99 -4.56
C PRO K 260 -21.15 14.05 -4.49
N PRO K 261 -21.76 13.73 -5.64
CA PRO K 261 -22.82 12.73 -5.67
C PRO K 261 -22.36 11.37 -5.14
N GLN K 262 -23.30 10.68 -4.48
CA GLN K 262 -23.10 9.36 -3.91
C GLN K 262 -22.46 8.42 -4.91
N ASN K 263 -22.93 8.40 -6.17
CA ASN K 263 -22.47 7.39 -7.13
C ASN K 263 -21.68 8.01 -8.28
N ASP K 264 -21.04 9.17 -8.05
CA ASP K 264 -20.08 9.68 -9.01
C ASP K 264 -18.71 9.05 -8.70
N ARG K 265 -18.40 7.94 -9.38
CA ARG K 265 -17.27 7.08 -9.07
C ARG K 265 -15.96 7.85 -9.23
N ALA K 266 -15.86 8.74 -10.20
CA ALA K 266 -14.68 9.58 -10.36
C ALA K 266 -14.33 10.29 -9.04
N ARG K 267 -15.35 10.62 -8.24
CA ARG K 267 -15.08 11.43 -7.06
C ARG K 267 -15.16 10.62 -5.77
N TRP K 268 -15.19 9.30 -5.93
CA TRP K 268 -15.24 8.44 -4.75
C TRP K 268 -14.05 8.69 -3.82
N PRO K 269 -12.80 8.81 -4.30
CA PRO K 269 -11.70 9.08 -3.37
C PRO K 269 -11.97 10.31 -2.49
N GLU K 270 -12.54 11.35 -3.09
CA GLU K 270 -12.78 12.60 -2.39
C GLU K 270 -13.86 12.40 -1.33
N LEU K 271 -14.92 11.69 -1.72
CA LEU K 271 -16.00 11.34 -0.79
C LEU K 271 -15.47 10.53 0.38
N ARG K 272 -14.72 9.48 0.09
CA ARG K 272 -14.19 8.62 1.14
C ARG K 272 -13.38 9.45 2.14
N ALA K 273 -12.63 10.43 1.60
CA ALA K 273 -11.75 11.27 2.41
C ALA K 273 -12.56 12.08 3.42
N LEU K 274 -13.69 12.63 2.97
CA LEU K 274 -14.58 13.38 3.85
C LEU K 274 -15.26 12.48 4.90
N LEU K 275 -15.71 11.28 4.50
CA LEU K 275 -16.26 10.32 5.44
C LEU K 275 -15.19 9.84 6.43
N THR K 276 -13.98 9.61 5.92
CA THR K 276 -12.90 9.17 6.79
C THR K 276 -12.65 10.15 7.92
N GLU K 277 -12.57 11.44 7.57
CA GLU K 277 -12.33 12.47 8.56
C GLU K 277 -13.50 12.54 9.55
N ALA K 278 -14.73 12.42 9.07
CA ALA K 278 -15.87 12.45 9.99
C ALA K 278 -15.82 11.28 11.00
N PHE K 279 -15.71 10.03 10.51
CA PHE K 279 -15.72 8.88 11.39
C PHE K 279 -14.52 8.90 12.33
N ALA K 280 -13.37 9.44 11.89
CA ALA K 280 -12.21 9.46 12.77
C ALA K 280 -12.40 10.44 13.93
N SER K 281 -13.45 11.27 13.90
CA SER K 281 -13.52 12.36 14.89
C SER K 281 -14.07 11.84 16.22
N HIS K 282 -14.60 10.61 16.24
CA HIS K 282 -15.22 10.07 17.44
C HIS K 282 -14.98 8.57 17.49
N ASP K 283 -15.31 7.96 18.62
CA ASP K 283 -14.96 6.56 18.85
C ASP K 283 -16.14 5.68 18.46
N ARG K 284 -15.83 4.38 18.27
CA ARG K 284 -16.81 3.45 17.72
C ARG K 284 -18.13 3.55 18.49
N ASP K 285 -18.04 3.54 19.83
CA ASP K 285 -19.27 3.50 20.60
C ASP K 285 -20.06 4.82 20.43
N HIS K 286 -19.38 5.95 20.19
CA HIS K 286 -20.10 7.18 19.88
C HIS K 286 -21.01 6.95 18.68
N TRP K 287 -20.45 6.39 17.60
CA TRP K 287 -21.24 6.21 16.39
C TRP K 287 -22.34 5.19 16.61
N GLY K 288 -22.06 4.19 17.46
CA GLY K 288 -23.07 3.19 17.79
C GLY K 288 -24.29 3.86 18.43
N ALA K 289 -24.04 4.74 19.38
CA ALA K 289 -25.11 5.48 20.03
C ALA K 289 -25.85 6.45 19.08
N VAL K 290 -25.11 7.26 18.32
CA VAL K 290 -25.66 8.26 17.41
C VAL K 290 -26.58 7.62 16.39
N PHE K 291 -26.26 6.39 15.98
CA PHE K 291 -27.01 5.82 14.88
C PHE K 291 -27.94 4.72 15.34
N ALA K 292 -28.03 4.47 16.67
CA ALA K 292 -29.04 3.54 17.16
C ALA K 292 -30.42 4.01 16.70
N ASN K 293 -31.22 3.05 16.22
CA ASN K 293 -32.61 3.23 15.80
C ASN K 293 -32.71 3.97 14.49
N SER K 294 -31.59 4.16 13.78
CA SER K 294 -31.61 4.86 12.51
C SER K 294 -31.52 3.86 11.37
N ASP K 295 -31.89 4.36 10.18
CA ASP K 295 -31.72 3.68 8.90
C ASP K 295 -30.42 4.11 8.19
N ALA K 296 -29.43 4.58 8.94
CA ALA K 296 -28.18 5.06 8.40
C ALA K 296 -27.25 3.91 7.98
N CYS K 297 -27.57 2.66 8.34
CA CYS K 297 -26.81 1.47 8.02
C CYS K 297 -25.37 1.61 8.52
N VAL K 298 -25.22 2.01 9.79
CA VAL K 298 -23.93 2.13 10.42
C VAL K 298 -23.94 1.22 11.63
N THR K 299 -22.95 0.30 11.76
CA THR K 299 -22.91 -0.63 12.88
C THR K 299 -21.49 -0.70 13.42
N PRO K 300 -21.32 -1.00 14.72
CA PRO K 300 -19.98 -1.21 15.27
C PRO K 300 -19.49 -2.53 14.70
N VAL K 301 -18.19 -2.58 14.41
CA VAL K 301 -17.58 -3.81 13.93
C VAL K 301 -17.06 -4.50 15.17
N LEU K 302 -17.75 -5.55 15.63
CA LEU K 302 -17.35 -6.20 16.88
C LEU K 302 -16.37 -7.35 16.59
N ALA K 303 -15.38 -7.48 17.46
CA ALA K 303 -14.53 -8.65 17.51
C ALA K 303 -15.27 -9.76 18.27
N PHE K 304 -14.98 -11.02 17.91
CA PHE K 304 -15.58 -12.19 18.55
C PHE K 304 -15.75 -12.00 20.07
N GLY K 305 -14.69 -11.58 20.75
CA GLY K 305 -14.68 -11.50 22.21
C GLY K 305 -15.64 -10.45 22.79
N GLU K 306 -16.13 -9.54 21.96
CA GLU K 306 -17.06 -8.49 22.35
C GLU K 306 -18.51 -8.86 22.04
N VAL K 307 -18.76 -9.85 21.17
CA VAL K 307 -20.09 -10.14 20.67
C VAL K 307 -21.06 -10.48 21.82
N HIS K 308 -20.55 -11.11 22.89
CA HIS K 308 -21.39 -11.55 24.02
C HIS K 308 -21.95 -10.37 24.82
N ASN K 309 -21.41 -9.16 24.63
CA ASN K 309 -21.83 -7.97 25.37
C ASN K 309 -22.75 -7.07 24.54
N GLU K 310 -23.18 -7.51 23.35
CA GLU K 310 -24.02 -6.66 22.52
C GLU K 310 -25.48 -7.02 22.77
N PRO K 311 -26.33 -6.02 23.14
CA PRO K 311 -27.74 -6.28 23.48
C PRO K 311 -28.49 -7.10 22.46
N HIS K 312 -28.39 -6.75 21.17
CA HIS K 312 -29.19 -7.45 20.18
C HIS K 312 -28.78 -8.93 20.07
N ILE K 313 -27.52 -9.23 20.41
CA ILE K 313 -27.05 -10.62 20.36
C ILE K 313 -27.57 -11.33 21.62
N ILE K 314 -27.42 -10.69 22.79
CA ILE K 314 -27.88 -11.26 24.05
C ILE K 314 -29.38 -11.59 23.96
N GLU K 315 -30.19 -10.59 23.58
CA GLU K 315 -31.64 -10.69 23.67
C GLU K 315 -32.20 -11.79 22.78
N ARG K 316 -31.66 -11.98 21.58
CA ARG K 316 -32.20 -13.01 20.71
C ARG K 316 -31.54 -14.38 20.92
N ASN K 317 -30.61 -14.52 21.87
CA ASN K 317 -30.00 -15.80 22.19
C ASN K 317 -29.35 -16.42 20.95
N THR K 318 -28.58 -15.61 20.21
CA THR K 318 -27.89 -16.11 19.04
C THR K 318 -26.83 -17.14 19.48
N PHE K 319 -26.31 -17.02 20.71
CA PHE K 319 -25.25 -17.85 21.25
C PHE K 319 -25.64 -18.47 22.60
N TYR K 320 -25.03 -19.63 22.92
CA TYR K 320 -25.08 -20.23 24.25
C TYR K 320 -23.65 -20.46 24.74
N GLU K 321 -23.44 -20.65 26.05
CA GLU K 321 -22.11 -21.01 26.55
C GLU K 321 -21.93 -22.53 26.59
N ALA K 322 -20.72 -22.99 26.30
CA ALA K 322 -20.44 -24.41 26.17
C ALA K 322 -19.03 -24.70 26.67
N ASN K 323 -18.83 -24.65 28.00
CA ASN K 323 -17.51 -24.91 28.60
C ASN K 323 -16.49 -23.91 28.07
N GLY K 324 -16.30 -22.79 28.79
CA GLY K 324 -15.28 -21.79 28.46
C GLY K 324 -15.28 -21.41 26.99
N GLY K 325 -16.41 -20.91 26.49
CA GLY K 325 -16.54 -20.48 25.11
C GLY K 325 -17.98 -20.43 24.62
N TRP K 326 -18.39 -19.27 24.06
CA TRP K 326 -19.68 -19.14 23.41
C TRP K 326 -19.67 -19.84 22.06
N GLN K 327 -20.86 -20.25 21.63
CA GLN K 327 -21.01 -21.00 20.39
C GLN K 327 -22.36 -20.60 19.83
N PRO K 328 -22.57 -20.63 18.50
CA PRO K 328 -23.86 -20.23 17.92
C PRO K 328 -24.92 -21.30 18.11
N MET K 329 -26.12 -20.83 18.46
CA MET K 329 -27.30 -21.66 18.54
C MET K 329 -27.70 -22.02 17.12
N PRO K 330 -28.48 -23.11 16.95
CA PRO K 330 -28.97 -23.52 15.65
C PRO K 330 -29.66 -22.42 14.89
N ALA K 331 -29.63 -22.59 13.58
CA ALA K 331 -30.25 -21.66 12.67
C ALA K 331 -30.63 -22.48 11.46
N PRO K 332 -31.72 -22.14 10.74
CA PRO K 332 -32.62 -21.04 11.16
C PRO K 332 -33.48 -21.45 12.35
N ARG K 333 -34.47 -20.63 12.73
CA ARG K 333 -35.34 -20.92 13.87
C ARG K 333 -36.73 -21.33 13.37
N PHE K 334 -37.39 -22.18 14.18
CA PHE K 334 -38.66 -22.79 13.80
C PHE K 334 -39.71 -22.51 14.89
N SER K 335 -40.92 -22.10 14.50
CA SER K 335 -41.97 -21.75 15.46
C SER K 335 -42.51 -22.99 16.20
N ARG K 336 -42.84 -24.06 15.45
CA ARG K 336 -43.46 -25.24 16.04
C ARG K 336 -42.39 -26.24 16.51
N THR K 337 -41.50 -26.70 15.61
CA THR K 337 -40.52 -27.72 16.00
C THR K 337 -39.16 -27.09 16.26
N ALA K 338 -39.05 -26.45 17.43
CA ALA K 338 -37.89 -25.64 17.74
C ALA K 338 -36.71 -26.55 18.08
N SER K 339 -35.56 -26.20 17.50
CA SER K 339 -34.34 -26.91 17.83
C SER K 339 -34.05 -26.71 19.30
N SER K 340 -33.22 -27.54 19.92
CA SER K 340 -32.78 -27.24 21.28
C SER K 340 -31.28 -26.96 21.32
N GLN K 341 -30.82 -26.53 22.51
CA GLN K 341 -29.41 -26.28 22.77
C GLN K 341 -28.59 -27.51 22.39
N PRO K 342 -27.54 -27.39 21.53
CA PRO K 342 -26.78 -28.56 21.10
C PRO K 342 -26.19 -29.39 22.23
N ARG K 343 -26.11 -30.71 21.99
CA ARG K 343 -25.40 -31.59 22.90
C ARG K 343 -23.91 -31.55 22.55
N PRO K 344 -23.00 -31.44 23.55
CA PRO K 344 -21.57 -31.58 23.30
C PRO K 344 -21.21 -32.93 22.69
N PRO K 345 -20.03 -33.07 22.04
CA PRO K 345 -19.67 -34.32 21.38
C PRO K 345 -19.75 -35.55 22.30
N ALA K 346 -20.50 -36.56 21.86
CA ALA K 346 -20.88 -37.68 22.70
C ALA K 346 -19.82 -38.78 22.62
N ALA K 347 -18.85 -38.69 23.55
CA ALA K 347 -17.89 -39.75 23.88
C ALA K 347 -18.18 -41.04 23.11
N THR K 348 -17.13 -41.77 22.71
CA THR K 348 -17.25 -42.89 21.80
C THR K 348 -18.33 -43.86 22.27
N ILE K 349 -19.50 -43.78 21.63
CA ILE K 349 -20.50 -44.83 21.75
C ILE K 349 -19.97 -46.03 20.97
N ASP K 350 -20.57 -47.20 21.19
CA ASP K 350 -20.15 -48.44 20.55
C ASP K 350 -21.12 -48.81 19.44
N ILE K 351 -20.61 -49.23 18.27
CA ILE K 351 -21.43 -49.30 17.07
C ILE K 351 -22.56 -50.33 17.22
N GLU K 352 -22.28 -51.48 17.86
CA GLU K 352 -23.30 -52.49 18.08
C GLU K 352 -24.47 -51.89 18.86
N ALA K 353 -24.15 -51.04 19.87
CA ALA K 353 -25.16 -50.38 20.69
C ALA K 353 -26.09 -49.47 19.86
N VAL K 354 -25.56 -48.86 18.79
CA VAL K 354 -26.33 -47.99 17.91
C VAL K 354 -27.26 -48.86 17.06
N LEU K 355 -26.73 -49.97 16.55
CA LEU K 355 -27.52 -50.88 15.71
C LEU K 355 -28.69 -51.50 16.51
N THR K 356 -28.46 -51.77 17.80
CA THR K 356 -29.49 -52.18 18.72
C THR K 356 -30.59 -51.11 18.74
N ASP K 357 -30.24 -49.96 19.33
CA ASP K 357 -31.11 -48.80 19.48
C ASP K 357 -31.82 -48.49 18.15
N TRP K 358 -31.12 -48.60 17.02
CA TRP K 358 -31.78 -48.59 15.73
C TRP K 358 -32.40 -49.97 15.47
N ASP K 359 -33.63 -50.13 16.00
CA ASP K 359 -34.47 -51.31 15.79
C ASP K 359 -33.62 -52.56 15.55
N MET L 1 -41.19 -30.03 -15.17
CA MET L 1 -40.11 -29.25 -14.51
C MET L 1 -39.08 -30.23 -13.90
N ALA L 2 -37.84 -30.22 -14.45
CA ALA L 2 -36.76 -31.12 -14.04
C ALA L 2 -36.21 -30.74 -12.67
N GLY L 3 -35.63 -31.73 -11.98
CA GLY L 3 -34.92 -31.50 -10.73
C GLY L 3 -35.72 -32.07 -9.58
N PRO L 4 -35.12 -32.24 -8.39
CA PRO L 4 -35.76 -32.95 -7.29
C PRO L 4 -36.89 -32.23 -6.56
N LEU L 5 -37.03 -30.93 -6.84
CA LEU L 5 -38.03 -30.13 -6.15
C LEU L 5 -39.27 -30.01 -7.02
N SER L 6 -39.29 -30.68 -8.18
CA SER L 6 -40.47 -30.69 -9.03
C SER L 6 -41.74 -30.88 -8.18
N GLY L 7 -42.77 -30.10 -8.50
CA GLY L 7 -44.01 -30.18 -7.75
C GLY L 7 -44.07 -29.27 -6.52
N LEU L 8 -42.94 -28.71 -6.08
CA LEU L 8 -42.99 -27.77 -4.97
C LEU L 8 -43.52 -26.44 -5.53
N ARG L 9 -44.48 -25.85 -4.81
CA ARG L 9 -45.04 -24.55 -5.17
C ARG L 9 -44.62 -23.47 -4.18
N VAL L 10 -44.07 -22.39 -4.75
CA VAL L 10 -43.47 -21.34 -3.94
C VAL L 10 -44.01 -19.98 -4.36
N VAL L 11 -44.39 -19.21 -3.33
CA VAL L 11 -44.71 -17.80 -3.49
C VAL L 11 -43.61 -16.95 -2.85
N GLU L 12 -43.10 -16.05 -3.67
CA GLU L 12 -41.99 -15.16 -3.33
C GLU L 12 -42.45 -13.70 -3.37
N LEU L 13 -42.50 -13.04 -2.21
CA LEU L 13 -42.76 -11.60 -2.17
C LEU L 13 -41.47 -10.84 -2.46
N ALA L 14 -41.41 -10.23 -3.66
CA ALA L 14 -40.20 -9.58 -4.16
C ALA L 14 -39.55 -8.72 -3.06
N GLY L 15 -38.28 -9.04 -2.79
CA GLY L 15 -37.36 -8.28 -1.95
C GLY L 15 -36.01 -8.11 -2.65
N ILE L 16 -34.96 -7.87 -1.86
CA ILE L 16 -33.63 -7.80 -2.45
C ILE L 16 -32.72 -8.78 -1.70
N GLY L 17 -31.77 -9.38 -2.42
CA GLY L 17 -30.70 -10.10 -1.76
C GLY L 17 -31.08 -11.54 -1.43
N PRO L 18 -31.09 -11.93 -0.15
CA PRO L 18 -31.24 -13.34 0.21
C PRO L 18 -32.52 -13.95 -0.33
N GLY L 19 -33.65 -13.27 -0.06
CA GLY L 19 -34.97 -13.75 -0.44
C GLY L 19 -35.00 -14.19 -1.89
N PRO L 20 -34.63 -13.33 -2.87
CA PRO L 20 -34.61 -13.77 -4.27
C PRO L 20 -33.59 -14.86 -4.60
N HIS L 21 -32.57 -15.00 -3.76
CA HIS L 21 -31.51 -15.94 -4.09
C HIS L 21 -31.99 -17.34 -3.71
N ALA L 22 -32.59 -17.43 -2.51
CA ALA L 22 -33.31 -18.61 -2.07
C ALA L 22 -34.32 -19.04 -3.13
N ALA L 23 -35.16 -18.11 -3.56
CA ALA L 23 -36.21 -18.45 -4.51
C ALA L 23 -35.59 -18.95 -5.81
N MET L 24 -34.45 -18.36 -6.21
CA MET L 24 -33.78 -18.76 -7.43
C MET L 24 -33.30 -20.23 -7.37
N ILE L 25 -32.75 -20.62 -6.21
CA ILE L 25 -32.21 -21.95 -6.02
C ILE L 25 -33.38 -22.94 -5.95
N LEU L 26 -34.47 -22.59 -5.27
CA LEU L 26 -35.67 -23.44 -5.26
C LEU L 26 -36.11 -23.70 -6.69
N GLY L 27 -36.19 -22.64 -7.50
CA GLY L 27 -36.58 -22.79 -8.88
C GLY L 27 -35.56 -23.57 -9.69
N ASP L 28 -34.26 -23.35 -9.41
CA ASP L 28 -33.18 -23.98 -10.15
C ASP L 28 -33.36 -25.49 -10.13
N LEU L 29 -33.73 -26.00 -8.94
CA LEU L 29 -33.91 -27.41 -8.60
C LEU L 29 -35.32 -27.95 -8.91
N GLY L 30 -36.14 -27.21 -9.67
CA GLY L 30 -37.38 -27.74 -10.23
C GLY L 30 -38.66 -27.10 -9.68
N ALA L 31 -38.59 -26.40 -8.54
CA ALA L 31 -39.78 -25.84 -7.91
C ALA L 31 -40.46 -24.82 -8.82
N ASP L 32 -41.79 -24.72 -8.59
CA ASP L 32 -42.70 -23.81 -9.27
C ASP L 32 -42.79 -22.52 -8.47
N VAL L 33 -42.10 -21.47 -8.95
CA VAL L 33 -41.89 -20.29 -8.13
C VAL L 33 -42.63 -19.11 -8.74
N VAL L 34 -43.53 -18.53 -7.93
CA VAL L 34 -44.27 -17.36 -8.41
C VAL L 34 -43.88 -16.19 -7.53
N ARG L 35 -43.38 -15.15 -8.20
CA ARG L 35 -42.84 -13.99 -7.52
C ARG L 35 -43.83 -12.84 -7.66
N ILE L 36 -44.38 -12.36 -6.54
CA ILE L 36 -45.28 -11.23 -6.55
C ILE L 36 -44.45 -9.95 -6.36
N ASP L 37 -44.33 -9.16 -7.43
CA ASP L 37 -43.74 -7.83 -7.36
C ASP L 37 -44.85 -6.76 -7.36
N ARG L 38 -44.42 -5.54 -7.03
CA ARG L 38 -45.22 -4.33 -6.95
C ARG L 38 -45.34 -3.79 -8.40
N PRO L 39 -46.54 -3.33 -8.87
CA PRO L 39 -46.68 -2.86 -10.25
C PRO L 39 -45.76 -1.68 -10.62
N SER L 40 -45.49 -0.78 -9.64
CA SER L 40 -44.56 0.33 -9.79
C SER L 40 -43.24 -0.14 -10.41
N SER L 41 -42.59 -1.14 -9.79
CA SER L 41 -41.16 -1.34 -9.97
C SER L 41 -40.84 -2.27 -11.15
N VAL L 42 -41.81 -3.06 -11.61
CA VAL L 42 -41.63 -3.83 -12.85
C VAL L 42 -41.80 -2.85 -14.01
N ASP L 43 -41.11 -3.09 -15.14
CA ASP L 43 -41.11 -2.11 -16.22
C ASP L 43 -40.66 -2.71 -17.55
N GLY L 44 -41.13 -3.93 -17.88
CA GLY L 44 -40.66 -4.67 -19.05
C GLY L 44 -40.15 -6.06 -18.67
N ILE L 45 -39.06 -6.49 -19.30
CA ILE L 45 -38.49 -7.83 -19.11
C ILE L 45 -37.19 -7.67 -18.31
N SER L 46 -37.14 -8.21 -17.06
CA SER L 46 -36.05 -7.90 -16.13
C SER L 46 -34.74 -8.61 -16.50
N ARG L 47 -33.66 -7.83 -16.66
CA ARG L 47 -32.35 -8.36 -17.02
C ARG L 47 -31.51 -8.72 -15.79
N ASP L 48 -32.14 -8.93 -14.62
CA ASP L 48 -31.46 -9.49 -13.45
C ASP L 48 -31.55 -11.03 -13.53
N ALA L 49 -30.42 -11.65 -13.87
CA ALA L 49 -30.40 -13.08 -14.11
C ALA L 49 -30.67 -13.83 -12.81
N MET L 50 -30.71 -13.11 -11.67
CA MET L 50 -31.07 -13.77 -10.43
C MET L 50 -32.57 -14.10 -10.45
N LEU L 51 -33.35 -13.49 -11.35
CA LEU L 51 -34.79 -13.73 -11.43
C LEU L 51 -35.10 -14.89 -12.39
N ARG L 52 -34.11 -15.72 -12.69
CA ARG L 52 -34.33 -16.88 -13.55
C ARG L 52 -35.19 -17.88 -12.80
N ASN L 53 -35.85 -18.77 -13.58
CA ASN L 53 -36.67 -19.88 -13.09
C ASN L 53 -37.84 -19.34 -12.26
N ARG L 54 -38.54 -18.34 -12.84
CA ARG L 54 -39.63 -17.65 -12.17
C ARG L 54 -40.85 -17.53 -13.09
N ARG L 55 -42.02 -17.38 -12.46
CA ARG L 55 -43.09 -16.59 -13.07
C ARG L 55 -43.29 -15.33 -12.22
N ILE L 56 -43.30 -14.17 -12.89
CA ILE L 56 -43.46 -12.89 -12.24
C ILE L 56 -44.90 -12.37 -12.39
N VAL L 57 -45.50 -11.95 -11.27
CA VAL L 57 -46.80 -11.27 -11.27
C VAL L 57 -46.68 -9.97 -10.46
N THR L 58 -47.69 -9.08 -10.64
CA THR L 58 -47.76 -7.75 -10.04
C THR L 58 -49.05 -7.63 -9.23
N ALA L 59 -49.00 -7.02 -8.04
CA ALA L 59 -50.16 -6.90 -7.17
C ALA L 59 -49.91 -5.81 -6.14
N ASP L 60 -50.83 -4.85 -6.08
CA ASP L 60 -50.78 -3.84 -5.05
C ASP L 60 -51.37 -4.45 -3.78
N LEU L 61 -50.48 -4.92 -2.88
CA LEU L 61 -50.92 -5.67 -1.72
C LEU L 61 -51.58 -4.75 -0.68
N LYS L 62 -51.49 -3.44 -0.91
CA LYS L 62 -52.25 -2.50 -0.10
C LYS L 62 -53.67 -2.31 -0.65
N SER L 63 -53.91 -2.62 -1.93
CA SER L 63 -55.27 -2.67 -2.46
C SER L 63 -55.99 -3.91 -1.91
N ASP L 64 -57.33 -3.86 -1.90
CA ASP L 64 -58.14 -4.96 -1.41
C ASP L 64 -58.08 -6.14 -2.38
N GLN L 65 -57.99 -5.85 -3.68
CA GLN L 65 -57.92 -6.87 -4.70
C GLN L 65 -56.58 -7.62 -4.62
N GLY L 66 -55.48 -6.85 -4.57
CA GLY L 66 -54.15 -7.43 -4.47
C GLY L 66 -54.04 -8.39 -3.28
N LEU L 67 -54.46 -7.93 -2.09
CA LEU L 67 -54.36 -8.79 -0.91
C LEU L 67 -55.08 -10.12 -1.15
N GLU L 68 -56.23 -10.06 -1.82
CA GLU L 68 -57.07 -11.24 -1.95
C GLU L 68 -56.52 -12.20 -3.02
N LEU L 69 -55.99 -11.68 -4.14
CA LEU L 69 -55.34 -12.51 -5.15
C LEU L 69 -54.13 -13.25 -4.56
N ALA L 70 -53.23 -12.48 -3.93
CA ALA L 70 -52.07 -13.04 -3.23
C ALA L 70 -52.47 -14.09 -2.19
N LEU L 71 -53.58 -13.89 -1.44
CA LEU L 71 -53.99 -14.86 -0.42
C LEU L 71 -54.50 -16.14 -1.08
N LYS L 72 -54.91 -16.06 -2.35
CA LYS L 72 -55.36 -17.25 -3.07
C LYS L 72 -54.18 -18.08 -3.56
N LEU L 73 -53.17 -17.43 -4.15
CA LEU L 73 -51.90 -18.09 -4.46
C LEU L 73 -51.36 -18.77 -3.21
N ILE L 74 -51.21 -18.02 -2.11
CA ILE L 74 -50.68 -18.59 -0.88
C ILE L 74 -51.45 -19.84 -0.43
N ALA L 75 -52.78 -19.85 -0.61
CA ALA L 75 -53.64 -20.96 -0.19
C ALA L 75 -53.31 -22.25 -0.95
N LYS L 76 -52.90 -22.11 -2.22
CA LYS L 76 -52.52 -23.20 -3.11
C LYS L 76 -51.02 -23.50 -3.14
N ALA L 77 -50.18 -22.88 -2.29
CA ALA L 77 -48.73 -23.03 -2.45
C ALA L 77 -48.17 -23.80 -1.27
N ASP L 78 -46.93 -24.27 -1.40
CA ASP L 78 -46.28 -24.98 -0.30
C ASP L 78 -45.52 -24.01 0.61
N VAL L 79 -45.00 -22.95 0.00
CA VAL L 79 -44.00 -22.15 0.68
C VAL L 79 -44.23 -20.68 0.35
N LEU L 80 -44.18 -19.86 1.41
CA LEU L 80 -44.09 -18.41 1.23
C LEU L 80 -42.70 -17.91 1.65
N ILE L 81 -42.11 -17.07 0.78
CA ILE L 81 -40.88 -16.32 1.09
C ILE L 81 -41.14 -14.83 1.13
N GLU L 82 -40.77 -14.19 2.25
CA GLU L 82 -40.78 -12.73 2.33
C GLU L 82 -39.52 -12.24 3.03
N GLY L 83 -38.98 -11.10 2.57
CA GLY L 83 -37.79 -10.51 3.18
C GLY L 83 -37.93 -9.04 3.58
N TYR L 84 -39.16 -8.62 3.98
CA TYR L 84 -39.41 -7.27 4.47
C TYR L 84 -39.04 -7.17 5.93
N ARG L 85 -39.10 -5.95 6.47
CA ARG L 85 -38.92 -5.74 7.89
C ARG L 85 -39.98 -6.53 8.66
N PRO L 86 -39.67 -6.94 9.90
CA PRO L 86 -40.65 -7.61 10.75
C PRO L 86 -41.81 -6.63 10.94
N GLY L 87 -43.04 -7.19 10.91
CA GLY L 87 -44.25 -6.39 11.01
C GLY L 87 -44.85 -6.10 9.65
N VAL L 88 -44.05 -6.13 8.59
CA VAL L 88 -44.57 -5.61 7.34
C VAL L 88 -45.68 -6.51 6.81
N THR L 89 -45.45 -7.82 6.69
CA THR L 89 -46.50 -8.68 6.14
C THR L 89 -47.73 -8.68 7.05
N GLU L 90 -47.54 -8.56 8.37
CA GLU L 90 -48.66 -8.46 9.29
C GLU L 90 -49.56 -7.29 8.90
N ARG L 91 -48.99 -6.09 8.80
CA ARG L 91 -49.71 -4.88 8.39
C ARG L 91 -50.44 -5.09 7.08
N LEU L 92 -49.81 -5.74 6.10
CA LEU L 92 -50.45 -5.93 4.80
C LEU L 92 -51.54 -6.99 4.90
N GLY L 93 -51.65 -7.68 6.05
CA GLY L 93 -52.60 -8.78 6.17
C GLY L 93 -52.14 -10.12 5.57
N LEU L 94 -50.82 -10.25 5.35
CA LEU L 94 -50.21 -11.50 4.87
C LEU L 94 -49.32 -12.13 5.95
N GLY L 95 -49.52 -11.73 7.21
CA GLY L 95 -48.79 -12.28 8.34
C GLY L 95 -48.87 -13.80 8.40
N PRO L 96 -48.05 -14.46 9.26
CA PRO L 96 -48.14 -15.91 9.42
C PRO L 96 -49.57 -16.35 9.72
N GLU L 97 -50.23 -15.61 10.63
CA GLU L 97 -51.53 -16.02 11.15
C GLU L 97 -52.63 -15.95 10.09
N GLU L 98 -52.65 -14.90 9.29
CA GLU L 98 -53.63 -14.78 8.23
C GLU L 98 -53.44 -15.90 7.21
N CYS L 99 -52.17 -16.23 6.94
CA CYS L 99 -51.82 -17.28 5.98
C CYS L 99 -52.24 -18.67 6.51
N ALA L 100 -52.01 -18.93 7.80
CA ALA L 100 -52.40 -20.18 8.47
C ALA L 100 -53.92 -20.42 8.46
N LYS L 101 -54.71 -19.34 8.36
CA LYS L 101 -56.16 -19.49 8.21
C LYS L 101 -56.49 -20.01 6.81
N VAL L 102 -55.67 -19.71 5.78
CA VAL L 102 -56.06 -20.15 4.44
C VAL L 102 -55.26 -21.39 4.01
N ASN L 103 -54.27 -21.81 4.82
CA ASN L 103 -53.36 -22.90 4.45
C ASN L 103 -52.46 -23.27 5.62
N ASP L 104 -52.90 -24.28 6.40
CA ASP L 104 -52.17 -24.67 7.59
C ASP L 104 -51.00 -25.60 7.23
N ARG L 105 -50.79 -25.88 5.92
CA ARG L 105 -49.65 -26.67 5.47
C ARG L 105 -48.47 -25.76 5.04
N LEU L 106 -48.67 -24.43 5.04
CA LEU L 106 -47.73 -23.50 4.45
C LEU L 106 -46.45 -23.45 5.27
N ILE L 107 -45.32 -23.47 4.57
CA ILE L 107 -44.06 -23.07 5.20
C ILE L 107 -43.91 -21.55 5.01
N TYR L 108 -43.91 -20.84 6.14
CA TYR L 108 -43.85 -19.40 6.14
C TYR L 108 -42.41 -18.99 6.42
N ALA L 109 -41.72 -18.54 5.36
CA ALA L 109 -40.25 -18.36 5.40
C ALA L 109 -39.87 -16.87 5.43
N ARG L 110 -39.38 -16.46 6.59
CA ARG L 110 -39.08 -15.07 6.91
C ARG L 110 -37.57 -14.78 6.88
N MET L 111 -37.13 -14.06 5.83
CA MET L 111 -35.73 -13.71 5.57
C MET L 111 -35.41 -12.29 6.07
N THR L 112 -34.73 -12.15 7.21
CA THR L 112 -34.26 -10.85 7.63
C THR L 112 -32.76 -10.87 7.90
N GLY L 113 -32.26 -9.71 8.34
CA GLY L 113 -30.88 -9.62 8.79
C GLY L 113 -30.79 -9.79 10.29
N TRP L 114 -31.59 -8.97 11.00
CA TRP L 114 -31.49 -8.85 12.44
C TRP L 114 -32.44 -9.82 13.17
N GLY L 115 -33.44 -10.36 12.46
CA GLY L 115 -34.40 -11.24 13.11
C GLY L 115 -35.72 -10.52 13.35
N GLN L 116 -36.64 -11.22 14.06
CA GLN L 116 -38.04 -10.80 14.12
C GLN L 116 -38.31 -9.87 15.31
N THR L 117 -37.46 -9.98 16.34
CA THR L 117 -37.49 -9.20 17.55
C THR L 117 -36.08 -8.69 17.85
N GLY L 118 -35.98 -7.82 18.84
CA GLY L 118 -34.72 -7.29 19.35
C GLY L 118 -34.51 -5.82 19.01
N PRO L 119 -33.56 -5.16 19.71
CA PRO L 119 -33.34 -3.72 19.58
C PRO L 119 -32.94 -3.22 18.20
N ARG L 120 -32.41 -4.09 17.32
CA ARG L 120 -32.06 -3.67 15.96
C ARG L 120 -33.05 -4.19 14.93
N SER L 121 -34.14 -4.81 15.38
CA SER L 121 -35.05 -5.48 14.47
C SER L 121 -35.68 -4.57 13.42
N GLN L 122 -35.74 -3.25 13.68
CA GLN L 122 -36.35 -2.32 12.72
C GLN L 122 -35.31 -1.48 11.95
N GLN L 123 -34.03 -1.55 12.30
CA GLN L 123 -33.01 -0.82 11.55
C GLN L 123 -32.83 -1.43 10.16
N ALA L 124 -32.90 -0.60 9.11
CA ALA L 124 -32.40 -0.93 7.79
C ALA L 124 -30.95 -1.42 7.90
N GLY L 125 -30.55 -2.19 6.89
CA GLY L 125 -29.22 -2.75 6.91
C GLY L 125 -28.91 -3.52 5.63
N HIS L 126 -27.61 -3.87 5.52
CA HIS L 126 -27.16 -4.78 4.46
C HIS L 126 -26.12 -5.74 5.02
N ASP L 127 -25.65 -6.62 4.13
CA ASP L 127 -24.76 -7.72 4.49
C ASP L 127 -23.70 -7.19 5.46
N ILE L 128 -23.01 -6.14 5.04
CA ILE L 128 -21.89 -5.61 5.81
C ILE L 128 -22.29 -5.34 7.26
N ASN L 129 -23.55 -4.89 7.47
CA ASN L 129 -24.03 -4.57 8.82
C ASN L 129 -24.23 -5.83 9.67
N TYR L 130 -24.85 -6.86 9.09
CA TYR L 130 -25.20 -8.07 9.84
C TYR L 130 -23.92 -8.81 10.29
N ILE L 131 -22.93 -8.88 9.39
CA ILE L 131 -21.65 -9.52 9.71
C ILE L 131 -20.72 -8.67 10.58
N SER L 132 -21.01 -7.36 10.74
CA SER L 132 -20.17 -6.55 11.61
C SER L 132 -20.45 -6.87 13.07
N LEU L 133 -21.65 -7.37 13.35
CA LEU L 133 -22.10 -7.46 14.74
C LEU L 133 -21.73 -8.80 15.39
N ASN L 134 -21.41 -9.81 14.58
CA ASN L 134 -21.20 -11.15 15.14
C ASN L 134 -19.75 -11.58 15.01
N GLY L 135 -18.83 -10.65 14.70
CA GLY L 135 -17.41 -10.96 14.77
C GLY L 135 -16.79 -11.32 13.42
N ILE L 136 -17.62 -11.56 12.40
CA ILE L 136 -17.18 -12.05 11.08
C ILE L 136 -16.36 -11.00 10.33
N LEU L 137 -16.94 -9.81 10.12
CA LEU L 137 -16.27 -8.75 9.35
C LEU L 137 -14.94 -8.40 10.03
N HIS L 138 -14.93 -8.31 11.37
CA HIS L 138 -13.72 -7.95 12.07
C HIS L 138 -12.58 -8.91 11.69
N ALA L 139 -12.93 -10.14 11.33
CA ALA L 139 -11.93 -11.19 11.13
C ALA L 139 -11.35 -11.20 9.70
N ILE L 140 -11.91 -10.39 8.80
CA ILE L 140 -11.56 -10.47 7.40
C ILE L 140 -10.68 -9.30 6.97
N GLY L 141 -9.50 -9.64 6.42
CA GLY L 141 -8.60 -8.69 5.79
C GLY L 141 -7.21 -8.77 6.38
N ARG L 142 -6.31 -7.98 5.83
CA ARG L 142 -4.95 -7.95 6.35
C ARG L 142 -4.95 -7.29 7.73
N GLY L 143 -3.90 -7.58 8.53
CA GLY L 143 -3.81 -7.11 9.91
C GLY L 143 -3.45 -5.63 10.05
N ASP L 144 -2.74 -5.06 9.08
CA ASP L 144 -2.29 -3.66 9.17
C ASP L 144 -3.36 -2.70 8.64
N GLU L 145 -4.60 -3.17 8.44
CA GLU L 145 -5.58 -2.41 7.69
C GLU L 145 -6.95 -2.64 8.29
N ARG L 146 -7.93 -1.87 7.82
CA ARG L 146 -9.26 -1.93 8.38
C ARG L 146 -9.97 -3.09 7.69
N PRO L 147 -10.97 -3.72 8.31
CA PRO L 147 -11.58 -4.92 7.74
C PRO L 147 -12.10 -4.65 6.33
N VAL L 148 -12.18 -5.70 5.52
CA VAL L 148 -12.68 -5.57 4.17
C VAL L 148 -13.85 -6.51 4.00
N PRO L 149 -14.93 -6.06 3.32
CA PRO L 149 -16.08 -6.91 3.14
C PRO L 149 -15.78 -8.00 2.15
N PRO L 150 -16.16 -9.24 2.53
CA PRO L 150 -16.09 -10.39 1.64
C PRO L 150 -17.27 -10.37 0.68
N LEU L 151 -17.28 -9.35 -0.18
CA LEU L 151 -18.45 -8.97 -0.97
C LEU L 151 -19.69 -9.06 -0.07
N ASN L 152 -20.82 -9.48 -0.64
CA ASN L 152 -21.98 -9.81 0.19
C ASN L 152 -22.24 -11.31 0.20
N LEU L 153 -21.19 -12.14 0.38
CA LEU L 153 -21.31 -13.58 0.21
C LEU L 153 -21.69 -14.24 1.53
N VAL L 154 -21.25 -13.67 2.64
CA VAL L 154 -21.33 -14.33 3.93
C VAL L 154 -22.63 -14.00 4.64
N GLY L 155 -23.18 -12.80 4.42
CA GLY L 155 -24.39 -12.39 5.13
C GLY L 155 -25.64 -12.74 4.31
N ASP L 156 -25.74 -12.16 3.13
CA ASP L 156 -26.85 -12.38 2.23
C ASP L 156 -27.00 -13.85 1.84
N PHE L 157 -25.90 -14.54 1.53
CA PHE L 157 -26.03 -15.80 0.81
C PHE L 157 -25.63 -16.97 1.71
N GLY L 158 -24.33 -17.12 1.97
CA GLY L 158 -23.88 -18.21 2.83
C GLY L 158 -24.69 -18.29 4.12
N GLY L 159 -24.85 -17.15 4.79
CA GLY L 159 -25.42 -17.08 6.12
C GLY L 159 -26.89 -16.66 6.14
N GLY L 160 -27.48 -16.53 4.95
CA GLY L 160 -28.76 -15.89 4.77
C GLY L 160 -29.69 -16.77 3.96
N SER L 161 -29.68 -16.59 2.64
CA SER L 161 -30.49 -17.37 1.73
C SER L 161 -30.30 -18.88 1.97
N MET L 162 -29.07 -19.30 2.27
CA MET L 162 -28.79 -20.72 2.33
C MET L 162 -29.44 -21.31 3.58
N PHE L 163 -29.45 -20.56 4.69
CA PHE L 163 -30.13 -21.04 5.87
C PHE L 163 -31.65 -20.98 5.67
N LEU L 164 -32.13 -20.07 4.82
CA LEU L 164 -33.55 -20.00 4.50
C LEU L 164 -33.93 -21.29 3.78
N LEU L 165 -33.12 -21.67 2.78
CA LEU L 165 -33.34 -22.91 2.06
C LEU L 165 -33.34 -24.12 2.99
N VAL L 166 -32.34 -24.23 3.87
CA VAL L 166 -32.28 -25.37 4.78
C VAL L 166 -33.52 -25.39 5.68
N GLY L 167 -33.99 -24.20 6.10
CA GLY L 167 -35.16 -24.06 6.92
C GLY L 167 -36.44 -24.55 6.21
N ILE L 168 -36.68 -24.02 5.00
CA ILE L 168 -37.75 -24.43 4.12
C ILE L 168 -37.76 -25.96 4.02
N LEU L 169 -36.61 -26.51 3.58
CA LEU L 169 -36.60 -27.90 3.17
C LEU L 169 -36.74 -28.78 4.40
N ALA L 170 -36.22 -28.36 5.56
CA ALA L 170 -36.35 -29.12 6.79
C ALA L 170 -37.81 -29.14 7.28
N ALA L 171 -38.45 -27.97 7.29
CA ALA L 171 -39.88 -27.86 7.60
C ALA L 171 -40.72 -28.72 6.66
N LEU L 172 -40.35 -28.80 5.36
CA LEU L 172 -41.07 -29.66 4.43
C LEU L 172 -40.89 -31.14 4.78
N TRP L 173 -39.73 -31.51 5.31
CA TRP L 173 -39.53 -32.89 5.73
C TRP L 173 -40.43 -33.18 6.93
N GLU L 174 -40.39 -32.27 7.91
CA GLU L 174 -41.24 -32.34 9.08
C GLU L 174 -42.72 -32.40 8.68
N ARG L 175 -43.11 -31.66 7.64
CA ARG L 175 -44.50 -31.58 7.25
C ARG L 175 -45.01 -32.94 6.75
N GLN L 176 -44.11 -33.78 6.23
CA GLN L 176 -44.52 -35.04 5.63
C GLN L 176 -45.18 -35.97 6.67
N SER L 177 -44.78 -35.87 7.94
CA SER L 177 -45.39 -36.68 8.97
C SER L 177 -46.42 -35.90 9.80
N SER L 178 -46.31 -34.56 9.91
CA SER L 178 -47.16 -33.82 10.84
C SER L 178 -48.42 -33.27 10.14
N GLY L 179 -48.42 -33.23 8.79
CA GLY L 179 -49.45 -32.59 8.00
C GLY L 179 -49.45 -31.06 8.11
N LYS L 180 -48.54 -30.50 8.93
CA LYS L 180 -48.53 -29.08 9.27
C LYS L 180 -47.28 -28.34 8.76
N GLY L 181 -47.50 -27.12 8.24
CA GLY L 181 -46.45 -26.14 8.06
C GLY L 181 -46.02 -25.48 9.38
N GLN L 182 -45.23 -24.40 9.27
CA GLN L 182 -44.80 -23.59 10.41
C GLN L 182 -44.03 -22.37 9.89
N VAL L 183 -43.54 -21.59 10.85
CA VAL L 183 -42.73 -20.41 10.54
C VAL L 183 -41.23 -20.73 10.70
N VAL L 184 -40.49 -20.34 9.64
CA VAL L 184 -39.03 -20.31 9.60
C VAL L 184 -38.54 -18.85 9.69
N ASP L 185 -37.84 -18.54 10.79
CA ASP L 185 -37.18 -17.28 11.01
C ASP L 185 -35.68 -17.43 10.70
N ALA L 186 -35.26 -17.04 9.47
CA ALA L 186 -33.87 -17.02 9.04
C ALA L 186 -33.32 -15.58 9.06
N ALA L 187 -32.52 -15.32 10.10
CA ALA L 187 -31.79 -14.08 10.31
C ALA L 187 -30.31 -14.21 9.94
N MET L 188 -29.82 -13.29 9.12
CA MET L 188 -28.47 -13.35 8.60
C MET L 188 -27.44 -13.30 9.71
N VAL L 189 -27.75 -12.63 10.83
CA VAL L 189 -26.83 -12.54 11.94
C VAL L 189 -26.73 -13.90 12.65
N ASP L 190 -27.78 -14.73 12.55
CA ASP L 190 -27.75 -16.07 13.14
C ASP L 190 -27.01 -17.05 12.21
N GLY L 191 -27.54 -17.21 10.99
CA GLY L 191 -27.01 -18.12 9.99
C GLY L 191 -25.52 -17.96 9.75
N SER L 192 -25.06 -16.70 9.63
CA SER L 192 -23.68 -16.38 9.37
C SER L 192 -22.85 -16.78 10.60
N SER L 193 -23.46 -16.68 11.80
CA SER L 193 -22.83 -17.17 13.02
C SER L 193 -22.60 -18.68 12.96
N VAL L 194 -23.53 -19.42 12.37
CA VAL L 194 -23.39 -20.88 12.31
C VAL L 194 -22.41 -21.23 11.19
N LEU L 195 -22.47 -20.41 10.13
CA LEU L 195 -21.52 -20.52 9.04
C LEU L 195 -20.10 -20.53 9.58
N ILE L 196 -19.81 -19.71 10.60
CA ILE L 196 -18.44 -19.54 11.08
C ILE L 196 -18.23 -20.33 12.38
N GLN L 197 -19.02 -21.38 12.62
CA GLN L 197 -18.97 -22.09 13.88
C GLN L 197 -17.56 -22.63 14.15
N MET L 198 -16.81 -22.92 13.07
CA MET L 198 -15.49 -23.53 13.17
C MET L 198 -14.55 -22.60 13.90
N MET L 199 -14.69 -21.29 13.61
CA MET L 199 -13.85 -20.30 14.25
C MET L 199 -14.24 -20.16 15.72
N TRP L 200 -15.54 -20.19 16.04
CA TRP L 200 -15.97 -20.24 17.45
C TRP L 200 -15.41 -21.50 18.15
N ALA L 201 -15.44 -22.64 17.46
CA ALA L 201 -14.86 -23.86 17.98
C ALA L 201 -13.38 -23.65 18.26
N MET L 202 -12.62 -23.18 17.25
CA MET L 202 -11.18 -23.03 17.38
C MET L 202 -10.86 -22.01 18.49
N ARG L 203 -11.67 -20.94 18.57
CA ARG L 203 -11.45 -19.92 19.57
C ARG L 203 -11.56 -20.52 20.97
N ALA L 204 -12.57 -21.38 21.18
CA ALA L 204 -12.77 -22.09 22.44
C ALA L 204 -11.50 -22.81 22.90
N THR L 205 -10.69 -23.30 21.97
CA THR L 205 -9.55 -24.12 22.36
C THR L 205 -8.23 -23.40 22.15
N GLY L 206 -8.21 -22.06 22.07
CA GLY L 206 -6.94 -21.36 21.91
C GLY L 206 -6.34 -21.43 20.50
N MET L 207 -7.09 -21.90 19.50
CA MET L 207 -6.55 -22.12 18.17
C MET L 207 -6.97 -21.02 17.17
N TRP L 208 -7.61 -19.95 17.68
CA TRP L 208 -7.99 -18.82 16.85
C TRP L 208 -8.01 -17.56 17.73
N THR L 209 -7.37 -16.47 17.30
CA THR L 209 -7.39 -15.24 18.08
C THR L 209 -8.14 -14.16 17.32
N ASP L 210 -8.60 -13.16 18.07
CA ASP L 210 -9.36 -12.06 17.53
C ASP L 210 -8.48 -11.12 16.69
N THR L 211 -7.16 -11.28 16.71
CA THR L 211 -6.29 -10.48 15.85
C THR L 211 -6.46 -10.83 14.37
N ARG L 212 -6.73 -9.82 13.55
CA ARG L 212 -6.95 -10.01 12.13
C ARG L 212 -5.63 -10.36 11.45
N GLY L 213 -5.63 -11.31 10.52
CA GLY L 213 -4.46 -11.61 9.72
C GLY L 213 -3.37 -12.36 10.49
N ALA L 214 -3.71 -13.04 11.59
CA ALA L 214 -2.73 -13.76 12.37
C ALA L 214 -3.20 -15.18 12.70
N ASN L 215 -3.98 -15.81 11.81
CA ASN L 215 -4.54 -17.11 12.08
C ASN L 215 -4.25 -18.06 10.92
N MET L 216 -4.66 -19.32 11.08
CA MET L 216 -4.35 -20.35 10.10
C MET L 216 -5.06 -20.10 8.77
N LEU L 217 -6.32 -19.61 8.80
CA LEU L 217 -7.14 -19.51 7.59
C LEU L 217 -7.54 -18.07 7.20
N ASP L 218 -6.94 -17.03 7.79
CA ASP L 218 -7.29 -15.66 7.45
C ASP L 218 -6.25 -14.97 6.58
N GLY L 219 -5.24 -15.68 6.13
CA GLY L 219 -4.14 -15.06 5.41
C GLY L 219 -2.87 -14.91 6.24
N GLY L 220 -2.92 -15.16 7.54
CA GLY L 220 -1.73 -15.06 8.37
C GLY L 220 -0.74 -16.20 8.19
N ALA L 221 -1.20 -17.41 7.80
CA ALA L 221 -0.25 -18.50 7.60
C ALA L 221 0.38 -18.40 6.21
N PRO L 222 1.71 -18.44 6.08
CA PRO L 222 2.34 -18.41 4.76
C PRO L 222 1.90 -19.51 3.77
N TYR L 223 1.39 -20.61 4.30
CA TYR L 223 0.97 -21.73 3.48
C TYR L 223 -0.54 -21.71 3.20
N TYR L 224 -1.24 -20.67 3.67
CA TYR L 224 -2.63 -20.50 3.31
C TYR L 224 -2.85 -19.02 2.99
N ASP L 225 -2.57 -18.63 1.73
CA ASP L 225 -2.64 -17.22 1.34
C ASP L 225 -2.45 -17.10 -0.16
N THR L 226 -2.61 -15.90 -0.70
CA THR L 226 -2.25 -15.64 -2.08
C THR L 226 -0.84 -15.09 -2.16
N TYR L 227 -0.21 -15.26 -3.33
CA TYR L 227 1.14 -14.76 -3.57
C TYR L 227 1.12 -14.08 -4.93
N GLU L 228 1.79 -12.93 -5.04
CA GLU L 228 1.96 -12.27 -6.32
C GLU L 228 3.09 -12.92 -7.11
N CYS L 229 2.86 -13.13 -8.41
CA CYS L 229 3.80 -13.75 -9.31
C CYS L 229 4.50 -12.69 -10.15
N ALA L 230 5.43 -13.12 -10.99
CA ALA L 230 6.29 -12.19 -11.70
C ALA L 230 5.48 -11.28 -12.62
N ASP L 231 4.32 -11.73 -13.12
CA ASP L 231 3.54 -10.96 -14.07
C ASP L 231 2.53 -10.07 -13.33
N GLY L 232 2.58 -9.98 -11.99
CA GLY L 232 1.58 -9.23 -11.23
C GLY L 232 0.24 -9.97 -11.06
N ARG L 233 0.10 -11.20 -11.58
CA ARG L 233 -1.06 -12.02 -11.26
C ARG L 233 -0.76 -12.84 -10.00
N TYR L 234 -1.72 -13.63 -9.51
CA TYR L 234 -1.60 -14.29 -8.22
C TYR L 234 -1.87 -15.79 -8.32
N VAL L 235 -1.27 -16.51 -7.36
CA VAL L 235 -1.66 -17.87 -7.08
C VAL L 235 -2.22 -17.90 -5.66
N ALA L 236 -3.01 -18.94 -5.42
CA ALA L 236 -3.48 -19.32 -4.11
C ALA L 236 -2.75 -20.58 -3.66
N VAL L 237 -2.31 -20.53 -2.42
CA VAL L 237 -1.65 -21.62 -1.74
C VAL L 237 -2.53 -22.00 -0.58
N GLY L 238 -2.92 -23.28 -0.51
CA GLY L 238 -3.65 -23.84 0.60
C GLY L 238 -3.02 -25.12 1.14
N ALA L 239 -1.70 -25.16 1.20
CA ALA L 239 -0.97 -26.37 1.54
C ALA L 239 -0.90 -26.56 3.07
N ILE L 240 -2.01 -26.99 3.64
CA ILE L 240 -2.14 -27.12 5.09
C ILE L 240 -1.41 -28.38 5.55
N GLU L 241 -1.77 -29.53 4.95
CA GLU L 241 -1.18 -30.80 5.37
C GLU L 241 0.29 -30.85 5.00
N PRO L 242 1.13 -31.34 5.93
CA PRO L 242 2.58 -31.38 5.76
C PRO L 242 3.04 -32.01 4.44
N GLN L 243 2.38 -33.09 4.01
CA GLN L 243 2.70 -33.76 2.76
C GLN L 243 2.39 -32.87 1.55
N PHE L 244 1.35 -32.05 1.63
CA PHE L 244 1.02 -31.16 0.53
C PHE L 244 2.04 -30.00 0.50
N TYR L 245 2.28 -29.41 1.66
CA TYR L 245 3.29 -28.38 1.83
C TYR L 245 4.65 -28.83 1.26
N ALA L 246 5.07 -30.07 1.56
CA ALA L 246 6.36 -30.56 1.08
C ALA L 246 6.37 -30.61 -0.43
N ALA L 247 5.27 -31.05 -1.05
CA ALA L 247 5.16 -31.08 -2.48
C ALA L 247 5.31 -29.68 -3.06
N MET L 248 4.69 -28.72 -2.38
CA MET L 248 4.73 -27.34 -2.81
C MET L 248 6.17 -26.84 -2.78
N LEU L 249 6.86 -27.08 -1.66
CA LEU L 249 8.24 -26.63 -1.55
C LEU L 249 9.12 -27.23 -2.66
N ALA L 250 8.91 -28.51 -2.97
CA ALA L 250 9.72 -29.13 -4.02
C ALA L 250 9.46 -28.45 -5.35
N GLY L 251 8.21 -28.07 -5.64
CA GLY L 251 7.90 -27.44 -6.90
C GLY L 251 8.41 -26.01 -7.00
N LEU L 252 8.59 -25.39 -5.83
CA LEU L 252 9.13 -24.04 -5.75
C LEU L 252 10.65 -24.06 -5.87
N GLY L 253 11.25 -25.22 -5.60
CA GLY L 253 12.70 -25.38 -5.67
C GLY L 253 13.37 -25.04 -4.34
N LEU L 254 12.63 -25.00 -3.24
CA LEU L 254 13.22 -24.61 -1.97
C LEU L 254 13.45 -25.86 -1.14
N ASP L 255 14.61 -25.99 -0.51
CA ASP L 255 14.90 -27.15 0.33
C ASP L 255 14.38 -26.88 1.73
N ALA L 256 13.68 -27.86 2.31
CA ALA L 256 13.17 -27.74 3.68
C ALA L 256 14.27 -27.29 4.62
N ALA L 257 15.50 -27.78 4.42
CA ALA L 257 16.62 -27.49 5.30
C ALA L 257 16.99 -26.00 5.33
N GLU L 258 16.61 -25.24 4.30
CA GLU L 258 16.90 -23.82 4.27
C GLU L 258 15.79 -23.01 4.93
N LEU L 259 14.69 -23.65 5.41
CA LEU L 259 13.46 -22.95 5.71
C LEU L 259 13.11 -23.15 7.18
N PRO L 260 12.43 -22.20 7.83
CA PRO L 260 11.88 -22.47 9.15
C PRO L 260 10.85 -23.58 9.03
N PRO L 261 10.48 -24.23 10.15
CA PRO L 261 9.40 -25.20 10.15
C PRO L 261 8.09 -24.53 9.72
N GLN L 262 7.28 -25.29 8.97
CA GLN L 262 5.98 -24.86 8.49
C GLN L 262 5.14 -24.15 9.56
N ASN L 263 5.10 -24.69 10.78
CA ASN L 263 4.19 -24.18 11.80
C ASN L 263 4.90 -23.56 13.01
N ASP L 264 6.16 -23.16 12.86
CA ASP L 264 6.79 -22.28 13.83
C ASP L 264 6.32 -20.85 13.53
N ARG L 265 5.18 -20.45 14.14
CA ARG L 265 4.54 -19.17 13.90
C ARG L 265 5.53 -18.02 14.12
N ALA L 266 6.46 -18.17 15.07
CA ALA L 266 7.39 -17.09 15.38
C ALA L 266 8.32 -16.77 14.20
N ARG L 267 8.50 -17.71 13.27
CA ARG L 267 9.36 -17.48 12.12
C ARG L 267 8.55 -17.41 10.82
N TRP L 268 7.24 -17.28 10.92
CA TRP L 268 6.42 -17.04 9.73
C TRP L 268 6.93 -15.83 8.92
N PRO L 269 7.42 -14.71 9.52
CA PRO L 269 7.89 -13.59 8.70
C PRO L 269 9.02 -14.01 7.76
N GLU L 270 10.01 -14.75 8.27
CA GLU L 270 11.07 -15.31 7.43
C GLU L 270 10.50 -16.24 6.35
N LEU L 271 9.61 -17.16 6.77
CA LEU L 271 9.05 -18.15 5.87
C LEU L 271 8.30 -17.47 4.72
N ARG L 272 7.47 -16.46 5.06
CA ARG L 272 6.72 -15.70 4.06
C ARG L 272 7.66 -15.00 3.08
N ALA L 273 8.77 -14.45 3.57
CA ALA L 273 9.74 -13.80 2.70
C ALA L 273 10.32 -14.79 1.68
N LEU L 274 10.60 -15.99 2.16
CA LEU L 274 11.19 -17.00 1.30
C LEU L 274 10.18 -17.46 0.25
N LEU L 275 8.92 -17.66 0.66
CA LEU L 275 7.91 -18.10 -0.28
C LEU L 275 7.60 -17.00 -1.28
N THR L 276 7.51 -15.75 -0.76
CA THR L 276 7.23 -14.59 -1.58
C THR L 276 8.23 -14.49 -2.72
N GLU L 277 9.53 -14.56 -2.40
CA GLU L 277 10.58 -14.47 -3.40
C GLU L 277 10.44 -15.58 -4.45
N ALA L 278 10.21 -16.82 -4.00
CA ALA L 278 10.07 -17.92 -4.94
C ALA L 278 8.88 -17.70 -5.89
N PHE L 279 7.67 -17.41 -5.38
CA PHE L 279 6.52 -17.28 -6.26
C PHE L 279 6.68 -16.10 -7.20
N ALA L 280 7.35 -15.06 -6.73
CA ALA L 280 7.59 -13.88 -7.54
C ALA L 280 8.54 -14.15 -8.71
N SER L 281 9.26 -15.27 -8.77
CA SER L 281 10.28 -15.42 -9.80
C SER L 281 9.71 -15.98 -11.10
N HIS L 282 8.45 -16.42 -11.13
CA HIS L 282 7.83 -16.91 -12.35
C HIS L 282 6.39 -16.41 -12.38
N ASP L 283 5.79 -16.43 -13.56
CA ASP L 283 4.46 -15.90 -13.78
C ASP L 283 3.42 -16.93 -13.34
N ARG L 284 2.17 -16.47 -13.23
CA ARG L 284 1.12 -17.29 -12.69
C ARG L 284 1.00 -18.58 -13.50
N ASP L 285 1.02 -18.43 -14.83
CA ASP L 285 0.67 -19.56 -15.67
C ASP L 285 1.82 -20.58 -15.62
N HIS L 286 3.04 -20.14 -15.37
CA HIS L 286 4.09 -21.08 -15.07
C HIS L 286 3.73 -21.94 -13.85
N TRP L 287 3.39 -21.30 -12.72
CA TRP L 287 3.09 -22.11 -11.54
C TRP L 287 1.97 -23.08 -11.83
N GLY L 288 1.03 -22.68 -12.68
CA GLY L 288 -0.18 -23.44 -12.96
C GLY L 288 0.13 -24.74 -13.71
N ALA L 289 1.13 -24.67 -14.58
CA ALA L 289 1.63 -25.84 -15.28
C ALA L 289 2.42 -26.69 -14.30
N VAL L 290 3.43 -26.11 -13.64
CA VAL L 290 4.26 -26.82 -12.66
C VAL L 290 3.42 -27.67 -11.72
N PHE L 291 2.28 -27.15 -11.27
CA PHE L 291 1.55 -27.81 -10.20
C PHE L 291 0.28 -28.51 -10.71
N ALA L 292 0.01 -28.51 -11.99
CA ALA L 292 -1.14 -29.30 -12.44
C ALA L 292 -0.95 -30.76 -12.00
N ASN L 293 -2.05 -31.36 -11.54
CA ASN L 293 -2.10 -32.74 -11.10
C ASN L 293 -1.35 -32.96 -9.81
N SER L 294 -1.00 -31.89 -9.09
CA SER L 294 -0.22 -32.06 -7.87
C SER L 294 -1.11 -31.87 -6.65
N ASP L 295 -0.71 -32.42 -5.51
CA ASP L 295 -1.35 -32.17 -4.26
C ASP L 295 -0.70 -31.01 -3.51
N ALA L 296 0.00 -30.14 -4.23
CA ALA L 296 0.69 -28.99 -3.66
C ALA L 296 -0.29 -27.90 -3.17
N CYS L 297 -1.55 -27.94 -3.61
CA CYS L 297 -2.58 -26.97 -3.24
C CYS L 297 -2.17 -25.58 -3.68
N VAL L 298 -1.67 -25.47 -4.91
CA VAL L 298 -1.36 -24.22 -5.53
C VAL L 298 -2.27 -24.11 -6.74
N THR L 299 -3.06 -23.04 -6.82
CA THR L 299 -3.95 -22.86 -7.95
C THR L 299 -3.84 -21.44 -8.46
N PRO L 300 -4.08 -21.18 -9.75
CA PRO L 300 -4.12 -19.81 -10.23
C PRO L 300 -5.39 -19.08 -9.76
N VAL L 301 -5.22 -17.81 -9.40
CA VAL L 301 -6.31 -16.94 -9.00
C VAL L 301 -6.84 -16.27 -10.27
N LEU L 302 -7.93 -16.83 -10.81
CA LEU L 302 -8.48 -16.36 -12.05
C LEU L 302 -9.46 -15.21 -11.77
N ALA L 303 -9.46 -14.28 -12.70
CA ALA L 303 -10.47 -13.23 -12.72
C ALA L 303 -11.72 -13.79 -13.41
N PHE L 304 -12.89 -13.26 -13.03
CA PHE L 304 -14.18 -13.66 -13.62
C PHE L 304 -14.05 -13.90 -15.12
N GLY L 305 -13.39 -12.98 -15.84
CA GLY L 305 -13.34 -13.01 -17.29
C GLY L 305 -12.48 -14.14 -17.88
N GLU L 306 -11.63 -14.79 -17.07
CA GLU L 306 -10.78 -15.87 -17.57
C GLU L 306 -11.36 -17.24 -17.27
N VAL L 307 -12.40 -17.29 -16.44
CA VAL L 307 -12.92 -18.51 -15.84
C VAL L 307 -13.43 -19.45 -16.92
N HIS L 308 -13.99 -18.88 -18.00
CA HIS L 308 -14.57 -19.64 -19.10
C HIS L 308 -13.49 -20.39 -19.88
N ASN L 309 -12.21 -20.02 -19.70
CA ASN L 309 -11.12 -20.71 -20.37
C ASN L 309 -10.40 -21.75 -19.50
N GLU L 310 -10.92 -22.05 -18.31
CA GLU L 310 -10.22 -22.99 -17.44
C GLU L 310 -10.78 -24.39 -17.69
N PRO L 311 -9.94 -25.38 -18.08
CA PRO L 311 -10.47 -26.67 -18.53
C PRO L 311 -11.39 -27.32 -17.53
N HIS L 312 -11.04 -27.29 -16.23
CA HIS L 312 -11.85 -27.99 -15.27
C HIS L 312 -13.24 -27.37 -15.17
N ILE L 313 -13.34 -26.06 -15.43
CA ILE L 313 -14.61 -25.35 -15.40
C ILE L 313 -15.43 -25.73 -16.63
N ILE L 314 -14.79 -25.73 -17.81
CA ILE L 314 -15.52 -26.04 -19.02
C ILE L 314 -16.08 -27.45 -18.92
N GLU L 315 -15.22 -28.39 -18.54
CA GLU L 315 -15.56 -29.78 -18.67
C GLU L 315 -16.70 -30.16 -17.74
N ARG L 316 -16.89 -29.50 -16.59
CA ARG L 316 -17.93 -29.96 -15.69
C ARG L 316 -19.23 -29.18 -15.93
N ASN L 317 -19.23 -28.33 -16.97
CA ASN L 317 -20.26 -27.32 -17.23
C ASN L 317 -20.71 -26.64 -15.95
N THR L 318 -19.75 -26.02 -15.24
CA THR L 318 -20.11 -25.24 -14.07
C THR L 318 -20.98 -24.03 -14.48
N PHE L 319 -20.71 -23.48 -15.67
CA PHE L 319 -21.37 -22.29 -16.19
C PHE L 319 -22.09 -22.65 -17.49
N TYR L 320 -23.24 -21.99 -17.73
CA TYR L 320 -23.85 -21.95 -19.05
C TYR L 320 -23.77 -20.51 -19.56
N GLU L 321 -23.80 -20.37 -20.88
CA GLU L 321 -23.86 -19.05 -21.49
C GLU L 321 -25.32 -18.67 -21.73
N ALA L 322 -25.81 -17.68 -20.98
CA ALA L 322 -27.08 -17.02 -21.29
C ALA L 322 -26.83 -15.89 -22.28
N ASN L 323 -27.92 -15.22 -22.68
CA ASN L 323 -27.88 -13.76 -22.72
C ASN L 323 -26.60 -13.30 -23.45
N GLY L 324 -25.76 -12.52 -22.77
CA GLY L 324 -24.43 -12.17 -23.24
C GLY L 324 -23.31 -12.67 -22.31
N GLY L 325 -23.65 -13.03 -21.05
CA GLY L 325 -22.64 -13.41 -20.07
C GLY L 325 -22.84 -14.82 -19.51
N TRP L 326 -21.72 -15.42 -19.08
CA TRP L 326 -21.78 -16.72 -18.42
C TRP L 326 -22.54 -16.59 -17.11
N GLN L 327 -23.18 -17.69 -16.71
CA GLN L 327 -23.95 -17.76 -15.49
C GLN L 327 -23.74 -19.15 -14.91
N PRO L 328 -23.79 -19.30 -13.58
CA PRO L 328 -23.60 -20.61 -12.95
C PRO L 328 -24.78 -21.57 -13.06
N MET L 329 -24.46 -22.81 -13.46
CA MET L 329 -25.44 -23.87 -13.52
C MET L 329 -25.93 -24.20 -12.12
N PRO L 330 -27.13 -24.83 -12.03
CA PRO L 330 -27.65 -25.21 -10.72
C PRO L 330 -26.64 -26.03 -9.94
N ALA L 331 -26.71 -25.91 -8.62
CA ALA L 331 -25.92 -26.69 -7.70
C ALA L 331 -26.80 -27.02 -6.51
N PRO L 332 -26.62 -28.16 -5.81
CA PRO L 332 -25.67 -29.19 -6.20
C PRO L 332 -26.26 -29.98 -7.37
N ARG L 333 -25.67 -31.14 -7.69
CA ARG L 333 -26.17 -31.99 -8.78
C ARG L 333 -26.74 -33.30 -8.24
N PHE L 334 -27.66 -33.88 -9.04
CA PHE L 334 -28.44 -35.06 -8.63
C PHE L 334 -28.32 -36.13 -9.72
N SER L 335 -28.07 -37.38 -9.29
CA SER L 335 -27.85 -38.50 -10.23
C SER L 335 -29.13 -38.87 -11.00
N ARG L 336 -30.27 -39.02 -10.29
CA ARG L 336 -31.53 -39.43 -10.92
C ARG L 336 -32.32 -38.23 -11.45
N THR L 337 -32.80 -37.33 -10.57
CA THR L 337 -33.65 -36.21 -11.00
C THR L 337 -32.81 -34.96 -11.18
N ALA L 338 -32.20 -34.84 -12.36
CA ALA L 338 -31.18 -33.83 -12.60
C ALA L 338 -31.86 -32.52 -12.97
N SER L 339 -31.35 -31.41 -12.40
CA SER L 339 -31.79 -30.07 -12.77
C SER L 339 -31.53 -29.84 -14.24
N SER L 340 -32.23 -28.91 -14.83
CA SER L 340 -31.98 -28.53 -16.20
C SER L 340 -31.44 -27.11 -16.20
N GLN L 341 -31.15 -26.64 -17.42
CA GLN L 341 -30.60 -25.32 -17.63
C GLN L 341 -31.65 -24.27 -17.29
N PRO L 342 -31.33 -23.22 -16.48
CA PRO L 342 -32.33 -22.24 -16.06
C PRO L 342 -33.04 -21.51 -17.20
N ARG L 343 -34.33 -21.25 -17.00
CA ARG L 343 -35.15 -20.48 -17.93
C ARG L 343 -34.91 -19.00 -17.63
N PRO L 344 -34.65 -18.15 -18.66
CA PRO L 344 -34.46 -16.72 -18.44
C PRO L 344 -35.68 -16.09 -17.76
N PRO L 345 -35.55 -14.89 -17.16
CA PRO L 345 -36.73 -14.14 -16.73
C PRO L 345 -37.66 -13.88 -17.94
N ALA L 346 -38.97 -14.11 -17.75
CA ALA L 346 -39.95 -13.93 -18.80
C ALA L 346 -40.97 -12.85 -18.40
N ALA L 347 -41.58 -12.19 -19.40
CA ALA L 347 -42.47 -11.05 -19.15
C ALA L 347 -43.54 -11.39 -18.12
N THR L 348 -44.03 -10.35 -17.41
CA THR L 348 -45.06 -10.49 -16.40
C THR L 348 -46.19 -11.35 -16.96
N ILE L 349 -46.87 -12.05 -16.07
CA ILE L 349 -48.13 -12.66 -16.44
C ILE L 349 -49.14 -12.26 -15.37
N ASP L 350 -50.42 -12.41 -15.72
CA ASP L 350 -51.53 -12.01 -14.88
C ASP L 350 -51.78 -13.09 -13.83
N ILE L 351 -52.11 -12.68 -12.60
CA ILE L 351 -52.12 -13.53 -11.41
C ILE L 351 -53.26 -14.57 -11.45
N GLU L 352 -54.32 -14.29 -12.25
CA GLU L 352 -55.41 -15.22 -12.45
C GLU L 352 -54.98 -16.38 -13.37
N ALA L 353 -54.23 -16.11 -14.45
CA ALA L 353 -53.73 -17.14 -15.36
C ALA L 353 -52.88 -18.18 -14.61
N VAL L 354 -52.13 -17.72 -13.60
CA VAL L 354 -51.40 -18.61 -12.72
C VAL L 354 -52.41 -19.40 -11.90
N LEU L 355 -53.38 -18.69 -11.29
CA LEU L 355 -54.36 -19.33 -10.41
C LEU L 355 -55.13 -20.41 -11.17
N THR L 356 -55.24 -20.29 -12.50
CA THR L 356 -55.81 -21.31 -13.38
C THR L 356 -55.00 -22.61 -13.40
N ASP L 357 -53.73 -22.57 -13.86
CA ASP L 357 -52.95 -23.80 -13.98
C ASP L 357 -52.88 -24.49 -12.61
N TRP L 358 -52.78 -23.74 -11.51
CA TRP L 358 -52.84 -24.34 -10.17
C TRP L 358 -54.28 -24.77 -9.82
N ASP L 359 -54.52 -26.08 -9.76
CA ASP L 359 -55.80 -26.67 -9.39
C ASP L 359 -56.90 -26.11 -10.29
C4 A1IY9 M . -1.62 37.67 -32.11
C14 A1IY9 M . 1.14 34.85 -26.55
C5 A1IY9 M . -1.95 36.32 -32.61
C6 A1IY9 M . -3.47 35.46 -30.79
C11 A1IY9 M . -0.01 34.92 -27.55
C7 A1IY9 M . -4.19 34.18 -30.45
C8 A1IY9 M . -4.52 34.04 -28.97
C9 A1IY9 M . -2.34 33.92 -27.85
C10 A1IY9 M . -1.39 34.61 -26.87
C12 A1IY9 M . -0.09 36.31 -28.22
C13 A1IY9 M . 0.41 33.86 -28.57
N1 A1IY9 M . -2.42 35.33 -31.61
N2 A1IY9 M . -3.48 34.58 -28.11
C3 A1IY9 M . -0.51 38.56 -34.76
N3 A1IY9 M . -2.85 39.22 -17.85
C1 A1IY9 M . 0.62 39.53 -36.77
C2 A1IY9 M . 0.68 39.43 -35.25
O1 A1IY9 M . -0.74 37.54 -35.40
S1 A1IY9 M . -1.51 39.04 -33.32
O2 A1IY9 M . -3.86 36.55 -30.35
O3 A1IY9 M . -2.06 32.82 -28.36
O4 A1IY9 M . -1.95 35.80 -26.33
O5 A1IY9 M . 0.82 35.57 -25.35
P1 A1IY9 M . 1.36 35.21 -23.87
O6 A1IY9 M . 2.20 36.39 -23.58
O7 A1IY9 M . 1.55 33.78 -23.52
O8 A1IY9 M . -0.03 35.54 -23.16
P2 A1IY9 M . -1.26 34.60 -22.82
O9 A1IY9 M . -2.44 35.12 -23.59
O10 A1IY9 M . -1.12 33.11 -22.85
O11 A1IY9 M . -1.48 35.07 -21.32
C15 A1IY9 M . -1.15 36.42 -20.96
C16 A1IY9 M . -1.88 36.76 -19.68
O12 A1IY9 M . -1.35 37.97 -19.11
C17 A1IY9 M . -1.98 38.04 -17.83
C18 A1IY9 M . -3.60 39.71 -18.89
N4 A1IY9 M . -4.18 40.86 -18.60
C19 A1IY9 M . -3.75 41.15 -17.32
C20 A1IY9 M . -4.00 42.23 -16.46
N5 A1IY9 M . -4.73 43.30 -16.78
N6 A1IY9 M . -3.37 42.24 -15.25
C21 A1IY9 M . -2.62 41.18 -14.92
N7 A1IY9 M . -2.33 40.11 -15.65
C22 A1IY9 M . -2.92 40.15 -16.86
C23 A1IY9 M . -2.63 36.69 -17.51
O13 A1IY9 M . -2.36 36.35 -16.17
C24 A1IY9 M . -1.88 35.78 -18.49
O14 A1IY9 M . -0.58 35.43 -17.97
P3 A1IY9 M . -0.10 34.07 -17.20
O15 A1IY9 M . -0.95 33.99 -15.98
O16 A1IY9 M . -0.33 32.75 -17.95
O17 A1IY9 M . 1.39 34.19 -16.93
C25 A1IY9 M . 0.87 40.72 -34.45
C26 A1IY9 M . -0.16 41.65 -34.38
C27 A1IY9 M . 0.00 42.80 -33.62
C28 A1IY9 M . 1.17 43.03 -32.91
C29 A1IY9 M . 2.20 42.11 -32.97
O18 A1IY9 M . 3.40 42.38 -32.29
C30 A1IY9 M . 3.95 43.68 -32.22
C31 A1IY9 M . 3.89 44.53 -33.31
C32 A1IY9 M . 4.43 45.81 -33.21
C33 A1IY9 M . 5.00 46.23 -32.04
C34 A1IY9 M . 5.06 45.37 -30.95
C35 A1IY9 M . 4.54 44.08 -31.03
C36 A1IY9 M . 2.05 40.96 -33.72
C4 A1IY9 N . -16.22 41.71 -57.53
C14 A1IY9 N . -19.90 43.83 -63.81
C5 A1IY9 N . -16.52 42.50 -58.82
C6 A1IY9 N . -17.99 44.22 -58.00
C11 A1IY9 N . -19.19 44.37 -62.53
C7 A1IY9 N . -18.26 45.69 -57.72
C8 A1IY9 N . -19.67 46.13 -58.08
C9 A1IY9 N . -19.56 45.97 -60.52
C10 A1IY9 N . -20.17 45.30 -61.75
C12 A1IY9 N . -18.74 43.18 -61.67
C13 A1IY9 N . -18.00 45.21 -63.00
N1 A1IY9 N . -16.82 43.90 -58.55
N2 A1IY9 N . -20.12 45.60 -59.36
C3 A1IY9 N . -14.18 39.94 -58.04
N3 A1IY9 N . -29.77 42.46 -64.07
C1 A1IY9 N . -12.12 38.45 -58.09
C2 A1IY9 N . -13.46 38.77 -58.76
O1 A1IY9 N . -13.47 40.89 -57.66
S1 A1IY9 N . -15.97 39.93 -57.86
O2 A1IY9 N . -18.85 43.36 -57.76
O3 A1IY9 N . -18.68 46.83 -60.63
O4 A1IY9 N . -21.36 44.62 -61.33
O5 A1IY9 N . -20.55 44.91 -64.57
P1 A1IY9 N . -21.81 44.61 -65.53
O6 A1IY9 N . -21.81 45.75 -66.46
O7 A1IY9 N . -21.88 43.19 -65.95
O8 A1IY9 N . -23.09 44.67 -64.58
P2 A1IY9 N . -23.67 45.92 -63.79
O9 A1IY9 N . -23.19 47.22 -64.30
O10 A1IY9 N . -23.56 45.77 -62.32
O11 A1IY9 N . -25.23 45.75 -64.12
C15 A1IY9 N . -25.70 44.53 -64.75
C16 A1IY9 N . -27.16 44.40 -64.43
O12 A1IY9 N . -27.72 43.20 -64.99
C17 A1IY9 N . -29.14 43.42 -64.96
C18 A1IY9 N . -29.44 42.12 -62.79
N4 A1IY9 N . -30.23 41.22 -62.26
C19 A1IY9 N . -31.17 40.98 -63.24
C20 A1IY9 N . -32.29 40.13 -63.30
N5 A1IY9 N . -32.68 39.35 -62.30
N6 A1IY9 N . -33.01 40.11 -64.45
C21 A1IY9 N . -32.63 40.90 -65.46
N7 A1IY9 N . -31.61 41.75 -65.52
C22 A1IY9 N . -30.91 41.74 -64.37
C23 A1IY9 N . -29.41 44.82 -64.41
O13 A1IY9 N . -30.62 45.30 -64.93
C24 A1IY9 N . -28.13 45.50 -64.87
O14 A1IY9 N . -28.20 45.72 -66.29
P3 A1IY9 N . -28.10 47.14 -67.09
O15 A1IY9 N . -27.27 48.22 -66.47
O16 A1IY9 N . -27.60 46.58 -68.42
O17 A1IY9 N . -29.43 47.87 -67.10
C25 A1IY9 N . -14.37 37.61 -59.13
C26 A1IY9 N . -15.03 36.79 -58.23
C27 A1IY9 N . -15.86 35.77 -58.70
C28 A1IY9 N . -16.03 35.54 -60.06
C29 A1IY9 N . -15.37 36.36 -60.94
O18 A1IY9 N . -15.40 36.33 -62.33
C30 A1IY9 N . -16.12 35.60 -63.27
C31 A1IY9 N . -16.19 34.22 -63.21
C32 A1IY9 N . -16.91 33.55 -64.19
C33 A1IY9 N . -17.50 34.24 -65.22
C34 A1IY9 N . -17.41 35.62 -65.28
C35 A1IY9 N . -16.71 36.31 -64.31
C36 A1IY9 N . -14.55 37.38 -60.49
C4 A1IY9 O . 9.41 -48.64 -3.86
C14 A1IY9 O . 4.10 -44.35 -0.65
C5 A1IY9 O . 8.46 -47.44 -3.68
C6 A1IY9 O . 9.82 -45.88 -2.34
C11 A1IY9 O . 5.43 -44.27 -1.42
C7 A1IY9 O . 10.50 -44.54 -2.27
C8 A1IY9 O . 10.22 -43.70 -1.00
C9 A1IY9 O . 7.81 -43.22 -1.20
C10 A1IY9 O . 6.44 -43.45 -0.55
C12 A1IY9 O . 5.18 -43.61 -2.79
C13 A1IY9 O . 5.91 -45.70 -1.69
N1 A1IY9 O . 9.19 -46.18 -3.49
N2 A1IY9 O . 8.83 -43.79 -0.55
C3 A1IY9 O . 8.40 -50.52 -5.58
N3 A1IY9 O . 3.39 -43.84 9.36
C1 A1IY9 O . 7.97 -52.39 -7.10
C2 A1IY9 O . 7.34 -51.54 -6.01
O1 A1IY9 O . 9.02 -49.90 -6.48
S1 A1IY9 O . 8.58 -50.26 -3.82
O2 A1IY9 O . 9.80 -46.66 -1.36
O3 A1IY9 O . 7.93 -42.55 -2.26
O4 A1IY9 O . 6.62 -44.05 0.73
O5 A1IY9 O . 3.70 -43.00 -0.24
P1 A1IY9 O . 2.65 -42.79 0.98
O6 A1IY9 O . 2.26 -41.39 0.69
O7 A1IY9 O . 1.73 -43.95 1.04
O8 A1IY9 O . 3.64 -42.84 2.29
P2 A1IY9 O . 4.71 -41.77 2.82
O9 A1IY9 O . 4.68 -40.48 2.07
O10 A1IY9 O . 6.08 -42.35 2.93
O11 A1IY9 O . 4.19 -41.50 4.31
C15 A1IY9 O . 3.58 -42.59 5.00
C16 A1IY9 O . 3.72 -42.40 6.49
O12 A1IY9 O . 2.79 -43.25 7.19
C17 A1IY9 O . 2.80 -42.79 8.54
C18 A1IY9 O . 4.50 -44.59 9.08
N4 A1IY9 O . 4.77 -45.48 9.99
C19 A1IY9 O . 3.77 -45.33 10.92
C20 A1IY9 O . 3.50 -45.98 12.14
N5 A1IY9 O . 4.25 -46.96 12.65
N6 A1IY9 O . 2.40 -45.60 12.83
C21 A1IY9 O . 1.65 -44.61 12.33
N7 A1IY9 O . 1.81 -43.92 11.21
C22 A1IY9 O . 2.90 -44.32 10.54
C23 A1IY9 O . 3.60 -41.48 8.59
O13 A1IY9 O . 3.00 -40.49 9.38
C24 A1IY9 O . 3.51 -41.03 7.14
O14 A1IY9 O . 2.23 -40.43 6.92
P3 A1IY9 O . 1.83 -38.87 6.67
O15 A1IY9 O . 2.72 -38.15 5.67
O16 A1IY9 O . 2.11 -38.16 7.97
O17 A1IY9 O . 0.36 -38.90 6.30
C25 A1IY9 O . 6.65 -52.34 -4.90
C26 A1IY9 O . 7.36 -53.18 -4.05
C27 A1IY9 O . 6.70 -53.89 -3.07
C28 A1IY9 O . 5.33 -53.77 -2.90
C29 A1IY9 O . 4.62 -52.93 -3.72
O18 A1IY9 O . 3.23 -52.85 -3.59
C30 A1IY9 O . 2.61 -54.11 -3.51
C31 A1IY9 O . 1.63 -54.34 -2.56
C32 A1IY9 O . 1.05 -55.61 -2.48
C33 A1IY9 O . 1.45 -56.63 -3.32
C34 A1IY9 O . 2.44 -56.40 -4.25
C35 A1IY9 O . 3.02 -55.14 -4.36
C36 A1IY9 O . 5.27 -52.23 -4.72
C4 A1IY9 P . 31.57 -62.33 -15.59
C14 A1IY9 P . 37.47 -66.54 -17.96
C5 A1IY9 P . 32.23 -63.61 -16.13
C6 A1IY9 P . 33.01 -64.64 -14.06
C11 A1IY9 P . 36.13 -66.65 -17.22
C7 A1IY9 P . 32.95 -65.83 -13.13
C8 A1IY9 P . 34.35 -66.31 -12.74
C9 A1IY9 P . 35.23 -67.23 -14.83
C10 A1IY9 P . 36.41 -67.23 -15.80
C12 A1IY9 P . 35.20 -67.63 -17.97
C13 A1IY9 P . 35.45 -65.28 -17.11
N1 A1IY9 P . 32.23 -64.70 -15.14
N2 A1IY9 P . 35.28 -66.33 -13.86
C3 A1IY9 P . 30.17 -61.15 -17.62
N3 A1IY9 P . 46.34 -65.14 -14.73
C1 A1IY9 P . 28.51 -59.85 -19.02
C2 A1IY9 P . 29.93 -60.40 -18.94
O1 A1IY9 P . 29.34 -61.93 -17.20
S1 A1IY9 P . 31.70 -60.92 -16.74
O2 A1IY9 P . 33.77 -63.67 -13.83
O3 A1IY9 P . 34.36 -68.13 -14.94
O4 A1IY9 P . 37.48 -66.55 -15.16
O5 A1IY9 P . 38.06 -67.89 -18.02
P1 A1IY9 P . 39.61 -68.09 -18.30
O6 A1IY9 P . 39.63 -69.55 -18.63
O7 A1IY9 P . 40.00 -66.96 -19.18
O8 A1IY9 P . 40.26 -67.85 -16.85
P2 A1IY9 P . 40.32 -68.75 -15.50
O9 A1IY9 P . 40.22 -70.20 -15.74
O10 A1IY9 P . 39.50 -68.21 -14.37
O11 A1IY9 P . 41.85 -68.40 -15.15
C15 A1IY9 P . 42.48 -67.30 -15.86
C16 A1IY9 P . 43.85 -67.12 -15.27
O12 A1IY9 P . 44.64 -66.16 -15.99
C17 A1IY9 P . 45.95 -66.35 -15.44
C18 A1IY9 P . 45.54 -64.30 -14.02
N4 A1IY9 P . 46.16 -63.25 -13.53
C19 A1IY9 P . 47.47 -63.42 -13.96
C20 A1IY9 P . 48.62 -62.64 -13.77
N5 A1IY9 P . 48.64 -61.51 -13.10
N6 A1IY9 P . 49.77 -63.09 -14.35
C21 A1IY9 P . 49.75 -64.24 -15.02
N7 A1IY9 P . 48.73 -65.06 -15.26
C22 A1IY9 P . 47.60 -64.59 -14.70
C23 A1IY9 P . 45.92 -67.59 -14.55
O13 A1IY9 P . 47.12 -68.32 -14.64
C24 A1IY9 P . 44.78 -68.33 -15.21
O14 A1IY9 P . 45.28 -68.80 -16.47
P3 A1IY9 P . 45.90 -70.31 -16.60
O15 A1IY9 P . 46.71 -70.56 -15.36
O16 A1IY9 P . 44.75 -71.31 -16.59
O17 A1IY9 P . 46.65 -70.28 -17.87
C25 A1IY9 P . 31.09 -59.44 -19.13
C26 A1IY9 P . 31.22 -58.32 -18.30
C27 A1IY9 P . 32.28 -57.46 -18.47
C28 A1IY9 P . 33.23 -57.69 -19.46
C29 A1IY9 P . 33.10 -58.79 -20.27
O18 A1IY9 P . 34.07 -59.05 -21.24
C30 A1IY9 P . 34.36 -58.24 -22.34
C31 A1IY9 P . 33.99 -56.91 -22.42
C32 A1IY9 P . 34.32 -56.18 -23.56
C33 A1IY9 P . 35.01 -56.79 -24.58
C34 A1IY9 P . 35.38 -58.12 -24.48
C35 A1IY9 P . 35.06 -58.86 -23.36
C36 A1IY9 P . 32.06 -59.67 -20.09
C4 A1IY9 Q . 29.48 9.94 6.45
C14 A1IY9 Q . 32.98 6.17 11.87
C5 A1IY9 Q . 29.90 9.41 7.82
C6 A1IY9 Q . 30.82 11.35 9.03
C11 A1IY9 Q . 32.36 7.48 11.36
C7 A1IY9 Q . 30.70 12.31 10.21
C8 A1IY9 Q . 31.92 12.29 11.13
C9 A1IY9 Q . 32.22 9.98 12.02
C10 A1IY9 Q . 33.08 8.73 11.98
C12 A1IY9 Q . 30.89 7.42 11.80
C13 A1IY9 Q . 32.44 7.53 9.82
N1 A1IY9 Q . 29.84 10.44 8.87
N2 A1IY9 Q . 32.58 10.97 11.21
C3 A1IY9 Q . 28.04 8.26 4.74
N3 A1IY9 Q . 43.81 7.75 11.37
C1 A1IY9 Q . 26.48 7.04 3.20
C2 A1IY9 Q . 27.76 6.92 4.00
O1 A1IY9 Q . 27.04 8.89 5.12
S1 A1IY9 Q . 29.75 8.79 5.07
O2 A1IY9 Q . 31.82 11.38 8.28
O3 A1IY9 Q . 31.27 10.02 12.81
O4 A1IY9 Q . 34.29 9.08 11.29
O5 A1IY9 Q . 34.43 6.23 11.85
P1 A1IY9 Q . 35.39 5.74 13.04
O6 A1IY9 Q . 35.92 4.42 12.63
O7 A1IY9 Q . 34.68 5.95 14.33
O8 A1IY9 Q . 36.68 6.75 12.87
P2 A1IY9 Q . 37.11 8.14 13.61
O9 A1IY9 Q . 36.37 8.19 14.91
O10 A1IY9 Q . 36.97 9.33 12.74
O11 A1IY9 Q . 38.69 7.90 13.83
C15 A1IY9 Q . 39.46 7.34 12.74
C16 A1IY9 Q . 40.87 7.85 12.79
O12 A1IY9 Q . 41.76 6.90 12.17
C17 A1IY9 Q . 43.08 7.29 12.54
C18 A1IY9 Q . 43.36 8.48 10.31
N4 A1IY9 Q . 44.28 8.73 9.40
C19 A1IY9 Q . 45.42 8.11 9.90
C20 A1IY9 Q . 46.74 8.01 9.42
N5 A1IY9 Q . 47.15 8.53 8.27
N6 A1IY9 Q . 47.63 7.34 10.18
C21 A1IY9 Q . 47.22 6.81 11.33
N7 A1IY9 Q . 46.01 6.85 11.89
C22 A1IY9 Q . 45.15 7.52 11.13
C23 A1IY9 Q . 42.95 8.42 13.56
O13 A1IY9 Q . 44.11 8.30 14.35
C24 A1IY9 Q . 41.56 8.10 14.13
O14 A1IY9 Q . 41.43 6.93 14.96
P3 A1IY9 Q . 41.68 6.60 16.54
O15 A1IY9 Q . 42.55 7.63 17.21
O16 A1IY9 Q . 40.43 6.47 17.40
O17 A1IY9 Q . 42.30 5.22 16.37
C25 A1IY9 Q . 28.95 6.33 3.26
C26 A1IY9 Q . 29.47 6.81 2.06
C27 A1IY9 Q . 30.57 6.21 1.49
C28 A1IY9 Q . 31.18 5.12 2.07
C29 A1IY9 Q . 30.66 4.62 3.25
O18 A1IY9 Q . 31.17 3.59 4.04
C30 A1IY9 Q . 31.51 2.25 3.83
C31 A1IY9 Q . 31.30 1.59 2.64
C32 A1IY9 Q . 31.68 0.25 2.56
C33 A1IY9 Q . 32.25 -0.39 3.64
C34 A1IY9 Q . 32.44 0.29 4.82
C35 A1IY9 Q . 32.09 1.62 4.93
C36 A1IY9 Q . 29.57 5.23 3.85
C4 A1IY9 R . 13.53 26.49 -10.66
C14 A1IY9 R . 9.92 30.10 -16.76
C5 A1IY9 R . 12.83 26.83 -11.98
C6 A1IY9 R . 14.65 27.89 -13.21
C11 A1IY9 R . 11.05 29.58 -15.88
C7 A1IY9 R . 15.59 27.78 -14.39
C8 A1IY9 R . 15.79 29.06 -15.19
C9 A1IY9 R . 13.57 29.46 -16.19
C10 A1IY9 R . 12.35 30.37 -16.21
C12 A1IY9 R . 10.74 29.69 -14.37
C13 A1IY9 R . 11.12 28.11 -16.28
N1 A1IY9 R . 13.77 26.89 -13.10
N2 A1IY9 R . 14.55 29.82 -15.35
C3 A1IY9 R . 11.88 24.98 -9.09
N3 A1IY9 R . 11.25 40.48 -15.79
C1 A1IY9 R . 10.80 23.34 -7.64
C2 A1IY9 R . 10.58 24.67 -8.33
O1 A1IY9 R . 12.50 24.02 -9.58
S1 A1IY9 R . 12.43 26.70 -9.22
O2 A1IY9 R . 14.65 28.89 -12.40
O3 A1IY9 R . 13.62 28.47 -16.96
O4 A1IY9 R . 12.48 31.48 -15.35
O5 A1IY9 R . 9.73 31.48 -16.49
P1 A1IY9 R . 9.07 32.52 -17.50
O6 A1IY9 R . 9.09 32.05 -18.91
O7 A1IY9 R . 7.99 33.08 -16.68
O8 A1IY9 R . 10.17 33.67 -17.42
P2 A1IY9 R . 11.60 33.91 -18.12
O9 A1IY9 R . 11.77 33.18 -19.40
O10 A1IY9 R . 12.68 33.71 -17.11
O11 A1IY9 R . 11.49 35.48 -18.41
C15 A1IY9 R . 10.55 36.29 -17.62
C16 A1IY9 R . 11.09 37.69 -17.51
O12 A1IY9 R . 10.23 38.57 -16.76
C17 A1IY9 R . 10.77 39.87 -17.02
C18 A1IY9 R . 11.96 39.92 -14.76
N4 A1IY9 R . 12.18 40.75 -13.77
C19 A1IY9 R . 11.62 41.94 -14.18
C20 A1IY9 R . 11.54 43.22 -13.59
N5 A1IY9 R . 12.01 43.51 -12.39
N6 A1IY9 R . 10.90 44.19 -14.29
C21 A1IY9 R . 10.40 43.89 -15.50
N7 A1IY9 R . 10.41 42.74 -16.15
C22 A1IY9 R . 11.04 41.79 -15.44
C23 A1IY9 R . 11.94 39.70 -17.99
O13 A1IY9 R . 12.17 40.93 -18.63
C24 A1IY9 R . 11.42 38.49 -18.78
O14 A1IY9 R . 10.28 38.76 -19.64
P3 A1IY9 R . 10.24 38.42 -21.23
O15 A1IY9 R . 8.80 38.35 -21.60
O16 A1IY9 R . 10.97 37.15 -21.51
O17 A1IY9 R . 11.02 39.42 -22.10
C25 A1IY9 R . 10.03 25.85 -7.55
C26 A1IY9 R . 10.66 26.41 -6.44
C27 A1IY9 R . 10.12 27.55 -5.83
C28 A1IY9 R . 8.96 28.13 -6.31
C29 A1IY9 R . 8.32 27.55 -7.38
O18 A1IY9 R . 7.20 28.08 -8.01
C30 A1IY9 R . 5.97 28.52 -7.55
C31 A1IY9 R . 5.13 29.02 -8.54
C32 A1IY9 R . 3.87 29.46 -8.17
C33 A1IY9 R . 3.45 29.39 -6.85
C34 A1IY9 R . 4.32 28.88 -5.89
C35 A1IY9 R . 5.58 28.43 -6.22
C36 A1IY9 R . 8.86 26.45 -8.02
C4 A1IY9 S . 41.67 -19.45 54.48
C14 A1IY9 S . 42.89 -23.27 60.82
C5 A1IY9 S . 42.35 -19.84 55.80
C6 A1IY9 S . 43.83 -21.58 55.00
C11 A1IY9 S . 43.63 -22.62 59.64
C7 A1IY9 S . 45.26 -21.99 54.76
C8 A1IY9 S . 45.53 -23.39 55.31
C9 A1IY9 S . 45.21 -23.26 57.73
C10 A1IY9 S . 44.41 -23.76 58.93
C12 A1IY9 S . 44.60 -21.55 60.17
C13 A1IY9 S . 42.66 -21.95 58.68
N1 A1IY9 S . 43.67 -20.36 55.54
N2 A1IY9 S . 44.80 -23.68 56.54
C3 A1IY9 S . 40.02 -17.32 54.77
N3 A1IY9 S . 40.55 -32.78 61.50
C1 A1IY9 S . 38.77 -15.17 54.71
C2 A1IY9 S . 38.93 -16.50 55.44
O1 A1IY9 S . 40.98 -16.69 54.32
S1 A1IY9 S . 39.89 -19.10 54.69
O2 A1IY9 S . 42.88 -22.37 54.79
O3 A1IY9 S . 46.20 -22.52 57.90
O4 A1IY9 S . 43.48 -24.79 58.54
O5 A1IY9 S . 43.92 -23.85 61.72
P1 A1IY9 S . 43.62 -25.08 62.72
O6 A1IY9 S . 44.95 -25.17 63.39
O7 A1IY9 S . 42.20 -25.01 63.14
O8 A1IY9 S . 43.69 -26.44 61.88
P2 A1IY9 S . 44.81 -27.26 61.13
O9 A1IY9 S . 46.24 -27.00 61.49
O10 A1IY9 S . 44.39 -27.21 59.71
O11 A1IY9 S . 44.40 -28.73 61.64
C15 A1IY9 S . 43.02 -29.01 61.92
C16 A1IY9 S . 42.79 -30.49 61.80
O12 A1IY9 S . 41.53 -30.85 62.40
C17 A1IY9 S . 41.54 -32.27 62.44
C18 A1IY9 S . 40.17 -32.31 60.28
N4 A1IY9 S . 39.20 -33.00 59.73
C19 A1IY9 S . 38.91 -33.98 60.67
C20 A1IY9 S . 37.97 -35.04 60.69
N5 A1IY9 S . 37.09 -35.28 59.72
N6 A1IY9 S . 37.95 -35.82 61.79
C21 A1IY9 S . 38.81 -35.57 62.78
N7 A1IY9 S . 39.74 -34.63 62.86
C22 A1IY9 S . 39.74 -33.86 61.77
C23 A1IY9 S . 42.96 -32.73 62.09
O13 A1IY9 S . 43.27 -33.81 62.94
C24 A1IY9 S . 43.75 -31.48 62.45
O14 A1IY9 S . 43.84 -31.32 63.87
P3 A1IY9 S . 45.12 -31.39 64.89
O15 A1IY9 S . 46.14 -30.35 64.56
O16 A1IY9 S . 44.38 -31.10 66.16
O17 A1IY9 S . 45.80 -32.75 64.79
C25 A1IY9 S . 37.63 -17.23 55.68
C26 A1IY9 S . 36.80 -17.71 54.68
C27 A1IY9 S . 35.61 -18.35 55.01
C28 A1IY9 S . 35.24 -18.53 56.33
C29 A1IY9 S . 36.05 -18.03 57.33
O18 A1IY9 S . 35.85 -18.13 58.71
C30 A1IY9 S . 34.67 -18.20 59.45
C31 A1IY9 S . 33.46 -17.72 58.96
C32 A1IY9 S . 32.33 -17.83 59.74
C33 A1IY9 S . 32.41 -18.41 61.00
C34 A1IY9 S . 33.61 -18.88 61.48
C35 A1IY9 S . 34.76 -18.77 60.71
C36 A1IY9 S . 37.24 -17.40 57.01
C4 A1IY9 T . 39.66 -6.16 29.04
C14 A1IY9 T . 37.15 -2.42 22.69
C5 A1IY9 T . 38.73 -5.36 28.13
C6 A1IY9 T . 37.75 -7.24 26.90
C11 A1IY9 T . 37.14 -3.49 23.82
C7 A1IY9 T . 36.50 -8.05 26.60
C8 A1IY9 T . 35.97 -8.10 25.16
C9 A1IY9 T . 35.97 -5.78 24.20
C10 A1IY9 T . 36.67 -4.85 23.21
C12 A1IY9 T . 36.15 -2.93 24.84
C13 A1IY9 T . 38.50 -3.69 24.53
N1 A1IY9 T . 37.59 -6.15 27.69
N2 A1IY9 T . 36.46 -7.03 24.29
C3 A1IY9 T . 40.68 -4.28 30.96
N3 A1IY9 T . 42.05 -7.23 14.39
C1 A1IY9 T . 41.64 -2.98 32.92
C2 A1IY9 T . 41.61 -3.07 31.41
O1 A1IY9 T . 39.61 -4.43 31.58
S1 A1IY9 T . 41.20 -5.34 29.57
O2 A1IY9 T . 38.88 -7.59 26.49
O3 A1IY9 T . 35.02 -5.33 24.86
O4 A1IY9 T . 37.76 -5.55 22.60
O5 A1IY9 T . 38.00 -2.80 21.58
P1 A1IY9 T . 37.78 -2.36 20.06
O6 A1IY9 T . 36.40 -1.85 19.85
O7 A1IY9 T . 38.99 -1.62 19.63
O8 A1IY9 T . 37.98 -3.81 19.36
P2 A1IY9 T . 37.14 -5.11 18.92
O9 A1IY9 T . 37.54 -6.34 19.66
O10 A1IY9 T . 35.69 -4.77 18.84
O11 A1IY9 T . 37.79 -5.24 17.46
C15 A1IY9 T . 39.23 -5.14 17.33
C16 A1IY9 T . 39.63 -6.05 16.19
O12 A1IY9 T . 40.83 -5.58 15.55
C17 A1IY9 T . 40.92 -6.30 14.32
C18 A1IY9 T . 42.45 -8.05 15.41
N4 A1IY9 T . 43.51 -8.78 15.13
C19 A1IY9 T . 43.84 -8.41 13.84
C20 A1IY9 T . 44.87 -8.81 12.95
N5 A1IY9 T . 45.81 -9.71 13.24
N6 A1IY9 T . 44.90 -8.24 11.73
C21 A1IY9 T . 43.96 -7.34 11.41
N7 A1IY9 T . 42.95 -6.89 12.15
C22 A1IY9 T . 42.94 -7.46 13.37
C23 A1IY9 T . 39.57 -6.98 14.09
O13 A1IY9 T . 39.12 -6.88 12.75
C24 A1IY9 T . 38.67 -6.19 15.02
O14 A1IY9 T . 38.27 -4.89 14.55
P3 A1IY9 T . 37.27 -4.54 13.31
O15 A1IY9 T . 36.81 -5.84 12.69
O16 A1IY9 T . 36.06 -3.70 13.65
O17 A1IY9 T . 38.30 -3.71 12.57
C25 A1IY9 T . 42.98 -3.08 30.73
C26 A1IY9 T . 43.86 -4.14 30.95
C27 A1IY9 T . 45.09 -4.17 30.33
C28 A1IY9 T . 45.48 -3.16 29.48
C29 A1IY9 T . 44.63 -2.10 29.24
O18 A1IY9 T . 45.07 -1.09 28.39
C30 A1IY9 T . 46.23 -0.34 28.70
C31 A1IY9 T . 47.22 -0.79 29.57
C32 A1IY9 T . 48.33 0.01 29.82
C33 A1IY9 T . 48.45 1.24 29.21
C34 A1IY9 T . 47.45 1.68 28.34
C35 A1IY9 T . 46.33 0.89 28.08
C36 A1IY9 T . 43.38 -2.06 29.86
C4 A1IY9 U . -45.95 16.85 7.38
C14 A1IY9 U . -42.23 11.02 4.46
C5 A1IY9 U . -44.92 15.74 7.16
C6 A1IY9 U . -43.15 16.87 6.05
C11 A1IY9 U . -42.04 12.37 5.23
C7 A1IY9 U . -41.75 17.41 6.11
C8 A1IY9 U . -40.93 17.02 4.89
C9 A1IY9 U . -40.70 14.59 5.11
C10 A1IY9 U . -41.02 13.26 4.45
C12 A1IY9 U . -41.45 12.13 6.63
C13 A1IY9 U . -43.39 13.08 5.33
N1 A1IY9 U . -43.57 16.26 7.16
N2 A1IY9 U . -41.18 15.64 4.45
C3 A1IY9 U . -48.00 16.21 9.06
N3 A1IY9 U . -41.29 9.94 -5.21
C1 A1IY9 U . -49.82 15.94 10.72
C2 A1IY9 U . -49.12 15.27 9.52
O1 A1IY9 U . -47.33 16.82 9.93
S1 A1IY9 U . -47.70 16.33 7.29
O2 A1IY9 U . -43.85 16.90 5.02
O3 A1IY9 U . -40.00 14.66 6.15
O4 A1IY9 U . -41.55 13.51 3.16
O5 A1IY9 U . -40.92 10.46 4.16
P1 A1IY9 U . -40.64 9.38 3.00
O6 A1IY9 U . -41.89 8.70 2.62
O7 A1IY9 U . -39.36 8.79 3.51
O8 A1IY9 U . -40.44 10.39 1.75
P2 A1IY9 U . -39.16 11.25 1.32
O9 A1IY9 U . -39.50 12.70 1.29
O10 A1IY9 U . -37.91 10.92 2.05
O11 A1IY9 U . -39.08 10.73 -0.20
C15 A1IY9 U . -40.28 10.21 -0.83
C16 A1IY9 U . -40.03 10.14 -2.31
O12 A1IY9 U . -40.95 9.26 -3.00
C17 A1IY9 U . -40.39 9.22 -4.32
C18 A1IY9 U . -41.94 11.13 -5.01
N4 A1IY9 U . -42.71 11.47 -6.01
C19 A1IY9 U . -42.55 10.45 -6.93
C20 A1IY9 U . -43.08 10.24 -8.21
N5 A1IY9 U . -43.98 11.02 -8.80
N6 A1IY9 U . -42.71 9.12 -8.86
C21 A1IY9 U . -41.83 8.29 -8.28
N7 A1IY9 U . -41.25 8.39 -7.08
C22 A1IY9 U . -41.66 9.50 -6.45
C23 A1IY9 U . -38.99 9.84 -4.29
O13 A1IY9 U . -37.99 9.23 -5.08
C24 A1IY9 U . -38.68 9.63 -2.82
O14 A1IY9 U . -38.46 8.22 -2.63
P3 A1IY9 U . -37.00 7.50 -2.52
O15 A1IY9 U . -36.34 7.88 -1.20
O16 A1IY9 U . -37.44 6.06 -2.65
O17 A1IY9 U . -36.16 8.09 -3.64
C25 A1IY9 U . -50.02 14.75 8.40
C26 A1IY9 U . -50.62 15.63 7.50
C27 A1IY9 U . -51.41 15.15 6.47
C28 A1IY9 U . -51.62 13.78 6.32
C29 A1IY9 U . -51.05 12.90 7.22
O18 A1IY9 U . -51.28 11.52 7.12
C30 A1IY9 U . -52.52 10.90 6.88
C31 A1IY9 U . -53.73 11.59 6.79
C32 A1IY9 U . -54.91 10.89 6.56
C33 A1IY9 U . -54.88 9.52 6.42
C34 A1IY9 U . -53.68 8.84 6.51
C35 A1IY9 U . -52.49 9.52 6.74
C36 A1IY9 U . -50.25 13.38 8.24
C4 A1IY9 V . -57.66 40.70 18.08
C14 A1IY9 V . -61.31 46.77 20.36
C5 A1IY9 V . -58.85 41.59 18.54
C6 A1IY9 V . -59.77 42.36 16.43
C11 A1IY9 V . -61.59 45.55 19.44
C7 A1IY9 V . -60.93 42.38 15.48
C8 A1IY9 V . -61.31 43.78 15.00
C9 A1IY9 V . -62.16 44.95 17.00
C10 A1IY9 V . -61.89 46.08 18.00
C12 A1IY9 V . -60.38 44.62 19.36
C13 A1IY9 V . -62.75 44.74 20.07
N1 A1IY9 V . -59.93 41.66 17.56
N2 A1IY9 V . -61.23 44.78 16.07
C3 A1IY9 V . -56.63 39.26 20.17
N3 A1IY9 V . -58.80 55.69 16.57
C1 A1IY9 V . -55.74 37.63 21.81
C2 A1IY9 V . -56.05 39.10 21.55
O1 A1IY9 V . -57.38 38.38 19.75
S1 A1IY9 V . -56.27 40.74 19.26
O2 A1IY9 V . -58.72 42.96 16.19
O3 A1IY9 V . -63.18 44.26 17.11
O4 A1IY9 V . -60.75 46.84 17.56
O5 A1IY9 V . -62.45 47.71 20.20
P1 A1IY9 V . -62.35 49.29 20.48
O6 A1IY9 V . -63.76 49.74 20.69
O7 A1IY9 V . -61.25 49.58 21.42
O8 A1IY9 V . -61.91 49.82 19.03
P2 A1IY9 V . -62.65 49.97 17.64
O9 A1IY9 V . -64.09 49.64 17.70
O10 A1IY9 V . -61.89 49.23 16.60
O11 A1IY9 V . -62.43 51.53 17.38
C15 A1IY9 V . -61.40 52.25 18.12
C16 A1IY9 V . -61.02 53.42 17.25
O12 A1IY9 V . -60.20 54.37 17.93
C17 A1IY9 V . -60.18 55.50 17.05
C18 A1IY9 V . -57.94 54.74 16.09
N4 A1IY9 V . -56.76 55.21 15.79
C19 A1IY9 V . -56.84 56.56 16.10
C20 A1IY9 V . -55.91 57.61 16.01
N5 A1IY9 V . -54.66 57.45 15.58
N6 A1IY9 V . -56.31 58.83 16.42
C21 A1IY9 V . -57.56 59.00 16.86
N7 A1IY9 V . -58.53 58.08 16.98
C22 A1IY9 V . -58.10 56.87 16.59
C23 A1IY9 V . -61.21 55.26 15.95
O13 A1IY9 V . -61.96 56.38 15.57
C24 A1IY9 V . -62.13 54.31 16.71
O14 A1IY9 V . -62.85 55.01 17.73
P3 A1IY9 V . -64.46 55.27 17.69
O15 A1IY9 V . -64.98 55.14 19.09
O16 A1IY9 V . -64.63 56.63 17.12
O17 A1IY9 V . -65.20 54.42 16.67
C25 A1IY9 V . -54.93 40.09 21.82
C26 A1IY9 V . -53.69 40.11 21.19
C27 A1IY9 V . -52.76 41.08 21.52
C28 A1IY9 V . -53.03 42.03 22.48
C29 A1IY9 V . -54.25 42.00 23.13
O18 A1IY9 V . -54.74 42.90 24.07
C30 A1IY9 V . -54.11 43.46 25.18
C31 A1IY9 V . -52.86 43.04 25.61
C32 A1IY9 V . -52.32 43.65 26.74
C33 A1IY9 V . -53.02 44.64 27.40
C34 A1IY9 V . -54.27 45.03 26.94
C35 A1IY9 V . -54.83 44.44 25.82
C36 A1IY9 V . -55.19 41.06 22.79
C4 A1IY9 W . -11.91 -29.06 2.70
C14 A1IY9 W . -7.32 -35.00 2.18
C5 A1IY9 W . -10.84 -30.00 2.12
C6 A1IY9 W . -12.15 -31.53 0.76
C11 A1IY9 W . -8.24 -34.13 1.29
C7 A1IY9 W . -12.48 -32.02 -0.63
C8 A1IY9 W . -12.51 -33.55 -0.78
C9 A1IY9 W . -10.19 -34.24 -0.38
C10 A1IY9 W . -9.27 -35.04 0.54
C12 A1IY9 W . -7.38 -33.36 0.27
C13 A1IY9 W . -8.95 -33.15 2.23
N1 A1IY9 W . -11.23 -30.55 0.83
N2 A1IY9 W . -11.46 -34.20 0.01
C3 A1IY9 W . -10.73 -26.92 4.04
N3 A1IY9 W . -10.27 -43.94 5.47
C1 A1IY9 W . -9.88 -24.77 5.04
C2 A1IY9 W . -9.75 -26.30 5.06
O1 A1IY9 W . -10.99 -26.31 2.99
S1 A1IY9 W . -11.49 -28.52 4.40
O2 A1IY9 W . -12.67 -32.00 1.78
O3 A1IY9 W . -9.76 -33.71 -1.43
O4 A1IY9 W . -10.03 -35.80 1.49
O5 A1IY9 W . -6.73 -36.02 1.35
P1 A1IY9 W . -6.31 -37.46 1.91
O6 A1IY9 W . -5.52 -37.92 0.73
O7 A1IY9 W . -5.83 -37.38 3.30
O8 A1IY9 W . -7.68 -38.29 1.96
P2 A1IY9 W . -8.52 -38.96 0.79
O9 A1IY9 W . -7.81 -39.01 -0.51
O10 A1IY9 W . -9.92 -38.46 0.67
O11 A1IY9 W . -8.66 -40.46 1.36
C15 A1IY9 W . -8.44 -40.71 2.77
C16 A1IY9 W . -9.12 -42.00 3.14
O12 A1IY9 W . -8.71 -42.53 4.43
C17 A1IY9 W . -9.24 -43.86 4.45
C18 A1IY9 W . -11.31 -43.06 5.68
N4 A1IY9 W . -12.05 -43.38 6.72
C19 A1IY9 W . -11.46 -44.53 7.22
C20 A1IY9 W . -11.78 -45.37 8.32
N5 A1IY9 W . -12.77 -45.14 9.18
N6 A1IY9 W . -10.98 -46.43 8.55
C21 A1IY9 W . -9.96 -46.65 7.71
N7 A1IY9 W . -9.57 -45.95 6.65
C22 A1IY9 W . -10.37 -44.88 6.46
C23 A1IY9 W . -9.84 -44.15 3.08
O13 A1IY9 W . -9.78 -45.52 2.77
C24 A1IY9 W . -8.97 -43.22 2.24
O14 A1IY9 W . -7.66 -43.76 2.20
P3 A1IY9 W . -6.72 -44.24 0.97
O15 A1IY9 W . -6.63 -43.30 -0.19
O16 A1IY9 W . -5.52 -44.30 1.92
O17 A1IY9 W . -7.26 -45.52 0.39
C25 A1IY9 W . -9.86 -27.00 6.41
C26 A1IY9 W . -11.09 -27.14 7.05
C27 A1IY9 W . -11.18 -27.82 8.25
C28 A1IY9 W . -10.06 -28.40 8.83
C29 A1IY9 W . -8.84 -28.27 8.19
O18 A1IY9 W . -7.70 -28.78 8.81
C30 A1IY9 W . -7.36 -28.42 10.13
C31 A1IY9 W . -6.27 -29.04 10.70
C32 A1IY9 W . -5.91 -28.72 12.00
C33 A1IY9 W . -6.62 -27.78 12.72
C34 A1IY9 W . -7.70 -27.15 12.15
C35 A1IY9 W . -8.08 -27.47 10.85
C36 A1IY9 W . -8.73 -27.60 6.98
C4 A1IY9 X . -30.38 -7.31 2.18
C14 A1IY9 X . -35.63 -1.85 2.81
C5 A1IY9 X . -31.14 -6.14 2.83
C6 A1IY9 X . -32.72 -7.21 4.33
C11 A1IY9 X . -34.81 -2.90 3.59
C7 A1IY9 X . -33.26 -7.37 5.74
C8 A1IY9 X . -34.79 -7.22 5.85
C9 A1IY9 X . -35.11 -4.85 5.34
C10 A1IY9 X . -35.77 -3.84 4.39
C12 A1IY9 X . -33.82 -2.20 4.53
C13 A1IY9 X . -34.01 -3.71 2.54
N1 A1IY9 X . -31.61 -6.48 4.18
N2 A1IY9 X . -35.32 -6.14 5.03
C3 A1IY9 X . -28.14 -6.53 0.87
N3 A1IY9 X . -44.61 -3.15 -0.40
C1 A1IY9 X . -25.90 -6.29 -0.03
C2 A1IY9 X . -27.33 -5.77 -0.17
O1 A1IY9 X . -27.56 -6.79 1.93
S1 A1IY9 X . -29.82 -6.98 0.48
O2 A1IY9 X . -33.30 -7.70 3.33
O3 A1IY9 X . -34.45 -4.49 6.32
O4 A1IY9 X . -36.58 -4.53 3.45
O5 A1IY9 X . -36.52 -1.13 3.73
P1 A1IY9 X . -37.88 -0.40 3.23
O6 A1IY9 X . -37.70 -0.12 1.79
O7 A1IY9 X . -38.09 0.56 4.35
O8 A1IY9 X . -38.94 -1.62 3.33
P2 A1IY9 X . -39.67 -2.36 4.55
O9 A1IY9 X . -39.79 -1.58 5.81
O10 A1IY9 X . -39.25 -3.78 4.73
O11 A1IY9 X . -41.10 -2.47 3.84
C15 A1IY9 X . -41.14 -2.29 2.40
C16 A1IY9 X . -42.58 -2.50 2.00
O12 A1IY9 X . -42.82 -2.06 0.65
C17 A1IY9 X . -44.25 -2.13 0.56
C18 A1IY9 X . -43.98 -4.36 -0.61
N4 A1IY9 X . -44.52 -5.07 -1.55
C19 A1IY9 X . -45.58 -4.30 -2.00
C20 A1IY9 X . -46.56 -4.53 -2.99
N5 A1IY9 X . -46.61 -5.61 -3.75
N6 A1IY9 X . -47.50 -3.55 -3.18
C21 A1IY9 X . -47.44 -2.45 -2.40
N7 A1IY9 X . -46.57 -2.14 -1.45
C22 A1IY9 X . -45.65 -3.12 -1.29
C23 A1IY9 X . -44.83 -2.46 1.93
O13 A1IY9 X . -46.09 -1.89 2.18
C24 A1IY9 X . -43.72 -1.86 2.79
O14 A1IY9 X . -43.76 -0.42 2.78
P3 A1IY9 X . -44.62 0.62 3.73
O15 A1IY9 X . -45.93 -0.06 4.12
O16 A1IY9 X . -43.88 0.94 5.05
O17 A1IY9 X . -44.75 1.84 2.81
C25 A1IY9 X . -27.99 -5.70 -1.54
C26 A1IY9 X . -28.22 -6.83 -2.30
C27 A1IY9 X . -28.84 -6.71 -3.53
C28 A1IY9 X . -29.25 -5.49 -4.02
C29 A1IY9 X . -29.02 -4.35 -3.27
O18 A1IY9 X . -29.40 -3.11 -3.77
C30 A1IY9 X . -29.49 -2.95 -5.17
C31 A1IY9 X . -30.71 -2.70 -5.76
C32 A1IY9 X . -30.78 -2.59 -7.14
C33 A1IY9 X . -29.64 -2.75 -7.92
C34 A1IY9 X . -28.43 -3.02 -7.32
C35 A1IY9 X . -28.35 -3.12 -5.93
C36 A1IY9 X . -28.40 -4.45 -2.03
#